data_5JPM
#
_entry.id   5JPM
#
_cell.length_a   99.010
_cell.length_b   215.010
_cell.length_c   142.860
_cell.angle_alpha   90.00
_cell.angle_beta   110.11
_cell.angle_gamma   90.00
#
_symmetry.space_group_name_H-M   'P 1 21 1'
#
loop_
_entity.id
_entity.type
_entity.pdbx_description
1 polymer 'Complement C4-A'
2 polymer 'Complement C4-A'
3 polymer 'Complement C4-A'
4 polymer 'Mannan-binding lectin serine protease 2'
5 polymer 'Mannan-binding lectin serine protease 2'
6 branched beta-D-mannopyranose-(1-4)-2-acetamido-2-deoxy-beta-D-glucopyranose-(1-4)-2-acetamido-2-deoxy-beta-D-glucopyranose
#
loop_
_entity_poly.entity_id
_entity_poly.type
_entity_poly.pdbx_seq_one_letter_code
_entity_poly.pdbx_strand_id
1 'polypeptide(L)'
;KPRLLLFSPSVVHLGVPLSVGVQLQDVPRGQVVKGSVFLRNPSRNNVPCSPKVDFTLSSERDFALLSLQVPLKDAKSCGL
HQLLRGPEVQLVAHSPWLKDSLSRTTNIQGINLLFSSRRGHLFLQTDQPIYNPGQRVRYRVFALDQKMRPSTDTITVMVE
NSHGLRVRKKEVYMPSSIFQDDFVIPDISEPGTWKISARFSDGLESNSSTQFEVKKYVLPNFEVKITPGKPYILTVPGHL
DEMQLDIQARYIYGKPVQGVAYVRFGLLDEDGKKTFFRGLESQTKLVNGQSHISLSKAEFQDALEKLNMGITDLQGLRLY
VAAAIIESPGGEMEEAELTSWYFVSSPFSLDLSKTKRHLVPGAPFLLQALVREMSGSPASGIPVKVSATVSSPGSVPEVQ
DIQQNTDGSGQVSIPIIIPQTISELQLSVSAGSPHPAIARLTVAAPPSGGPGFLSIERPDSRPPRVGDTLNLNLRAVGSG
ATFSHYYYMILSRGQIVFMNREPKRTLTSVSVFVDHHLAPSFYFVAFYYHGDHPVANSLRVDVQAGACEGKLELSVDGAK
QYRNGESVKLHLETDSLALVALGALDTALYAAGSKSHKPLNMGKVFEAMNSYDLGCGPGGGDSALQVFQAAGLAFSDGDQ
WTLSRKRLSCPKEKTT
;
A,D
2 'polypeptide(L)'
;NVNFQKAINEKLGQYASPTAKRCCQDGVTRLPMMRSCEQRAARVQQPDCREPFLSCCQFAESLRKKSRDKGQAGLQRALE
ILQEEDLIDEDDIPVRSFFPENWLWRVETVDRFQILTLWLPDSLTTWEIHGLSLSKTKGLCVATPVQLRVFREFHLHLRL
PMSVRRFEQLELRPVLYNYLDKNLTVSVHVSPVEGLCLAGGGGLAQQVLVPAGSARPVAFSVVPTAAAAVSLKVVARGSF
EFPVGDAVSKVLQIEKEGAIHREELVYELNPLDHRGRTLEIPGNSDPNMIPDGDFNSYVRVTASDPLDTLGSEGALSPGG
VASLLRLPRGCGEQTMIYLAPTLAASRYLDKTEQWSTLPPETKDHAVDLIQKGYMRIQQFRKADGSYAAWLSRDSSTWLT
AFVLKVLSLAQEQVGGSPEKLQETSNWLLSQQQADGSFQDPCPVLDRSMQGGLVGNDETVALTAFVTIALHHGLAVFQDE
GAEPLKQRVEASISKANSFLGEKASAGLLGAHAAAITAYALSLTKAPVDLLGVAHNNLMAMAQETGDNLYWGSVTGSQSN
AVSPTPAPRNPSDPMPQAPALWIETTAYALLHLLLHEGKAEMADQASAWLTRQGSFQGGFRSTQDTVIALDALSAYWIAS
HTTEERGLNVTLSSTGRNGFKSHALQLNNRQIRGLEEELQFSLGSKINVKVGGNSKGTLKVLRTYNVLDMKNTTCQDLQI
EVTVKGHVEYTMEANED(TYS)ED(TYS)EYDELPAKDDPDAPLQPVTPLQLFEG
;
B,E
3 'polypeptide(L)'
;EAPKVVEEQESRVHYTVCIWRNGKVGLSGMAIADVTLLSGFHALRADLEKLTSLSDRYVSHFETEGPHVLLYFDSVPTSR
ECVGFEAVQEVPVGLVQPASATLYDYYNPERRCSVFYGAPSKSRLLATLCSAEVCQCAEGKCPRQRRALERGLQDEDGYR
MKFACYYPRVEYGFQVKVLREDSRAAFRLFETKITQVLHFTKDVKAAANQMRNFLVRASCRLRLEPGKEYLIMGLDGATY
DLEGHPQYLLDSNSWIEEMPSERLCRSTRQRAACAQLNDFLQEYGTQGCQV
;
C,F
4 'polypeptide(L)'
;IHYTSTAHACPYPMAPPNGHVSPVQAKYILKDSFSIFCETGYELLQGHLPLKSFTAVCQKDGSWDRPMPACSIVDCGPPD
DLPSGRVEYITGPGVTTYKAVIQYSCEETFYTMKVNDGKYVCEADGFWTSSKGEKSLPVCEPVCGLSARTTGGR
;
G,I
5 'polypeptide(L)'
;IYGGQKAKPGDFPWQVLILGGTTAAGALLYDNWVLTAAHAVYEQKHDASALDIRMGTLKRLSPHYTQAWSEAVFIHEGYT
HDAGFDNDIALIKLNNKVVINSNITPICLPRKEAESFMRTDDIGTASGWGLTQRGFLARNLMYVDIPIVDHQKCTAAYEK
PPYPRGSVTANMLCAGLESGGKDSCRGDAGGALVFLDSETERWFVGGIVSWGSMNCGEAGQYGVYTKVINYIPWIENIIS
DF
;
H,J
#
# COMPACT_ATOMS: atom_id res chain seq x y z
N LYS A 1 -18.96 87.40 72.12
CA LYS A 1 -17.59 87.42 72.60
C LYS A 1 -17.16 86.09 73.25
N PRO A 2 -17.98 85.51 74.13
CA PRO A 2 -17.68 84.15 74.59
C PRO A 2 -18.00 83.14 73.49
N ARG A 3 -17.22 82.05 73.47
CA ARG A 3 -17.35 81.08 72.41
C ARG A 3 -16.77 79.75 72.86
N LEU A 4 -17.24 78.69 72.22
CA LEU A 4 -16.77 77.32 72.48
C LEU A 4 -16.07 76.80 71.24
N LEU A 5 -14.84 76.31 71.42
CA LEU A 5 -14.04 75.80 70.32
C LEU A 5 -14.09 74.27 70.32
N LEU A 6 -14.38 73.69 69.16
CA LEU A 6 -14.42 72.24 68.99
C LEU A 6 -13.59 71.87 67.77
N PHE A 7 -12.48 71.16 67.99
CA PHE A 7 -11.70 70.60 66.91
C PHE A 7 -11.54 69.09 67.12
N SER A 8 -11.48 68.38 66.01
CA SER A 8 -11.37 66.92 65.98
C SER A 8 -10.66 66.53 64.69
N PRO A 9 -10.01 65.37 64.67
CA PRO A 9 -9.45 64.87 63.40
C PRO A 9 -10.49 64.86 62.30
N SER A 10 -10.05 65.20 61.08
CA SER A 10 -10.99 65.47 60.00
C SER A 10 -11.75 64.23 59.59
N VAL A 11 -11.20 63.04 59.80
CA VAL A 11 -11.87 61.79 59.50
C VAL A 11 -11.83 60.89 60.72
N VAL A 12 -12.96 60.30 61.07
CA VAL A 12 -13.07 59.37 62.18
C VAL A 12 -13.03 57.95 61.64
N HIS A 13 -12.21 57.10 62.25
CA HIS A 13 -12.10 55.71 61.85
C HIS A 13 -12.95 54.85 62.77
N LEU A 14 -13.91 54.14 62.19
CA LEU A 14 -14.86 53.36 62.98
C LEU A 14 -14.16 52.20 63.67
N GLY A 15 -14.51 51.99 64.94
CA GLY A 15 -13.97 50.90 65.72
C GLY A 15 -12.79 51.27 66.60
N VAL A 16 -12.20 52.44 66.41
CA VAL A 16 -11.05 52.87 67.21
C VAL A 16 -11.38 54.23 67.82
N PRO A 17 -10.86 54.55 69.01
CA PRO A 17 -11.28 55.78 69.69
C PRO A 17 -10.86 57.04 68.93
N LEU A 18 -11.74 58.03 68.97
CA LEU A 18 -11.53 59.31 68.31
C LEU A 18 -11.26 60.36 69.38
N SER A 19 -10.06 60.94 69.36
CA SER A 19 -9.68 61.96 70.32
C SER A 19 -10.34 63.29 69.93
N VAL A 20 -11.10 63.87 70.85
CA VAL A 20 -11.84 65.10 70.60
C VAL A 20 -11.32 66.17 71.55
N GLY A 21 -11.03 67.36 71.02
CA GLY A 21 -10.55 68.48 71.79
C GLY A 21 -11.63 69.57 71.88
N VAL A 22 -11.92 69.97 73.11
CA VAL A 22 -12.90 71.01 73.38
C VAL A 22 -12.24 72.07 74.26
N GLN A 23 -12.46 73.34 73.91
CA GLN A 23 -11.85 74.45 74.63
C GLN A 23 -12.73 75.68 74.48
N LEU A 24 -12.76 76.51 75.52
CA LEU A 24 -13.57 77.72 75.51
C LEU A 24 -12.74 78.87 76.05
N GLN A 25 -12.99 80.07 75.49
CA GLN A 25 -12.22 81.25 75.82
C GLN A 25 -13.15 82.44 76.06
N ASP A 26 -12.62 83.44 76.76
CA ASP A 26 -13.35 84.67 77.07
C ASP A 26 -14.59 84.37 77.91
N VAL A 27 -14.40 83.64 78.99
CA VAL A 27 -15.48 83.28 79.91
C VAL A 27 -15.35 84.13 81.17
N PRO A 28 -16.42 84.28 81.96
CA PRO A 28 -16.28 84.96 83.25
C PRO A 28 -15.30 84.24 84.16
N ARG A 29 -14.91 84.94 85.23
CA ARG A 29 -13.85 84.43 86.10
C ARG A 29 -14.27 83.18 86.85
N GLY A 30 -15.55 83.06 87.20
CA GLY A 30 -16.00 81.92 87.97
C GLY A 30 -16.96 81.01 87.22
N GLN A 31 -16.91 81.04 85.90
CA GLN A 31 -17.85 80.29 85.08
C GLN A 31 -17.50 78.81 85.06
N VAL A 32 -18.52 77.97 85.08
CA VAL A 32 -18.39 76.52 84.90
C VAL A 32 -19.48 76.07 83.94
N VAL A 33 -19.08 75.37 82.88
CA VAL A 33 -20.01 74.88 81.87
C VAL A 33 -19.88 73.37 81.77
N LYS A 34 -20.99 72.72 81.42
CA LYS A 34 -21.04 71.28 81.29
C LYS A 34 -21.84 70.92 80.05
N GLY A 35 -21.52 69.77 79.47
CA GLY A 35 -22.22 69.33 78.28
C GLY A 35 -21.73 67.97 77.83
N SER A 36 -22.13 67.59 76.61
CA SER A 36 -21.76 66.31 76.04
C SER A 36 -21.43 66.49 74.57
N VAL A 37 -20.51 65.69 74.07
CA VAL A 37 -20.13 65.67 72.67
C VAL A 37 -20.23 64.24 72.14
N PHE A 38 -20.80 64.09 70.95
CA PHE A 38 -21.03 62.76 70.39
C PHE A 38 -21.19 62.89 68.88
N LEU A 39 -21.08 61.75 68.20
CA LEU A 39 -21.31 61.67 66.77
C LEU A 39 -22.78 61.37 66.51
N ARG A 40 -23.32 61.96 65.45
CA ARG A 40 -24.71 61.74 65.08
C ARG A 40 -24.84 61.73 63.56
N ASN A 41 -25.88 61.04 63.10
CA ASN A 41 -26.14 60.92 61.66
C ASN A 41 -26.70 62.24 61.13
N PRO A 42 -26.07 62.87 60.12
CA PRO A 42 -26.66 64.08 59.54
C PRO A 42 -27.92 63.83 58.74
N SER A 43 -28.26 62.57 58.47
CA SER A 43 -29.48 62.21 57.75
C SER A 43 -30.51 61.67 58.73
N ARG A 44 -31.60 61.13 58.20
CA ARG A 44 -32.67 60.49 58.98
C ARG A 44 -33.22 61.52 59.97
N ASN A 45 -33.56 61.12 61.18
CA ASN A 45 -33.98 62.04 62.24
C ASN A 45 -32.81 62.52 63.09
N ASN A 46 -31.59 62.51 62.54
CA ASN A 46 -30.38 62.90 63.24
C ASN A 46 -30.18 62.05 64.49
N VAL A 47 -30.16 60.74 64.30
CA VAL A 47 -29.99 59.81 65.41
C VAL A 47 -28.56 59.90 65.93
N PRO A 48 -28.36 60.09 67.23
CA PRO A 48 -27.00 60.08 67.77
C PRO A 48 -26.38 58.69 67.69
N CYS A 49 -25.09 58.64 67.38
CA CYS A 49 -24.35 57.39 67.44
C CYS A 49 -23.91 57.17 68.88
N SER A 50 -24.40 56.08 69.48
CA SER A 50 -24.54 55.80 70.92
C SER A 50 -23.64 56.62 71.85
N PRO A 51 -22.32 56.37 71.90
CA PRO A 51 -21.54 56.85 73.06
C PRO A 51 -21.49 58.37 73.13
N LYS A 52 -21.75 58.90 74.31
CA LYS A 52 -21.61 60.32 74.61
C LYS A 52 -20.60 60.47 75.74
N VAL A 53 -19.58 61.29 75.50
CA VAL A 53 -18.59 61.60 76.53
C VAL A 53 -18.86 63.01 77.04
N ASP A 54 -19.03 63.14 78.35
CA ASP A 54 -19.39 64.42 78.96
C ASP A 54 -18.13 65.20 79.31
N PHE A 55 -18.26 66.53 79.28
CA PHE A 55 -17.17 67.42 79.63
C PHE A 55 -17.65 68.46 80.63
N THR A 56 -16.75 68.85 81.53
CA THR A 56 -16.99 69.93 82.49
C THR A 56 -15.83 70.90 82.38
N LEU A 57 -16.10 72.11 81.89
CA LEU A 57 -15.08 73.11 81.66
C LEU A 57 -15.22 74.25 82.66
N SER A 58 -14.09 74.68 83.21
CA SER A 58 -14.04 75.78 84.15
C SER A 58 -13.09 76.86 83.64
N SER A 59 -13.18 78.05 84.25
CA SER A 59 -12.27 79.13 83.88
C SER A 59 -10.83 78.82 84.26
N GLU A 60 -10.61 77.91 85.21
CA GLU A 60 -9.28 77.48 85.58
C GLU A 60 -8.83 76.22 84.84
N ARG A 61 -9.75 75.53 84.15
CA ARG A 61 -9.44 74.36 83.33
C ARG A 61 -10.29 74.45 82.06
N ASP A 62 -9.91 75.38 81.18
CA ASP A 62 -10.71 75.76 80.03
C ASP A 62 -10.58 74.79 78.85
N PHE A 63 -9.88 73.67 79.00
CA PHE A 63 -9.70 72.74 77.91
C PHE A 63 -9.89 71.31 78.40
N ALA A 64 -10.28 70.44 77.47
CA ALA A 64 -10.47 69.03 77.78
C ALA A 64 -10.20 68.20 76.53
N LEU A 65 -9.41 67.15 76.68
CA LEU A 65 -9.09 66.21 75.59
C LEU A 65 -9.83 64.90 75.87
N LEU A 66 -10.83 64.62 75.05
CA LEU A 66 -11.74 63.51 75.29
C LEU A 66 -11.50 62.38 74.30
N SER A 67 -11.90 61.17 74.70
CA SER A 67 -11.77 59.97 73.88
C SER A 67 -13.15 59.40 73.61
N LEU A 68 -13.62 59.54 72.39
CA LEU A 68 -14.91 58.97 71.98
C LEU A 68 -14.68 57.57 71.41
N GLN A 69 -15.38 56.59 71.96
CA GLN A 69 -15.08 55.19 71.67
C GLN A 69 -15.47 54.82 70.25
N VAL A 70 -16.70 55.13 69.84
CA VAL A 70 -17.23 54.85 68.51
C VAL A 70 -17.09 53.37 68.18
N PRO A 71 -17.92 52.50 68.75
CA PRO A 71 -17.83 51.08 68.41
C PRO A 71 -18.53 50.78 67.08
N LEU A 72 -18.20 49.62 66.52
CA LEU A 72 -18.71 49.25 65.20
C LEU A 72 -20.21 48.96 65.24
N LYS A 73 -20.66 48.25 66.27
CA LYS A 73 -22.06 47.83 66.32
C LYS A 73 -23.00 49.03 66.39
N ASP A 74 -22.60 50.08 67.11
CA ASP A 74 -23.42 51.29 67.20
C ASP A 74 -23.30 52.15 65.95
N ALA A 75 -22.22 52.00 65.17
CA ALA A 75 -22.15 52.69 63.89
C ALA A 75 -23.15 52.13 62.89
N LYS A 76 -23.41 50.83 62.94
CA LYS A 76 -24.43 50.23 62.08
C LYS A 76 -25.83 50.65 62.53
N SER A 77 -26.06 50.73 63.85
CA SER A 77 -27.33 51.21 64.35
C SER A 77 -27.57 52.67 63.99
N CYS A 78 -26.49 53.47 63.94
CA CYS A 78 -26.62 54.88 63.55
C CYS A 78 -27.01 55.03 62.08
N GLY A 79 -26.75 54.02 61.26
CA GLY A 79 -27.09 54.08 59.85
C GLY A 79 -26.00 54.60 58.94
N LEU A 80 -24.79 54.82 59.45
CA LEU A 80 -23.71 55.32 58.62
C LEU A 80 -23.27 54.28 57.59
N HIS A 81 -23.34 53.00 57.95
CA HIS A 81 -22.89 51.93 57.07
C HIS A 81 -23.75 51.82 55.80
N GLN A 82 -24.98 52.33 55.84
CA GLN A 82 -25.87 52.22 54.68
C GLN A 82 -25.52 53.24 53.60
N LEU A 83 -25.00 54.41 53.99
CA LEU A 83 -24.56 55.45 53.07
C LEU A 83 -25.71 56.05 52.27
N LEU A 84 -25.43 57.16 51.57
CA LEU A 84 -26.41 57.81 50.71
C LEU A 84 -25.71 58.55 49.58
N ARG A 85 -25.10 59.68 49.89
CA ARG A 85 -24.38 60.49 48.92
C ARG A 85 -22.87 60.47 49.12
N GLY A 86 -22.41 60.51 50.37
CA GLY A 86 -21.00 60.47 50.65
C GLY A 86 -20.73 59.95 52.05
N PRO A 87 -19.55 59.46 52.28
CA PRO A 87 -19.20 58.92 53.61
C PRO A 87 -18.84 60.01 54.60
N GLU A 88 -19.86 60.73 55.08
CA GLU A 88 -19.66 61.84 56.00
C GLU A 88 -20.56 61.70 57.23
N VAL A 89 -20.03 62.09 58.38
CA VAL A 89 -20.75 62.13 59.65
C VAL A 89 -20.35 63.42 60.35
N GLN A 90 -21.14 63.82 61.34
CA GLN A 90 -20.88 65.07 62.06
C GLN A 90 -20.69 64.78 63.54
N LEU A 91 -19.66 65.39 64.12
CA LEU A 91 -19.41 65.35 65.55
C LEU A 91 -19.97 66.63 66.17
N VAL A 92 -20.92 66.49 67.09
CA VAL A 92 -21.65 67.61 67.64
C VAL A 92 -21.47 67.65 69.15
N ALA A 93 -21.36 68.85 69.70
CA ALA A 93 -21.26 69.08 71.13
C ALA A 93 -22.53 69.76 71.62
N HIS A 94 -23.15 69.18 72.64
CA HIS A 94 -24.41 69.67 73.18
C HIS A 94 -24.18 70.24 74.57
N SER A 95 -24.54 71.51 74.76
CA SER A 95 -24.40 72.17 76.04
C SER A 95 -25.46 73.26 76.15
N PRO A 96 -26.08 73.42 77.31
CA PRO A 96 -27.04 74.53 77.48
C PRO A 96 -26.38 75.89 77.33
N TRP A 97 -25.09 75.99 77.62
CA TRP A 97 -24.37 77.27 77.54
C TRP A 97 -24.47 77.90 76.16
N LEU A 98 -24.65 77.08 75.12
CA LEU A 98 -24.82 77.62 73.78
C LEU A 98 -26.07 78.49 73.69
N LYS A 99 -27.18 78.00 74.24
CA LYS A 99 -28.40 78.80 74.32
C LYS A 99 -28.43 79.69 75.55
N ASP A 100 -27.63 79.37 76.57
CA ASP A 100 -27.69 80.08 77.84
C ASP A 100 -26.83 81.34 77.87
N SER A 101 -25.74 81.39 77.11
CA SER A 101 -24.90 82.59 77.16
C SER A 101 -24.46 83.04 75.77
N LEU A 102 -24.06 82.10 74.91
CA LEU A 102 -23.76 82.45 73.53
C LEU A 102 -25.00 82.88 72.76
N SER A 103 -26.18 82.40 73.18
CA SER A 103 -27.46 82.75 72.57
C SER A 103 -27.52 82.33 71.10
N ARG A 104 -26.76 81.30 70.75
CA ARG A 104 -26.87 80.70 69.42
C ARG A 104 -28.24 80.06 69.26
N THR A 105 -28.79 80.16 68.04
CA THR A 105 -30.15 79.69 67.80
C THR A 105 -30.34 78.22 68.15
N THR A 106 -29.28 77.42 68.04
CA THR A 106 -29.34 76.01 68.35
C THR A 106 -28.53 75.70 69.60
N ASN A 107 -29.01 74.73 70.37
CA ASN A 107 -28.30 74.24 71.55
C ASN A 107 -27.26 73.18 71.20
N ILE A 108 -26.89 73.08 69.92
CA ILE A 108 -25.95 72.08 69.44
C ILE A 108 -24.96 72.76 68.50
N GLN A 109 -23.71 72.33 68.56
CA GLN A 109 -22.66 72.89 67.70
C GLN A 109 -21.75 71.75 67.26
N GLY A 110 -21.48 71.67 65.96
CA GLY A 110 -20.66 70.58 65.45
C GLY A 110 -20.18 70.85 64.05
N ILE A 111 -19.33 69.94 63.58
CA ILE A 111 -18.75 70.00 62.25
C ILE A 111 -18.83 68.62 61.61
N ASN A 112 -18.83 68.59 60.28
CA ASN A 112 -18.94 67.35 59.54
C ASN A 112 -17.57 66.72 59.34
N LEU A 113 -17.51 65.39 59.47
CA LEU A 113 -16.29 64.62 59.28
C LEU A 113 -16.55 63.48 58.31
N LEU A 114 -15.53 63.13 57.54
CA LEU A 114 -15.60 61.89 56.80
C LEU A 114 -15.36 60.72 57.76
N PHE A 115 -15.77 59.53 57.35
CA PHE A 115 -15.51 58.34 58.15
C PHE A 115 -14.95 57.24 57.25
N SER A 116 -14.19 56.35 57.87
CA SER A 116 -13.53 55.26 57.17
C SER A 116 -13.56 54.01 58.03
N SER A 117 -13.66 52.85 57.37
CA SER A 117 -13.63 51.57 58.06
C SER A 117 -12.21 51.11 58.36
N ARG A 118 -11.20 51.81 57.87
CA ARG A 118 -9.82 51.40 58.06
C ARG A 118 -9.42 51.53 59.53
N ARG A 119 -8.80 50.47 60.06
CA ARG A 119 -8.38 50.46 61.45
C ARG A 119 -7.26 49.45 61.62
N GLY A 120 -6.47 49.64 62.67
CA GLY A 120 -5.38 48.74 62.96
C GLY A 120 -4.26 48.80 61.94
N HIS A 121 -3.30 47.89 62.11
CA HIS A 121 -2.16 47.77 61.21
C HIS A 121 -2.00 46.30 60.83
N LEU A 122 -1.90 46.04 59.53
CA LEU A 122 -1.77 44.68 59.01
C LEU A 122 -0.48 44.60 58.19
N PHE A 123 0.44 43.76 58.63
CA PHE A 123 1.70 43.52 57.94
C PHE A 123 1.71 42.08 57.41
N LEU A 124 2.07 41.92 56.13
CA LEU A 124 2.06 40.62 55.50
C LEU A 124 3.27 40.51 54.57
N GLN A 125 3.88 39.32 54.56
CA GLN A 125 5.12 39.09 53.82
C GLN A 125 5.16 37.65 53.34
N THR A 126 5.76 37.45 52.17
CA THR A 126 5.98 36.12 51.61
C THR A 126 7.41 35.67 51.89
N ASP A 127 7.62 34.35 51.78
CA ASP A 127 8.93 33.80 52.10
C ASP A 127 9.97 34.14 51.04
N GLN A 128 9.55 34.50 49.83
CA GLN A 128 10.44 34.93 48.77
C GLN A 128 9.77 36.03 47.96
N PRO A 129 10.54 36.91 47.33
CA PRO A 129 9.93 37.97 46.52
C PRO A 129 9.64 37.54 45.09
N ILE A 130 10.44 36.62 44.55
CA ILE A 130 10.33 36.17 43.17
C ILE A 130 10.12 34.67 43.17
N TYR A 131 9.06 34.22 42.51
CA TYR A 131 8.74 32.80 42.40
C TYR A 131 8.70 32.38 40.95
N ASN A 132 8.65 31.06 40.75
CA ASN A 132 8.42 30.44 39.45
C ASN A 132 7.14 29.63 39.50
N PRO A 133 6.41 29.53 38.39
CA PRO A 133 5.20 28.70 38.37
C PRO A 133 5.51 27.26 38.73
N GLY A 134 4.77 26.73 39.71
CA GLY A 134 4.99 25.41 40.25
C GLY A 134 5.59 25.41 41.63
N GLN A 135 6.19 26.53 42.07
CA GLN A 135 6.75 26.62 43.40
C GLN A 135 5.66 26.90 44.42
N ARG A 136 5.80 26.32 45.61
CA ARG A 136 4.96 26.69 46.73
C ARG A 136 5.40 28.03 47.29
N VAL A 137 4.42 28.81 47.77
CA VAL A 137 4.68 30.12 48.33
C VAL A 137 4.06 30.17 49.72
N ARG A 138 4.89 30.47 50.72
CA ARG A 138 4.43 30.66 52.09
C ARG A 138 4.31 32.15 52.37
N TYR A 139 3.22 32.53 53.03
CA TYR A 139 3.01 33.90 53.43
C TYR A 139 2.42 33.94 54.83
N ARG A 140 2.73 35.01 55.55
CA ARG A 140 2.22 35.21 56.90
C ARG A 140 1.78 36.66 57.05
N VAL A 141 0.74 36.87 57.86
CA VAL A 141 0.17 38.19 58.08
C VAL A 141 0.10 38.45 59.58
N PHE A 142 0.45 39.67 59.98
CA PHE A 142 0.43 40.09 61.38
C PHE A 142 -0.66 41.13 61.58
N ALA A 143 -1.39 41.02 62.69
CA ALA A 143 -2.50 41.91 62.99
C ALA A 143 -2.17 42.70 64.25
N LEU A 144 -2.18 44.02 64.14
CA LEU A 144 -1.91 44.92 65.25
C LEU A 144 -2.97 46.00 65.29
N ASP A 145 -3.20 46.55 66.49
CA ASP A 145 -4.18 47.60 66.68
C ASP A 145 -3.52 48.96 66.43
N GLN A 146 -4.21 50.03 66.86
CA GLN A 146 -3.66 51.37 66.67
C GLN A 146 -2.41 51.58 67.52
N LYS A 147 -2.39 51.05 68.74
CA LYS A 147 -1.28 51.22 69.66
C LYS A 147 -0.14 50.24 69.39
N MET A 148 -0.12 49.61 68.22
CA MET A 148 0.94 48.67 67.82
C MET A 148 1.04 47.51 68.80
N ARG A 149 -0.11 46.99 69.22
CA ARG A 149 -0.19 45.80 70.04
C ARG A 149 -0.98 44.72 69.29
N PRO A 150 -0.65 43.45 69.52
CA PRO A 150 -1.29 42.37 68.75
C PRO A 150 -2.81 42.41 68.84
N SER A 151 -3.45 42.24 67.69
CA SER A 151 -4.90 42.23 67.58
C SER A 151 -5.38 40.84 67.17
N THR A 152 -6.44 40.36 67.82
CA THR A 152 -6.97 39.03 67.58
C THR A 152 -8.21 39.05 66.69
N ASP A 153 -8.57 40.20 66.13
CA ASP A 153 -9.80 40.31 65.36
C ASP A 153 -9.73 39.45 64.10
N THR A 154 -10.90 39.00 63.66
CA THR A 154 -10.99 38.16 62.47
C THR A 154 -10.63 38.95 61.23
N ILE A 155 -9.91 38.31 60.31
CA ILE A 155 -9.50 38.94 59.06
C ILE A 155 -9.92 38.07 57.88
N THR A 156 -9.99 38.69 56.71
CA THR A 156 -10.20 38.00 55.45
C THR A 156 -8.99 38.26 54.57
N VAL A 157 -8.31 37.19 54.14
CA VAL A 157 -7.12 37.29 53.32
C VAL A 157 -7.44 36.73 51.94
N MET A 158 -7.04 37.46 50.90
CA MET A 158 -7.36 37.09 49.53
C MET A 158 -6.12 37.25 48.66
N VAL A 159 -5.99 36.35 47.68
CA VAL A 159 -4.87 36.37 46.73
C VAL A 159 -5.45 36.52 45.33
N GLU A 160 -4.90 37.47 44.58
CA GLU A 160 -5.27 37.69 43.19
C GLU A 160 -4.05 37.56 42.29
N ASN A 161 -4.28 37.13 41.05
CA ASN A 161 -3.20 36.85 40.12
C ASN A 161 -2.79 38.14 39.39
N SER A 162 -2.08 38.01 38.28
CA SER A 162 -1.62 39.18 37.55
C SER A 162 -2.78 39.94 36.91
N HIS A 163 -3.84 39.24 36.51
CA HIS A 163 -4.98 39.87 35.87
C HIS A 163 -6.01 40.37 36.87
N GLY A 164 -5.79 40.19 38.17
CA GLY A 164 -6.68 40.72 39.18
C GLY A 164 -7.88 39.87 39.51
N LEU A 165 -7.75 38.55 39.42
CA LEU A 165 -8.83 37.63 39.76
C LEU A 165 -8.46 36.86 41.01
N ARG A 166 -9.39 36.76 41.95
CA ARG A 166 -9.12 36.08 43.21
C ARG A 166 -8.93 34.59 42.97
N VAL A 167 -7.80 34.05 43.43
CA VAL A 167 -7.55 32.63 43.37
C VAL A 167 -7.75 31.96 44.73
N ARG A 168 -7.69 32.71 45.83
CA ARG A 168 -7.96 32.20 47.16
C ARG A 168 -8.67 33.27 47.97
N LYS A 169 -9.54 32.82 48.87
CA LYS A 169 -10.24 33.71 49.80
C LYS A 169 -10.52 32.93 51.07
N LYS A 170 -9.92 33.37 52.17
CA LYS A 170 -10.07 32.67 53.45
C LYS A 170 -10.35 33.68 54.55
N GLU A 171 -11.15 33.25 55.52
CA GLU A 171 -11.49 34.04 56.69
C GLU A 171 -11.00 33.31 57.94
N VAL A 172 -10.21 33.99 58.76
CA VAL A 172 -9.60 33.38 59.94
C VAL A 172 -9.61 34.38 61.09
N TYR A 173 -10.12 33.93 62.24
CA TYR A 173 -9.88 34.63 63.50
C TYR A 173 -8.65 34.03 64.16
N MET A 174 -7.76 34.90 64.63
CA MET A 174 -6.38 34.49 64.93
C MET A 174 -5.93 34.95 66.31
N PRO A 175 -5.96 34.06 67.31
CA PRO A 175 -5.18 34.31 68.52
C PRO A 175 -3.69 34.29 68.21
N SER A 176 -2.91 34.89 69.12
CA SER A 176 -1.47 35.07 68.96
C SER A 176 -1.14 36.06 67.85
N SER A 177 -2.14 36.43 67.05
CA SER A 177 -2.08 37.51 66.08
C SER A 177 -1.12 37.25 64.93
N ILE A 178 -0.84 35.98 64.61
CA ILE A 178 -0.06 35.63 63.42
C ILE A 178 -0.76 34.49 62.71
N PHE A 179 -0.95 34.64 61.41
CA PHE A 179 -1.60 33.64 60.57
C PHE A 179 -0.68 33.27 59.42
N GLN A 180 -0.46 31.98 59.22
CA GLN A 180 0.41 31.47 58.17
C GLN A 180 -0.39 30.57 57.24
N ASP A 181 -0.07 30.63 55.94
CA ASP A 181 -0.80 29.84 54.95
C ASP A 181 0.12 29.52 53.78
N ASP A 182 -0.10 28.35 53.19
CA ASP A 182 0.66 27.87 52.05
C ASP A 182 -0.26 27.70 50.85
N PHE A 183 0.31 27.89 49.66
CA PHE A 183 -0.35 27.48 48.42
C PHE A 183 0.70 27.38 47.33
N VAL A 184 0.34 26.68 46.25
CA VAL A 184 1.26 26.39 45.15
C VAL A 184 0.76 27.09 43.90
N ILE A 185 1.66 27.82 43.24
CA ILE A 185 1.30 28.52 42.00
C ILE A 185 1.14 27.51 40.87
N PRO A 186 0.04 27.54 40.13
CA PRO A 186 -0.11 26.60 39.00
C PRO A 186 0.96 26.85 37.94
N ASP A 187 1.43 25.75 37.35
CA ASP A 187 2.56 25.81 36.43
C ASP A 187 2.21 26.45 35.09
N ILE A 188 0.93 26.62 34.79
CA ILE A 188 0.51 27.19 33.50
C ILE A 188 0.28 28.68 33.64
N SER A 189 0.70 29.25 34.77
CA SER A 189 0.39 30.65 35.05
C SER A 189 1.17 31.59 34.13
N GLU A 190 0.53 32.70 33.78
CA GLU A 190 1.19 33.76 33.03
C GLU A 190 2.11 34.57 33.94
N PRO A 191 3.30 34.93 33.47
CA PRO A 191 4.20 35.74 34.30
C PRO A 191 3.64 37.12 34.55
N GLY A 192 3.99 37.67 35.71
CA GLY A 192 3.51 38.98 36.10
C GLY A 192 3.64 39.19 37.59
N THR A 193 2.82 40.09 38.11
CA THR A 193 2.82 40.45 39.53
C THR A 193 1.51 40.00 40.16
N TRP A 194 1.60 39.05 41.08
CA TRP A 194 0.45 38.68 41.90
C TRP A 194 0.42 39.52 43.17
N LYS A 195 -0.74 39.55 43.82
CA LYS A 195 -0.93 40.41 44.98
C LYS A 195 -1.76 39.67 46.03
N ILE A 196 -1.29 39.70 47.27
CA ILE A 196 -2.00 39.16 48.42
C ILE A 196 -2.48 40.34 49.25
N SER A 197 -3.78 40.36 49.57
CA SER A 197 -4.38 41.45 50.33
C SER A 197 -5.10 40.89 51.54
N ALA A 198 -4.86 41.49 52.70
CA ALA A 198 -5.49 41.09 53.95
C ALA A 198 -6.17 42.29 54.59
N ARG A 199 -7.39 42.07 55.08
CA ARG A 199 -8.15 43.13 55.74
C ARG A 199 -8.95 42.53 56.87
N PHE A 200 -9.27 43.35 57.87
CA PHE A 200 -10.17 42.93 58.93
C PHE A 200 -11.55 42.68 58.34
N SER A 201 -12.24 41.66 58.88
CA SER A 201 -13.52 41.25 58.30
C SER A 201 -14.55 42.36 58.35
N ASP A 202 -14.56 43.14 59.43
CA ASP A 202 -15.51 44.24 59.55
C ASP A 202 -15.05 45.48 58.80
N GLY A 203 -13.73 45.68 58.68
CA GLY A 203 -13.20 46.82 57.96
C GLY A 203 -13.11 46.58 56.47
N LEU A 204 -14.11 47.07 55.73
CA LEU A 204 -14.16 46.82 54.29
C LEU A 204 -12.99 47.49 53.57
N GLU A 205 -12.64 48.70 53.97
CA GLU A 205 -11.55 49.45 53.35
C GLU A 205 -10.32 49.51 54.25
N SER A 206 -10.11 48.46 55.06
CA SER A 206 -8.94 48.37 55.93
C SER A 206 -7.84 47.49 55.33
N ASN A 207 -7.78 47.42 54.01
CA ASN A 207 -6.91 46.45 53.34
C ASN A 207 -5.46 46.89 53.36
N SER A 208 -4.58 45.93 53.65
CA SER A 208 -3.15 46.06 53.45
C SER A 208 -2.70 44.89 52.59
N SER A 209 -1.75 45.15 51.68
CA SER A 209 -1.39 44.16 50.68
C SER A 209 0.12 44.12 50.48
N THR A 210 0.60 42.95 50.09
CA THR A 210 1.96 42.77 49.59
C THR A 210 1.88 42.02 48.28
N GLN A 211 2.77 42.36 47.34
CA GLN A 211 2.76 41.77 46.02
C GLN A 211 4.11 41.17 45.70
N PHE A 212 4.09 40.15 44.84
CA PHE A 212 5.30 39.44 44.45
C PHE A 212 5.24 39.14 42.96
N GLU A 213 6.42 38.90 42.38
CA GLU A 213 6.53 38.59 40.96
C GLU A 213 6.65 37.09 40.76
N VAL A 214 5.86 36.55 39.84
CA VAL A 214 5.99 35.17 39.38
C VAL A 214 6.47 35.22 37.94
N LYS A 215 7.63 34.64 37.68
CA LYS A 215 8.24 34.71 36.35
C LYS A 215 8.80 33.35 35.98
N LYS A 216 9.05 33.18 34.68
CA LYS A 216 9.49 31.90 34.15
C LYS A 216 10.89 31.57 34.64
N TYR A 217 11.19 30.27 34.67
CA TYR A 217 12.46 29.79 35.20
C TYR A 217 13.63 30.24 34.33
N VAL A 218 14.63 30.84 34.96
CA VAL A 218 15.87 31.21 34.30
C VAL A 218 16.98 31.25 35.34
N LEU A 219 18.05 30.51 35.07
CA LEU A 219 19.22 30.46 35.95
C LEU A 219 20.47 30.58 35.09
N PRO A 220 21.22 31.69 35.22
CA PRO A 220 22.38 31.89 34.34
C PRO A 220 23.47 30.88 34.60
N ASN A 221 24.11 30.43 33.52
CA ASN A 221 25.24 29.51 33.66
C ASN A 221 26.42 30.18 34.35
N PHE A 222 26.70 31.43 33.99
CA PHE A 222 27.79 32.19 34.59
C PHE A 222 27.30 33.60 34.91
N GLU A 223 27.94 34.22 35.89
CA GLU A 223 27.57 35.57 36.30
C GLU A 223 28.11 36.60 35.31
N VAL A 224 27.29 37.61 35.03
CA VAL A 224 27.65 38.68 34.10
C VAL A 224 27.44 40.01 34.80
N LYS A 225 28.48 40.85 34.78
CA LYS A 225 28.44 42.15 35.43
C LYS A 225 28.70 43.25 34.41
N ILE A 226 27.90 44.30 34.47
CA ILE A 226 28.11 45.52 33.69
C ILE A 226 28.40 46.64 34.67
N THR A 227 29.65 47.10 34.69
CA THR A 227 30.10 48.07 35.69
C THR A 227 30.48 49.39 35.02
N PRO A 228 29.72 50.46 35.21
CA PRO A 228 30.12 51.75 34.65
C PRO A 228 31.31 52.34 35.40
N GLY A 229 32.10 53.14 34.68
CA GLY A 229 33.23 53.81 35.31
C GLY A 229 32.78 54.81 36.35
N LYS A 230 31.78 55.61 36.02
CA LYS A 230 31.12 56.50 36.97
C LYS A 230 29.64 56.18 36.98
N PRO A 231 29.01 56.08 38.16
CA PRO A 231 27.61 55.64 38.22
C PRO A 231 26.60 56.67 37.73
N TYR A 232 27.07 57.76 37.13
CA TYR A 232 26.17 58.73 36.53
C TYR A 232 26.93 59.51 35.46
N ILE A 233 26.17 60.20 34.62
CA ILE A 233 26.71 60.94 33.49
C ILE A 233 26.33 62.41 33.66
N LEU A 234 27.34 63.27 33.79
CA LEU A 234 27.13 64.70 33.97
C LEU A 234 26.99 65.38 32.60
N THR A 235 25.89 66.11 32.43
CA THR A 235 25.65 66.87 31.20
C THR A 235 25.53 68.35 31.55
N VAL A 236 26.54 69.12 31.17
CA VAL A 236 26.57 70.57 31.38
C VAL A 236 26.99 71.20 30.06
N PRO A 237 26.38 72.32 29.65
CA PRO A 237 26.78 72.97 28.38
C PRO A 237 28.29 73.16 28.27
N GLY A 238 28.89 72.46 27.31
CA GLY A 238 30.33 72.49 27.12
C GLY A 238 31.10 71.42 27.86
N HIS A 239 30.42 70.44 28.46
CA HIS A 239 31.08 69.41 29.23
C HIS A 239 30.27 68.12 29.19
N LEU A 240 30.99 67.00 29.17
CA LEU A 240 30.38 65.67 29.25
C LEU A 240 31.44 64.71 29.75
N ASP A 241 31.13 63.97 30.82
CA ASP A 241 32.12 63.11 31.43
C ASP A 241 32.36 61.87 30.57
N GLU A 242 33.23 60.98 31.07
CA GLU A 242 33.94 60.05 30.20
C GLU A 242 33.00 59.02 29.56
N MET A 243 31.98 58.57 30.29
CA MET A 243 31.09 57.51 29.83
C MET A 243 31.88 56.25 29.45
N GLN A 244 32.32 55.49 30.46
CA GLN A 244 33.06 54.27 30.24
C GLN A 244 32.54 53.18 31.17
N LEU A 245 32.72 51.93 30.76
CA LEU A 245 32.19 50.81 31.52
C LEU A 245 33.09 49.59 31.34
N ASP A 246 32.96 48.66 32.28
CA ASP A 246 33.64 47.37 32.22
C ASP A 246 32.62 46.25 32.18
N ILE A 247 32.90 45.23 31.40
CA ILE A 247 32.06 44.04 31.29
C ILE A 247 32.86 42.85 31.79
N GLN A 248 32.28 42.11 32.74
CA GLN A 248 32.98 41.01 33.39
C GLN A 248 32.12 39.75 33.33
N ALA A 249 32.75 38.63 32.97
CA ALA A 249 32.07 37.34 32.89
C ALA A 249 33.00 36.26 33.42
N ARG A 250 32.55 35.56 34.45
CA ARG A 250 33.30 34.46 35.04
C ARG A 250 32.33 33.43 35.58
N TYR A 251 32.79 32.19 35.68
CA TYR A 251 31.99 31.17 36.32
C TYR A 251 31.92 31.42 37.82
N ILE A 252 30.95 30.77 38.47
CA ILE A 252 30.68 31.05 39.87
C ILE A 252 31.88 30.66 40.74
N TYR A 253 32.55 29.57 40.40
CA TYR A 253 33.70 29.15 41.19
C TYR A 253 34.92 30.04 40.96
N GLY A 254 34.96 30.81 39.88
CA GLY A 254 36.01 31.80 39.70
C GLY A 254 36.63 31.88 38.33
N LYS A 255 36.61 30.78 37.58
CA LYS A 255 37.30 30.76 36.29
C LYS A 255 36.61 31.71 35.30
N PRO A 256 37.37 32.56 34.61
CA PRO A 256 36.73 33.50 33.67
C PRO A 256 36.18 32.78 32.44
N VAL A 257 35.13 33.36 31.88
CA VAL A 257 34.49 32.80 30.70
C VAL A 257 35.25 33.22 29.45
N GLN A 258 35.48 32.27 28.55
CA GLN A 258 36.10 32.54 27.26
C GLN A 258 34.99 32.73 26.23
N GLY A 259 34.86 33.94 25.70
CA GLY A 259 33.82 34.21 24.74
C GLY A 259 33.92 35.61 24.20
N VAL A 260 32.86 36.02 23.49
CA VAL A 260 32.77 37.34 22.87
C VAL A 260 31.58 38.07 23.47
N ALA A 261 31.73 39.37 23.68
CA ALA A 261 30.70 40.21 24.27
C ALA A 261 30.15 41.17 23.23
N TYR A 262 28.84 41.14 23.03
CA TYR A 262 28.16 42.03 22.09
C TYR A 262 27.40 43.07 22.89
N VAL A 263 27.83 44.33 22.80
CA VAL A 263 27.26 45.43 23.56
C VAL A 263 26.59 46.39 22.60
N ARG A 264 25.39 46.84 22.97
CA ARG A 264 24.60 47.78 22.17
C ARG A 264 24.13 48.91 23.08
N PHE A 265 24.07 50.12 22.52
CA PHE A 265 23.77 51.31 23.30
C PHE A 265 22.47 51.94 22.84
N GLY A 266 21.79 52.59 23.78
CA GLY A 266 20.55 53.28 23.48
C GLY A 266 20.16 54.21 24.60
N LEU A 267 18.95 54.75 24.49
CA LEU A 267 18.40 55.66 25.48
C LEU A 267 17.21 55.00 26.16
N LEU A 268 17.16 55.09 27.48
CA LEU A 268 16.09 54.51 28.29
C LEU A 268 15.26 55.65 28.87
N ASP A 269 14.01 55.75 28.45
CA ASP A 269 13.12 56.78 28.98
C ASP A 269 12.64 56.39 30.37
N GLU A 270 12.20 57.39 31.13
CA GLU A 270 11.72 57.13 32.48
C GLU A 270 10.39 56.40 32.49
N ASP A 271 9.67 56.38 31.37
CA ASP A 271 8.47 55.56 31.26
C ASP A 271 8.79 54.09 30.96
N GLY A 272 9.98 53.82 30.41
CA GLY A 272 10.39 52.47 30.07
C GLY A 272 10.71 52.24 28.61
N LYS A 273 10.48 53.23 27.74
CA LYS A 273 10.72 53.05 26.31
C LYS A 273 12.21 52.98 26.03
N LYS A 274 12.59 52.02 25.18
CA LYS A 274 13.98 51.84 24.76
C LYS A 274 14.13 52.27 23.31
N THR A 275 15.13 53.12 23.04
CA THR A 275 15.45 53.57 21.69
C THR A 275 16.93 53.31 21.45
N PHE A 276 17.23 52.35 20.58
CA PHE A 276 18.60 51.94 20.36
C PHE A 276 19.31 52.83 19.34
N PHE A 277 20.62 52.93 19.48
CA PHE A 277 21.47 53.56 18.48
C PHE A 277 21.87 52.50 17.46
N ARG A 278 21.39 52.67 16.22
CA ARG A 278 21.59 51.62 15.21
C ARG A 278 23.04 51.50 14.78
N GLY A 279 23.80 52.59 14.81
CA GLY A 279 25.16 52.56 14.32
C GLY A 279 26.23 52.27 15.36
N LEU A 280 25.89 52.34 16.65
CA LEU A 280 26.87 52.27 17.72
C LEU A 280 26.81 50.95 18.49
N GLU A 281 26.31 49.88 17.86
CA GLU A 281 26.40 48.56 18.46
C GLU A 281 27.80 48.02 18.26
N SER A 282 28.38 47.46 19.34
CA SER A 282 29.79 47.13 19.36
C SER A 282 30.00 45.67 19.76
N GLN A 283 31.03 45.06 19.20
CA GLN A 283 31.40 43.68 19.49
C GLN A 283 32.87 43.64 19.89
N THR A 284 33.15 43.07 21.06
CA THR A 284 34.51 42.96 21.58
C THR A 284 34.72 41.58 22.17
N LYS A 285 35.94 41.08 22.05
CA LYS A 285 36.30 39.78 22.59
C LYS A 285 36.78 39.92 24.02
N LEU A 286 36.39 38.96 24.86
CA LEU A 286 36.77 38.99 26.27
C LEU A 286 38.21 38.54 26.45
N VAL A 287 38.93 39.26 27.32
CA VAL A 287 40.27 38.88 27.75
C VAL A 287 40.26 38.76 29.26
N ASN A 288 40.69 37.60 29.77
CA ASN A 288 40.57 37.27 31.19
C ASN A 288 39.12 37.36 31.65
N GLY A 289 38.18 37.05 30.75
CA GLY A 289 36.77 37.14 31.07
C GLY A 289 36.27 38.55 31.29
N GLN A 290 37.01 39.56 30.82
CA GLN A 290 36.63 40.95 31.01
C GLN A 290 36.81 41.72 29.71
N SER A 291 36.15 42.88 29.64
CA SER A 291 36.27 43.77 28.50
C SER A 291 35.96 45.19 28.96
N HIS A 292 36.61 46.16 28.33
CA HIS A 292 36.44 47.57 28.64
C HIS A 292 35.89 48.28 27.41
N ILE A 293 34.73 48.90 27.56
CA ILE A 293 34.03 49.56 26.45
C ILE A 293 34.01 51.05 26.72
N SER A 294 34.32 51.84 25.69
CA SER A 294 34.32 53.30 25.78
C SER A 294 33.51 53.87 24.64
N LEU A 295 32.59 54.77 24.96
CA LEU A 295 31.80 55.51 23.98
C LEU A 295 32.24 56.97 24.01
N SER A 296 32.82 57.44 22.90
CA SER A 296 33.38 58.79 22.88
C SER A 296 32.29 59.84 22.79
N LYS A 297 32.66 61.07 23.17
CA LYS A 297 31.74 62.19 23.08
C LYS A 297 31.36 62.49 21.64
N ALA A 298 32.29 62.30 20.71
CA ALA A 298 31.99 62.53 19.30
C ALA A 298 31.02 61.49 18.76
N GLU A 299 31.23 60.22 19.12
CA GLU A 299 30.29 59.17 18.69
C GLU A 299 28.92 59.37 19.30
N PHE A 300 28.86 59.84 20.55
CA PHE A 300 27.58 60.01 21.22
C PHE A 300 26.76 61.13 20.59
N GLN A 301 27.39 62.26 20.27
CA GLN A 301 26.67 63.34 19.61
C GLN A 301 26.24 62.94 18.20
N ASP A 302 27.08 62.16 17.51
CA ASP A 302 26.67 61.63 16.20
C ASP A 302 25.50 60.66 16.33
N ALA A 303 25.45 59.90 17.43
CA ALA A 303 24.33 58.98 17.64
C ALA A 303 23.04 59.74 17.89
N LEU A 304 23.10 60.82 18.68
CA LEU A 304 21.90 61.61 18.96
C LEU A 304 21.37 62.28 17.70
N GLU A 305 22.27 62.82 16.86
CA GLU A 305 21.84 63.41 15.61
C GLU A 305 21.29 62.38 14.63
N LYS A 306 21.67 61.11 14.78
CA LYS A 306 21.14 60.07 13.92
C LYS A 306 19.64 59.88 14.14
N LEU A 307 19.18 60.01 15.38
CA LEU A 307 17.77 59.97 15.71
C LEU A 307 17.19 61.37 15.96
N ASN A 308 17.89 62.41 15.50
CA ASN A 308 17.40 63.79 15.52
C ASN A 308 17.19 64.30 16.95
N MET A 309 18.26 64.24 17.74
CA MET A 309 18.26 64.80 19.07
C MET A 309 19.60 65.48 19.33
N GLY A 310 19.60 66.39 20.30
CA GLY A 310 20.80 67.09 20.71
C GLY A 310 21.11 66.84 22.19
N ILE A 311 22.26 67.36 22.61
CA ILE A 311 22.66 67.24 24.00
C ILE A 311 21.67 67.96 24.92
N THR A 312 21.11 69.08 24.44
CA THR A 312 20.09 69.78 25.22
C THR A 312 18.81 68.99 25.37
N ASP A 313 18.55 68.03 24.48
CA ASP A 313 17.32 67.27 24.54
C ASP A 313 17.33 66.23 25.66
N LEU A 314 18.49 65.91 26.21
CA LEU A 314 18.55 65.01 27.35
C LEU A 314 17.82 65.63 28.53
N GLN A 315 17.04 64.81 29.23
CA GLN A 315 16.05 65.33 30.17
C GLN A 315 15.79 64.33 31.29
N GLY A 316 16.86 63.75 31.83
CA GLY A 316 16.71 62.73 32.85
C GLY A 316 16.67 61.31 32.32
N LEU A 317 16.89 61.12 31.02
CA LEU A 317 16.97 59.79 30.45
C LEU A 317 18.20 59.06 30.99
N ARG A 318 18.29 57.77 30.64
CA ARG A 318 19.43 56.95 31.04
C ARG A 318 20.11 56.40 29.79
N LEU A 319 21.44 56.36 29.82
CA LEU A 319 22.19 55.67 28.78
C LEU A 319 22.03 54.17 28.98
N TYR A 320 21.44 53.51 27.99
CA TYR A 320 21.12 52.09 28.11
C TYR A 320 22.24 51.24 27.53
N VAL A 321 22.76 50.33 28.33
CA VAL A 321 23.81 49.40 27.91
C VAL A 321 23.26 47.99 28.03
N ALA A 322 23.15 47.30 26.90
CA ALA A 322 22.70 45.92 26.86
C ALA A 322 23.84 45.08 26.30
N ALA A 323 24.27 44.08 27.08
CA ALA A 323 25.42 43.25 26.72
C ALA A 323 25.00 41.79 26.61
N ALA A 324 25.44 41.14 25.55
CA ALA A 324 25.22 39.70 25.34
C ALA A 324 26.58 39.03 25.24
N ILE A 325 26.85 38.08 26.12
CA ILE A 325 28.13 37.41 26.20
C ILE A 325 27.93 35.96 25.74
N ILE A 326 28.53 35.62 24.61
CA ILE A 326 28.40 34.30 24.00
C ILE A 326 29.69 33.54 24.23
N GLU A 327 29.59 32.37 24.85
CA GLU A 327 30.77 31.56 25.11
C GLU A 327 31.32 30.99 23.80
N SER A 328 32.65 30.96 23.68
CA SER A 328 33.28 30.49 22.46
C SER A 328 33.33 28.97 22.39
N PRO A 329 33.74 28.25 23.45
CA PRO A 329 33.72 26.78 23.36
C PRO A 329 32.33 26.20 23.25
N GLY A 330 31.38 26.70 24.03
CA GLY A 330 30.06 26.11 24.07
C GLY A 330 29.07 26.69 23.08
N GLY A 331 29.09 28.01 22.90
CA GLY A 331 28.15 28.68 22.04
C GLY A 331 26.94 29.24 22.75
N GLU A 332 26.66 28.79 23.98
CA GLU A 332 25.55 29.33 24.75
C GLU A 332 25.91 30.72 25.27
N MET A 333 24.88 31.52 25.54
CA MET A 333 25.06 32.93 25.88
C MET A 333 24.23 33.32 27.08
N GLU A 334 24.67 34.37 27.75
CA GLU A 334 23.93 35.02 28.83
C GLU A 334 23.92 36.52 28.58
N GLU A 335 22.86 37.18 29.05
CA GLU A 335 22.66 38.60 28.80
C GLU A 335 22.56 39.38 30.10
N ALA A 336 22.84 40.67 30.02
CA ALA A 336 22.72 41.59 31.15
C ALA A 336 22.46 42.98 30.61
N GLU A 337 22.01 43.86 31.50
CA GLU A 337 21.67 45.23 31.13
C GLU A 337 22.03 46.18 32.26
N LEU A 338 22.23 47.45 31.89
CA LEU A 338 22.51 48.52 32.84
C LEU A 338 21.45 49.60 32.65
N THR A 339 20.62 49.81 33.67
CA THR A 339 19.50 50.73 33.59
C THR A 339 19.64 51.94 34.51
N SER A 340 20.79 52.10 35.17
CA SER A 340 20.96 53.11 36.21
C SER A 340 21.96 54.20 35.82
N TRP A 341 22.20 54.40 34.52
CA TRP A 341 23.18 55.37 34.06
C TRP A 341 22.44 56.66 33.66
N TYR A 342 22.06 57.43 34.67
CA TYR A 342 21.26 58.63 34.46
C TYR A 342 22.08 59.76 33.85
N PHE A 343 21.42 60.58 33.04
CA PHE A 343 21.95 61.88 32.64
C PHE A 343 21.52 62.90 33.69
N VAL A 344 22.49 63.51 34.36
CA VAL A 344 22.21 64.41 35.47
C VAL A 344 22.91 65.74 35.23
N SER A 345 22.32 66.81 35.78
CA SER A 345 22.84 68.16 35.62
C SER A 345 23.76 68.57 36.77
N SER A 346 23.86 67.77 37.82
CA SER A 346 24.68 68.09 38.98
C SER A 346 24.90 66.82 39.78
N PRO A 347 26.04 66.70 40.48
CA PRO A 347 26.25 65.52 41.34
C PRO A 347 25.42 65.57 42.61
N PHE A 348 24.56 66.58 42.74
CA PHE A 348 23.71 66.73 43.91
C PHE A 348 22.27 66.97 43.47
N SER A 349 21.35 66.74 44.41
CA SER A 349 19.93 66.97 44.18
C SER A 349 19.34 67.66 45.41
N LEU A 350 18.43 68.59 45.17
CA LEU A 350 17.84 69.40 46.23
C LEU A 350 16.42 68.93 46.53
N ASP A 351 16.13 68.73 47.81
CA ASP A 351 14.80 68.40 48.29
C ASP A 351 14.28 69.62 49.06
N LEU A 352 13.25 70.27 48.52
CA LEU A 352 12.70 71.50 49.09
C LEU A 352 11.31 71.28 49.68
N SER A 353 10.95 70.05 50.00
CA SER A 353 9.59 69.74 50.43
C SER A 353 9.26 70.30 51.81
N LYS A 354 10.26 70.51 52.67
CA LYS A 354 10.01 70.98 54.03
C LYS A 354 9.77 72.48 54.12
N THR A 355 9.81 73.21 53.01
CA THR A 355 9.55 74.64 53.05
C THR A 355 8.06 74.91 53.27
N LYS A 356 7.77 75.92 54.09
CA LYS A 356 6.39 76.19 54.48
C LYS A 356 5.54 76.61 53.30
N ARG A 357 6.11 77.35 52.36
CA ARG A 357 5.38 77.94 51.23
C ARG A 357 4.25 78.86 51.69
N HIS A 358 4.36 79.40 52.91
CA HIS A 358 3.44 80.39 53.43
C HIS A 358 4.21 81.37 54.28
N LEU A 359 4.03 82.66 54.03
CA LEU A 359 4.81 83.69 54.67
C LEU A 359 4.13 84.18 55.96
N VAL A 360 4.95 84.62 56.90
CA VAL A 360 4.50 85.33 58.09
C VAL A 360 5.18 86.70 58.09
N PRO A 361 4.46 87.74 57.67
CA PRO A 361 5.09 89.08 57.56
C PRO A 361 5.62 89.55 58.90
N GLY A 362 6.84 90.08 58.88
CA GLY A 362 7.47 90.55 60.10
C GLY A 362 8.11 89.47 60.94
N ALA A 363 8.28 88.28 60.40
CA ALA A 363 8.87 87.16 61.12
C ALA A 363 9.79 86.39 60.18
N PRO A 364 10.87 85.81 60.70
CA PRO A 364 11.82 85.09 59.82
C PRO A 364 11.16 83.92 59.11
N PHE A 365 11.47 83.79 57.82
CA PHE A 365 11.05 82.66 57.01
C PHE A 365 12.18 81.65 56.92
N LEU A 366 11.89 80.40 57.26
CA LEU A 366 12.90 79.35 57.34
C LEU A 366 12.95 78.58 56.02
N LEU A 367 14.06 78.71 55.30
CA LEU A 367 14.30 77.95 54.08
C LEU A 367 14.90 76.61 54.47
N GLN A 368 14.15 75.53 54.28
CA GLN A 368 14.60 74.19 54.65
C GLN A 368 14.81 73.35 53.40
N ALA A 369 15.99 72.76 53.28
CA ALA A 369 16.33 71.96 52.12
C ALA A 369 17.15 70.75 52.56
N LEU A 370 17.11 69.71 51.71
CA LEU A 370 17.89 68.49 51.91
C LEU A 370 18.66 68.20 50.64
N VAL A 371 19.97 68.06 50.76
CA VAL A 371 20.85 67.82 49.61
C VAL A 371 21.25 66.35 49.61
N ARG A 372 20.95 65.67 48.50
CA ARG A 372 21.33 64.28 48.31
C ARG A 372 22.39 64.17 47.23
N GLU A 373 23.15 63.07 47.26
CA GLU A 373 24.18 62.80 46.28
C GLU A 373 23.83 61.61 45.40
N MET A 374 22.54 61.34 45.22
CA MET A 374 22.05 60.27 44.35
C MET A 374 22.49 58.89 44.82
N SER A 375 23.80 58.68 44.98
CA SER A 375 24.28 57.43 45.55
C SER A 375 23.73 57.23 46.96
N GLY A 376 23.72 58.29 47.76
CA GLY A 376 23.12 58.24 49.08
C GLY A 376 22.39 59.54 49.38
N SER A 377 21.62 59.50 50.45
CA SER A 377 20.86 60.68 50.86
C SER A 377 21.73 61.73 51.56
N PRO A 378 22.58 61.38 52.55
CA PRO A 378 23.27 62.43 53.29
C PRO A 378 24.47 63.05 52.57
N ALA A 379 24.29 64.25 52.05
CA ALA A 379 25.38 65.05 51.51
C ALA A 379 25.73 66.10 52.55
N SER A 380 26.79 65.84 53.32
CA SER A 380 27.17 66.69 54.45
C SER A 380 28.35 67.57 54.07
N GLY A 381 28.33 68.81 54.54
CA GLY A 381 29.40 69.74 54.28
C GLY A 381 29.33 70.44 52.94
N ILE A 382 28.17 70.42 52.29
CA ILE A 382 28.01 71.04 50.97
C ILE A 382 27.48 72.45 51.15
N PRO A 383 28.09 73.45 50.50
CA PRO A 383 27.56 74.82 50.60
C PRO A 383 26.30 74.98 49.77
N VAL A 384 25.24 75.48 50.41
CA VAL A 384 23.98 75.78 49.74
C VAL A 384 23.68 77.25 49.96
N LYS A 385 23.48 77.98 48.86
CA LYS A 385 23.23 79.41 48.88
C LYS A 385 21.83 79.69 48.36
N VAL A 386 21.13 80.62 49.02
CA VAL A 386 19.79 81.02 48.63
C VAL A 386 19.82 82.51 48.28
N SER A 387 19.19 82.86 47.16
CA SER A 387 19.04 84.25 46.74
C SER A 387 17.57 84.61 46.89
N ALA A 388 17.27 85.45 47.88
CA ALA A 388 15.88 85.77 48.24
C ALA A 388 15.54 87.15 47.70
N THR A 389 14.59 87.21 46.77
CA THR A 389 14.08 88.46 46.22
C THR A 389 12.81 88.81 46.98
N VAL A 390 12.88 89.81 47.85
CA VAL A 390 11.75 90.25 48.65
C VAL A 390 11.06 91.39 47.90
N SER A 391 9.85 91.12 47.40
CA SER A 391 9.10 92.08 46.61
C SER A 391 8.22 92.92 47.52
N SER A 392 8.63 94.17 47.76
CA SER A 392 7.83 95.09 48.54
C SER A 392 6.76 95.76 47.69
N PRO A 393 5.66 96.19 48.28
CA PRO A 393 4.62 96.90 47.52
C PRO A 393 5.05 98.32 47.21
N GLY A 394 5.30 98.60 45.93
CA GLY A 394 5.69 99.93 45.52
C GLY A 394 7.19 100.12 45.38
N SER A 395 7.90 100.04 46.50
CA SER A 395 9.34 100.26 46.50
C SER A 395 10.05 99.13 45.75
N VAL A 396 11.31 99.37 45.41
CA VAL A 396 12.09 98.43 44.61
C VAL A 396 12.30 97.14 45.42
N PRO A 397 12.19 95.97 44.80
CA PRO A 397 12.48 94.73 45.52
C PRO A 397 13.91 94.69 46.03
N GLU A 398 14.09 94.03 47.18
CA GLU A 398 15.39 93.91 47.82
C GLU A 398 15.82 92.45 47.84
N VAL A 399 17.13 92.23 47.69
CA VAL A 399 17.69 90.90 47.53
C VAL A 399 18.48 90.54 48.78
N GLN A 400 18.29 89.32 49.28
CA GLN A 400 19.07 88.77 50.38
C GLN A 400 19.84 87.56 49.87
N ASP A 401 21.16 87.58 50.01
CA ASP A 401 22.01 86.46 49.63
C ASP A 401 22.58 85.84 50.90
N ILE A 402 22.06 84.68 51.27
CA ILE A 402 22.49 83.95 52.45
C ILE A 402 22.94 82.56 52.03
N GLN A 403 23.95 82.02 52.70
CA GLN A 403 24.44 80.69 52.43
C GLN A 403 24.81 80.00 53.73
N GLN A 404 24.83 78.67 53.68
CA GLN A 404 25.16 77.84 54.84
C GLN A 404 25.63 76.48 54.33
N ASN A 405 26.41 75.80 55.16
CA ASN A 405 26.92 74.48 54.82
C ASN A 405 26.03 73.42 55.44
N THR A 406 25.67 72.41 54.65
CA THR A 406 24.85 71.32 55.14
C THR A 406 25.63 70.49 56.16
N ASP A 407 24.90 69.84 57.07
CA ASP A 407 25.52 69.04 58.11
C ASP A 407 24.58 67.90 58.48
N GLY A 408 25.11 66.98 59.28
CA GLY A 408 24.31 65.86 59.76
C GLY A 408 23.90 64.96 58.60
N SER A 409 22.59 64.87 58.37
CA SER A 409 22.04 64.06 57.28
C SER A 409 21.87 64.85 56.00
N GLY A 410 22.59 65.95 55.84
CA GLY A 410 22.46 66.78 54.65
C GLY A 410 21.39 67.83 54.73
N GLN A 411 20.92 68.18 55.92
CA GLN A 411 19.85 69.16 56.08
C GLN A 411 20.42 70.57 56.20
N VAL A 412 19.57 71.55 55.91
CA VAL A 412 19.91 72.96 56.07
C VAL A 412 18.65 73.73 56.42
N SER A 413 18.80 74.75 57.25
CA SER A 413 17.70 75.63 57.63
C SER A 413 18.25 77.05 57.64
N ILE A 414 17.83 77.85 56.67
CA ILE A 414 18.36 79.20 56.47
C ILE A 414 17.25 80.20 56.78
N PRO A 415 17.37 80.99 57.84
CA PRO A 415 16.38 82.04 58.10
C PRO A 415 16.47 83.15 57.06
N ILE A 416 15.31 83.56 56.54
CA ILE A 416 15.20 84.67 55.60
C ILE A 416 14.22 85.66 56.20
N ILE A 417 14.72 86.84 56.59
CA ILE A 417 13.90 87.85 57.22
C ILE A 417 13.08 88.58 56.16
N ILE A 418 11.79 88.76 56.44
CA ILE A 418 10.86 89.40 55.53
C ILE A 418 10.15 90.51 56.29
N PRO A 419 10.09 91.73 55.75
CA PRO A 419 9.38 92.81 56.44
C PRO A 419 7.89 92.53 56.50
N GLN A 420 7.19 93.38 57.26
CA GLN A 420 5.75 93.23 57.41
C GLN A 420 4.97 93.71 56.19
N THR A 421 5.60 94.49 55.32
CA THR A 421 4.99 94.95 54.07
C THR A 421 5.66 94.20 52.92
N ILE A 422 5.04 93.08 52.53
CA ILE A 422 5.58 92.23 51.47
C ILE A 422 4.43 91.81 50.55
N SER A 423 4.75 91.70 49.26
CA SER A 423 3.79 91.22 48.27
C SER A 423 4.01 89.76 47.92
N GLU A 424 5.26 89.36 47.67
CA GLU A 424 5.59 87.98 47.37
C GLU A 424 7.08 87.78 47.58
N LEU A 425 7.46 86.52 47.82
CA LEU A 425 8.85 86.14 48.02
C LEU A 425 9.25 85.15 46.95
N GLN A 426 10.34 85.44 46.25
CA GLN A 426 10.87 84.57 45.19
C GLN A 426 12.24 84.09 45.60
N LEU A 427 12.40 82.77 45.70
CA LEU A 427 13.63 82.15 46.19
C LEU A 427 14.35 81.42 45.07
N SER A 428 15.68 81.55 45.04
CA SER A 428 16.54 80.81 44.11
C SER A 428 17.62 80.14 44.95
N VAL A 429 17.56 78.81 45.03
CA VAL A 429 18.46 78.02 45.87
C VAL A 429 19.49 77.35 44.98
N SER A 430 20.76 77.43 45.37
CA SER A 430 21.87 76.82 44.64
C SER A 430 22.73 76.06 45.63
N ALA A 431 22.84 74.74 45.43
CA ALA A 431 23.56 73.88 46.35
C ALA A 431 24.59 73.05 45.58
N GLY A 432 25.80 72.98 46.10
CA GLY A 432 26.84 72.16 45.53
C GLY A 432 27.81 72.94 44.67
N SER A 433 29.01 72.39 44.52
CA SER A 433 30.06 72.96 43.69
C SER A 433 30.87 71.81 43.11
N PRO A 434 31.42 71.96 41.89
CA PRO A 434 31.35 73.15 41.03
C PRO A 434 30.04 73.29 40.25
N HIS A 435 29.38 72.17 39.97
CA HIS A 435 28.12 72.18 39.25
C HIS A 435 26.97 72.14 40.25
N PRO A 436 26.24 73.23 40.46
CA PRO A 436 25.25 73.28 41.53
C PRO A 436 23.88 72.77 41.13
N ALA A 437 23.20 72.19 42.11
CA ALA A 437 21.79 71.82 41.95
C ALA A 437 20.92 73.03 42.29
N ILE A 438 19.96 73.32 41.43
CA ILE A 438 19.17 74.54 41.54
C ILE A 438 17.72 74.18 41.80
N ALA A 439 17.05 75.03 42.57
CA ALA A 439 15.62 74.90 42.84
C ALA A 439 15.07 76.30 43.10
N ARG A 440 13.99 76.65 42.41
CA ARG A 440 13.43 77.99 42.46
C ARG A 440 11.99 77.92 42.94
N LEU A 441 11.65 78.77 43.90
CA LEU A 441 10.35 78.74 44.56
C LEU A 441 9.82 80.17 44.71
N THR A 442 8.52 80.32 44.52
CA THR A 442 7.83 81.60 44.68
C THR A 442 6.70 81.45 45.68
N VAL A 443 6.67 82.32 46.68
CA VAL A 443 5.68 82.28 47.75
C VAL A 443 4.96 83.63 47.79
N ALA A 444 3.64 83.59 47.85
CA ALA A 444 2.82 84.79 47.94
C ALA A 444 2.48 85.07 49.40
N ALA A 445 2.46 86.35 49.75
CA ALA A 445 2.19 86.76 51.12
C ALA A 445 0.69 86.65 51.44
N PRO A 446 0.35 86.37 52.69
CA PRO A 446 -1.06 86.35 53.09
C PRO A 446 -1.69 87.72 52.93
N PRO A 447 -3.02 87.81 52.97
CA PRO A 447 -3.69 89.10 52.79
C PRO A 447 -3.17 90.15 53.78
N SER A 448 -3.13 91.40 53.30
CA SER A 448 -2.49 92.46 54.07
C SER A 448 -3.34 92.90 55.26
N GLY A 449 -4.67 92.80 55.15
CA GLY A 449 -5.53 93.29 56.21
C GLY A 449 -5.86 92.26 57.27
N GLY A 450 -5.01 91.24 57.41
CA GLY A 450 -5.23 90.17 58.35
C GLY A 450 -5.30 90.65 59.79
N PRO A 451 -5.92 89.84 60.67
CA PRO A 451 -6.04 90.23 62.08
C PRO A 451 -4.81 89.85 62.89
N GLY A 452 -3.63 89.93 62.29
CA GLY A 452 -2.40 89.53 62.93
C GLY A 452 -1.98 88.13 62.55
N PHE A 453 -0.77 87.77 62.98
CA PHE A 453 -0.20 86.47 62.69
C PHE A 453 0.48 85.90 63.93
N LEU A 454 0.74 84.60 63.89
CA LEU A 454 1.47 83.91 64.93
C LEU A 454 2.71 83.27 64.33
N SER A 455 3.86 83.47 64.97
CA SER A 455 5.13 82.93 64.53
C SER A 455 5.62 81.92 65.54
N ILE A 456 5.86 80.69 65.09
CA ILE A 456 6.37 79.61 65.93
C ILE A 456 7.83 79.40 65.55
N GLU A 457 8.74 79.81 66.43
CA GLU A 457 10.17 79.78 66.15
C GLU A 457 10.83 78.59 66.83
N ARG A 458 11.77 77.97 66.12
CA ARG A 458 12.49 76.79 66.59
C ARG A 458 13.98 77.09 66.59
N PRO A 459 14.66 77.06 67.75
CA PRO A 459 16.07 77.46 67.79
C PRO A 459 16.98 76.54 66.99
N ASP A 460 17.09 75.28 67.40
CA ASP A 460 17.87 74.29 66.67
C ASP A 460 16.92 73.41 65.86
N SER A 461 17.07 73.42 64.55
CA SER A 461 16.18 72.71 63.64
C SER A 461 16.59 71.25 63.44
N ARG A 462 17.40 70.70 64.34
CA ARG A 462 17.81 69.31 64.22
C ARG A 462 16.70 68.40 64.75
N PRO A 463 16.42 67.29 64.08
CA PRO A 463 15.36 66.38 64.53
C PRO A 463 15.66 65.83 65.91
N PRO A 464 14.69 65.88 66.82
CA PRO A 464 14.95 65.41 68.19
C PRO A 464 14.85 63.90 68.32
N ARG A 465 15.61 63.37 69.27
CA ARG A 465 15.56 61.96 69.58
C ARG A 465 14.40 61.67 70.55
N VAL A 466 13.98 60.41 70.58
CA VAL A 466 12.91 60.00 71.47
C VAL A 466 13.42 60.12 72.90
N GLY A 467 12.84 61.05 73.66
CA GLY A 467 13.29 61.36 75.00
C GLY A 467 13.85 62.76 75.17
N ASP A 468 14.16 63.46 74.08
CA ASP A 468 14.66 64.81 74.16
C ASP A 468 13.52 65.80 74.40
N THR A 469 13.87 66.96 74.93
CA THR A 469 12.92 68.05 75.15
C THR A 469 13.15 69.13 74.09
N LEU A 470 12.12 69.43 73.33
CA LEU A 470 12.18 70.45 72.29
C LEU A 470 11.50 71.72 72.77
N ASN A 471 12.19 72.85 72.62
CA ASN A 471 11.66 74.15 73.02
C ASN A 471 11.23 74.92 71.78
N LEU A 472 9.99 75.39 71.78
CA LEU A 472 9.44 76.17 70.68
C LEU A 472 9.02 77.53 71.19
N ASN A 473 9.30 78.57 70.40
CA ASN A 473 9.00 79.95 70.77
C ASN A 473 7.72 80.41 70.07
N LEU A 474 6.81 80.98 70.86
CA LEU A 474 5.58 81.55 70.33
C LEU A 474 5.71 83.07 70.31
N ARG A 475 5.48 83.65 69.13
CA ARG A 475 5.72 85.08 68.92
C ARG A 475 4.56 85.64 68.10
N ALA A 476 3.64 86.34 68.77
CA ALA A 476 2.58 87.05 68.06
C ALA A 476 3.15 88.27 67.36
N VAL A 477 2.67 88.51 66.13
CA VAL A 477 3.16 89.61 65.32
C VAL A 477 1.99 90.28 64.64
N GLY A 478 2.06 91.61 64.49
CA GLY A 478 1.02 92.39 63.83
C GLY A 478 0.46 93.45 64.76
N SER A 479 -0.86 93.62 64.71
CA SER A 479 -1.50 94.66 65.49
C SER A 479 -1.41 94.39 66.99
N GLY A 480 -1.34 93.12 67.38
CA GLY A 480 -1.29 92.76 68.78
C GLY A 480 -2.67 92.68 69.41
N ALA A 481 -2.89 91.66 70.23
CA ALA A 481 -4.19 91.39 70.83
C ALA A 481 -4.12 91.60 72.34
N THR A 482 -5.26 91.35 72.99
CA THR A 482 -5.39 91.46 74.44
C THR A 482 -5.48 90.09 75.11
N PHE A 483 -5.01 89.04 74.43
CA PHE A 483 -5.21 87.69 74.91
C PHE A 483 -4.35 87.40 76.14
N SER A 484 -4.81 86.42 76.92
CA SER A 484 -4.15 86.04 78.17
C SER A 484 -3.25 84.82 78.03
N HIS A 485 -3.58 83.91 77.12
CA HIS A 485 -2.82 82.66 76.98
C HIS A 485 -2.67 82.31 75.51
N TYR A 486 -1.58 81.61 75.21
CA TYR A 486 -1.48 80.86 73.97
C TYR A 486 -2.03 79.45 74.19
N TYR A 487 -2.66 78.90 73.16
CA TYR A 487 -3.20 77.54 73.21
C TYR A 487 -2.50 76.70 72.15
N TYR A 488 -1.92 75.59 72.58
CA TYR A 488 -1.19 74.70 71.68
C TYR A 488 -1.63 73.26 71.91
N MET A 489 -1.40 72.43 70.90
CA MET A 489 -1.77 71.02 70.95
C MET A 489 -0.88 70.23 70.02
N ILE A 490 -0.71 68.95 70.34
CA ILE A 490 0.16 68.04 69.59
C ILE A 490 -0.71 67.05 68.84
N LEU A 491 -0.42 66.88 67.55
CA LEU A 491 -1.12 65.93 66.69
C LEU A 491 -0.13 64.85 66.26
N SER A 492 -0.45 63.59 66.56
CA SER A 492 0.41 62.47 66.20
C SER A 492 -0.44 61.35 65.62
N ARG A 493 -0.05 60.89 64.43
CA ARG A 493 -0.70 59.75 63.77
C ARG A 493 -2.19 60.02 63.52
N GLY A 494 -2.55 61.28 63.30
CA GLY A 494 -3.91 61.65 63.02
C GLY A 494 -4.81 61.82 64.22
N GLN A 495 -4.25 61.85 65.43
CA GLN A 495 -5.03 61.98 66.65
C GLN A 495 -4.44 63.07 67.53
N ILE A 496 -5.31 63.83 68.19
CA ILE A 496 -4.88 64.83 69.16
C ILE A 496 -4.35 64.09 70.38
N VAL A 497 -3.04 64.15 70.61
CA VAL A 497 -2.40 63.36 71.65
C VAL A 497 -2.18 64.22 72.89
N PHE A 498 -2.01 65.52 72.70
CA PHE A 498 -1.75 66.42 73.82
C PHE A 498 -2.31 67.79 73.49
N MET A 499 -2.73 68.51 74.54
CA MET A 499 -3.28 69.84 74.41
C MET A 499 -3.08 70.59 75.71
N ASN A 500 -2.66 71.84 75.63
CA ASN A 500 -2.34 72.63 76.80
C ASN A 500 -2.34 74.11 76.43
N ARG A 501 -2.23 74.95 77.45
CA ARG A 501 -2.14 76.39 77.27
C ARG A 501 -0.83 76.90 77.85
N GLU A 502 -0.43 78.09 77.41
CA GLU A 502 0.80 78.73 77.84
C GLU A 502 0.52 80.22 78.00
N PRO A 503 0.89 80.82 79.14
CA PRO A 503 0.54 82.22 79.38
C PRO A 503 1.28 83.16 78.44
N LYS A 504 0.67 84.32 78.20
CA LYS A 504 1.27 85.35 77.36
C LYS A 504 2.38 86.05 78.13
N ARG A 505 3.60 85.95 77.62
CA ARG A 505 4.74 86.67 78.15
C ARG A 505 5.36 87.52 77.05
N THR A 506 6.31 88.37 77.43
CA THR A 506 7.08 89.10 76.43
C THR A 506 7.79 88.15 75.49
N LEU A 507 8.30 87.04 76.04
CA LEU A 507 8.85 85.93 75.25
C LEU A 507 8.28 84.65 75.82
N THR A 508 7.46 83.95 75.04
CA THR A 508 6.78 82.74 75.48
C THR A 508 7.43 81.53 74.83
N SER A 509 7.86 80.57 75.66
CA SER A 509 8.51 79.35 75.20
C SER A 509 7.70 78.14 75.67
N VAL A 510 7.47 77.21 74.75
CA VAL A 510 6.75 75.98 75.03
C VAL A 510 7.74 74.82 74.95
N SER A 511 7.80 74.02 76.01
CA SER A 511 8.69 72.86 76.08
C SER A 511 7.87 71.61 75.81
N VAL A 512 8.24 70.87 74.77
CA VAL A 512 7.56 69.66 74.36
C VAL A 512 8.47 68.47 74.62
N PHE A 513 7.96 67.48 75.35
CA PHE A 513 8.70 66.26 75.65
C PHE A 513 8.28 65.19 74.64
N VAL A 514 9.19 64.84 73.75
CA VAL A 514 8.91 63.90 72.66
C VAL A 514 9.17 62.49 73.15
N ASP A 515 8.11 61.69 73.28
CA ASP A 515 8.22 60.30 73.68
C ASP A 515 7.85 59.40 72.50
N HIS A 516 7.64 58.12 72.78
CA HIS A 516 7.34 57.14 71.73
C HIS A 516 6.02 57.43 71.03
N HIS A 517 5.07 58.11 71.70
CA HIS A 517 3.78 58.39 71.09
C HIS A 517 3.87 59.35 69.92
N LEU A 518 4.93 60.16 69.85
CA LEU A 518 5.03 61.23 68.87
C LEU A 518 5.81 60.82 67.61
N ALA A 519 6.51 59.70 67.63
CA ALA A 519 7.23 59.25 66.45
C ALA A 519 6.25 58.82 65.36
N PRO A 520 6.63 58.95 64.08
CA PRO A 520 7.91 59.50 63.58
C PRO A 520 7.85 61.01 63.32
N SER A 521 6.65 61.57 63.27
CA SER A 521 6.48 62.99 63.04
C SER A 521 5.17 63.44 63.68
N PHE A 522 5.16 64.67 64.20
CA PHE A 522 3.98 65.21 64.84
C PHE A 522 3.83 66.68 64.46
N TYR A 523 2.58 67.13 64.44
CA TYR A 523 2.25 68.52 64.13
C TYR A 523 2.09 69.31 65.43
N PHE A 524 2.71 70.48 65.48
CA PHE A 524 2.55 71.42 66.59
C PHE A 524 1.66 72.56 66.11
N VAL A 525 0.44 72.63 66.64
CA VAL A 525 -0.52 73.66 66.28
C VAL A 525 -0.72 74.57 67.49
N ALA A 526 -0.56 75.87 67.28
CA ALA A 526 -0.75 76.87 68.32
C ALA A 526 -1.61 78.02 67.79
N PHE A 527 -2.35 78.65 68.69
CA PHE A 527 -3.25 79.72 68.28
C PHE A 527 -3.57 80.62 69.46
N TYR A 528 -3.93 81.87 69.13
CA TYR A 528 -4.49 82.82 70.09
C TYR A 528 -5.68 83.51 69.41
N TYR A 529 -6.46 84.23 70.20
CA TYR A 529 -7.67 84.87 69.73
C TYR A 529 -7.54 86.39 69.82
N HIS A 530 -8.00 87.08 68.77
CA HIS A 530 -7.96 88.54 68.70
C HIS A 530 -9.33 89.02 68.22
N GLY A 531 -10.19 89.43 69.16
CA GLY A 531 -11.49 89.98 68.82
C GLY A 531 -12.38 89.02 68.04
N ASP A 532 -12.64 87.86 68.60
CA ASP A 532 -13.47 86.81 67.99
C ASP A 532 -12.88 86.30 66.68
N HIS A 533 -11.62 86.59 66.41
CA HIS A 533 -10.93 86.03 65.25
C HIS A 533 -9.80 85.14 65.73
N PRO A 534 -9.78 83.86 65.36
CA PRO A 534 -8.63 83.02 65.72
C PRO A 534 -7.43 83.39 64.86
N VAL A 535 -6.25 83.35 65.50
CA VAL A 535 -4.98 83.58 64.82
C VAL A 535 -4.10 82.38 65.12
N ALA A 536 -3.76 81.61 64.09
CA ALA A 536 -3.12 80.32 64.28
C ALA A 536 -2.00 80.11 63.28
N ASN A 537 -1.12 79.19 63.62
CA ASN A 537 -0.04 78.74 62.76
C ASN A 537 0.42 77.38 63.26
N SER A 538 1.02 76.60 62.37
CA SER A 538 1.41 75.24 62.70
C SER A 538 2.80 74.94 62.13
N LEU A 539 3.48 73.98 62.77
CA LEU A 539 4.81 73.56 62.37
C LEU A 539 4.93 72.05 62.58
N ARG A 540 5.45 71.36 61.56
CA ARG A 540 5.62 69.92 61.62
C ARG A 540 7.04 69.60 62.06
N VAL A 541 7.16 68.75 63.08
CA VAL A 541 8.45 68.36 63.64
C VAL A 541 8.66 66.88 63.33
N ASP A 542 9.75 66.58 62.63
CA ASP A 542 10.12 65.20 62.34
C ASP A 542 11.02 64.66 63.45
N VAL A 543 10.69 63.49 63.96
CA VAL A 543 11.44 62.86 65.04
C VAL A 543 12.56 62.02 64.44
N GLN A 544 13.73 62.05 65.08
CA GLN A 544 14.87 61.29 64.61
C GLN A 544 14.57 59.80 64.62
N ALA A 545 15.33 59.06 63.81
CA ALA A 545 15.13 57.62 63.61
C ALA A 545 15.00 56.87 64.93
N GLY A 546 13.79 56.39 65.22
CA GLY A 546 13.49 55.78 66.50
C GLY A 546 13.91 54.33 66.58
N ALA A 547 13.47 53.69 67.67
CA ALA A 547 13.76 52.29 67.92
C ALA A 547 12.54 51.64 68.55
N CYS A 548 12.60 50.31 68.67
CA CYS A 548 11.49 49.55 69.22
C CYS A 548 11.28 49.86 70.69
N GLU A 549 10.10 49.46 71.19
CA GLU A 549 9.92 49.25 72.61
C GLU A 549 10.53 47.90 72.96
N GLY A 550 11.47 47.89 73.89
CA GLY A 550 12.22 46.67 74.06
C GLY A 550 13.22 46.49 72.92
N LYS A 551 13.60 45.24 72.69
CA LYS A 551 14.57 44.94 71.64
C LYS A 551 14.39 43.51 71.15
N LEU A 552 14.82 43.27 69.92
CA LEU A 552 14.98 41.94 69.36
C LEU A 552 16.34 41.88 68.69
N GLU A 553 17.23 41.02 69.21
CA GLU A 553 18.61 40.96 68.77
C GLU A 553 18.94 39.56 68.27
N LEU A 554 19.46 39.48 67.06
CA LEU A 554 19.93 38.23 66.47
C LEU A 554 21.44 38.28 66.34
N SER A 555 22.11 37.18 66.73
CA SER A 555 23.57 37.17 66.72
C SER A 555 24.07 35.76 66.49
N VAL A 556 25.09 35.64 65.63
CA VAL A 556 25.83 34.41 65.42
C VAL A 556 27.26 34.66 65.90
N ASP A 557 27.64 34.03 67.00
CA ASP A 557 28.91 34.33 67.64
C ASP A 557 30.09 33.91 66.77
N GLY A 558 31.20 34.63 66.91
CA GLY A 558 32.42 34.32 66.20
C GLY A 558 32.33 34.61 64.71
N ALA A 559 33.20 33.95 63.96
CA ALA A 559 33.20 34.08 62.51
C ALA A 559 31.92 33.51 61.93
N LYS A 560 31.36 34.21 60.95
CA LYS A 560 30.10 33.83 60.34
C LYS A 560 30.28 33.19 58.96
N GLN A 561 31.45 32.62 58.70
CA GLN A 561 31.67 31.79 57.51
C GLN A 561 31.56 30.33 57.92
N TYR A 562 30.60 29.63 57.33
CA TYR A 562 30.36 28.23 57.63
C TYR A 562 30.39 27.40 56.36
N ARG A 563 30.72 26.12 56.52
CA ARG A 563 30.75 25.19 55.39
C ARG A 563 29.40 24.51 55.24
N ASN A 564 29.31 23.61 54.27
CA ASN A 564 28.05 22.93 53.97
C ASN A 564 27.74 21.88 55.03
N GLY A 565 26.48 21.82 55.40
CA GLY A 565 25.97 20.76 56.28
C GLY A 565 26.19 20.93 57.77
N GLU A 566 27.39 21.35 58.17
CA GLU A 566 27.72 21.42 59.60
C GLU A 566 26.81 22.41 60.32
N SER A 567 26.57 22.12 61.60
CA SER A 567 25.55 22.84 62.36
C SER A 567 25.95 24.28 62.60
N VAL A 568 24.93 25.13 62.69
CA VAL A 568 25.10 26.55 63.02
C VAL A 568 24.03 26.92 64.05
N LYS A 569 24.43 27.66 65.08
CA LYS A 569 23.55 28.02 66.18
C LYS A 569 23.29 29.52 66.16
N LEU A 570 22.01 29.89 66.22
CA LEU A 570 21.58 31.29 66.18
C LEU A 570 21.00 31.68 67.52
N HIS A 571 21.41 32.84 68.03
CA HIS A 571 20.94 33.35 69.31
C HIS A 571 19.81 34.35 69.08
N LEU A 572 18.71 34.16 69.79
CA LEU A 572 17.56 35.06 69.75
C LEU A 572 17.38 35.67 71.14
N GLU A 573 17.37 37.00 71.20
CA GLU A 573 17.19 37.71 72.47
C GLU A 573 16.11 38.77 72.30
N THR A 574 15.18 38.83 73.24
CA THR A 574 14.08 39.78 73.19
C THR A 574 13.75 40.26 74.61
N ASP A 575 13.00 41.36 74.69
CA ASP A 575 12.76 42.00 75.97
C ASP A 575 11.76 41.23 76.83
N SER A 576 10.76 40.60 76.21
CA SER A 576 9.73 39.87 76.93
C SER A 576 9.53 38.52 76.26
N LEU A 577 8.56 37.75 76.73
CA LEU A 577 8.14 36.57 76.01
C LEU A 577 7.39 37.01 74.76
N ALA A 578 7.80 36.49 73.60
CA ALA A 578 7.30 37.03 72.34
C ALA A 578 7.36 35.97 71.26
N LEU A 579 6.56 36.18 70.22
CA LEU A 579 6.58 35.35 69.02
C LEU A 579 7.59 35.96 68.05
N VAL A 580 8.68 35.25 67.82
CA VAL A 580 9.75 35.72 66.94
C VAL A 580 9.59 35.03 65.60
N ALA A 581 9.19 35.78 64.57
CA ALA A 581 9.04 35.27 63.22
C ALA A 581 10.32 35.53 62.43
N LEU A 582 10.97 34.47 61.99
CA LEU A 582 12.26 34.56 61.34
C LEU A 582 12.14 34.34 59.84
N GLY A 583 13.26 34.52 59.15
CA GLY A 583 13.34 34.35 57.71
C GLY A 583 14.73 34.59 57.18
N ALA A 584 15.19 33.75 56.26
CA ALA A 584 16.52 33.85 55.68
C ALA A 584 16.40 34.06 54.18
N LEU A 585 16.90 35.18 53.69
CA LEU A 585 16.78 35.57 52.29
C LEU A 585 18.16 35.68 51.65
N ASP A 586 18.27 35.14 50.44
CA ASP A 586 19.52 35.21 49.68
C ASP A 586 19.83 36.66 49.31
N THR A 587 21.13 36.97 49.27
CA THR A 587 21.55 38.32 48.89
C THR A 587 21.43 38.58 47.40
N ALA A 588 21.29 37.53 46.59
CA ALA A 588 21.23 37.71 45.15
C ALA A 588 19.93 38.39 44.73
N LEU A 589 18.80 37.94 45.28
CA LEU A 589 17.51 38.54 44.94
C LEU A 589 17.38 39.97 45.45
N TYR A 590 18.23 40.38 46.38
CA TYR A 590 18.21 41.71 46.97
C TYR A 590 19.26 42.64 46.36
N ALA A 591 19.87 42.22 45.25
CA ALA A 591 20.99 42.98 44.67
C ALA A 591 20.48 44.25 43.98
N ALA A 592 21.41 44.97 43.37
CA ALA A 592 21.12 46.29 42.84
C ALA A 592 20.23 46.21 41.60
N GLY A 593 20.50 45.27 40.69
CA GLY A 593 19.74 45.18 39.47
C GLY A 593 18.29 44.78 39.66
N SER A 594 17.97 44.16 40.79
CA SER A 594 16.63 43.65 41.03
C SER A 594 15.74 44.70 41.66
N LYS A 595 14.57 44.92 41.07
CA LYS A 595 13.49 45.65 41.73
C LYS A 595 12.87 44.66 42.72
N SER A 596 13.42 44.65 43.93
CA SER A 596 13.29 43.51 44.83
C SER A 596 12.05 43.53 45.70
N HIS A 597 11.34 44.66 45.80
CA HIS A 597 10.33 44.84 46.84
C HIS A 597 10.98 44.58 48.20
N LYS A 598 11.69 45.58 48.71
CA LYS A 598 12.55 45.37 49.87
C LYS A 598 11.75 44.87 51.07
N PRO A 599 12.37 44.07 51.95
CA PRO A 599 11.64 43.54 53.11
C PRO A 599 11.32 44.62 54.14
N LEU A 600 10.67 44.22 55.22
CA LEU A 600 10.26 45.18 56.24
C LEU A 600 11.46 45.66 57.06
N ASN A 601 11.36 46.91 57.52
CA ASN A 601 12.30 47.47 58.47
C ASN A 601 11.54 48.41 59.40
N MET A 602 12.26 49.04 60.32
CA MET A 602 11.62 50.01 61.21
C MET A 602 11.10 51.21 60.44
N GLY A 603 11.73 51.56 59.32
CA GLY A 603 11.22 52.63 58.49
C GLY A 603 9.87 52.31 57.89
N LYS A 604 9.68 51.07 57.43
CA LYS A 604 8.39 50.65 56.90
C LYS A 604 7.33 50.62 58.00
N VAL A 605 7.71 50.22 59.21
CA VAL A 605 6.77 50.18 60.32
C VAL A 605 6.33 51.59 60.69
N PHE A 606 7.29 52.51 60.86
CA PHE A 606 6.94 53.89 61.18
C PHE A 606 6.14 54.53 60.06
N GLU A 607 6.50 54.27 58.81
CA GLU A 607 5.72 54.78 57.68
C GLU A 607 4.32 54.19 57.66
N ALA A 608 4.17 52.92 58.06
CA ALA A 608 2.85 52.32 58.13
C ALA A 608 2.02 52.93 59.27
N MET A 609 2.66 53.21 60.41
CA MET A 609 1.97 53.89 61.50
C MET A 609 1.57 55.30 61.12
N ASN A 610 2.34 55.94 60.24
CA ASN A 610 2.04 57.30 59.77
C ASN A 610 0.98 57.32 58.68
N SER A 611 0.45 56.16 58.28
CA SER A 611 -0.60 56.15 57.26
C SER A 611 -1.90 56.77 57.75
N TYR A 612 -2.09 56.88 59.06
CA TYR A 612 -3.26 57.53 59.62
C TYR A 612 -3.05 59.04 59.83
N ASP A 613 -1.86 59.55 59.52
CA ASP A 613 -1.62 60.98 59.58
C ASP A 613 -2.44 61.68 58.50
N LEU A 614 -3.13 62.76 58.90
CA LEU A 614 -4.00 63.48 58.00
C LEU A 614 -3.39 64.77 57.46
N GLY A 615 -2.16 65.10 57.87
CA GLY A 615 -1.53 66.32 57.42
C GLY A 615 -1.22 66.33 55.94
N CYS A 616 -1.83 67.26 55.21
CA CYS A 616 -1.63 67.41 53.79
C CYS A 616 -0.68 68.57 53.46
N GLY A 617 0.21 68.93 54.38
CA GLY A 617 1.13 70.02 54.17
C GLY A 617 2.22 70.08 55.21
N PRO A 618 3.15 71.02 55.04
CA PRO A 618 4.25 71.17 56.00
C PRO A 618 3.99 72.17 57.12
N GLY A 619 2.83 72.79 57.17
CA GLY A 619 2.53 73.74 58.22
C GLY A 619 1.41 74.70 57.90
N GLY A 620 1.27 75.08 56.63
CA GLY A 620 0.24 76.02 56.24
C GLY A 620 0.44 77.38 56.91
N GLY A 621 -0.63 78.17 56.89
CA GLY A 621 -0.62 79.44 57.59
C GLY A 621 -1.11 80.63 56.78
N ASP A 622 -1.71 80.37 55.61
CA ASP A 622 -2.25 81.47 54.82
C ASP A 622 -3.50 82.05 55.46
N SER A 623 -4.35 81.19 56.01
CA SER A 623 -5.53 81.61 56.75
C SER A 623 -5.61 80.79 58.03
N ALA A 624 -5.99 81.46 59.14
CA ALA A 624 -6.06 80.78 60.42
C ALA A 624 -7.12 79.68 60.45
N LEU A 625 -8.15 79.79 59.60
CA LEU A 625 -9.20 78.78 59.59
C LEU A 625 -8.71 77.47 58.97
N GLN A 626 -7.98 77.55 57.87
CA GLN A 626 -7.56 76.37 57.13
C GLN A 626 -6.18 75.87 57.53
N VAL A 627 -5.51 76.51 58.49
CA VAL A 627 -4.28 75.93 59.01
C VAL A 627 -4.59 74.71 59.87
N PHE A 628 -5.80 74.62 60.41
CA PHE A 628 -6.22 73.40 61.07
C PHE A 628 -6.52 72.29 60.06
N GLN A 629 -7.05 72.65 58.90
CA GLN A 629 -7.26 71.66 57.84
C GLN A 629 -5.93 71.13 57.31
N ALA A 630 -4.93 72.01 57.16
CA ALA A 630 -3.61 71.58 56.71
C ALA A 630 -2.91 70.70 57.73
N ALA A 631 -3.34 70.74 58.99
CA ALA A 631 -2.81 69.85 60.02
C ALA A 631 -3.62 68.57 60.15
N GLY A 632 -4.81 68.51 59.57
CA GLY A 632 -5.65 67.32 59.62
C GLY A 632 -6.85 67.42 60.53
N LEU A 633 -7.25 68.62 60.94
CA LEU A 633 -8.34 68.81 61.87
C LEU A 633 -9.52 69.49 61.20
N ALA A 634 -10.70 69.28 61.78
CA ALA A 634 -11.89 70.06 61.48
C ALA A 634 -12.29 70.82 62.73
N PHE A 635 -12.71 72.07 62.56
CA PHE A 635 -12.82 72.98 63.69
C PHE A 635 -13.95 73.97 63.44
N SER A 636 -14.61 74.36 64.53
CA SER A 636 -15.66 75.37 64.48
C SER A 636 -15.77 76.06 65.83
N ASP A 637 -16.02 77.36 65.81
CA ASP A 637 -16.21 78.15 67.01
C ASP A 637 -17.64 78.63 67.18
N GLY A 638 -18.54 78.26 66.27
CA GLY A 638 -19.88 78.78 66.23
C GLY A 638 -20.09 79.91 65.26
N ASP A 639 -19.02 80.48 64.73
CA ASP A 639 -19.10 81.56 63.76
C ASP A 639 -18.53 81.21 62.39
N GLN A 640 -17.55 80.33 62.32
CA GLN A 640 -16.95 79.92 61.05
C GLN A 640 -16.74 78.41 61.06
N TRP A 641 -16.77 77.82 59.87
CA TRP A 641 -16.78 76.37 59.72
C TRP A 641 -15.65 75.90 58.83
N THR A 642 -15.11 74.73 59.15
CA THR A 642 -14.17 74.06 58.27
C THR A 642 -14.93 73.36 57.14
N LEU A 643 -14.35 73.36 55.95
CA LEU A 643 -15.06 72.91 54.76
C LEU A 643 -15.16 71.39 54.65
N SER A 644 -14.38 70.64 55.42
CA SER A 644 -14.36 69.18 55.40
C SER A 644 -13.83 68.62 54.08
N ARG A 645 -13.04 67.56 54.17
CA ARG A 645 -12.30 67.06 53.01
C ARG A 645 -13.25 66.52 51.94
N LYS A 646 -12.86 66.72 50.67
CA LYS A 646 -13.59 66.09 49.57
C LYS A 646 -13.37 64.59 49.56
N ARG A 647 -12.15 64.15 49.85
CA ARG A 647 -11.77 62.75 49.84
C ARG A 647 -10.62 62.55 50.80
N LEU A 648 -10.41 61.31 51.22
CA LEU A 648 -9.28 60.97 52.08
C LEU A 648 -7.97 61.07 51.31
N SER A 649 -7.71 62.22 50.70
CA SER A 649 -6.52 62.43 49.89
C SER A 649 -6.14 63.90 49.95
N CYS A 650 -4.94 64.20 49.47
CA CYS A 650 -4.43 65.57 49.46
C CYS A 650 -4.43 66.10 48.03
N PRO A 651 -5.44 66.90 47.63
CA PRO A 651 -5.49 67.48 46.29
C PRO A 651 -4.51 68.63 46.10
N VAL B 2 27.65 40.73 13.73
CA VAL B 2 27.38 42.16 13.77
C VAL B 2 26.62 42.60 12.53
N ASN B 3 27.18 42.28 11.35
CA ASN B 3 26.53 42.64 10.10
C ASN B 3 25.15 42.01 9.97
N PHE B 4 24.98 40.80 10.50
CA PHE B 4 23.67 40.17 10.49
C PHE B 4 22.68 40.91 11.39
N GLN B 5 23.14 41.37 12.54
CA GLN B 5 22.26 42.10 13.46
C GLN B 5 21.81 43.43 12.86
N LYS B 6 22.74 44.15 12.23
CA LYS B 6 22.40 45.44 11.63
C LYS B 6 21.38 45.28 10.52
N ALA B 7 21.55 44.28 9.66
CA ALA B 7 20.65 44.12 8.52
C ALA B 7 19.25 43.70 8.97
N ILE B 8 19.17 42.83 9.98
CA ILE B 8 17.85 42.40 10.46
C ILE B 8 17.14 43.56 11.15
N ASN B 9 17.86 44.31 11.98
CA ASN B 9 17.27 45.50 12.60
C ASN B 9 16.91 46.55 11.55
N GLU B 10 17.69 46.63 10.47
CA GLU B 10 17.34 47.55 9.38
C GLU B 10 16.06 47.10 8.67
N LYS B 11 15.86 45.78 8.55
CA LYS B 11 14.61 45.27 8.01
C LYS B 11 13.45 45.53 8.96
N LEU B 12 13.69 45.37 10.27
CA LEU B 12 12.66 45.66 11.26
C LEU B 12 12.27 47.13 11.24
N GLY B 13 13.22 48.02 10.94
CA GLY B 13 12.94 49.44 10.87
C GLY B 13 11.96 49.84 9.79
N GLN B 14 11.71 48.97 8.81
CA GLN B 14 10.73 49.23 7.77
C GLN B 14 9.29 49.10 8.25
N TYR B 15 9.07 48.53 9.43
CA TYR B 15 7.74 48.33 9.98
C TYR B 15 7.63 49.12 11.28
N ALA B 16 6.72 50.10 11.29
CA ALA B 16 6.58 50.98 12.44
C ALA B 16 5.62 50.44 13.49
N SER B 17 4.62 49.66 13.09
CA SER B 17 3.63 49.16 14.03
C SER B 17 4.22 48.02 14.88
N PRO B 18 3.86 47.93 16.15
CA PRO B 18 4.34 46.80 16.96
C PRO B 18 3.78 45.46 16.53
N THR B 19 2.57 45.44 15.95
CA THR B 19 2.04 44.22 15.37
C THR B 19 2.90 43.76 14.19
N ALA B 20 3.30 44.69 13.33
CA ALA B 20 4.14 44.34 12.20
C ALA B 20 5.54 43.92 12.65
N LYS B 21 6.07 44.57 13.70
CA LYS B 21 7.38 44.19 14.21
C LYS B 21 7.35 42.78 14.80
N ARG B 22 6.30 42.45 15.56
CA ARG B 22 6.21 41.13 16.15
C ARG B 22 6.05 40.05 15.09
N CYS B 23 5.23 40.31 14.08
CA CYS B 23 5.09 39.36 12.97
C CYS B 23 6.39 39.25 12.18
N CYS B 24 7.15 40.34 12.07
CA CYS B 24 8.43 40.29 11.39
C CYS B 24 9.49 39.59 12.24
N GLN B 25 9.50 39.84 13.54
CA GLN B 25 10.47 39.20 14.42
C GLN B 25 10.27 37.69 14.48
N ASP B 26 9.01 37.23 14.40
CA ASP B 26 8.76 35.80 14.31
C ASP B 26 9.28 35.23 13.00
N GLY B 27 9.28 36.02 11.93
CA GLY B 27 9.74 35.52 10.64
C GLY B 27 11.24 35.30 10.59
N VAL B 28 12.01 36.21 11.18
CA VAL B 28 13.46 36.08 11.16
C VAL B 28 13.94 34.98 12.10
N THR B 29 13.14 34.61 13.09
CA THR B 29 13.50 33.50 13.96
C THR B 29 13.45 32.19 13.19
N ARG B 30 14.51 31.39 13.31
CA ARG B 30 14.60 30.15 12.55
C ARG B 30 13.86 29.03 13.26
N LEU B 31 12.92 28.42 12.55
CA LEU B 31 12.16 27.31 13.08
C LEU B 31 13.08 26.11 13.33
N PRO B 32 12.81 25.30 14.35
CA PRO B 32 13.68 24.14 14.61
C PRO B 32 13.73 23.15 13.46
N MET B 33 12.59 22.73 12.94
CA MET B 33 12.57 21.86 11.77
C MET B 33 12.60 22.71 10.50
N MET B 34 13.23 22.16 9.46
CA MET B 34 13.53 22.92 8.24
C MET B 34 12.33 22.93 7.32
N ARG B 35 11.39 23.84 7.60
CA ARG B 35 10.24 24.06 6.75
C ARG B 35 10.54 25.23 5.80
N SER B 36 10.06 25.11 4.57
CA SER B 36 10.25 26.17 3.59
C SER B 36 9.60 27.46 4.07
N CYS B 37 10.21 28.59 3.70
CA CYS B 37 9.76 29.89 4.22
C CYS B 37 8.32 30.18 3.81
N GLU B 38 8.03 30.08 2.51
CA GLU B 38 6.67 30.31 2.05
C GLU B 38 5.72 29.25 2.61
N GLN B 39 6.17 28.00 2.68
CA GLN B 39 5.37 26.95 3.30
C GLN B 39 5.10 27.25 4.76
N ARG B 40 6.10 27.80 5.46
CA ARG B 40 5.91 28.17 6.86
C ARG B 40 5.01 29.39 7.00
N ALA B 41 5.16 30.37 6.11
CA ALA B 41 4.41 31.62 6.22
C ALA B 41 2.92 31.43 5.96
N ALA B 42 2.52 30.33 5.31
CA ALA B 42 1.11 30.11 5.02
C ALA B 42 0.30 29.77 6.26
N ARG B 43 0.94 29.47 7.38
CA ARG B 43 0.22 29.01 8.57
C ARG B 43 -0.45 30.15 9.32
N VAL B 44 0.20 31.31 9.40
CA VAL B 44 -0.30 32.41 10.22
C VAL B 44 -1.70 32.80 9.73
N GLN B 45 -2.58 33.08 10.69
CA GLN B 45 -4.01 33.20 10.43
C GLN B 45 -4.43 34.59 9.99
N GLN B 46 -3.57 35.60 10.12
CA GLN B 46 -3.93 36.96 9.76
C GLN B 46 -3.13 37.39 8.54
N PRO B 47 -3.79 37.64 7.39
CA PRO B 47 -3.05 38.13 6.22
C PRO B 47 -2.32 39.43 6.45
N ASP B 48 -2.85 40.31 7.32
CA ASP B 48 -2.12 41.53 7.67
C ASP B 48 -0.87 41.23 8.48
N CYS B 49 -0.80 40.06 9.11
CA CYS B 49 0.41 39.58 9.76
C CYS B 49 1.24 38.71 8.83
N ARG B 50 0.61 38.08 7.84
CA ARG B 50 1.32 37.20 6.92
C ARG B 50 2.23 38.00 5.99
N GLU B 51 1.78 39.17 5.54
CA GLU B 51 2.57 39.95 4.59
C GLU B 51 3.91 40.39 5.16
N PRO B 52 4.00 40.96 6.36
CA PRO B 52 5.34 41.27 6.91
C PRO B 52 6.09 40.02 7.35
N PHE B 53 5.38 39.00 7.83
CA PHE B 53 6.03 37.75 8.22
C PHE B 53 6.72 37.10 7.03
N LEU B 54 6.06 37.08 5.88
CA LEU B 54 6.64 36.47 4.69
C LEU B 54 7.85 37.25 4.20
N SER B 55 7.75 38.59 4.20
CA SER B 55 8.85 39.41 3.69
C SER B 55 10.09 39.29 4.56
N CYS B 56 9.91 39.28 5.88
CA CYS B 56 11.07 39.19 6.77
C CYS B 56 11.67 37.78 6.78
N CYS B 57 10.81 36.76 6.68
CA CYS B 57 11.29 35.39 6.60
C CYS B 57 12.09 35.14 5.33
N GLN B 58 11.65 35.73 4.22
CA GLN B 58 12.38 35.58 2.96
C GLN B 58 13.70 36.34 2.99
N PHE B 59 13.71 37.53 3.59
CA PHE B 59 14.95 38.30 3.68
C PHE B 59 15.93 37.65 4.65
N ALA B 60 15.42 37.14 5.77
CA ALA B 60 16.31 36.54 6.78
C ALA B 60 16.98 35.29 6.23
N GLU B 61 16.22 34.43 5.55
CA GLU B 61 16.80 33.19 5.01
C GLU B 61 17.79 33.48 3.88
N SER B 62 17.46 34.44 3.01
CA SER B 62 18.37 34.80 1.93
C SER B 62 19.66 35.40 2.49
N LEU B 63 19.54 36.31 3.45
CA LEU B 63 20.72 36.92 4.07
C LEU B 63 21.53 35.88 4.84
N ARG B 64 20.85 34.96 5.53
CA ARG B 64 21.56 33.98 6.35
C ARG B 64 22.34 32.99 5.50
N LYS B 65 21.79 32.58 4.36
CA LYS B 65 22.50 31.67 3.47
C LYS B 65 23.62 32.37 2.71
N LYS B 66 23.43 33.64 2.35
CA LYS B 66 24.51 34.38 1.69
C LYS B 66 25.68 34.59 2.63
N SER B 67 25.41 34.88 3.91
CA SER B 67 26.45 35.03 4.91
C SER B 67 26.94 33.70 5.46
N ARG B 68 26.30 32.59 5.09
CA ARG B 68 26.65 31.28 5.62
C ARG B 68 28.05 30.87 5.15
N ASP B 69 28.74 30.13 6.02
CA ASP B 69 30.09 29.59 5.82
C ASP B 69 31.18 30.65 5.78
N LYS B 70 30.84 31.93 5.97
CA LYS B 70 31.83 32.99 5.89
C LYS B 70 32.46 33.34 7.23
N GLY B 71 31.72 33.14 8.33
CA GLY B 71 32.15 33.64 9.62
C GLY B 71 33.35 32.92 10.19
N GLN B 72 33.72 33.32 11.41
CA GLN B 72 34.85 32.77 12.15
C GLN B 72 36.16 32.97 11.39
N ALA B 73 36.53 34.24 11.21
CA ALA B 73 37.74 34.58 10.50
C ALA B 73 38.97 34.29 11.36
N GLY B 74 40.06 33.95 10.69
CA GLY B 74 41.30 33.65 11.39
C GLY B 74 42.34 33.11 10.45
N LEU B 75 43.58 33.10 10.93
CA LEU B 75 44.70 32.61 10.13
C LEU B 75 44.64 31.12 9.89
N GLN B 76 43.92 30.37 10.73
CA GLN B 76 43.82 28.93 10.56
C GLN B 76 43.11 28.59 9.26
N ARG B 77 43.43 27.42 8.72
CA ARG B 77 42.78 26.91 7.51
C ARG B 77 41.70 25.88 7.82
N ALA B 78 41.41 25.65 9.09
CA ALA B 78 40.25 24.86 9.48
C ALA B 78 39.03 25.76 9.65
N LEU B 79 37.85 25.16 9.54
CA LEU B 79 36.60 25.90 9.62
C LEU B 79 35.76 25.32 10.75
N GLU B 80 35.45 26.16 11.75
CA GLU B 80 34.60 25.73 12.85
C GLU B 80 33.15 25.62 12.39
N ILE B 81 32.50 24.53 12.76
CA ILE B 81 31.08 24.35 12.48
C ILE B 81 30.28 25.09 13.55
N LEU B 82 29.41 25.99 13.11
CA LEU B 82 28.59 26.76 14.03
C LEU B 82 27.21 26.97 13.43
N GLN B 83 26.20 27.05 14.31
CA GLN B 83 24.83 27.24 13.88
C GLN B 83 24.64 28.64 13.32
N GLU B 84 23.51 28.82 12.63
CA GLU B 84 23.21 30.11 12.01
C GLU B 84 22.97 31.17 13.08
N GLU B 85 23.41 32.40 12.79
CA GLU B 85 23.23 33.49 13.72
C GLU B 85 21.76 33.75 14.01
N ASP B 86 21.44 33.97 15.28
CA ASP B 86 20.09 34.33 15.70
C ASP B 86 20.02 35.82 15.99
N LEU B 87 18.83 36.39 15.82
CA LEU B 87 18.61 37.78 16.17
C LEU B 87 18.67 37.94 17.68
N ILE B 88 19.43 38.93 18.14
CA ILE B 88 19.48 39.27 19.56
C ILE B 88 18.29 40.17 19.85
N ASP B 89 17.36 39.68 20.66
CA ASP B 89 16.07 40.33 20.81
C ASP B 89 16.20 41.73 21.39
N GLU B 90 15.35 42.64 20.91
CA GLU B 90 15.16 43.93 21.56
C GLU B 90 14.15 43.86 22.69
N ASP B 91 13.54 42.69 22.92
CA ASP B 91 12.71 42.47 24.09
C ASP B 91 13.57 42.50 25.34
N ASP B 92 12.90 42.55 26.49
CA ASP B 92 13.61 42.68 27.76
C ASP B 92 14.46 41.44 28.03
N ILE B 93 15.62 41.67 28.65
CA ILE B 93 16.57 40.59 28.93
C ILE B 93 16.08 39.78 30.12
N PRO B 94 16.44 38.50 30.21
CA PRO B 94 15.95 37.68 31.33
C PRO B 94 16.81 37.78 32.58
N VAL B 95 16.30 38.48 33.60
CA VAL B 95 16.97 38.53 34.89
C VAL B 95 16.71 37.21 35.62
N ARG B 96 17.71 36.76 36.38
CA ARG B 96 17.61 35.50 37.11
C ARG B 96 16.33 35.44 37.94
N SER B 97 15.68 34.27 37.94
CA SER B 97 14.40 34.11 38.60
C SER B 97 14.34 32.97 39.60
N PHE B 98 15.31 32.06 39.62
CA PHE B 98 15.32 30.95 40.56
C PHE B 98 16.28 31.24 41.70
N PHE B 99 15.81 31.08 42.93
CA PHE B 99 16.59 31.30 44.13
C PHE B 99 16.28 30.21 45.13
N PRO B 100 17.24 29.85 45.98
CA PRO B 100 17.00 28.78 46.96
C PRO B 100 15.84 29.12 47.90
N GLU B 101 15.12 28.09 48.29
CA GLU B 101 13.92 28.28 49.11
C GLU B 101 14.29 28.82 50.49
N ASN B 102 13.37 29.60 51.04
CA ASN B 102 13.59 30.26 52.32
C ASN B 102 13.53 29.28 53.48
N TRP B 103 14.69 28.70 53.83
CA TRP B 103 14.76 27.91 55.06
C TRP B 103 14.67 28.85 56.27
N LEU B 104 14.30 28.26 57.41
CA LEU B 104 14.13 28.99 58.67
C LEU B 104 12.99 30.01 58.57
N TRP B 105 11.96 29.70 57.80
CA TRP B 105 10.75 30.52 57.75
C TRP B 105 9.78 29.96 58.80
N ARG B 106 9.78 30.58 59.98
CA ARG B 106 9.07 30.01 61.12
C ARG B 106 8.77 31.11 62.12
N VAL B 107 8.03 30.75 63.15
CA VAL B 107 7.75 31.61 64.30
C VAL B 107 7.99 30.81 65.57
N GLU B 108 8.79 31.35 66.48
CA GLU B 108 9.19 30.64 67.68
C GLU B 108 8.86 31.47 68.91
N THR B 109 8.39 30.79 69.96
CA THR B 109 8.15 31.43 71.25
C THR B 109 9.47 31.58 71.98
N VAL B 110 9.90 32.82 72.19
CA VAL B 110 11.18 33.11 72.81
C VAL B 110 10.91 33.86 74.12
N ASP B 111 11.41 33.30 75.23
CA ASP B 111 11.29 33.91 76.55
C ASP B 111 12.62 34.54 76.91
N ARG B 112 12.68 35.87 76.91
CA ARG B 112 13.88 36.65 77.18
C ARG B 112 14.96 36.35 76.15
N PHE B 113 15.48 35.12 76.14
CA PHE B 113 16.42 34.72 75.10
C PHE B 113 16.32 33.24 74.85
N GLN B 114 16.72 32.83 73.65
CA GLN B 114 16.64 31.44 73.22
C GLN B 114 17.68 31.21 72.12
N ILE B 115 18.22 30.00 72.08
CA ILE B 115 19.21 29.61 71.09
C ILE B 115 18.65 28.47 70.25
N LEU B 116 18.80 28.58 68.93
CA LEU B 116 18.31 27.58 67.99
C LEU B 116 19.51 26.88 67.34
N THR B 117 19.55 25.56 67.46
CA THR B 117 20.53 24.76 66.73
C THR B 117 19.98 24.44 65.34
N LEU B 118 20.73 24.80 64.31
CA LEU B 118 20.26 24.71 62.94
C LEU B 118 21.30 24.02 62.06
N TRP B 119 20.81 23.39 61.00
CA TRP B 119 21.65 22.76 60.00
C TRP B 119 21.56 23.55 58.71
N LEU B 120 22.72 23.96 58.18
CA LEU B 120 22.77 24.96 57.13
C LEU B 120 22.64 24.30 55.75
N PRO B 121 21.65 24.66 54.95
CA PRO B 121 21.64 24.20 53.55
C PRO B 121 22.82 24.77 52.78
N ASP B 122 23.25 24.04 51.76
CA ASP B 122 24.44 24.41 51.01
C ASP B 122 24.10 25.37 49.88
N SER B 123 25.02 26.30 49.63
CA SER B 123 24.93 27.28 48.55
C SER B 123 26.24 28.07 48.56
N LEU B 124 26.47 28.81 47.48
CA LEU B 124 27.64 29.67 47.40
C LEU B 124 27.32 31.13 47.68
N THR B 125 26.04 31.49 47.71
CA THR B 125 25.63 32.86 47.99
C THR B 125 25.44 33.05 49.48
N THR B 126 25.99 34.15 50.01
CA THR B 126 25.76 34.50 51.40
C THR B 126 24.35 35.05 51.57
N TRP B 127 23.71 34.69 52.68
CA TRP B 127 22.35 35.16 52.95
C TRP B 127 22.30 35.87 54.30
N GLU B 128 21.21 36.60 54.51
CA GLU B 128 20.97 37.35 55.73
C GLU B 128 19.68 36.88 56.37
N ILE B 129 19.65 36.85 57.70
CA ILE B 129 18.50 36.39 58.46
C ILE B 129 17.76 37.60 59.01
N HIS B 130 16.45 37.63 58.81
CA HIS B 130 15.58 38.67 59.31
C HIS B 130 14.73 38.14 60.46
N GLY B 131 14.19 39.07 61.25
CA GLY B 131 13.40 38.68 62.40
C GLY B 131 12.37 39.72 62.82
N LEU B 132 11.19 39.25 63.23
CA LEU B 132 10.13 40.10 63.73
C LEU B 132 9.67 39.58 65.08
N SER B 133 9.67 40.46 66.08
CA SER B 133 9.24 40.11 67.44
C SER B 133 7.87 40.69 67.70
N LEU B 134 6.93 39.83 68.10
CA LEU B 134 5.57 40.24 68.45
C LEU B 134 5.35 39.98 69.93
N SER B 135 5.26 41.04 70.71
CA SER B 135 5.03 40.96 72.14
C SER B 135 3.67 41.57 72.48
N LYS B 136 2.92 40.90 73.36
CA LYS B 136 1.61 41.42 73.74
C LYS B 136 1.72 42.74 74.48
N THR B 137 2.75 42.93 75.29
CA THR B 137 2.95 44.15 76.06
C THR B 137 3.85 45.16 75.37
N LYS B 138 4.89 44.71 74.68
CA LYS B 138 5.88 45.61 74.09
C LYS B 138 5.72 45.80 72.59
N GLY B 139 4.85 45.04 71.95
CA GLY B 139 4.52 45.28 70.55
C GLY B 139 5.52 44.72 69.57
N LEU B 140 5.37 45.16 68.32
CA LEU B 140 6.18 44.66 67.22
C LEU B 140 7.58 45.28 67.26
N CYS B 141 8.57 44.48 66.86
CA CYS B 141 9.93 44.96 66.69
C CYS B 141 10.58 44.26 65.50
N VAL B 142 11.31 45.02 64.71
CA VAL B 142 12.00 44.51 63.53
C VAL B 142 13.49 44.39 63.87
N ALA B 143 14.01 43.18 63.79
CA ALA B 143 15.41 42.93 64.09
C ALA B 143 16.29 43.39 62.94
N THR B 144 17.51 43.80 63.27
CA THR B 144 18.48 44.16 62.25
C THR B 144 19.00 42.88 61.59
N PRO B 145 19.18 42.88 60.28
CA PRO B 145 19.64 41.65 59.59
C PRO B 145 21.05 41.27 60.03
N VAL B 146 21.28 39.96 60.11
CA VAL B 146 22.59 39.41 60.44
C VAL B 146 23.04 38.53 59.28
N GLN B 147 24.28 38.71 58.85
CA GLN B 147 24.79 38.00 57.68
C GLN B 147 25.29 36.62 58.06
N LEU B 148 25.04 35.65 57.17
CA LEU B 148 25.61 34.31 57.28
C LEU B 148 26.10 33.90 55.91
N ARG B 149 27.41 33.71 55.78
CA ARG B 149 28.02 33.36 54.50
C ARG B 149 28.33 31.87 54.49
N VAL B 150 27.64 31.13 53.63
CA VAL B 150 27.90 29.71 53.41
C VAL B 150 28.83 29.57 52.22
N PHE B 151 29.89 28.77 52.37
CA PHE B 151 30.85 28.55 51.31
C PHE B 151 31.29 27.09 51.34
N ARG B 152 31.90 26.66 50.24
CA ARG B 152 32.40 25.30 50.10
C ARG B 152 33.89 25.34 49.80
N GLU B 153 34.67 24.60 50.58
CA GLU B 153 36.09 24.46 50.27
C GLU B 153 36.28 23.59 49.03
N PHE B 154 35.54 22.50 48.93
CA PHE B 154 35.66 21.55 47.83
C PHE B 154 34.30 20.91 47.60
N HIS B 155 33.89 20.82 46.35
CA HIS B 155 32.53 20.42 46.00
C HIS B 155 32.55 19.30 44.97
N LEU B 156 31.80 18.23 45.25
CA LEU B 156 31.62 17.11 44.35
C LEU B 156 30.19 17.13 43.80
N HIS B 157 30.05 17.05 42.48
CA HIS B 157 28.76 17.11 41.82
C HIS B 157 28.64 15.94 40.87
N LEU B 158 27.60 15.12 41.04
CA LEU B 158 27.38 13.94 40.23
C LEU B 158 26.07 14.08 39.47
N ARG B 159 26.11 13.81 38.17
CA ARG B 159 24.93 13.79 37.32
C ARG B 159 24.75 12.39 36.76
N LEU B 160 23.49 11.96 36.64
CA LEU B 160 23.16 10.66 36.06
C LEU B 160 21.83 10.79 35.34
N PRO B 161 21.59 9.97 34.31
CA PRO B 161 20.37 10.12 33.52
C PRO B 161 19.11 9.78 34.33
N MET B 162 17.97 10.26 33.83
CA MET B 162 16.71 9.96 34.48
C MET B 162 16.33 8.49 34.30
N SER B 163 16.49 7.96 33.09
CA SER B 163 16.13 6.59 32.78
C SER B 163 17.25 5.95 31.97
N VAL B 164 17.65 4.75 32.39
CA VAL B 164 18.71 3.99 31.72
C VAL B 164 18.22 2.57 31.52
N ARG B 165 18.29 2.08 30.28
CA ARG B 165 18.00 0.67 30.01
C ARG B 165 19.17 -0.18 30.46
N ARG B 166 18.87 -1.38 30.96
CA ARG B 166 19.93 -2.27 31.42
C ARG B 166 20.81 -2.71 30.26
N PHE B 167 22.08 -2.94 30.58
CA PHE B 167 23.15 -3.31 29.64
C PHE B 167 23.56 -2.17 28.71
N GLU B 168 23.08 -0.96 28.95
CA GLU B 168 23.58 0.21 28.23
C GLU B 168 24.91 0.66 28.84
N GLN B 169 25.85 1.03 27.98
CA GLN B 169 27.16 1.46 28.44
C GLN B 169 27.08 2.92 28.89
N LEU B 170 27.41 3.16 30.17
CA LEU B 170 27.24 4.47 30.78
C LEU B 170 28.57 4.93 31.38
N GLU B 171 29.00 6.14 31.01
CA GLU B 171 30.18 6.77 31.58
C GLU B 171 29.71 7.97 32.40
N LEU B 172 29.61 7.78 33.71
CA LEU B 172 29.22 8.86 34.60
C LEU B 172 30.40 9.79 34.86
N ARG B 173 30.11 11.08 34.97
CA ARG B 173 31.15 12.13 35.03
C ARG B 173 30.93 13.00 36.26
N PRO B 174 31.36 12.54 37.44
CA PRO B 174 31.37 13.45 38.59
C PRO B 174 32.42 14.54 38.41
N VAL B 175 32.03 15.76 38.75
CA VAL B 175 32.87 16.94 38.56
C VAL B 175 33.39 17.40 39.90
N LEU B 176 34.70 17.60 40.00
CA LEU B 176 35.34 18.09 41.22
C LEU B 176 35.48 19.60 41.13
N TYR B 177 34.83 20.31 42.04
CA TYR B 177 34.89 21.77 42.08
C TYR B 177 35.78 22.19 43.23
N ASN B 178 36.80 22.99 42.92
CA ASN B 178 37.77 23.47 43.91
C ASN B 178 37.65 24.98 44.02
N TYR B 179 37.23 25.46 45.18
CA TYR B 179 37.14 26.89 45.45
C TYR B 179 38.36 27.43 46.20
N LEU B 180 39.25 26.55 46.66
CA LEU B 180 40.42 26.97 47.40
C LEU B 180 41.45 27.59 46.45
N ASP B 181 42.33 28.42 47.03
CA ASP B 181 43.38 29.09 46.28
C ASP B 181 44.64 28.24 46.13
N LYS B 182 44.57 26.96 46.45
CA LYS B 182 45.70 26.05 46.34
C LYS B 182 45.35 24.88 45.43
N ASN B 183 46.35 24.38 44.71
CA ASN B 183 46.16 23.15 43.94
C ASN B 183 45.86 22.00 44.88
N LEU B 184 45.00 21.08 44.44
CA LEU B 184 44.54 19.99 45.29
C LEU B 184 44.54 18.69 44.51
N THR B 185 45.11 17.64 45.11
CA THR B 185 45.08 16.30 44.57
C THR B 185 44.06 15.48 45.35
N VAL B 186 43.09 14.91 44.64
CA VAL B 186 41.97 14.21 45.26
C VAL B 186 41.98 12.76 44.81
N SER B 187 41.67 11.86 45.75
CA SER B 187 41.49 10.44 45.47
C SER B 187 40.00 10.16 45.39
N VAL B 188 39.52 9.84 44.19
CA VAL B 188 38.10 9.63 43.94
C VAL B 188 37.86 8.15 43.60
N HIS B 189 36.70 7.65 44.01
CA HIS B 189 36.32 6.28 43.73
C HIS B 189 34.82 6.14 43.94
N VAL B 190 34.26 5.11 43.29
CA VAL B 190 32.85 4.77 43.43
C VAL B 190 32.74 3.55 44.33
N SER B 191 31.86 3.62 45.32
CA SER B 191 31.71 2.53 46.27
C SER B 191 31.17 1.28 45.57
N PRO B 192 31.64 0.09 45.94
CA PRO B 192 31.15 -1.12 45.30
C PRO B 192 29.70 -1.41 45.68
N VAL B 193 28.91 -1.81 44.69
CA VAL B 193 27.50 -2.12 44.88
C VAL B 193 27.10 -3.18 43.86
N GLU B 194 26.23 -4.10 44.29
CA GLU B 194 25.78 -5.17 43.42
C GLU B 194 24.94 -4.62 42.27
N GLY B 195 24.92 -5.37 41.17
CA GLY B 195 24.14 -5.00 40.01
C GLY B 195 24.84 -4.09 39.01
N LEU B 196 26.03 -3.61 39.34
CA LEU B 196 26.79 -2.71 38.46
C LEU B 196 28.14 -3.32 38.17
N CYS B 197 28.41 -3.61 36.90
CA CYS B 197 29.77 -3.95 36.48
C CYS B 197 30.61 -2.69 36.55
N LEU B 198 31.56 -2.65 37.49
CA LEU B 198 32.32 -1.46 37.80
C LEU B 198 33.80 -1.79 37.81
N ALA B 199 34.61 -0.75 37.56
CA ALA B 199 36.06 -0.93 37.49
C ALA B 199 36.61 -1.47 38.80
N GLY B 200 37.39 -2.55 38.72
CA GLY B 200 37.91 -3.18 39.91
C GLY B 200 36.87 -3.77 40.83
N GLY B 201 35.68 -4.04 40.31
CA GLY B 201 34.58 -4.48 41.15
C GLY B 201 34.08 -3.45 42.11
N GLY B 202 34.28 -2.17 41.81
CA GLY B 202 33.90 -1.10 42.71
C GLY B 202 35.01 -0.76 43.69
N GLY B 203 35.12 0.51 44.03
CA GLY B 203 36.16 0.94 44.96
C GLY B 203 37.53 1.07 44.37
N LEU B 204 37.64 1.39 43.08
CA LEU B 204 38.92 1.60 42.43
C LEU B 204 39.29 3.08 42.56
N ALA B 205 40.36 3.34 43.31
CA ALA B 205 40.79 4.72 43.53
C ALA B 205 41.41 5.30 42.26
N GLN B 206 41.17 6.58 42.05
CA GLN B 206 41.72 7.30 40.91
C GLN B 206 42.24 8.66 41.39
N GLN B 207 43.51 8.94 41.12
CA GLN B 207 44.16 10.16 41.57
C GLN B 207 43.95 11.25 40.53
N VAL B 208 43.29 12.34 40.93
CA VAL B 208 42.97 13.45 40.06
C VAL B 208 43.47 14.73 40.69
N LEU B 209 44.22 15.52 39.93
CA LEU B 209 44.68 16.84 40.37
C LEU B 209 43.68 17.90 39.95
N VAL B 210 43.21 18.69 40.91
CA VAL B 210 42.24 19.75 40.67
C VAL B 210 42.93 21.08 40.94
N PRO B 211 43.16 21.92 39.93
CA PRO B 211 43.80 23.21 40.16
C PRO B 211 42.92 24.13 41.01
N ALA B 212 43.55 25.19 41.51
CA ALA B 212 42.84 26.16 42.32
C ALA B 212 41.82 26.93 41.49
N GLY B 213 40.63 27.10 42.05
CA GLY B 213 39.57 27.81 41.33
C GLY B 213 39.22 27.20 39.99
N SER B 214 39.12 25.87 39.93
CA SER B 214 38.88 25.18 38.68
C SER B 214 37.98 23.98 38.92
N ALA B 215 37.54 23.36 37.82
CA ALA B 215 36.68 22.19 37.85
C ALA B 215 37.30 21.10 37.00
N ARG B 216 37.18 19.85 37.45
CA ARG B 216 37.75 18.71 36.74
C ARG B 216 36.79 17.54 36.73
N PRO B 217 36.29 17.14 35.57
CA PRO B 217 35.45 15.94 35.50
C PRO B 217 36.28 14.67 35.59
N VAL B 218 35.75 13.68 36.30
CA VAL B 218 36.38 12.38 36.44
C VAL B 218 35.52 11.35 35.73
N ALA B 219 36.14 10.52 34.90
CA ALA B 219 35.43 9.56 34.07
C ALA B 219 35.48 8.18 34.71
N PHE B 220 34.32 7.65 35.06
CA PHE B 220 34.17 6.28 35.52
C PHE B 220 33.27 5.53 34.54
N SER B 221 33.63 4.28 34.26
CA SER B 221 32.86 3.44 33.36
C SER B 221 32.05 2.42 34.16
N VAL B 222 30.78 2.25 33.77
CA VAL B 222 29.88 1.34 34.46
C VAL B 222 28.80 0.91 33.48
N VAL B 223 28.27 -0.29 33.69
CA VAL B 223 27.14 -0.78 32.91
C VAL B 223 26.20 -1.53 33.84
N PRO B 224 24.92 -1.19 33.86
CA PRO B 224 24.00 -1.83 34.82
C PRO B 224 23.50 -3.18 34.30
N THR B 225 23.60 -4.20 35.15
CA THR B 225 23.09 -5.52 34.85
C THR B 225 21.82 -5.88 35.62
N ALA B 226 21.47 -5.09 36.64
CA ALA B 226 20.27 -5.35 37.41
C ALA B 226 19.03 -4.86 36.67
N ALA B 227 17.86 -5.16 37.23
CA ALA B 227 16.59 -4.78 36.62
C ALA B 227 15.72 -3.93 37.53
N ALA B 228 16.26 -3.40 38.63
CA ALA B 228 15.47 -2.67 39.60
C ALA B 228 16.01 -1.25 39.70
N ALA B 229 16.73 -0.90 40.77
CA ALA B 229 17.28 0.43 40.96
C ALA B 229 18.46 0.31 41.90
N VAL B 230 19.55 1.00 41.58
CA VAL B 230 20.81 0.89 42.31
C VAL B 230 21.21 2.27 42.81
N SER B 231 21.51 2.36 44.10
CA SER B 231 22.05 3.58 44.70
C SER B 231 23.56 3.51 44.63
N LEU B 232 24.17 4.38 43.83
CA LEU B 232 25.61 4.43 43.68
C LEU B 232 26.16 5.68 44.38
N LYS B 233 27.31 5.51 45.04
CA LYS B 233 27.89 6.55 45.87
C LYS B 233 29.33 6.80 45.42
N VAL B 234 29.63 8.05 45.05
CA VAL B 234 30.97 8.46 44.66
C VAL B 234 31.62 9.11 45.87
N VAL B 235 32.83 8.66 46.20
CA VAL B 235 33.55 9.14 47.37
C VAL B 235 34.82 9.85 46.90
N ALA B 236 35.01 11.09 47.35
CA ALA B 236 36.19 11.88 47.05
C ALA B 236 36.85 12.31 48.36
N ARG B 237 38.16 12.08 48.46
CA ARG B 237 38.91 12.45 49.65
C ARG B 237 40.24 13.05 49.24
N GLY B 238 40.58 14.19 49.85
CA GLY B 238 41.85 14.81 49.56
C GLY B 238 43.01 14.07 50.19
N SER B 239 44.09 13.92 49.43
CA SER B 239 45.28 13.25 49.92
C SER B 239 46.06 14.17 50.86
N PHE B 240 47.19 13.67 51.36
CA PHE B 240 48.08 14.39 52.28
C PHE B 240 47.29 14.72 53.55
N GLU B 241 47.66 15.82 54.22
CA GLU B 241 47.01 16.22 55.47
C GLU B 241 45.83 17.17 55.25
N PHE B 242 45.31 17.24 54.04
CA PHE B 242 44.16 18.09 53.76
C PHE B 242 42.87 17.33 54.07
N PRO B 243 42.06 17.79 55.03
CA PRO B 243 40.81 17.09 55.36
C PRO B 243 39.70 17.28 54.35
N VAL B 244 39.96 17.96 53.22
CA VAL B 244 38.91 18.21 52.26
C VAL B 244 38.41 16.90 51.65
N GLY B 245 37.12 16.87 51.32
CA GLY B 245 36.51 15.68 50.76
C GLY B 245 35.00 15.77 50.75
N ASP B 246 34.35 15.06 49.84
CA ASP B 246 32.91 15.10 49.72
C ASP B 246 32.43 13.82 49.06
N ALA B 247 31.19 13.44 49.36
CA ALA B 247 30.61 12.21 48.84
C ALA B 247 29.17 12.47 48.41
N VAL B 248 28.80 11.92 47.26
CA VAL B 248 27.46 12.09 46.70
C VAL B 248 26.89 10.71 46.40
N SER B 249 25.68 10.45 46.89
CA SER B 249 24.99 9.19 46.66
C SER B 249 23.64 9.48 46.00
N LYS B 250 23.41 8.85 44.85
CA LYS B 250 22.17 9.02 44.12
C LYS B 250 21.71 7.67 43.59
N VAL B 251 20.40 7.57 43.34
CA VAL B 251 19.78 6.35 42.86
C VAL B 251 19.65 6.42 41.35
N LEU B 252 20.13 5.39 40.66
CA LEU B 252 20.04 5.30 39.21
C LEU B 252 18.91 4.34 38.85
N GLN B 253 17.85 4.87 38.24
CA GLN B 253 16.72 4.06 37.82
C GLN B 253 17.08 3.33 36.52
N ILE B 254 17.10 1.99 36.59
CA ILE B 254 17.42 1.16 35.43
C ILE B 254 16.17 0.40 35.03
N GLU B 255 15.80 0.53 33.76
CA GLU B 255 14.58 -0.05 33.23
C GLU B 255 14.88 -1.25 32.33
N LYS B 256 13.86 -2.07 32.12
CA LYS B 256 14.00 -3.21 31.22
C LYS B 256 14.06 -2.73 29.77
N GLU B 257 14.49 -3.63 28.89
CA GLU B 257 14.88 -3.24 27.54
C GLU B 257 13.69 -2.71 26.74
N GLY B 258 12.58 -3.45 26.74
CA GLY B 258 11.48 -3.16 25.85
C GLY B 258 10.71 -1.90 26.24
N ALA B 259 9.54 -1.76 25.62
CA ALA B 259 8.63 -0.66 25.89
C ALA B 259 7.43 -1.16 26.66
N ILE B 260 6.92 -0.32 27.57
CA ILE B 260 5.85 -0.73 28.46
C ILE B 260 4.57 -0.99 27.67
N HIS B 261 3.90 -2.10 28.00
CA HIS B 261 2.62 -2.46 27.43
C HIS B 261 1.65 -2.77 28.56
N ARG B 262 0.45 -2.19 28.50
CA ARG B 262 -0.54 -2.32 29.56
C ARG B 262 -1.73 -3.12 29.06
N GLU B 263 -2.11 -4.13 29.83
CA GLU B 263 -3.29 -4.94 29.54
C GLU B 263 -4.18 -4.94 30.78
N GLU B 264 -5.40 -4.41 30.65
CA GLU B 264 -6.34 -4.29 31.75
C GLU B 264 -7.61 -5.05 31.39
N LEU B 265 -7.91 -6.09 32.16
CA LEU B 265 -9.11 -6.89 31.99
C LEU B 265 -9.89 -6.92 33.30
N VAL B 266 -11.21 -6.85 33.20
CA VAL B 266 -12.09 -6.85 34.36
C VAL B 266 -13.07 -8.01 34.24
N TYR B 267 -13.35 -8.67 35.35
CA TYR B 267 -14.21 -9.85 35.39
C TYR B 267 -15.35 -9.62 36.36
N GLU B 268 -16.56 -9.96 35.93
CA GLU B 268 -17.73 -9.88 36.80
C GLU B 268 -17.72 -11.03 37.79
N LEU B 269 -17.92 -10.71 39.07
CA LEU B 269 -18.02 -11.71 40.12
C LEU B 269 -19.49 -11.86 40.49
N ASN B 270 -20.09 -13.01 40.16
CA ASN B 270 -21.50 -13.26 40.41
C ASN B 270 -21.66 -14.67 40.99
N PRO B 271 -21.78 -14.80 42.31
CA PRO B 271 -22.01 -16.12 42.90
C PRO B 271 -23.48 -16.52 42.94
N LEU B 272 -24.39 -15.61 42.59
CA LEU B 272 -25.82 -15.95 42.60
C LEU B 272 -26.14 -17.00 41.56
N ASP B 273 -25.56 -16.86 40.36
CA ASP B 273 -25.69 -17.87 39.33
C ASP B 273 -24.51 -18.83 39.38
N HIS B 274 -24.77 -20.11 39.11
CA HIS B 274 -23.74 -21.12 39.23
C HIS B 274 -22.66 -21.00 38.16
N ARG B 275 -22.90 -20.21 37.12
CA ARG B 275 -21.92 -20.09 36.05
C ARG B 275 -20.74 -19.21 36.45
N GLY B 276 -20.95 -18.33 37.42
CA GLY B 276 -19.92 -17.42 37.88
C GLY B 276 -19.23 -17.83 39.15
N ARG B 277 -19.60 -18.98 39.73
CA ARG B 277 -18.96 -19.42 40.97
C ARG B 277 -17.52 -19.84 40.73
N THR B 278 -17.24 -20.45 39.58
CA THR B 278 -15.89 -20.86 39.21
C THR B 278 -15.56 -20.27 37.85
N LEU B 279 -14.45 -19.53 37.77
CA LEU B 279 -14.00 -18.94 36.53
C LEU B 279 -12.48 -19.00 36.48
N GLU B 280 -11.94 -19.11 35.27
CA GLU B 280 -10.50 -19.24 35.06
C GLU B 280 -9.98 -18.05 34.27
N ILE B 281 -8.85 -17.52 34.72
CA ILE B 281 -8.15 -16.42 34.05
C ILE B 281 -6.93 -17.01 33.35
N PRO B 282 -6.83 -16.92 32.03
CA PRO B 282 -5.83 -17.72 31.30
C PRO B 282 -4.40 -17.23 31.44
N GLY B 283 -4.16 -16.09 32.08
CA GLY B 283 -2.83 -15.53 32.11
C GLY B 283 -2.45 -14.93 30.76
N ASN B 284 -1.15 -14.74 30.57
CA ASN B 284 -0.64 -14.06 29.38
C ASN B 284 0.42 -14.91 28.70
N SER B 285 0.47 -14.82 27.38
CA SER B 285 1.47 -15.49 26.57
C SER B 285 1.75 -14.66 25.32
N ASP B 286 1.92 -13.36 25.50
CA ASP B 286 2.07 -12.45 24.37
C ASP B 286 3.35 -12.77 23.60
N PRO B 287 3.29 -12.81 22.26
CA PRO B 287 4.49 -13.14 21.48
C PRO B 287 5.49 -12.00 21.36
N ASN B 288 5.12 -10.78 21.72
CA ASN B 288 6.02 -9.64 21.63
C ASN B 288 6.71 -9.33 22.96
N MET B 289 6.33 -10.00 24.05
CA MET B 289 6.95 -9.75 25.34
C MET B 289 8.43 -10.13 25.31
N ILE B 290 9.26 -9.26 25.89
CA ILE B 290 10.70 -9.46 25.93
C ILE B 290 11.00 -10.66 26.83
N PRO B 291 12.10 -11.39 26.60
CA PRO B 291 12.45 -12.49 27.50
C PRO B 291 12.96 -11.99 28.83
N ASP B 292 13.23 -12.92 29.76
CA ASP B 292 13.69 -12.59 31.11
C ASP B 292 12.64 -11.69 31.77
N GLY B 293 13.06 -10.77 32.63
CA GLY B 293 12.17 -9.79 33.24
C GLY B 293 11.49 -10.21 34.52
N ASP B 294 11.01 -11.46 34.58
CA ASP B 294 10.28 -11.97 35.75
C ASP B 294 9.06 -11.10 36.06
N PHE B 295 8.22 -10.90 35.05
CA PHE B 295 7.05 -10.04 35.21
C PHE B 295 6.02 -10.68 36.12
N ASN B 296 5.17 -9.83 36.70
CA ASN B 296 4.11 -10.25 37.60
C ASN B 296 2.76 -9.78 37.07
N SER B 297 1.71 -10.45 37.54
CA SER B 297 0.33 -10.07 37.24
C SER B 297 -0.35 -9.64 38.53
N TYR B 298 -1.02 -8.50 38.50
CA TYR B 298 -1.63 -7.90 39.69
C TYR B 298 -3.13 -8.02 39.60
N VAL B 299 -3.76 -8.47 40.69
CA VAL B 299 -5.19 -8.73 40.74
C VAL B 299 -5.80 -7.88 41.85
N ARG B 300 -6.93 -7.25 41.54
CA ARG B 300 -7.67 -6.42 42.49
C ARG B 300 -9.10 -6.96 42.58
N VAL B 301 -9.46 -7.51 43.73
CA VAL B 301 -10.77 -8.10 43.96
C VAL B 301 -11.51 -7.23 44.96
N THR B 302 -12.71 -6.79 44.58
CA THR B 302 -13.47 -5.87 45.42
C THR B 302 -14.95 -6.20 45.38
N ALA B 303 -15.59 -6.13 46.55
CA ALA B 303 -17.04 -6.20 46.67
C ALA B 303 -17.63 -4.92 47.23
N SER B 304 -16.80 -3.90 47.49
CA SER B 304 -17.26 -2.61 48.00
C SER B 304 -16.94 -1.53 46.99
N ASP B 305 -17.53 -1.63 45.79
CA ASP B 305 -17.20 -0.74 44.68
C ASP B 305 -17.34 0.75 45.00
N PRO B 306 -18.41 1.22 45.66
CA PRO B 306 -18.51 2.68 45.89
C PRO B 306 -17.40 3.23 46.76
N LEU B 307 -17.12 2.60 47.91
CA LEU B 307 -16.11 3.12 48.81
C LEU B 307 -14.70 3.03 48.21
N ASP B 308 -14.44 2.00 47.40
CA ASP B 308 -13.12 1.86 46.80
C ASP B 308 -12.89 2.90 45.72
N THR B 309 -13.95 3.38 45.08
CA THR B 309 -13.83 4.36 44.02
C THR B 309 -13.80 5.80 44.52
N LEU B 310 -14.53 6.10 45.60
CA LEU B 310 -14.68 7.46 46.09
C LEU B 310 -14.06 7.68 47.47
N GLY B 311 -13.51 6.65 48.09
CA GLY B 311 -12.99 6.73 49.44
C GLY B 311 -11.56 7.22 49.51
N SER B 312 -10.88 6.83 50.61
CA SER B 312 -9.50 7.25 50.83
C SER B 312 -8.57 6.68 49.77
N GLU B 313 -8.89 5.52 49.23
CA GLU B 313 -8.11 4.90 48.17
C GLU B 313 -8.64 5.24 46.78
N GLY B 314 -9.54 6.20 46.67
CA GLY B 314 -10.14 6.54 45.39
C GLY B 314 -10.12 8.03 45.08
N ALA B 315 -11.31 8.61 44.86
CA ALA B 315 -11.40 10.01 44.48
C ALA B 315 -10.92 10.96 45.57
N LEU B 316 -10.97 10.55 46.84
CA LEU B 316 -10.53 11.38 47.95
C LEU B 316 -9.14 10.99 48.45
N SER B 317 -8.32 10.36 47.60
CA SER B 317 -6.92 10.14 47.91
C SER B 317 -6.21 11.49 48.02
N PRO B 318 -5.07 11.54 48.71
CA PRO B 318 -4.35 12.83 48.82
C PRO B 318 -4.05 13.47 47.48
N GLY B 319 -3.73 12.67 46.46
CA GLY B 319 -3.57 13.16 45.11
C GLY B 319 -4.83 13.12 44.28
N GLY B 320 -5.92 12.58 44.81
CA GLY B 320 -7.17 12.54 44.10
C GLY B 320 -7.15 11.58 42.92
N VAL B 321 -8.24 11.65 42.13
CA VAL B 321 -8.37 10.81 40.95
C VAL B 321 -7.41 11.25 39.85
N ALA B 322 -6.86 12.46 39.94
CA ALA B 322 -5.95 12.97 38.91
C ALA B 322 -4.73 12.06 38.77
N SER B 323 -4.22 11.54 39.89
CA SER B 323 -3.09 10.62 39.84
C SER B 323 -3.49 9.21 39.47
N LEU B 324 -4.76 8.85 39.67
CA LEU B 324 -5.24 7.51 39.32
C LEU B 324 -5.63 7.39 37.85
N LEU B 325 -6.09 8.48 37.24
CA LEU B 325 -6.46 8.44 35.82
C LEU B 325 -5.25 8.22 34.92
N ARG B 326 -4.07 8.71 35.34
CA ARG B 326 -2.79 8.42 34.69
C ARG B 326 -2.76 8.96 33.26
N LEU B 327 -3.05 10.24 33.11
CA LEU B 327 -2.89 10.96 31.86
C LEU B 327 -2.41 12.37 32.17
N PRO B 328 -1.64 12.98 31.28
CA PRO B 328 -1.23 14.38 31.50
C PRO B 328 -2.45 15.30 31.47
N ARG B 329 -2.41 16.33 32.30
CA ARG B 329 -3.55 17.20 32.55
C ARG B 329 -3.19 18.66 32.31
N GLY B 330 -2.41 18.92 31.26
CA GLY B 330 -2.01 20.29 30.97
C GLY B 330 -3.13 21.16 30.44
N CYS B 331 -4.09 20.55 29.74
CA CYS B 331 -5.16 21.31 29.13
C CYS B 331 -6.10 21.90 30.18
N GLY B 332 -6.93 22.84 29.74
CA GLY B 332 -7.81 23.53 30.68
C GLY B 332 -8.97 22.68 31.14
N GLU B 333 -9.58 21.92 30.23
CA GLU B 333 -10.71 21.06 30.60
C GLU B 333 -10.30 20.04 31.65
N GLN B 334 -9.06 19.55 31.59
CA GLN B 334 -8.59 18.52 32.51
C GLN B 334 -8.54 19.01 33.95
N THR B 335 -8.60 20.33 34.17
CA THR B 335 -8.57 20.85 35.53
C THR B 335 -9.77 20.38 36.34
N MET B 336 -10.91 20.15 35.68
CA MET B 336 -12.11 19.70 36.38
C MET B 336 -11.98 18.29 36.94
N ILE B 337 -10.93 17.55 36.58
CA ILE B 337 -10.69 16.25 37.21
C ILE B 337 -10.35 16.42 38.68
N TYR B 338 -9.87 17.60 39.09
CA TYR B 338 -9.70 17.91 40.49
C TYR B 338 -11.00 18.31 41.16
N LEU B 339 -12.03 18.63 40.38
CA LEU B 339 -13.26 19.22 40.89
C LEU B 339 -14.43 18.24 40.78
N ALA B 340 -14.89 17.95 39.57
CA ALA B 340 -16.11 17.15 39.41
C ALA B 340 -16.04 15.78 40.08
N PRO B 341 -14.94 15.02 40.02
CA PRO B 341 -14.92 13.77 40.79
C PRO B 341 -14.90 13.99 42.29
N THR B 342 -14.14 14.98 42.76
CA THR B 342 -14.09 15.26 44.20
C THR B 342 -15.45 15.70 44.73
N LEU B 343 -16.17 16.49 43.93
CA LEU B 343 -17.51 16.91 44.34
C LEU B 343 -18.47 15.72 44.40
N ALA B 344 -18.39 14.83 43.41
CA ALA B 344 -19.25 13.65 43.42
C ALA B 344 -18.91 12.73 44.58
N ALA B 345 -17.63 12.62 44.93
CA ALA B 345 -17.24 11.80 46.08
C ALA B 345 -17.77 12.39 47.37
N SER B 346 -17.77 13.71 47.49
CA SER B 346 -18.31 14.35 48.69
C SER B 346 -19.83 14.19 48.77
N ARG B 347 -20.50 14.25 47.61
CA ARG B 347 -21.96 14.09 47.59
C ARG B 347 -22.38 12.71 48.07
N TYR B 348 -21.63 11.68 47.69
CA TYR B 348 -21.96 10.32 48.12
C TYR B 348 -21.75 10.15 49.61
N LEU B 349 -20.65 10.67 50.14
CA LEU B 349 -20.38 10.54 51.58
C LEU B 349 -21.29 11.43 52.41
N ASP B 350 -21.70 12.58 51.88
CA ASP B 350 -22.59 13.46 52.63
C ASP B 350 -23.98 12.86 52.75
N LYS B 351 -24.53 12.39 51.62
CA LYS B 351 -25.90 11.89 51.62
C LYS B 351 -26.04 10.51 52.27
N THR B 352 -24.95 9.77 52.43
CA THR B 352 -24.97 8.49 53.10
C THR B 352 -24.39 8.56 54.51
N GLU B 353 -23.88 9.72 54.93
CA GLU B 353 -23.31 9.91 56.26
C GLU B 353 -22.24 8.87 56.55
N GLN B 354 -21.26 8.78 55.66
CA GLN B 354 -20.23 7.76 55.72
C GLN B 354 -18.84 8.34 55.96
N TRP B 355 -18.75 9.63 56.33
CA TRP B 355 -17.45 10.24 56.59
C TRP B 355 -16.77 9.61 57.79
N SER B 356 -17.54 9.11 58.77
CA SER B 356 -16.96 8.57 59.99
C SER B 356 -16.17 7.29 59.73
N THR B 357 -16.52 6.55 58.68
CA THR B 357 -15.80 5.32 58.37
C THR B 357 -14.38 5.61 57.91
N LEU B 358 -14.23 6.56 56.98
CA LEU B 358 -12.92 6.95 56.50
C LEU B 358 -12.18 7.72 57.60
N PRO B 359 -10.85 7.80 57.50
CA PRO B 359 -10.11 8.63 58.45
C PRO B 359 -10.54 10.08 58.31
N PRO B 360 -10.49 10.84 59.41
CA PRO B 360 -11.04 12.21 59.37
C PRO B 360 -10.24 13.17 58.51
N GLU B 361 -9.01 12.83 58.14
CA GLU B 361 -8.21 13.71 57.30
C GLU B 361 -8.66 13.73 55.85
N THR B 362 -9.63 12.89 55.48
CA THR B 362 -10.11 12.86 54.10
C THR B 362 -10.81 14.16 53.74
N LYS B 363 -11.53 14.76 54.70
CA LYS B 363 -12.21 16.02 54.44
C LYS B 363 -11.21 17.13 54.14
N ASP B 364 -10.04 17.09 54.79
CA ASP B 364 -8.99 18.04 54.47
C ASP B 364 -8.42 17.77 53.07
N HIS B 365 -8.31 16.50 52.70
CA HIS B 365 -7.85 16.15 51.35
C HIS B 365 -8.84 16.65 50.30
N ALA B 366 -10.14 16.55 50.60
CA ALA B 366 -11.16 16.94 49.62
C ALA B 366 -11.11 18.44 49.36
N VAL B 367 -11.11 19.25 50.41
CA VAL B 367 -11.13 20.71 50.22
C VAL B 367 -9.83 21.19 49.59
N ASP B 368 -8.72 20.49 49.82
CA ASP B 368 -7.47 20.86 49.19
C ASP B 368 -7.52 20.61 47.68
N LEU B 369 -8.15 19.52 47.27
CA LEU B 369 -8.26 19.20 45.84
C LEU B 369 -9.17 20.20 45.13
N ILE B 370 -10.31 20.53 45.74
CA ILE B 370 -11.25 21.45 45.11
C ILE B 370 -10.64 22.84 45.00
N GLN B 371 -9.97 23.32 46.05
CA GLN B 371 -9.32 24.62 45.99
C GLN B 371 -8.16 24.61 45.00
N LYS B 372 -7.49 23.46 44.84
CA LYS B 372 -6.43 23.35 43.84
C LYS B 372 -7.00 23.46 42.43
N GLY B 373 -8.14 22.83 42.18
CA GLY B 373 -8.75 22.93 40.87
C GLY B 373 -9.28 24.33 40.57
N TYR B 374 -9.93 24.95 41.55
CA TYR B 374 -10.43 26.32 41.37
C TYR B 374 -9.28 27.28 41.11
N MET B 375 -8.18 27.14 41.84
CA MET B 375 -7.04 28.03 41.64
C MET B 375 -6.41 27.85 40.26
N ARG B 376 -6.42 26.63 39.73
CA ARG B 376 -5.82 26.39 38.42
C ARG B 376 -6.74 26.80 37.27
N ILE B 377 -8.04 26.50 37.38
CA ILE B 377 -8.95 26.76 36.26
C ILE B 377 -9.17 28.25 36.06
N GLN B 378 -9.06 29.05 37.12
CA GLN B 378 -9.30 30.49 36.99
C GLN B 378 -8.20 31.18 36.19
N GLN B 379 -7.05 30.53 36.00
CA GLN B 379 -6.02 31.09 35.14
C GLN B 379 -6.45 31.15 33.68
N PHE B 380 -7.39 30.30 33.28
CA PHE B 380 -7.90 30.25 31.91
C PHE B 380 -9.07 31.20 31.68
N ARG B 381 -9.52 31.92 32.71
CA ARG B 381 -10.68 32.78 32.57
C ARG B 381 -10.35 34.01 31.73
N LYS B 382 -11.20 34.30 30.74
CA LYS B 382 -11.03 35.48 29.92
C LYS B 382 -11.60 36.71 30.62
N ALA B 383 -11.37 37.88 30.01
CA ALA B 383 -11.83 39.13 30.60
C ALA B 383 -13.36 39.21 30.59
N ASP B 384 -14.00 38.67 29.55
CA ASP B 384 -15.44 38.74 29.41
C ASP B 384 -16.18 37.60 30.11
N GLY B 385 -15.50 36.85 30.97
CA GLY B 385 -16.12 35.78 31.71
C GLY B 385 -16.10 34.42 31.03
N SER B 386 -15.65 34.35 29.79
CA SER B 386 -15.54 33.07 29.10
C SER B 386 -14.23 32.38 29.45
N TYR B 387 -14.09 31.13 29.01
CA TYR B 387 -12.91 30.32 29.27
C TYR B 387 -12.37 29.78 27.97
N ALA B 388 -11.05 29.70 27.88
CA ALA B 388 -10.35 29.20 26.70
C ALA B 388 -9.66 27.89 27.02
N ALA B 389 -9.49 27.06 25.98
CA ALA B 389 -8.84 25.76 26.16
C ALA B 389 -7.40 25.93 26.65
N TRP B 390 -6.69 26.91 26.09
CA TRP B 390 -5.34 27.24 26.51
C TRP B 390 -5.27 28.72 26.83
N LEU B 391 -4.19 29.12 27.51
CA LEU B 391 -3.99 30.53 27.81
C LEU B 391 -3.70 31.30 26.52
N SER B 392 -4.28 32.50 26.43
CA SER B 392 -4.16 33.37 25.25
C SER B 392 -4.76 32.73 24.00
N ARG B 393 -5.63 31.75 24.18
CA ARG B 393 -6.32 31.09 23.08
C ARG B 393 -7.75 31.61 22.97
N ASP B 394 -8.37 31.38 21.82
CA ASP B 394 -9.75 31.79 21.60
C ASP B 394 -10.68 31.13 22.60
N SER B 395 -11.78 31.81 22.91
CA SER B 395 -12.72 31.33 23.91
C SER B 395 -13.60 30.21 23.35
N SER B 396 -13.83 29.19 24.17
CA SER B 396 -14.64 28.04 23.80
C SER B 396 -15.96 28.08 24.54
N THR B 397 -17.06 27.99 23.79
CA THR B 397 -18.39 27.96 24.40
C THR B 397 -18.57 26.70 25.24
N TRP B 398 -18.08 25.56 24.75
CA TRP B 398 -18.25 24.30 25.47
C TRP B 398 -17.53 24.33 26.81
N LEU B 399 -16.25 24.74 26.81
CA LEU B 399 -15.48 24.77 28.04
C LEU B 399 -16.05 25.76 29.04
N THR B 400 -16.54 26.90 28.55
CA THR B 400 -17.17 27.86 29.45
C THR B 400 -18.39 27.25 30.14
N ALA B 401 -19.15 26.43 29.41
CA ALA B 401 -20.29 25.76 30.03
C ALA B 401 -19.85 24.74 31.07
N PHE B 402 -18.80 23.96 30.77
CA PHE B 402 -18.32 22.95 31.71
C PHE B 402 -17.85 23.58 33.01
N VAL B 403 -17.21 24.76 32.92
CA VAL B 403 -16.74 25.43 34.12
C VAL B 403 -17.90 25.89 34.98
N LEU B 404 -18.94 26.45 34.35
CA LEU B 404 -20.12 26.89 35.09
C LEU B 404 -20.84 25.72 35.74
N LYS B 405 -20.88 24.57 35.07
CA LYS B 405 -21.57 23.41 35.61
C LYS B 405 -20.90 22.88 36.89
N VAL B 406 -19.58 23.01 36.99
CA VAL B 406 -18.83 22.46 38.10
C VAL B 406 -18.58 23.51 39.18
N LEU B 407 -18.14 24.70 38.79
CA LEU B 407 -17.78 25.72 39.78
C LEU B 407 -18.99 26.29 40.50
N SER B 408 -20.20 26.09 39.97
CA SER B 408 -21.38 26.52 40.70
C SER B 408 -21.55 25.75 42.01
N LEU B 409 -21.16 24.47 42.02
CA LEU B 409 -21.25 23.67 43.24
C LEU B 409 -20.09 23.95 44.19
N ALA B 410 -18.91 24.27 43.66
CA ALA B 410 -17.69 24.34 44.45
C ALA B 410 -17.40 25.72 45.01
N GLN B 411 -18.09 26.77 44.56
CA GLN B 411 -17.72 28.13 44.93
C GLN B 411 -17.90 28.41 46.43
N GLU B 412 -18.78 27.68 47.11
CA GLU B 412 -19.00 27.96 48.53
C GLU B 412 -17.80 27.59 49.38
N GLN B 413 -17.18 26.44 49.10
CA GLN B 413 -16.10 25.94 49.93
C GLN B 413 -14.72 26.46 49.55
N VAL B 414 -14.57 27.02 48.34
CA VAL B 414 -13.28 27.52 47.88
C VAL B 414 -13.13 29.01 48.07
N GLY B 415 -14.17 29.71 48.50
CA GLY B 415 -14.12 31.15 48.59
C GLY B 415 -14.31 31.85 47.27
N GLY B 416 -15.05 31.24 46.34
CA GLY B 416 -15.28 31.84 45.05
C GLY B 416 -16.23 33.02 45.14
N SER B 417 -16.39 33.68 43.99
CA SER B 417 -17.24 34.87 43.90
C SER B 417 -18.49 34.54 43.09
N PRO B 418 -19.69 34.69 43.65
CA PRO B 418 -20.90 34.48 42.84
C PRO B 418 -21.03 35.48 41.72
N GLU B 419 -20.42 36.66 41.85
CA GLU B 419 -20.51 37.68 40.80
C GLU B 419 -19.80 37.22 39.53
N LYS B 420 -18.69 36.50 39.67
CA LYS B 420 -17.96 36.04 38.48
C LYS B 420 -18.73 34.96 37.74
N LEU B 421 -19.41 34.08 38.47
CA LEU B 421 -20.22 33.05 37.81
C LEU B 421 -21.45 33.66 37.13
N GLN B 422 -22.03 34.71 37.72
CA GLN B 422 -23.10 35.42 37.05
C GLN B 422 -22.62 36.07 35.76
N GLU B 423 -21.38 36.57 35.76
CA GLU B 423 -20.78 37.11 34.54
C GLU B 423 -20.51 36.01 33.52
N THR B 424 -20.18 34.81 33.98
CA THR B 424 -19.91 33.70 33.08
C THR B 424 -21.17 33.27 32.32
N SER B 425 -22.28 33.09 33.05
CA SER B 425 -23.52 32.64 32.42
C SER B 425 -24.06 33.67 31.44
N ASN B 426 -23.80 34.96 31.68
CA ASN B 426 -24.24 35.98 30.75
C ASN B 426 -23.54 35.86 29.40
N TRP B 427 -22.27 35.44 29.40
CA TRP B 427 -21.56 35.24 28.15
C TRP B 427 -22.11 34.04 27.38
N LEU B 428 -22.46 32.97 28.10
CA LEU B 428 -23.04 31.80 27.45
C LEU B 428 -24.39 32.14 26.81
N LEU B 429 -25.18 33.00 27.46
CA LEU B 429 -26.46 33.40 26.89
C LEU B 429 -26.28 34.19 25.59
N SER B 430 -25.17 34.92 25.46
CA SER B 430 -24.93 35.69 24.25
C SER B 430 -24.55 34.81 23.06
N GLN B 431 -24.24 33.54 23.29
CA GLN B 431 -23.87 32.63 22.22
C GLN B 431 -25.06 31.83 21.69
N GLN B 432 -26.26 32.08 22.20
CA GLN B 432 -27.44 31.38 21.73
C GLN B 432 -27.91 31.97 20.41
N GLN B 433 -28.12 31.12 19.41
CA GLN B 433 -28.51 31.57 18.09
C GLN B 433 -30.02 31.82 18.05
N ALA B 434 -30.51 32.20 16.86
CA ALA B 434 -31.94 32.49 16.71
C ALA B 434 -32.78 31.23 16.84
N ASP B 435 -32.27 30.09 16.38
CA ASP B 435 -33.01 28.84 16.49
C ASP B 435 -33.21 28.41 17.94
N GLY B 436 -32.33 28.85 18.84
CA GLY B 436 -32.29 28.38 20.21
C GLY B 436 -31.08 27.51 20.51
N SER B 437 -30.34 27.10 19.49
CA SER B 437 -29.13 26.32 19.69
C SER B 437 -27.96 27.22 20.04
N PHE B 438 -26.98 26.65 20.73
CA PHE B 438 -25.74 27.34 21.05
C PHE B 438 -24.66 26.95 20.04
N GLN B 439 -23.67 27.82 19.91
CA GLN B 439 -22.65 27.67 18.88
C GLN B 439 -21.27 27.98 19.46
N ASP B 440 -20.28 27.19 19.06
CA ASP B 440 -18.91 27.32 19.56
C ASP B 440 -17.97 27.55 18.38
N PRO B 441 -17.20 28.63 18.34
CA PRO B 441 -16.26 28.83 17.24
C PRO B 441 -15.03 27.94 17.31
N CYS B 442 -14.80 27.25 18.43
CA CYS B 442 -13.67 26.34 18.56
C CYS B 442 -13.92 25.36 19.70
N PRO B 443 -14.75 24.33 19.47
CA PRO B 443 -15.06 23.40 20.56
C PRO B 443 -13.87 22.53 20.92
N VAL B 444 -13.82 22.14 22.19
CA VAL B 444 -12.73 21.28 22.66
C VAL B 444 -12.93 19.85 22.17
N LEU B 445 -14.17 19.36 22.22
CA LEU B 445 -14.49 17.98 21.83
C LEU B 445 -15.28 17.96 20.55
N ASP B 446 -14.96 17.02 19.67
CA ASP B 446 -15.72 16.75 18.46
C ASP B 446 -16.46 15.43 18.52
N ARG B 447 -15.78 14.35 18.88
CA ARG B 447 -16.39 13.07 19.21
C ARG B 447 -17.17 12.46 18.05
N SER B 448 -18.26 13.12 17.63
CA SER B 448 -19.16 12.56 16.64
C SER B 448 -18.44 12.31 15.31
N MET B 449 -17.75 11.19 15.20
CA MET B 449 -17.08 10.78 13.98
C MET B 449 -17.50 9.35 13.65
N GLN B 450 -17.05 8.87 12.49
CA GLN B 450 -17.52 7.62 11.88
C GLN B 450 -19.00 7.72 11.53
N GLY B 451 -19.84 8.08 12.50
CA GLY B 451 -21.25 8.34 12.22
C GLY B 451 -21.40 9.70 11.58
N GLY B 452 -22.17 9.77 10.50
CA GLY B 452 -22.34 10.98 9.74
C GLY B 452 -23.29 11.96 10.40
N LEU B 453 -23.68 12.97 9.61
CA LEU B 453 -24.55 14.06 10.08
C LEU B 453 -23.96 14.72 11.33
N VAL B 454 -22.70 15.14 11.20
CA VAL B 454 -21.95 15.60 12.37
C VAL B 454 -22.49 16.93 12.89
N GLY B 455 -22.92 17.81 11.99
CA GLY B 455 -23.44 19.10 12.41
C GLY B 455 -24.70 18.99 13.23
N ASN B 456 -25.56 18.03 12.92
CA ASN B 456 -26.80 17.85 13.69
C ASN B 456 -26.49 17.34 15.09
N ASP B 457 -25.57 16.39 15.21
CA ASP B 457 -25.23 15.84 16.53
C ASP B 457 -24.48 16.85 17.38
N GLU B 458 -23.54 17.58 16.78
CA GLU B 458 -22.71 18.51 17.55
C GLU B 458 -23.53 19.65 18.13
N THR B 459 -24.38 20.26 17.31
CA THR B 459 -25.17 21.40 17.79
C THR B 459 -26.17 20.97 18.85
N VAL B 460 -26.78 19.80 18.70
CA VAL B 460 -27.74 19.31 19.69
C VAL B 460 -27.02 18.93 20.98
N ALA B 461 -25.89 18.22 20.87
CA ALA B 461 -25.14 17.83 22.06
C ALA B 461 -24.57 19.04 22.78
N LEU B 462 -24.10 20.04 22.02
CA LEU B 462 -23.60 21.26 22.64
C LEU B 462 -24.72 22.03 23.32
N THR B 463 -25.88 22.14 22.67
CA THR B 463 -27.01 22.85 23.26
C THR B 463 -27.48 22.17 24.55
N ALA B 464 -27.59 20.84 24.53
CA ALA B 464 -27.98 20.12 25.74
C ALA B 464 -26.94 20.28 26.84
N PHE B 465 -25.66 20.34 26.47
CA PHE B 465 -24.61 20.49 27.47
C PHE B 465 -24.64 21.88 28.09
N VAL B 466 -24.95 22.90 27.30
CA VAL B 466 -25.04 24.26 27.84
C VAL B 466 -26.25 24.39 28.76
N THR B 467 -27.38 23.79 28.38
CA THR B 467 -28.57 23.88 29.22
C THR B 467 -28.35 23.19 30.56
N ILE B 468 -27.69 22.04 30.55
CA ILE B 468 -27.34 21.36 31.80
C ILE B 468 -26.42 22.24 32.63
N ALA B 469 -25.51 22.96 31.97
CA ALA B 469 -24.63 23.88 32.68
C ALA B 469 -25.41 25.07 33.23
N LEU B 470 -26.33 25.61 32.43
CA LEU B 470 -27.11 26.77 32.89
C LEU B 470 -28.03 26.41 34.05
N HIS B 471 -28.54 25.18 34.08
CA HIS B 471 -29.40 24.78 35.18
C HIS B 471 -28.62 24.69 36.49
N HIS B 472 -27.40 24.16 36.43
CA HIS B 472 -26.54 24.17 37.62
C HIS B 472 -26.17 25.59 38.02
N GLY B 473 -26.10 26.50 37.06
CA GLY B 473 -25.81 27.90 37.36
C GLY B 473 -26.95 28.61 38.06
N LEU B 474 -28.17 28.09 37.97
CA LEU B 474 -29.30 28.69 38.66
C LEU B 474 -29.14 28.65 40.18
N ALA B 475 -28.36 27.69 40.70
CA ALA B 475 -28.14 27.59 42.14
C ALA B 475 -27.32 28.74 42.69
N VAL B 476 -26.59 29.46 41.83
CA VAL B 476 -25.75 30.56 42.30
C VAL B 476 -26.59 31.79 42.65
N PHE B 477 -27.70 32.00 41.95
CA PHE B 477 -28.40 33.27 42.02
C PHE B 477 -29.08 33.47 43.38
N GLN B 478 -29.10 34.72 43.82
CA GLN B 478 -29.76 35.11 45.06
C GLN B 478 -30.85 36.14 44.78
N ASP B 479 -31.06 37.07 45.71
CA ASP B 479 -32.08 38.09 45.51
C ASP B 479 -31.61 39.18 44.55
N GLU B 480 -30.29 39.36 44.42
CA GLU B 480 -29.77 40.41 43.54
C GLU B 480 -30.05 40.09 42.08
N GLY B 481 -29.77 38.85 41.67
CA GLY B 481 -30.01 38.41 40.31
C GLY B 481 -31.31 37.68 40.08
N ALA B 482 -32.23 37.69 41.04
CA ALA B 482 -33.47 36.95 40.90
C ALA B 482 -34.34 37.53 39.80
N GLU B 483 -34.35 38.85 39.65
CA GLU B 483 -35.18 39.49 38.64
C GLU B 483 -34.43 39.72 37.32
N PRO B 484 -33.25 40.39 37.31
CA PRO B 484 -32.65 40.76 36.01
C PRO B 484 -32.04 39.59 35.26
N LEU B 485 -31.22 38.79 35.94
CA LEU B 485 -30.47 37.72 35.27
C LEU B 485 -31.15 36.36 35.32
N LYS B 486 -31.81 36.03 36.44
CA LYS B 486 -32.43 34.71 36.57
C LYS B 486 -33.56 34.52 35.55
N GLN B 487 -34.31 35.58 35.26
CA GLN B 487 -35.37 35.47 34.26
C GLN B 487 -34.82 35.28 32.86
N ARG B 488 -33.65 35.86 32.57
CA ARG B 488 -33.05 35.68 31.25
C ARG B 488 -32.54 34.25 31.06
N VAL B 489 -31.94 33.67 32.11
CA VAL B 489 -31.42 32.31 32.00
C VAL B 489 -32.54 31.31 31.85
N GLU B 490 -33.61 31.46 32.62
CA GLU B 490 -34.74 30.54 32.52
C GLU B 490 -35.40 30.63 31.14
N ALA B 491 -35.49 31.84 30.58
CA ALA B 491 -36.03 32.00 29.24
C ALA B 491 -35.08 31.42 28.20
N SER B 492 -33.77 31.53 28.42
CA SER B 492 -32.81 30.96 27.50
C SER B 492 -32.86 29.43 27.54
N ILE B 493 -33.05 28.86 28.74
CA ILE B 493 -33.19 27.41 28.84
C ILE B 493 -34.46 26.94 28.15
N SER B 494 -35.55 27.68 28.33
CA SER B 494 -36.81 27.31 27.67
C SER B 494 -36.70 27.45 26.16
N LYS B 495 -36.01 28.49 25.69
CA LYS B 495 -35.83 28.66 24.25
C LYS B 495 -34.98 27.53 23.66
N ALA B 496 -33.95 27.10 24.38
CA ALA B 496 -33.13 25.99 23.90
C ALA B 496 -33.85 24.66 24.03
N ASN B 497 -34.66 24.49 25.07
CA ASN B 497 -35.43 23.25 25.21
C ASN B 497 -36.43 23.09 24.06
N SER B 498 -36.94 24.19 23.53
CA SER B 498 -37.79 24.11 22.34
C SER B 498 -37.01 23.60 21.14
N PHE B 499 -35.75 24.01 21.01
CA PHE B 499 -34.89 23.48 19.96
C PHE B 499 -34.60 22.01 20.17
N LEU B 500 -34.25 21.63 21.41
CA LEU B 500 -34.01 20.23 21.72
C LEU B 500 -35.28 19.39 21.60
N GLY B 501 -36.43 19.98 21.92
CA GLY B 501 -37.68 19.23 21.84
C GLY B 501 -38.04 18.84 20.43
N GLU B 502 -37.91 19.78 19.48
CA GLU B 502 -38.25 19.47 18.10
C GLU B 502 -37.23 18.54 17.46
N LYS B 503 -35.96 18.67 17.84
CA LYS B 503 -34.94 17.77 17.31
C LYS B 503 -35.07 16.37 17.89
N ALA B 504 -35.50 16.24 19.15
CA ALA B 504 -35.76 14.93 19.73
C ALA B 504 -37.00 14.31 19.11
N SER B 505 -38.04 15.12 18.85
CA SER B 505 -39.23 14.59 18.22
C SER B 505 -38.98 14.24 16.76
N ALA B 506 -38.14 15.03 16.07
CA ALA B 506 -37.80 14.72 14.69
C ALA B 506 -36.96 13.45 14.60
N GLY B 507 -36.18 13.14 15.64
CA GLY B 507 -35.42 11.92 15.67
C GLY B 507 -34.13 12.01 14.89
N LEU B 508 -33.61 10.83 14.54
CA LEU B 508 -32.37 10.63 13.79
C LEU B 508 -31.16 11.18 14.54
N LEU B 509 -31.30 11.49 15.83
CA LEU B 509 -30.15 11.91 16.62
C LEU B 509 -29.26 10.72 16.94
N GLY B 510 -27.97 10.98 17.11
CA GLY B 510 -27.05 9.94 17.52
C GLY B 510 -27.33 9.46 18.93
N ALA B 511 -26.72 8.33 19.27
CA ALA B 511 -26.91 7.76 20.61
C ALA B 511 -26.37 8.69 21.69
N HIS B 512 -25.21 9.31 21.44
CA HIS B 512 -24.66 10.24 22.41
C HIS B 512 -25.50 11.51 22.50
N ALA B 513 -25.96 12.03 21.36
CA ALA B 513 -26.77 13.24 21.37
C ALA B 513 -28.13 12.99 22.04
N ALA B 514 -28.70 11.80 21.84
CA ALA B 514 -29.98 11.49 22.46
C ALA B 514 -29.86 11.31 23.96
N ALA B 515 -28.73 10.75 24.44
CA ALA B 515 -28.56 10.51 25.86
C ALA B 515 -28.43 11.83 26.63
N ILE B 516 -27.62 12.75 26.12
CA ILE B 516 -27.45 14.03 26.79
C ILE B 516 -28.71 14.88 26.67
N THR B 517 -29.48 14.70 25.60
CA THR B 517 -30.75 15.40 25.46
C THR B 517 -31.75 14.90 26.50
N ALA B 518 -31.77 13.59 26.75
CA ALA B 518 -32.70 13.03 27.73
C ALA B 518 -32.39 13.54 29.13
N TYR B 519 -31.11 13.64 29.48
CA TYR B 519 -30.74 14.17 30.79
C TYR B 519 -30.99 15.67 30.87
N ALA B 520 -30.81 16.39 29.75
CA ALA B 520 -31.09 17.83 29.75
C ALA B 520 -32.58 18.10 29.95
N LEU B 521 -33.42 17.30 29.32
CA LEU B 521 -34.87 17.45 29.46
C LEU B 521 -35.42 16.77 30.70
N SER B 522 -34.56 16.12 31.50
CA SER B 522 -34.94 15.56 32.78
C SER B 522 -34.40 16.37 33.96
N LEU B 523 -33.17 16.88 33.84
CA LEU B 523 -32.66 17.81 34.85
C LEU B 523 -33.51 19.07 34.90
N THR B 524 -33.70 19.71 33.75
CA THR B 524 -34.69 20.77 33.61
C THR B 524 -36.06 20.14 33.42
N LYS B 525 -37.05 20.63 34.16
CA LYS B 525 -38.39 20.04 34.16
C LYS B 525 -39.11 20.41 32.86
N ALA B 526 -38.70 19.74 31.79
CA ALA B 526 -39.33 19.91 30.49
C ALA B 526 -40.77 19.39 30.53
N PRO B 527 -41.62 19.85 29.62
CA PRO B 527 -43.00 19.36 29.59
C PRO B 527 -43.06 17.86 29.40
N VAL B 528 -44.17 17.27 29.87
CA VAL B 528 -44.28 15.81 29.91
C VAL B 528 -44.25 15.20 28.52
N ASP B 529 -44.71 15.93 27.51
CA ASP B 529 -44.71 15.39 26.15
C ASP B 529 -43.30 15.24 25.62
N LEU B 530 -42.47 16.28 25.80
CA LEU B 530 -41.07 16.17 25.39
C LEU B 530 -40.28 15.28 26.34
N LEU B 531 -40.62 15.30 27.63
CA LEU B 531 -39.92 14.46 28.60
C LEU B 531 -40.13 12.97 28.29
N GLY B 532 -41.31 12.62 27.79
CA GLY B 532 -41.61 11.23 27.49
C GLY B 532 -41.06 10.77 26.16
N VAL B 533 -41.21 11.59 25.12
CA VAL B 533 -40.77 11.17 23.79
C VAL B 533 -39.24 11.09 23.73
N ALA B 534 -38.54 11.90 24.52
CA ALA B 534 -37.08 11.80 24.55
C ALA B 534 -36.64 10.50 25.21
N HIS B 535 -37.35 10.08 26.26
CA HIS B 535 -37.05 8.80 26.89
C HIS B 535 -37.33 7.64 25.94
N ASN B 536 -38.49 7.67 25.27
CA ASN B 536 -38.81 6.61 24.32
C ASN B 536 -37.84 6.59 23.16
N ASN B 537 -37.37 7.77 22.73
CA ASN B 537 -36.40 7.82 21.65
C ASN B 537 -35.05 7.26 22.08
N LEU B 538 -34.67 7.49 23.34
CA LEU B 538 -33.40 6.98 23.83
C LEU B 538 -33.45 5.47 24.06
N MET B 539 -34.57 4.97 24.61
CA MET B 539 -34.68 3.54 24.89
C MET B 539 -34.71 2.70 23.62
N ALA B 540 -35.07 3.30 22.47
CA ALA B 540 -35.05 2.56 21.22
C ALA B 540 -33.64 2.29 20.73
N MET B 541 -32.64 3.02 21.23
CA MET B 541 -31.25 2.84 20.85
C MET B 541 -30.46 2.05 21.89
N ALA B 542 -31.11 1.53 22.92
CA ALA B 542 -30.41 0.82 23.97
C ALA B 542 -29.98 -0.57 23.50
N GLN B 543 -28.86 -1.03 24.03
CA GLN B 543 -28.36 -2.38 23.77
C GLN B 543 -28.27 -3.12 25.10
N GLU B 544 -28.79 -4.35 25.14
CA GLU B 544 -28.86 -5.12 26.36
C GLU B 544 -28.22 -6.49 26.13
N THR B 545 -27.34 -6.88 27.05
CA THR B 545 -26.75 -8.21 27.02
C THR B 545 -26.48 -8.64 28.46
N GLY B 546 -26.84 -9.88 28.79
CA GLY B 546 -26.72 -10.34 30.17
C GLY B 546 -27.53 -9.47 31.09
N ASP B 547 -26.91 -9.05 32.20
CA ASP B 547 -27.51 -8.09 33.12
C ASP B 547 -26.95 -6.69 32.91
N ASN B 548 -26.52 -6.37 31.68
CA ASN B 548 -25.92 -5.09 31.36
C ASN B 548 -26.78 -4.36 30.34
N LEU B 549 -26.79 -3.02 30.45
CA LEU B 549 -27.49 -2.16 29.52
C LEU B 549 -26.57 -1.00 29.18
N TYR B 550 -26.31 -0.81 27.89
CA TYR B 550 -25.40 0.24 27.45
C TYR B 550 -25.86 0.78 26.11
N TRP B 551 -25.28 1.91 25.72
CA TRP B 551 -25.56 2.56 24.45
C TRP B 551 -24.27 2.68 23.65
N GLY B 552 -24.28 2.17 22.43
CA GLY B 552 -23.10 2.17 21.60
C GLY B 552 -23.26 2.93 20.29
N SER B 553 -22.53 2.52 19.27
CA SER B 553 -22.59 3.16 17.96
C SER B 553 -22.33 2.12 16.88
N VAL B 554 -22.82 2.41 15.68
CA VAL B 554 -22.70 1.49 14.56
C VAL B 554 -21.45 1.87 13.77
N THR B 555 -20.52 0.93 13.65
CA THR B 555 -19.28 1.14 12.90
C THR B 555 -19.41 0.55 11.49
N GLY B 556 -20.41 1.06 10.77
CA GLY B 556 -20.64 0.59 9.41
C GLY B 556 -21.12 -0.84 9.36
N SER B 557 -20.79 -1.52 8.27
CA SER B 557 -21.16 -2.92 8.08
C SER B 557 -20.10 -3.60 7.23
N GLN B 558 -19.72 -4.81 7.64
CA GLN B 558 -18.70 -5.60 6.93
C GLN B 558 -19.37 -6.33 5.77
N SER B 559 -19.72 -5.56 4.74
CA SER B 559 -20.46 -6.05 3.57
C SER B 559 -21.76 -6.68 4.08
N ASN B 560 -22.18 -7.83 3.57
CA ASN B 560 -23.36 -8.52 4.07
C ASN B 560 -22.99 -9.23 5.37
N ALA B 561 -23.47 -8.70 6.50
CA ALA B 561 -23.11 -9.22 7.81
C ALA B 561 -24.38 -9.48 8.62
N VAL B 562 -24.22 -10.27 9.69
CA VAL B 562 -25.35 -10.61 10.53
C VAL B 562 -25.76 -9.41 11.39
N SER B 563 -27.00 -9.44 11.86
CA SER B 563 -27.61 -8.31 12.55
C SER B 563 -27.36 -8.32 14.06
N PRO B 564 -27.65 -9.42 14.80
CA PRO B 564 -27.51 -9.36 16.27
C PRO B 564 -26.08 -9.10 16.72
N THR B 565 -25.73 -7.83 16.90
CA THR B 565 -24.38 -7.46 17.27
C THR B 565 -24.08 -7.68 18.76
N PRO B 566 -24.98 -7.29 19.71
CA PRO B 566 -24.67 -7.55 21.12
C PRO B 566 -25.11 -8.93 21.59
N ALA B 567 -24.87 -9.93 20.76
CA ALA B 567 -25.32 -11.29 21.04
C ALA B 567 -24.45 -12.02 22.07
N PRO B 568 -23.13 -12.08 21.90
CA PRO B 568 -22.33 -12.93 22.81
C PRO B 568 -22.14 -12.30 24.18
N ARG B 569 -22.24 -13.14 25.20
CA ARG B 569 -21.93 -12.75 26.58
C ARG B 569 -21.66 -14.02 27.38
N ASN B 570 -20.78 -13.89 28.37
CA ASN B 570 -20.33 -15.03 29.15
C ASN B 570 -19.63 -14.55 30.42
N PRO B 571 -20.17 -14.85 31.60
CA PRO B 571 -19.55 -14.34 32.84
C PRO B 571 -18.16 -14.89 33.10
N SER B 572 -17.78 -16.00 32.48
CA SER B 572 -16.42 -16.49 32.58
C SER B 572 -15.46 -15.71 31.69
N ASP B 573 -15.95 -15.07 30.64
CA ASP B 573 -15.15 -14.22 29.80
C ASP B 573 -15.01 -12.83 30.42
N PRO B 574 -13.93 -12.11 30.12
CA PRO B 574 -13.76 -10.76 30.67
C PRO B 574 -14.76 -9.79 30.06
N MET B 575 -14.95 -8.68 30.77
CA MET B 575 -15.81 -7.61 30.27
C MET B 575 -15.00 -6.74 29.31
N PRO B 576 -15.40 -6.63 28.04
CA PRO B 576 -14.62 -5.82 27.10
C PRO B 576 -14.67 -4.35 27.45
N GLN B 577 -13.51 -3.70 27.36
CA GLN B 577 -13.39 -2.29 27.70
C GLN B 577 -13.97 -1.46 26.55
N ALA B 578 -15.06 -0.76 26.84
CA ALA B 578 -15.73 0.04 25.82
C ALA B 578 -14.94 1.33 25.55
N PRO B 579 -15.10 1.91 24.37
CA PRO B 579 -14.47 3.20 24.08
C PRO B 579 -15.06 4.29 24.97
N ALA B 580 -14.37 5.44 24.99
CA ALA B 580 -14.77 6.54 25.86
C ALA B 580 -16.14 7.08 25.50
N LEU B 581 -16.50 7.06 24.22
CA LEU B 581 -17.79 7.61 23.80
C LEU B 581 -18.94 6.82 24.41
N TRP B 582 -18.81 5.49 24.48
CA TRP B 582 -19.87 4.67 25.04
C TRP B 582 -20.02 4.91 26.53
N ILE B 583 -18.91 5.11 27.24
CA ILE B 583 -18.97 5.34 28.68
C ILE B 583 -19.70 6.63 28.98
N GLU B 584 -19.42 7.69 28.21
CA GLU B 584 -20.07 8.97 28.44
C GLU B 584 -21.55 8.94 28.06
N THR B 585 -21.91 8.17 27.02
CA THR B 585 -23.29 8.10 26.59
C THR B 585 -24.16 7.40 27.63
N THR B 586 -23.73 6.23 28.10
CA THR B 586 -24.50 5.49 29.10
C THR B 586 -24.51 6.19 30.45
N ALA B 587 -23.51 7.03 30.75
CA ALA B 587 -23.52 7.78 31.99
C ALA B 587 -24.63 8.83 31.98
N TYR B 588 -24.79 9.54 30.87
CA TYR B 588 -25.90 10.48 30.74
C TYR B 588 -27.24 9.76 30.78
N ALA B 589 -27.31 8.58 30.16
CA ALA B 589 -28.55 7.82 30.18
C ALA B 589 -28.88 7.33 31.58
N LEU B 590 -27.86 6.96 32.36
CA LEU B 590 -28.10 6.54 33.74
C LEU B 590 -28.57 7.72 34.58
N LEU B 591 -27.98 8.90 34.38
CA LEU B 591 -28.44 10.09 35.09
C LEU B 591 -29.87 10.45 34.69
N HIS B 592 -30.20 10.29 33.41
CA HIS B 592 -31.58 10.51 32.98
C HIS B 592 -32.53 9.49 33.59
N LEU B 593 -32.06 8.25 33.77
CA LEU B 593 -32.92 7.21 34.31
C LEU B 593 -33.28 7.47 35.77
N LEU B 594 -32.32 7.95 36.56
CA LEU B 594 -32.57 8.18 37.98
C LEU B 594 -33.60 9.28 38.21
N LEU B 595 -33.57 10.32 37.38
CA LEU B 595 -34.53 11.40 37.53
C LEU B 595 -35.89 11.04 36.95
N HIS B 596 -35.89 10.33 35.82
CA HIS B 596 -37.15 9.98 35.15
C HIS B 596 -37.88 8.86 35.88
N GLU B 597 -37.15 7.85 36.35
CA GLU B 597 -37.76 6.65 36.91
C GLU B 597 -37.24 6.27 38.29
N GLY B 598 -36.05 6.71 38.68
CA GLY B 598 -35.49 6.31 39.95
C GLY B 598 -34.75 4.99 39.85
N LYS B 599 -34.42 4.45 41.02
CA LYS B 599 -33.74 3.16 41.10
C LYS B 599 -34.62 2.06 40.52
N ALA B 600 -34.23 1.51 39.37
CA ALA B 600 -35.02 0.50 38.69
C ALA B 600 -34.08 -0.54 38.10
N GLU B 601 -34.66 -1.54 37.42
CA GLU B 601 -33.85 -2.61 36.85
C GLU B 601 -32.99 -2.10 35.69
N MET B 602 -33.48 -1.11 34.93
CA MET B 602 -32.66 -0.51 33.88
C MET B 602 -31.55 0.33 34.49
N ALA B 603 -31.82 0.99 35.61
CA ALA B 603 -30.77 1.73 36.31
C ALA B 603 -29.74 0.78 36.90
N ASP B 604 -30.19 -0.38 37.40
CA ASP B 604 -29.26 -1.36 37.93
C ASP B 604 -28.40 -1.96 36.83
N GLN B 605 -29.02 -2.35 35.72
CA GLN B 605 -28.27 -2.95 34.61
C GLN B 605 -27.27 -1.95 34.02
N ALA B 606 -27.67 -0.68 33.93
CA ALA B 606 -26.76 0.34 33.40
C ALA B 606 -25.61 0.59 34.35
N SER B 607 -25.92 0.85 35.63
CA SER B 607 -24.86 1.16 36.60
C SER B 607 -23.93 -0.03 36.82
N ALA B 608 -24.47 -1.25 36.75
CA ALA B 608 -23.60 -2.43 36.86
C ALA B 608 -22.62 -2.50 35.70
N TRP B 609 -23.02 -2.02 34.52
CA TRP B 609 -22.09 -1.98 33.40
C TRP B 609 -21.03 -0.91 33.61
N LEU B 610 -21.42 0.26 34.12
CA LEU B 610 -20.44 1.29 34.45
C LEU B 610 -19.46 0.81 35.51
N THR B 611 -19.97 0.11 36.53
CA THR B 611 -19.11 -0.41 37.59
C THR B 611 -18.10 -1.40 37.03
N ARG B 612 -18.51 -2.20 36.05
CA ARG B 612 -17.64 -3.18 35.42
C ARG B 612 -16.95 -2.65 34.18
N GLN B 613 -17.02 -1.34 33.91
CA GLN B 613 -16.27 -0.71 32.84
C GLN B 613 -15.13 0.17 33.36
N GLY B 614 -15.03 0.38 34.67
CA GLY B 614 -13.97 1.21 35.20
C GLY B 614 -12.61 0.57 35.03
N SER B 615 -11.59 1.42 34.90
CA SER B 615 -10.24 0.94 34.71
C SER B 615 -9.69 0.35 36.01
N PHE B 616 -8.44 -0.12 35.95
CA PHE B 616 -7.88 -0.90 37.05
C PHE B 616 -7.67 -0.05 38.30
N GLN B 617 -6.99 1.10 38.15
CA GLN B 617 -6.50 1.85 39.30
C GLN B 617 -7.30 3.11 39.60
N GLY B 618 -8.37 3.39 38.86
CA GLY B 618 -9.15 4.57 39.18
C GLY B 618 -10.23 4.95 38.19
N GLY B 619 -9.91 5.90 37.29
CA GLY B 619 -10.89 6.47 36.39
C GLY B 619 -11.37 5.56 35.28
N PHE B 620 -11.86 6.14 34.20
CA PHE B 620 -12.39 5.41 33.06
C PHE B 620 -11.41 5.58 31.89
N ARG B 621 -11.87 5.97 30.70
CA ARG B 621 -10.96 6.06 29.56
C ARG B 621 -10.18 7.36 29.55
N SER B 622 -10.84 8.49 29.82
CA SER B 622 -10.18 9.78 29.80
C SER B 622 -10.88 10.70 30.79
N THR B 623 -10.61 12.01 30.68
CA THR B 623 -11.11 12.97 31.67
C THR B 623 -12.61 13.18 31.53
N GLN B 624 -13.08 13.43 30.31
CA GLN B 624 -14.49 13.77 30.12
C GLN B 624 -15.41 12.63 30.52
N ASP B 625 -15.07 11.41 30.13
CA ASP B 625 -15.89 10.26 30.51
C ASP B 625 -15.78 9.96 32.00
N THR B 626 -14.64 10.27 32.63
CA THR B 626 -14.47 9.98 34.04
C THR B 626 -15.36 10.87 34.90
N VAL B 627 -15.37 12.18 34.62
CA VAL B 627 -16.14 13.09 35.45
C VAL B 627 -17.63 12.84 35.31
N ILE B 628 -18.09 12.38 34.14
CA ILE B 628 -19.51 12.14 33.95
C ILE B 628 -19.91 10.77 34.46
N ALA B 629 -19.04 9.77 34.31
CA ALA B 629 -19.34 8.44 34.83
C ALA B 629 -19.34 8.44 36.36
N LEU B 630 -18.33 9.07 36.97
CA LEU B 630 -18.31 9.19 38.42
C LEU B 630 -19.49 10.01 38.93
N ASP B 631 -19.91 11.02 38.15
CA ASP B 631 -21.10 11.78 38.51
C ASP B 631 -22.35 10.89 38.44
N ALA B 632 -22.42 10.02 37.44
CA ALA B 632 -23.57 9.13 37.30
C ALA B 632 -23.54 8.04 38.35
N LEU B 633 -22.38 7.41 38.57
CA LEU B 633 -22.28 6.34 39.55
C LEU B 633 -22.52 6.86 40.97
N SER B 634 -22.05 8.06 41.27
CA SER B 634 -22.29 8.63 42.59
C SER B 634 -23.77 8.84 42.84
N ALA B 635 -24.50 9.28 41.81
CA ALA B 635 -25.95 9.46 41.96
C ALA B 635 -26.65 8.12 42.16
N TYR B 636 -26.19 7.07 41.47
CA TYR B 636 -26.78 5.75 41.64
C TYR B 636 -26.45 5.16 43.01
N TRP B 637 -25.18 5.30 43.43
CA TRP B 637 -24.78 4.73 44.72
C TRP B 637 -25.50 5.41 45.88
N ILE B 638 -25.91 6.67 45.71
CA ILE B 638 -26.74 7.31 46.73
C ILE B 638 -28.13 6.69 46.74
N ALA B 639 -28.68 6.38 45.57
CA ALA B 639 -30.03 5.84 45.50
C ALA B 639 -30.09 4.39 45.94
N SER B 640 -29.06 3.59 45.62
CA SER B 640 -29.07 2.16 45.89
C SER B 640 -28.33 1.79 47.18
N HIS B 641 -28.02 2.76 48.03
CA HIS B 641 -27.29 2.47 49.25
C HIS B 641 -28.21 1.85 50.29
N THR B 642 -27.78 0.73 50.88
CA THR B 642 -28.51 0.07 51.94
C THR B 642 -27.55 -0.27 53.07
N THR B 643 -28.12 -0.57 54.23
CA THR B 643 -27.33 -0.90 55.42
C THR B 643 -27.12 -2.39 55.60
N GLU B 644 -27.45 -3.20 54.59
CA GLU B 644 -27.27 -4.63 54.71
C GLU B 644 -25.79 -5.01 54.59
N GLU B 645 -25.39 -6.07 55.29
CA GLU B 645 -24.02 -6.54 55.33
C GLU B 645 -23.68 -7.47 54.17
N ARG B 646 -24.17 -7.17 52.97
CA ARG B 646 -23.95 -8.05 51.83
C ARG B 646 -22.47 -8.13 51.47
N GLY B 647 -22.02 -9.31 51.08
CA GLY B 647 -20.65 -9.51 50.69
C GLY B 647 -20.50 -10.78 49.89
N LEU B 648 -19.26 -11.27 49.83
CA LEU B 648 -18.98 -12.49 49.10
C LEU B 648 -17.66 -13.07 49.58
N ASN B 649 -17.51 -14.39 49.37
CA ASN B 649 -16.27 -15.10 49.63
C ASN B 649 -15.61 -15.45 48.31
N VAL B 650 -14.31 -15.18 48.20
CA VAL B 650 -13.57 -15.42 46.97
C VAL B 650 -12.24 -16.10 47.33
N THR B 651 -11.88 -17.11 46.56
CA THR B 651 -10.64 -17.86 46.76
C THR B 651 -9.87 -17.87 45.45
N LEU B 652 -8.65 -17.32 45.48
CA LEU B 652 -7.80 -17.23 44.30
C LEU B 652 -6.53 -18.05 44.52
N SER B 653 -6.12 -18.77 43.47
CA SER B 653 -4.92 -19.59 43.55
C SER B 653 -4.26 -19.62 42.17
N SER B 654 -2.94 -19.80 42.17
CA SER B 654 -2.17 -19.85 40.93
C SER B 654 -0.82 -20.50 41.21
N THR B 655 -0.37 -21.31 40.27
CA THR B 655 0.94 -21.96 40.37
C THR B 655 1.97 -21.05 39.70
N GLY B 656 2.50 -20.12 40.48
CA GLY B 656 3.52 -19.20 40.00
C GLY B 656 4.91 -19.81 40.03
N ARG B 657 5.89 -18.95 39.77
CA ARG B 657 7.29 -19.38 39.84
C ARG B 657 7.77 -19.54 41.27
N ASN B 658 7.08 -18.96 42.24
CA ASN B 658 7.42 -19.07 43.65
C ASN B 658 6.59 -20.15 44.36
N GLY B 659 6.01 -21.08 43.60
CA GLY B 659 5.21 -22.14 44.16
C GLY B 659 3.72 -21.82 44.14
N PHE B 660 2.93 -22.83 44.48
CA PHE B 660 1.48 -22.69 44.51
C PHE B 660 1.08 -21.77 45.65
N LYS B 661 0.42 -20.66 45.32
CA LYS B 661 -0.09 -19.72 46.30
C LYS B 661 -1.61 -19.68 46.23
N SER B 662 -2.24 -19.54 47.39
CA SER B 662 -3.70 -19.50 47.47
C SER B 662 -4.10 -18.49 48.54
N HIS B 663 -5.09 -17.66 48.21
CA HIS B 663 -5.58 -16.64 49.12
C HIS B 663 -7.10 -16.75 49.24
N ALA B 664 -7.59 -16.72 50.48
CA ALA B 664 -9.02 -16.74 50.77
C ALA B 664 -9.39 -15.40 51.40
N LEU B 665 -10.34 -14.70 50.78
CA LEU B 665 -10.67 -13.33 51.17
C LEU B 665 -12.10 -13.24 51.66
N GLN B 666 -12.31 -12.41 52.69
CA GLN B 666 -13.64 -12.08 53.20
C GLN B 666 -13.96 -10.66 52.74
N LEU B 667 -14.94 -10.54 51.85
CA LEU B 667 -15.31 -9.26 51.26
C LEU B 667 -16.75 -8.92 51.60
N ASN B 668 -17.00 -7.64 51.88
CA ASN B 668 -18.34 -7.15 52.15
C ASN B 668 -18.40 -5.67 51.81
N ASN B 669 -19.56 -5.06 52.02
CA ASN B 669 -19.77 -3.67 51.60
C ASN B 669 -19.01 -2.68 52.48
N ARG B 670 -18.69 -3.05 53.72
CA ARG B 670 -18.14 -2.09 54.67
C ARG B 670 -16.66 -1.79 54.43
N GLN B 671 -15.97 -2.58 53.62
CA GLN B 671 -14.52 -2.47 53.53
C GLN B 671 -14.09 -1.37 52.55
N ILE B 672 -12.85 -0.93 52.72
CA ILE B 672 -12.16 -0.06 51.76
C ILE B 672 -10.91 -0.81 51.32
N ARG B 673 -10.90 -1.25 50.07
CA ARG B 673 -9.84 -2.09 49.54
C ARG B 673 -9.16 -1.39 48.38
N GLY B 674 -7.83 -1.28 48.45
CA GLY B 674 -7.09 -0.53 47.45
C GLY B 674 -5.76 -1.11 47.04
N LEU B 675 -4.76 -0.24 46.88
CA LEU B 675 -3.46 -0.66 46.35
C LEU B 675 -2.76 -1.64 47.28
N GLU B 676 -2.84 -1.42 48.59
CA GLU B 676 -2.11 -2.26 49.53
C GLU B 676 -2.68 -3.68 49.63
N GLU B 677 -3.90 -3.91 49.13
CA GLU B 677 -4.53 -5.21 49.22
C GLU B 677 -4.44 -6.03 47.94
N GLU B 678 -3.88 -5.48 46.87
CA GLU B 678 -3.85 -6.20 45.61
C GLU B 678 -2.87 -7.38 45.69
N LEU B 679 -3.19 -8.43 44.97
CA LEU B 679 -2.42 -9.66 44.98
C LEU B 679 -1.44 -9.71 43.82
N GLN B 680 -0.40 -10.52 43.97
CA GLN B 680 0.65 -10.66 42.98
C GLN B 680 0.73 -12.11 42.54
N PHE B 681 0.60 -12.35 41.23
CA PHE B 681 0.75 -13.66 40.63
C PHE B 681 1.69 -13.55 39.44
N SER B 682 2.14 -14.70 38.96
CA SER B 682 3.06 -14.72 37.83
C SER B 682 2.36 -14.33 36.55
N LEU B 683 3.11 -13.66 35.66
CA LEU B 683 2.54 -13.16 34.42
C LEU B 683 2.03 -14.30 33.54
N GLY B 684 2.82 -15.37 33.42
CA GLY B 684 2.46 -16.45 32.51
C GLY B 684 1.47 -17.45 33.09
N SER B 685 1.45 -17.60 34.41
CA SER B 685 0.64 -18.64 35.03
C SER B 685 -0.82 -18.23 35.09
N LYS B 686 -1.70 -19.19 34.81
CA LYS B 686 -3.13 -18.96 34.95
C LYS B 686 -3.52 -18.88 36.42
N ILE B 687 -4.65 -18.23 36.68
CA ILE B 687 -5.17 -18.04 38.03
C ILE B 687 -6.58 -18.60 38.08
N ASN B 688 -6.89 -19.31 39.17
CA ASN B 688 -8.19 -19.93 39.38
C ASN B 688 -8.93 -19.20 40.49
N VAL B 689 -10.17 -18.81 40.21
CA VAL B 689 -10.98 -18.02 41.14
C VAL B 689 -12.25 -18.80 41.45
N LYS B 690 -12.57 -18.91 42.74
CA LYS B 690 -13.79 -19.55 43.21
C LYS B 690 -14.58 -18.54 44.04
N VAL B 691 -15.80 -18.25 43.61
CA VAL B 691 -16.61 -17.21 44.23
C VAL B 691 -17.80 -17.84 44.92
N GLY B 692 -18.24 -17.20 46.00
CA GLY B 692 -19.41 -17.63 46.75
C GLY B 692 -19.92 -16.56 47.69
N GLY B 693 -21.23 -16.37 47.74
CA GLY B 693 -21.79 -15.36 48.62
C GLY B 693 -23.21 -15.00 48.21
N ASN B 694 -23.65 -13.84 48.67
CA ASN B 694 -25.02 -13.36 48.45
C ASN B 694 -25.06 -12.04 47.69
N SER B 695 -23.94 -11.59 47.12
CA SER B 695 -23.92 -10.32 46.40
C SER B 695 -22.86 -10.40 45.30
N LYS B 696 -23.08 -9.60 44.25
CA LYS B 696 -22.15 -9.57 43.13
C LYS B 696 -20.96 -8.68 43.44
N GLY B 697 -19.85 -8.96 42.76
CA GLY B 697 -18.62 -8.20 42.94
C GLY B 697 -17.93 -7.87 41.63
N THR B 698 -16.67 -7.46 41.72
CA THR B 698 -15.89 -7.10 40.53
C THR B 698 -14.43 -7.46 40.77
N LEU B 699 -13.82 -8.10 39.77
CA LEU B 699 -12.42 -8.49 39.82
C LEU B 699 -11.70 -7.86 38.64
N LYS B 700 -10.60 -7.16 38.91
CA LYS B 700 -9.78 -6.53 37.88
C LYS B 700 -8.36 -7.08 37.94
N VAL B 701 -7.78 -7.30 36.77
CA VAL B 701 -6.39 -7.75 36.66
C VAL B 701 -5.62 -6.74 35.83
N LEU B 702 -4.37 -6.49 36.23
CA LEU B 702 -3.47 -5.59 35.51
C LEU B 702 -2.21 -6.36 35.15
N ARG B 703 -1.93 -6.48 33.86
CA ARG B 703 -0.74 -7.14 33.35
C ARG B 703 0.07 -6.11 32.57
N THR B 704 1.17 -5.64 33.14
CA THR B 704 2.05 -4.67 32.50
C THR B 704 3.42 -5.32 32.30
N TYR B 705 3.92 -5.25 31.07
CA TYR B 705 5.18 -5.89 30.72
C TYR B 705 5.80 -5.14 29.55
N ASN B 706 7.08 -5.44 29.29
CA ASN B 706 7.84 -4.80 28.23
C ASN B 706 7.81 -5.66 26.98
N VAL B 707 7.53 -5.03 25.84
CA VAL B 707 7.47 -5.72 24.56
C VAL B 707 8.62 -5.26 23.69
N LEU B 708 9.07 -6.14 22.81
CA LEU B 708 10.14 -5.83 21.85
C LEU B 708 9.60 -5.48 20.46
N ASP B 709 8.28 -5.46 20.29
CA ASP B 709 7.70 -5.10 19.01
C ASP B 709 6.24 -4.71 19.23
N MET B 710 5.73 -3.90 18.31
CA MET B 710 4.34 -3.46 18.37
C MET B 710 3.46 -4.39 17.54
N LYS B 711 2.16 -4.38 17.87
CA LYS B 711 1.20 -5.21 17.17
C LYS B 711 1.12 -4.80 15.70
N ASN B 712 0.62 -5.72 14.88
CA ASN B 712 0.45 -5.44 13.46
C ASN B 712 -0.79 -4.60 13.17
N THR B 713 -1.72 -4.52 14.12
CA THR B 713 -2.96 -3.76 13.95
C THR B 713 -3.00 -2.51 14.82
N THR B 714 -1.84 -2.03 15.29
CA THR B 714 -1.84 -0.94 16.26
C THR B 714 -2.18 0.39 15.60
N CYS B 715 -1.74 0.61 14.37
CA CYS B 715 -1.87 1.91 13.70
C CYS B 715 -2.74 1.74 12.45
N GLN B 716 -4.05 1.64 12.66
CA GLN B 716 -5.00 1.58 11.56
C GLN B 716 -5.43 2.97 11.11
N ASP B 717 -5.70 3.87 12.06
CA ASP B 717 -6.11 5.23 11.73
C ASP B 717 -4.96 6.21 11.88
N LEU B 718 -4.70 6.64 13.10
CA LEU B 718 -3.66 7.63 13.36
C LEU B 718 -2.28 7.04 13.10
N GLN B 719 -1.36 7.90 12.66
CA GLN B 719 0.01 7.50 12.34
C GLN B 719 0.98 8.49 12.98
N ILE B 720 2.07 7.95 13.53
CA ILE B 720 3.15 8.76 14.08
C ILE B 720 4.47 8.16 13.62
N GLU B 721 5.38 9.02 13.16
CA GLU B 721 6.69 8.60 12.68
C GLU B 721 7.75 9.50 13.32
N VAL B 722 8.70 8.89 14.01
CA VAL B 722 9.74 9.61 14.73
C VAL B 722 11.10 9.23 14.13
N THR B 723 11.87 10.24 13.75
CA THR B 723 13.24 10.06 13.27
C THR B 723 14.15 11.04 13.98
N VAL B 724 15.44 10.70 14.02
CA VAL B 724 16.44 11.50 14.72
C VAL B 724 17.72 11.49 13.90
N LYS B 725 18.39 12.64 13.86
CA LYS B 725 19.65 12.79 13.14
C LYS B 725 20.68 13.47 14.03
N GLY B 726 21.95 13.17 13.78
CA GLY B 726 23.02 13.81 14.51
C GLY B 726 23.10 15.30 14.22
N HIS B 727 23.77 16.02 15.12
CA HIS B 727 23.83 17.47 15.01
C HIS B 727 24.64 17.90 13.79
N VAL B 728 25.78 17.27 13.54
CA VAL B 728 26.58 17.62 12.37
C VAL B 728 25.86 17.25 11.09
N GLU B 729 25.09 16.15 11.11
CA GLU B 729 24.33 15.74 9.93
C GLU B 729 23.15 16.68 9.70
N TYR B 730 22.51 17.12 10.78
CA TYR B 730 21.32 17.96 10.67
C TYR B 730 21.68 19.40 10.29
N THR B 731 22.76 19.94 10.86
CA THR B 731 23.11 21.33 10.59
C THR B 731 23.55 21.52 9.14
N MET B 732 24.39 20.62 8.63
CA MET B 732 24.78 20.69 7.22
C MET B 732 23.57 20.51 6.32
N GLU B 733 22.62 19.67 6.73
CA GLU B 733 21.38 19.52 5.98
C GLU B 733 20.49 20.75 6.11
N ALA B 734 20.62 21.50 7.21
CA ALA B 734 19.86 22.72 7.37
C ALA B 734 20.40 23.83 6.47
N ASN B 735 21.73 23.97 6.41
CA ASN B 735 22.39 24.92 5.52
C ASN B 735 22.62 24.34 4.13
N GLU B 736 21.78 23.41 3.69
CA GLU B 736 22.04 22.64 2.49
C GLU B 736 21.61 23.40 1.24
N ASP B 737 22.48 23.43 0.24
CA ASP B 737 22.10 23.81 -1.11
C ASP B 737 22.51 22.66 -2.03
N GLU B 739 21.07 19.55 -5.17
CA GLU B 739 20.25 19.37 -6.36
C GLU B 739 20.15 20.66 -7.15
N ASP B 740 21.16 21.51 -6.98
CA ASP B 740 21.30 22.75 -7.74
C ASP B 740 22.77 23.19 -7.72
N VAL C 5 27.80 23.66 34.77
CA VAL C 5 28.68 22.77 34.03
C VAL C 5 29.48 23.55 33.00
N VAL C 6 30.51 22.93 32.44
CA VAL C 6 31.38 23.59 31.47
C VAL C 6 32.00 22.53 30.57
N GLU C 7 31.92 22.75 29.26
CA GLU C 7 32.60 21.96 28.24
C GLU C 7 32.13 20.51 28.32
N GLU C 8 33.02 19.54 28.61
CA GLU C 8 32.70 18.11 28.67
C GLU C 8 32.30 17.52 27.31
N GLN C 9 32.20 18.36 26.28
CA GLN C 9 31.79 17.93 24.95
C GLN C 9 30.47 17.16 25.00
N GLU C 10 29.35 17.87 25.10
CA GLU C 10 28.05 17.23 25.21
C GLU C 10 27.58 16.73 23.85
N SER C 11 26.80 15.64 23.89
CA SER C 11 26.26 15.03 22.69
C SER C 11 24.89 15.61 22.39
N ARG C 12 24.66 16.00 21.15
CA ARG C 12 23.42 16.65 20.74
C ARG C 12 22.86 15.99 19.49
N VAL C 13 21.54 15.83 19.45
CA VAL C 13 20.84 15.26 18.31
C VAL C 13 19.63 16.14 18.01
N HIS C 14 19.00 15.87 16.86
CA HIS C 14 17.83 16.60 16.41
C HIS C 14 16.70 15.62 16.12
N TYR C 15 15.55 15.84 16.75
CA TYR C 15 14.39 14.99 16.57
C TYR C 15 13.50 15.50 15.44
N THR C 16 12.66 14.60 14.93
CA THR C 16 11.63 14.97 13.94
C THR C 16 10.45 14.04 14.16
N VAL C 17 9.31 14.59 14.57
CA VAL C 17 8.11 13.83 14.87
C VAL C 17 7.02 14.27 13.91
N CYS C 18 6.61 13.36 13.02
CA CYS C 18 5.56 13.62 12.06
C CYS C 18 4.32 12.82 12.44
N ILE C 19 3.15 13.44 12.31
CA ILE C 19 1.88 12.80 12.59
C ILE C 19 0.92 13.07 11.44
N TRP C 20 0.04 12.09 11.17
CA TRP C 20 -1.03 12.27 10.20
C TRP C 20 -2.08 11.19 10.46
N ARG C 21 -3.25 11.40 9.85
CA ARG C 21 -4.40 10.53 10.06
C ARG C 21 -4.88 10.00 8.72
N ASN C 22 -4.99 8.68 8.61
CA ASN C 22 -5.54 8.03 7.42
C ASN C 22 -7.04 7.89 7.56
N GLY C 23 -7.78 8.30 6.54
CA GLY C 23 -9.22 8.23 6.55
C GLY C 23 -9.86 9.36 7.34
N LYS C 24 -11.16 9.51 7.15
CA LYS C 24 -11.93 10.57 7.81
C LYS C 24 -12.55 10.11 9.11
N VAL C 25 -12.34 8.87 9.52
CA VAL C 25 -12.86 8.39 10.80
C VAL C 25 -11.99 8.92 11.93
N GLY C 26 -12.64 9.30 13.03
CA GLY C 26 -11.92 9.94 14.12
C GLY C 26 -11.36 11.29 13.74
N LEU C 27 -12.10 12.06 12.95
CA LEU C 27 -11.61 13.33 12.44
C LEU C 27 -11.46 14.35 13.56
N SER C 28 -10.36 15.11 13.51
CA SER C 28 -10.06 16.18 14.45
C SER C 28 -9.98 15.66 15.89
N GLY C 29 -10.21 16.54 16.85
CA GLY C 29 -10.05 16.16 18.24
C GLY C 29 -8.62 16.31 18.72
N MET C 30 -8.48 16.69 19.99
CA MET C 30 -7.14 16.91 20.55
C MET C 30 -6.41 15.58 20.69
N ALA C 31 -5.15 15.56 20.26
CA ALA C 31 -4.30 14.37 20.35
C ALA C 31 -3.00 14.74 21.05
N ILE C 32 -2.39 13.73 21.69
CA ILE C 32 -1.16 13.90 22.45
C ILE C 32 -0.08 13.02 21.84
N ALA C 33 1.07 13.60 21.55
CA ALA C 33 2.24 12.86 21.07
C ALA C 33 3.18 12.67 22.25
N ASP C 34 3.35 11.42 22.68
CA ASP C 34 4.21 11.07 23.80
C ASP C 34 5.48 10.43 23.25
N VAL C 35 6.60 11.13 23.37
CA VAL C 35 7.89 10.66 22.89
C VAL C 35 8.76 10.33 24.09
N THR C 36 9.16 9.07 24.21
CA THR C 36 10.10 8.64 25.24
C THR C 36 11.50 8.81 24.69
N LEU C 37 12.24 9.76 25.24
CA LEU C 37 13.56 10.09 24.73
C LEU C 37 14.54 8.94 24.98
N LEU C 38 15.60 8.92 24.17
CA LEU C 38 16.67 7.95 24.37
C LEU C 38 17.35 8.19 25.71
N SER C 39 17.95 7.12 26.24
CA SER C 39 18.54 7.18 27.58
C SER C 39 19.67 8.19 27.63
N GLY C 40 19.66 9.03 28.67
CA GLY C 40 20.66 10.05 28.85
C GLY C 40 20.33 11.39 28.24
N PHE C 41 19.42 11.45 27.27
CA PHE C 41 19.07 12.68 26.59
C PHE C 41 17.89 13.36 27.26
N HIS C 42 17.88 14.70 27.18
CA HIS C 42 16.73 15.49 27.57
C HIS C 42 16.49 16.53 26.47
N ALA C 43 15.22 16.77 26.17
CA ALA C 43 14.88 17.68 25.08
C ALA C 43 15.27 19.11 25.41
N LEU C 44 15.79 19.82 24.41
CA LEU C 44 16.20 21.20 24.61
C LEU C 44 14.96 22.08 24.74
N ARG C 45 14.86 22.79 25.87
CA ARG C 45 13.67 23.58 26.16
C ARG C 45 13.53 24.77 25.21
N ALA C 46 14.65 25.30 24.72
CA ALA C 46 14.61 26.51 23.91
C ALA C 46 13.88 26.27 22.60
N ASP C 47 14.20 25.18 21.90
CA ASP C 47 13.58 24.92 20.61
C ASP C 47 12.12 24.52 20.75
N LEU C 48 11.75 23.88 21.87
CA LEU C 48 10.36 23.46 22.06
C LEU C 48 9.43 24.65 22.15
N GLU C 49 9.87 25.73 22.79
CA GLU C 49 9.04 26.93 22.89
C GLU C 49 8.79 27.58 21.54
N LYS C 50 9.68 27.36 20.57
CA LYS C 50 9.48 27.94 19.23
C LYS C 50 8.28 27.34 18.53
N LEU C 51 7.89 26.10 18.88
CA LEU C 51 6.73 25.49 18.23
C LEU C 51 5.43 26.15 18.65
N THR C 52 5.36 26.70 19.86
CA THR C 52 4.12 27.22 20.41
C THR C 52 4.07 28.74 20.51
N SER C 53 5.20 29.40 20.78
CA SER C 53 5.19 30.83 21.04
C SER C 53 5.20 31.69 19.79
N LEU C 54 5.74 31.19 18.68
CA LEU C 54 5.81 31.98 17.46
C LEU C 54 4.41 32.18 16.88
N SER C 55 4.33 33.04 15.86
CA SER C 55 3.09 33.20 15.10
C SER C 55 2.67 31.91 14.43
N ASP C 56 3.62 30.99 14.21
CA ASP C 56 3.31 29.67 13.68
C ASP C 56 2.85 28.77 14.82
N ARG C 57 1.65 28.21 14.69
CA ARG C 57 1.08 27.31 15.70
C ARG C 57 1.36 25.87 15.26
N TYR C 58 2.52 25.36 15.62
CA TYR C 58 2.87 23.97 15.35
C TYR C 58 2.53 23.04 16.51
N VAL C 59 2.39 23.59 17.72
CA VAL C 59 1.95 22.82 18.87
C VAL C 59 1.26 23.77 19.83
N SER C 60 0.34 23.24 20.64
CA SER C 60 -0.43 24.06 21.55
C SER C 60 0.17 24.11 22.96
N HIS C 61 0.92 23.07 23.34
CA HIS C 61 1.54 22.99 24.66
C HIS C 61 2.52 21.83 24.63
N PHE C 62 3.45 21.85 25.58
CA PHE C 62 4.43 20.77 25.68
C PHE C 62 4.85 20.59 27.13
N GLU C 63 5.07 19.34 27.52
CA GLU C 63 5.55 18.99 28.85
C GLU C 63 6.80 18.13 28.71
N THR C 64 7.77 18.36 29.59
CA THR C 64 9.07 17.70 29.53
C THR C 64 9.41 16.99 30.83
N GLU C 65 8.39 16.53 31.56
CA GLU C 65 8.61 15.89 32.84
C GLU C 65 9.14 14.47 32.64
N GLY C 66 10.34 14.22 33.14
CA GLY C 66 10.97 12.93 33.00
C GLY C 66 11.68 12.79 31.67
N PRO C 67 11.91 11.55 31.24
CA PRO C 67 12.50 11.33 29.91
C PRO C 67 11.46 11.33 28.80
N HIS C 68 10.30 11.95 29.07
CA HIS C 68 9.19 11.99 28.14
C HIS C 68 8.96 13.41 27.64
N VAL C 69 8.54 13.51 26.38
CA VAL C 69 8.14 14.77 25.77
C VAL C 69 6.67 14.65 25.36
N LEU C 70 5.82 15.45 25.99
CA LEU C 70 4.38 15.41 25.75
C LEU C 70 4.01 16.59 24.87
N LEU C 71 3.47 16.31 23.69
CA LEU C 71 3.08 17.33 22.73
C LEU C 71 1.57 17.33 22.56
N TYR C 72 0.97 18.52 22.67
CA TYR C 72 -0.48 18.69 22.56
C TYR C 72 -0.81 19.26 21.18
N PHE C 73 -1.47 18.45 20.35
CA PHE C 73 -1.92 18.86 19.04
C PHE C 73 -3.42 19.07 19.03
N ASP C 74 -3.88 20.17 18.45
CA ASP C 74 -5.31 20.45 18.40
C ASP C 74 -6.03 19.46 17.48
N SER C 75 -5.40 19.09 16.37
CA SER C 75 -6.01 18.17 15.42
C SER C 75 -4.92 17.44 14.66
N VAL C 76 -5.26 16.26 14.16
CA VAL C 76 -4.34 15.42 13.39
C VAL C 76 -4.69 15.60 11.91
N PRO C 77 -3.76 16.06 11.08
CA PRO C 77 -4.08 16.32 9.68
C PRO C 77 -4.02 15.07 8.82
N THR C 78 -4.61 15.16 7.63
CA THR C 78 -4.54 14.06 6.68
C THR C 78 -3.15 13.97 6.05
N SER C 79 -2.57 15.10 5.68
CA SER C 79 -1.20 15.15 5.18
C SER C 79 -0.23 15.32 6.33
N ARG C 80 1.04 14.98 6.07
CA ARG C 80 2.05 14.97 7.12
C ARG C 80 2.25 16.36 7.71
N GLU C 81 2.28 16.43 9.04
CA GLU C 81 2.73 17.61 9.77
C GLU C 81 3.82 17.16 10.73
N CYS C 82 4.96 17.83 10.69
CA CYS C 82 6.15 17.41 11.40
C CYS C 82 6.62 18.48 12.37
N VAL C 83 7.16 18.03 13.50
CA VAL C 83 7.70 18.89 14.54
C VAL C 83 9.08 18.39 14.91
N GLY C 84 10.04 19.30 15.06
CA GLY C 84 11.39 18.94 15.41
C GLY C 84 11.90 19.78 16.58
N PHE C 85 12.91 19.22 17.25
CA PHE C 85 13.52 19.88 18.39
C PHE C 85 14.86 19.22 18.70
N GLU C 86 15.73 19.98 19.34
CA GLU C 86 17.04 19.47 19.72
C GLU C 86 16.97 18.70 21.03
N ALA C 87 17.89 17.74 21.18
CA ALA C 87 18.04 16.99 22.41
C ALA C 87 19.52 16.91 22.75
N VAL C 88 19.86 17.03 24.03
CA VAL C 88 21.23 17.06 24.48
C VAL C 88 21.43 15.99 25.55
N GLN C 89 22.53 15.25 25.45
CA GLN C 89 22.85 14.19 26.39
C GLN C 89 23.67 14.79 27.54
N GLU C 90 23.13 14.76 28.76
CA GLU C 90 23.84 15.31 29.90
C GLU C 90 24.98 14.39 30.34
N VAL C 91 24.73 13.09 30.42
CA VAL C 91 25.71 12.10 30.83
C VAL C 91 25.87 11.10 29.70
N PRO C 92 27.09 10.87 29.20
CA PRO C 92 27.26 10.00 28.03
C PRO C 92 26.81 8.57 28.31
N VAL C 93 25.87 8.10 27.50
CA VAL C 93 25.38 6.73 27.53
C VAL C 93 25.60 6.12 26.15
N GLY C 94 26.33 5.01 26.10
CA GLY C 94 26.59 4.31 24.86
C GLY C 94 25.76 3.04 24.76
N LEU C 95 25.77 2.47 23.55
CA LEU C 95 25.00 1.27 23.23
C LEU C 95 23.52 1.49 23.53
N VAL C 96 23.02 2.65 23.08
CA VAL C 96 21.66 3.06 23.42
C VAL C 96 20.65 2.14 22.74
N GLN C 97 19.56 1.87 23.45
CA GLN C 97 18.49 1.01 22.98
C GLN C 97 17.32 1.84 22.46
N PRO C 98 16.60 1.34 21.46
CA PRO C 98 15.48 2.11 20.91
C PRO C 98 14.37 2.30 21.94
N ALA C 99 13.63 3.39 21.76
CA ALA C 99 12.53 3.74 22.64
C ALA C 99 11.25 3.89 21.84
N SER C 100 10.14 4.07 22.55
CA SER C 100 8.81 4.12 21.95
C SER C 100 8.28 5.55 21.93
N ALA C 101 7.44 5.83 20.93
CA ALA C 101 6.71 7.08 20.83
C ALA C 101 5.25 6.75 20.52
N THR C 102 4.32 7.48 21.13
CA THR C 102 2.91 7.14 21.06
C THR C 102 2.08 8.38 20.77
N LEU C 103 1.17 8.26 19.80
CA LEU C 103 0.21 9.30 19.46
C LEU C 103 -1.18 8.73 19.67
N TYR C 104 -2.01 9.45 20.43
CA TYR C 104 -3.34 8.95 20.77
C TYR C 104 -4.33 10.10 20.88
N ASP C 105 -5.58 9.81 20.53
CA ASP C 105 -6.66 10.77 20.75
C ASP C 105 -6.94 10.86 22.24
N TYR C 106 -6.93 12.10 22.77
CA TYR C 106 -7.04 12.28 24.21
C TYR C 106 -8.40 11.84 24.72
N TYR C 107 -9.48 12.27 24.07
CA TYR C 107 -10.83 11.94 24.49
C TYR C 107 -11.35 10.64 23.89
N ASN C 108 -10.54 9.96 23.08
CA ASN C 108 -10.85 8.62 22.59
C ASN C 108 -9.56 7.81 22.57
N PRO C 109 -9.07 7.39 23.74
CA PRO C 109 -7.76 6.72 23.80
C PRO C 109 -7.72 5.36 23.12
N GLU C 110 -8.84 4.86 22.59
CA GLU C 110 -8.81 3.61 21.85
C GLU C 110 -8.19 3.80 20.47
N ARG C 111 -8.31 5.00 19.90
CA ARG C 111 -7.65 5.34 18.64
C ARG C 111 -6.26 5.85 18.98
N ARG C 112 -5.24 5.01 18.76
CA ARG C 112 -3.88 5.34 19.14
C ARG C 112 -2.91 4.67 18.18
N CYS C 113 -1.64 5.05 18.28
CA CYS C 113 -0.60 4.48 17.43
C CYS C 113 0.74 4.59 18.16
N SER C 114 1.40 3.46 18.37
CA SER C 114 2.68 3.40 19.04
C SER C 114 3.73 2.83 18.08
N VAL C 115 4.94 3.38 18.14
CA VAL C 115 5.99 3.00 17.20
C VAL C 115 7.34 3.09 17.91
N PHE C 116 8.27 2.25 17.48
CA PHE C 116 9.64 2.28 17.98
C PHE C 116 10.50 3.18 17.10
N TYR C 117 11.53 3.78 17.72
CA TYR C 117 12.51 4.57 16.98
C TYR C 117 13.86 4.39 17.66
N GLY C 118 14.92 4.43 16.84
CA GLY C 118 16.26 4.20 17.34
C GLY C 118 17.20 5.32 16.96
N ALA C 119 18.43 5.22 17.49
CA ALA C 119 19.46 6.21 17.22
C ALA C 119 19.83 6.21 15.75
N PRO C 120 20.38 7.32 15.24
CA PRO C 120 20.78 7.36 13.83
C PRO C 120 21.83 6.32 13.51
N SER C 121 21.74 5.75 12.32
CA SER C 121 22.72 4.76 11.89
C SER C 121 24.08 5.39 11.73
N LYS C 122 25.13 4.63 12.05
CA LYS C 122 26.52 5.10 12.01
C LYS C 122 26.74 6.28 12.96
N SER C 123 26.10 6.23 14.12
CA SER C 123 26.31 7.19 15.18
C SER C 123 27.09 6.54 16.33
N ARG C 124 27.87 7.36 17.03
CA ARG C 124 28.68 6.83 18.12
C ARG C 124 27.86 6.36 19.31
N LEU C 125 26.56 6.68 19.34
CA LEU C 125 25.71 6.24 20.44
C LEU C 125 25.51 4.74 20.42
N LEU C 126 25.62 4.12 19.24
CA LEU C 126 25.47 2.67 19.15
C LEU C 126 26.75 1.93 19.52
N ALA C 127 27.87 2.62 19.59
CA ALA C 127 29.14 2.01 19.96
C ALA C 127 29.28 1.99 21.48
N THR C 128 30.04 1.02 21.98
CA THR C 128 30.22 0.87 23.42
C THR C 128 31.12 1.96 23.97
N LEU C 129 31.02 2.15 25.29
CA LEU C 129 31.88 3.09 26.01
C LEU C 129 32.56 2.44 27.21
N CYS C 130 32.54 1.11 27.30
CA CYS C 130 33.05 0.42 28.47
C CYS C 130 34.58 0.44 28.50
N SER C 131 35.14 0.60 29.69
CA SER C 131 36.56 0.38 29.89
C SER C 131 36.88 -1.11 29.77
N ALA C 132 38.16 -1.40 29.51
CA ALA C 132 38.56 -2.75 29.13
C ALA C 132 38.04 -3.80 30.11
N GLU C 133 38.29 -3.61 31.41
CA GLU C 133 37.83 -4.60 32.38
C GLU C 133 36.32 -4.57 32.54
N VAL C 134 35.69 -3.43 32.30
CA VAL C 134 34.23 -3.35 32.38
C VAL C 134 33.58 -4.15 31.26
N CYS C 135 34.18 -4.11 30.06
CA CYS C 135 33.64 -4.89 28.96
C CYS C 135 33.71 -6.38 29.25
N GLN C 136 34.80 -6.83 29.88
CA GLN C 136 34.90 -8.24 30.28
C GLN C 136 33.85 -8.59 31.31
N CYS C 137 33.56 -7.68 32.24
CA CYS C 137 32.47 -7.88 33.18
C CYS C 137 31.12 -7.84 32.46
N ALA C 138 30.99 -6.99 31.44
CA ALA C 138 29.70 -6.81 30.78
C ALA C 138 29.23 -8.09 30.09
N GLU C 139 30.14 -8.81 29.43
CA GLU C 139 29.79 -10.04 28.75
C GLU C 139 29.74 -11.25 29.67
N GLY C 140 29.81 -11.04 30.99
CA GLY C 140 29.63 -12.14 31.94
C GLY C 140 28.24 -12.74 31.91
N LYS C 141 27.26 -11.99 31.40
CA LYS C 141 25.90 -12.49 31.20
C LYS C 141 25.65 -12.93 29.76
N CYS C 142 26.58 -12.65 28.84
CA CYS C 142 26.48 -12.95 27.42
C CYS C 142 26.92 -14.39 27.14
N PRO C 143 26.35 -15.01 26.10
CA PRO C 143 26.73 -16.38 25.76
C PRO C 143 28.16 -16.44 25.23
N ARG C 144 28.79 -17.59 25.47
CA ARG C 144 30.17 -17.79 25.03
C ARG C 144 30.22 -17.95 23.51
N GLN C 145 31.17 -17.24 22.89
CA GLN C 145 31.35 -17.26 21.44
C GLN C 145 32.58 -18.09 21.11
N ARG C 146 32.37 -19.21 20.40
CA ARG C 146 33.46 -20.08 19.99
C ARG C 146 33.14 -20.66 18.62
N ARG C 147 34.20 -20.89 17.84
CA ARG C 147 34.05 -21.57 16.57
C ARG C 147 34.05 -23.08 16.81
N ALA C 148 33.97 -23.84 15.71
CA ALA C 148 33.78 -25.29 15.81
C ALA C 148 34.95 -25.96 16.51
N LEU C 149 34.64 -26.78 17.52
CA LEU C 149 35.62 -27.63 18.21
C LEU C 149 36.73 -26.82 18.87
N GLU C 150 36.44 -25.57 19.24
CA GLU C 150 37.45 -24.73 19.89
C GLU C 150 37.53 -25.05 21.37
N ARG C 151 38.74 -25.29 21.85
CA ARG C 151 38.99 -25.58 23.26
C ARG C 151 39.29 -24.29 24.01
N GLY C 152 38.54 -24.03 25.07
CA GLY C 152 38.86 -22.93 25.95
C GLY C 152 40.09 -23.23 26.78
N LEU C 153 40.65 -22.17 27.38
CA LEU C 153 41.84 -22.33 28.19
C LEU C 153 41.57 -23.21 29.42
N GLN C 154 40.37 -23.12 29.98
CA GLN C 154 39.99 -23.89 31.15
C GLN C 154 39.15 -25.13 30.81
N ASP C 155 38.94 -25.42 29.53
CA ASP C 155 38.11 -26.55 29.13
C ASP C 155 38.93 -27.83 29.25
N GLU C 156 38.75 -28.55 30.36
CA GLU C 156 39.34 -29.86 30.51
C GLU C 156 38.49 -30.89 29.78
N ASP C 157 39.00 -32.13 29.73
CA ASP C 157 38.30 -33.18 29.00
C ASP C 157 36.93 -33.45 29.61
N GLY C 158 35.95 -33.70 28.74
CA GLY C 158 34.59 -33.88 29.19
C GLY C 158 33.88 -32.58 29.52
N TYR C 159 34.30 -31.48 28.90
CA TYR C 159 33.71 -30.18 29.22
C TYR C 159 32.26 -30.07 28.78
N ARG C 160 31.91 -30.71 27.66
CA ARG C 160 30.54 -30.66 27.18
C ARG C 160 29.58 -31.37 28.14
N MET C 161 30.01 -32.51 28.68
CA MET C 161 29.16 -33.23 29.63
C MET C 161 29.07 -32.50 30.96
N LYS C 162 30.17 -31.85 31.38
CA LYS C 162 30.13 -31.07 32.61
C LYS C 162 29.17 -29.88 32.47
N PHE C 163 29.17 -29.22 31.32
CA PHE C 163 28.25 -28.12 31.10
C PHE C 163 26.81 -28.61 31.07
N ALA C 164 26.57 -29.78 30.48
CA ALA C 164 25.20 -30.24 30.28
C ALA C 164 24.58 -30.78 31.55
N CYS C 165 25.37 -31.44 32.40
CA CYS C 165 24.84 -32.21 33.52
C CYS C 165 25.28 -31.73 34.89
N TYR C 166 26.36 -30.97 35.01
CA TYR C 166 26.83 -30.51 36.30
C TYR C 166 26.58 -29.02 36.51
N TYR C 167 27.13 -28.17 35.64
CA TYR C 167 26.94 -26.72 35.76
C TYR C 167 27.09 -26.08 34.38
N PRO C 168 26.14 -25.26 33.94
CA PRO C 168 24.94 -24.82 34.66
C PRO C 168 23.78 -25.81 34.63
N ARG C 169 24.04 -27.06 34.26
CA ARG C 169 23.01 -28.10 34.16
C ARG C 169 21.94 -27.70 33.14
N VAL C 170 22.09 -28.17 31.90
CA VAL C 170 21.23 -27.77 30.81
C VAL C 170 19.84 -28.38 30.98
N GLU C 171 18.82 -27.60 30.63
CA GLU C 171 17.43 -28.08 30.66
C GLU C 171 16.91 -28.47 29.28
N TYR C 172 17.50 -27.95 28.20
CA TYR C 172 17.11 -28.31 26.84
C TYR C 172 18.35 -28.37 25.97
N GLY C 173 18.40 -29.38 25.09
CA GLY C 173 19.51 -29.51 24.17
C GLY C 173 19.06 -29.80 22.75
N PHE C 174 19.31 -28.85 21.85
CA PHE C 174 18.85 -28.96 20.47
C PHE C 174 20.01 -28.83 19.49
N GLN C 175 19.76 -29.26 18.27
CA GLN C 175 20.69 -29.11 17.15
C GLN C 175 19.90 -28.47 16.01
N VAL C 176 20.14 -27.17 15.77
CA VAL C 176 19.28 -26.38 14.90
C VAL C 176 20.08 -25.83 13.73
N LYS C 177 19.35 -25.44 12.69
CA LYS C 177 19.90 -24.78 11.52
C LYS C 177 19.28 -23.39 11.41
N VAL C 178 20.13 -22.37 11.40
CA VAL C 178 19.65 -20.99 11.39
C VAL C 178 19.09 -20.65 10.01
N LEU C 179 17.86 -20.16 9.97
CA LEU C 179 17.18 -19.82 8.72
C LEU C 179 17.24 -18.33 8.39
N ARG C 180 16.99 -17.48 9.38
CA ARG C 180 16.81 -16.05 9.12
C ARG C 180 17.00 -15.27 10.42
N GLU C 181 17.58 -14.08 10.29
CA GLU C 181 17.81 -13.19 11.43
C GLU C 181 16.93 -11.97 11.31
N ASP C 182 16.20 -11.66 12.38
CA ASP C 182 15.39 -10.45 12.47
C ASP C 182 15.88 -9.59 13.64
N SER C 183 15.77 -8.27 13.47
CA SER C 183 16.18 -7.31 14.48
C SER C 183 14.94 -6.73 15.14
N ARG C 184 14.79 -6.97 16.43
CA ARG C 184 13.70 -6.43 17.23
C ARG C 184 14.26 -5.35 18.16
N ALA C 185 13.37 -4.80 19.00
CA ALA C 185 13.77 -3.73 19.91
C ALA C 185 14.75 -4.26 20.95
N ALA C 186 16.01 -3.85 20.84
CA ALA C 186 17.09 -4.21 21.76
C ALA C 186 17.42 -5.70 21.75
N PHE C 187 16.86 -6.46 20.82
CA PHE C 187 17.16 -7.89 20.71
C PHE C 187 17.30 -8.26 19.25
N ARG C 188 18.12 -9.29 19.01
CA ARG C 188 18.22 -9.92 17.69
C ARG C 188 17.56 -11.28 17.74
N LEU C 189 16.71 -11.56 16.76
CA LEU C 189 15.93 -12.78 16.71
C LEU C 189 16.41 -13.66 15.56
N PHE C 190 16.70 -14.93 15.87
CA PHE C 190 17.12 -15.91 14.87
C PHE C 190 16.03 -16.96 14.73
N GLU C 191 15.44 -17.05 13.54
CA GLU C 191 14.48 -18.10 13.23
C GLU C 191 15.24 -19.34 12.80
N THR C 192 15.02 -20.44 13.51
CA THR C 192 15.79 -21.67 13.30
C THR C 192 14.87 -22.85 13.05
N LYS C 193 15.44 -23.91 12.51
CA LYS C 193 14.77 -25.19 12.31
C LYS C 193 15.54 -26.26 13.07
N ILE C 194 14.83 -27.01 13.92
CA ILE C 194 15.48 -28.05 14.71
C ILE C 194 15.80 -29.24 13.80
N THR C 195 17.04 -29.71 13.87
CA THR C 195 17.48 -30.88 13.12
C THR C 195 17.62 -32.12 13.99
N GLN C 196 18.06 -31.96 15.24
CA GLN C 196 18.15 -33.08 16.16
C GLN C 196 17.84 -32.58 17.57
N VAL C 197 17.20 -33.44 18.36
CA VAL C 197 16.80 -33.13 19.72
C VAL C 197 17.56 -34.06 20.67
N LEU C 198 18.20 -33.46 21.68
CA LEU C 198 18.95 -34.22 22.68
C LEU C 198 18.22 -34.31 24.02
N HIS C 199 17.64 -33.21 24.49
CA HIS C 199 16.93 -33.18 25.75
C HIS C 199 16.01 -31.98 25.77
N PHE C 200 14.90 -32.11 26.50
CA PHE C 200 13.94 -31.02 26.64
C PHE C 200 13.15 -31.22 27.93
N THR C 201 12.59 -30.12 28.41
CA THR C 201 11.78 -30.15 29.63
C THR C 201 10.40 -29.55 29.38
N LYS C 202 10.33 -28.24 29.17
CA LYS C 202 9.05 -27.60 28.92
C LYS C 202 8.60 -27.75 27.47
N ASP C 203 9.55 -27.87 26.54
CA ASP C 203 9.24 -27.92 25.11
C ASP C 203 8.86 -29.35 24.72
N VAL C 204 7.66 -29.74 25.11
CA VAL C 204 7.10 -31.00 24.62
C VAL C 204 6.86 -30.90 23.12
N LYS C 205 6.67 -32.06 22.48
CA LYS C 205 6.53 -32.24 21.04
C LYS C 205 7.51 -31.37 20.24
N ALA C 206 8.74 -31.24 20.76
CA ALA C 206 9.84 -30.67 19.99
C ALA C 206 10.51 -31.79 19.21
N ALA C 207 10.67 -31.59 17.90
CA ALA C 207 11.16 -32.64 17.03
C ALA C 207 11.91 -32.02 15.85
N ALA C 208 12.39 -32.88 14.97
CA ALA C 208 13.05 -32.42 13.75
C ALA C 208 12.05 -31.74 12.83
N ASN C 209 12.55 -30.76 12.07
CA ASN C 209 11.78 -29.89 11.18
C ASN C 209 10.82 -28.98 11.93
N GLN C 210 10.74 -29.09 13.25
CA GLN C 210 10.03 -28.09 14.05
C GLN C 210 10.87 -26.83 14.13
N MET C 211 10.20 -25.68 14.17
CA MET C 211 10.88 -24.39 14.15
C MET C 211 10.74 -23.68 15.49
N ARG C 212 11.83 -23.03 15.91
CA ARG C 212 11.89 -22.32 17.18
C ARG C 212 12.53 -20.96 16.95
N ASN C 213 12.44 -20.12 17.98
CA ASN C 213 13.00 -18.77 17.95
C ASN C 213 14.05 -18.64 19.05
N PHE C 214 15.24 -18.18 18.67
CA PHE C 214 16.34 -17.98 19.60
C PHE C 214 16.71 -16.51 19.61
N LEU C 215 16.67 -15.89 20.79
CA LEU C 215 16.93 -14.47 20.95
C LEU C 215 18.18 -14.23 21.77
N VAL C 216 18.85 -13.12 21.50
CA VAL C 216 20.02 -12.69 22.24
C VAL C 216 19.98 -11.17 22.34
N ARG C 217 20.46 -10.64 23.47
CA ARG C 217 20.47 -9.21 23.67
C ARG C 217 21.40 -8.53 22.65
N ALA C 218 21.03 -7.32 22.26
CA ALA C 218 21.83 -6.57 21.29
C ALA C 218 23.22 -6.24 21.82
N SER C 219 23.40 -6.22 23.14
CA SER C 219 24.69 -5.88 23.71
C SER C 219 25.72 -6.98 23.46
N CYS C 220 25.29 -8.23 23.40
CA CYS C 220 26.23 -9.34 23.29
C CYS C 220 26.81 -9.43 21.89
N ARG C 221 28.06 -9.87 21.82
CA ARG C 221 28.82 -9.94 20.57
C ARG C 221 28.59 -11.23 19.80
N LEU C 222 27.68 -12.09 20.26
CA LEU C 222 27.38 -13.32 19.54
C LEU C 222 26.45 -13.03 18.36
N ARG C 223 26.70 -13.71 17.25
CA ARG C 223 25.88 -13.57 16.06
C ARG C 223 25.75 -14.95 15.40
N LEU C 224 24.52 -15.33 15.06
CA LEU C 224 24.25 -16.61 14.42
C LEU C 224 23.96 -16.36 12.95
N GLU C 225 24.93 -16.69 12.09
CA GLU C 225 24.75 -16.46 10.66
C GLU C 225 23.84 -17.52 10.07
N PRO C 226 22.93 -17.13 9.18
CA PRO C 226 22.01 -18.11 8.58
C PRO C 226 22.74 -19.07 7.66
N GLY C 227 22.17 -20.26 7.52
CA GLY C 227 22.74 -21.30 6.69
C GLY C 227 23.66 -22.27 7.41
N LYS C 228 24.04 -21.98 8.65
CA LYS C 228 24.90 -22.85 9.43
C LYS C 228 24.10 -23.62 10.46
N GLU C 229 24.66 -24.74 10.91
CA GLU C 229 24.03 -25.62 11.89
C GLU C 229 24.77 -25.50 13.22
N TYR C 230 24.02 -25.25 14.29
CA TYR C 230 24.59 -25.01 15.61
C TYR C 230 24.06 -26.02 16.62
N LEU C 231 24.91 -26.36 17.58
CA LEU C 231 24.49 -27.09 18.78
C LEU C 231 24.17 -26.07 19.86
N ILE C 232 22.91 -26.04 20.29
CA ILE C 232 22.44 -25.07 21.28
C ILE C 232 21.82 -25.83 22.45
N MET C 233 22.29 -25.52 23.66
CA MET C 233 21.73 -26.12 24.86
C MET C 233 21.79 -25.11 26.00
N GLY C 234 20.73 -25.07 26.79
CA GLY C 234 20.64 -24.15 27.91
C GLY C 234 19.43 -24.40 28.79
N LEU C 235 18.84 -23.34 29.31
CA LEU C 235 17.65 -23.42 30.14
C LEU C 235 16.47 -22.78 29.41
N ASP C 236 15.30 -23.39 29.53
CA ASP C 236 14.13 -22.93 28.80
C ASP C 236 13.61 -21.62 29.39
N GLY C 237 13.17 -20.73 28.51
CA GLY C 237 12.67 -19.43 28.91
C GLY C 237 11.21 -19.44 29.29
N ALA C 238 10.60 -18.26 29.29
CA ALA C 238 9.21 -18.09 29.71
C ALA C 238 8.31 -17.52 28.62
N THR C 239 8.84 -17.17 27.46
CA THR C 239 8.05 -16.55 26.41
C THR C 239 7.69 -17.57 25.32
N TYR C 240 6.73 -17.19 24.49
CA TYR C 240 6.25 -18.02 23.40
C TYR C 240 6.13 -17.18 22.13
N ASP C 241 6.11 -17.86 20.99
CA ASP C 241 6.11 -17.18 19.70
C ASP C 241 4.69 -17.03 19.18
N LEU C 242 4.55 -16.76 17.88
CA LEU C 242 3.24 -16.50 17.29
C LEU C 242 2.40 -17.77 17.17
N GLU C 243 3.06 -18.92 16.98
CA GLU C 243 2.35 -20.19 16.82
C GLU C 243 2.06 -20.89 18.14
N GLY C 244 2.66 -20.43 19.24
CA GLY C 244 2.48 -21.05 20.54
C GLY C 244 3.67 -21.84 21.03
N HIS C 245 4.76 -21.88 20.27
CA HIS C 245 5.96 -22.60 20.69
C HIS C 245 6.83 -21.73 21.57
N PRO C 246 7.54 -22.32 22.52
CA PRO C 246 8.37 -21.52 23.42
C PRO C 246 9.56 -20.90 22.70
N GLN C 247 10.00 -19.75 23.20
CA GLN C 247 11.17 -19.05 22.69
C GLN C 247 12.32 -19.21 23.69
N TYR C 248 13.54 -19.05 23.18
CA TYR C 248 14.75 -19.31 23.95
C TYR C 248 15.65 -18.08 23.94
N LEU C 249 16.17 -17.74 25.12
CA LEU C 249 17.13 -16.66 25.29
C LEU C 249 18.52 -17.25 25.42
N LEU C 250 19.48 -16.71 24.68
CA LEU C 250 20.86 -17.17 24.70
C LEU C 250 21.65 -16.25 25.62
N ASP C 251 22.10 -16.78 26.76
CA ASP C 251 22.89 -16.01 27.71
C ASP C 251 24.11 -16.82 28.16
N SER C 252 24.73 -16.40 29.27
CA SER C 252 25.95 -17.06 29.72
C SER C 252 25.71 -18.49 30.15
N ASN C 253 24.46 -18.88 30.39
CA ASN C 253 24.13 -20.25 30.74
C ASN C 253 23.68 -21.06 29.53
N SER C 254 23.99 -20.59 28.33
CA SER C 254 23.67 -21.29 27.09
C SER C 254 24.96 -21.65 26.36
N TRP C 255 24.98 -22.84 25.76
CA TRP C 255 26.14 -23.35 25.05
C TRP C 255 25.82 -23.38 23.56
N ILE C 256 26.51 -22.52 22.79
CA ILE C 256 26.32 -22.43 21.35
C ILE C 256 27.65 -22.74 20.67
N GLU C 257 27.61 -23.63 19.70
CA GLU C 257 28.81 -24.03 18.97
C GLU C 257 28.40 -24.50 17.58
N GLU C 258 28.99 -23.90 16.55
CA GLU C 258 28.71 -24.35 15.20
C GLU C 258 29.29 -25.74 14.99
N MET C 259 28.53 -26.60 14.33
CA MET C 259 29.01 -27.96 14.16
C MET C 259 29.96 -28.03 12.98
N PRO C 260 31.04 -28.81 13.10
CA PRO C 260 32.08 -28.79 12.07
C PRO C 260 31.59 -29.39 10.75
N SER C 261 32.13 -28.86 9.66
CA SER C 261 31.82 -29.42 8.35
C SER C 261 32.52 -30.76 8.17
N GLU C 262 32.07 -31.50 7.15
CA GLU C 262 32.67 -32.81 6.87
C GLU C 262 34.14 -32.68 6.51
N ARG C 263 34.50 -31.62 5.77
CA ARG C 263 35.88 -31.42 5.38
C ARG C 263 36.77 -31.11 6.58
N LEU C 264 36.26 -30.31 7.53
CA LEU C 264 37.05 -29.94 8.70
C LEU C 264 37.15 -31.08 9.71
N CYS C 265 36.07 -31.84 9.88
CA CYS C 265 36.05 -32.87 10.91
C CYS C 265 37.05 -33.99 10.65
N ARG C 266 37.27 -34.36 9.38
CA ARG C 266 38.22 -35.41 9.05
C ARG C 266 39.66 -34.91 8.94
N SER C 267 39.92 -33.66 9.31
CA SER C 267 41.28 -33.17 9.36
C SER C 267 42.04 -33.85 10.51
N THR C 268 43.34 -34.03 10.31
CA THR C 268 44.14 -34.79 11.27
C THR C 268 44.12 -34.14 12.65
N ARG C 269 44.22 -32.81 12.70
CA ARG C 269 44.25 -32.12 14.00
C ARG C 269 42.91 -32.22 14.71
N GLN C 270 41.81 -32.01 13.98
CA GLN C 270 40.48 -31.94 14.59
C GLN C 270 39.75 -33.28 14.59
N ARG C 271 40.35 -34.33 14.03
CA ARG C 271 39.69 -35.63 14.00
C ARG C 271 39.46 -36.16 15.41
N ALA C 272 40.45 -36.02 16.29
CA ALA C 272 40.29 -36.48 17.66
C ALA C 272 39.26 -35.65 18.41
N ALA C 273 39.27 -34.33 18.20
CA ALA C 273 38.30 -33.47 18.87
C ALA C 273 36.90 -33.67 18.31
N CYS C 274 36.78 -33.86 16.99
CA CYS C 274 35.48 -34.10 16.38
C CYS C 274 34.87 -35.40 16.87
N ALA C 275 35.70 -36.38 17.25
CA ALA C 275 35.19 -37.62 17.80
C ALA C 275 34.60 -37.40 19.19
N GLN C 276 35.22 -36.53 19.99
CA GLN C 276 34.68 -36.24 21.32
C GLN C 276 33.30 -35.61 21.23
N LEU C 277 33.10 -34.71 20.26
CA LEU C 277 31.81 -34.05 20.10
C LEU C 277 30.73 -35.06 19.74
N ASN C 278 30.97 -35.90 18.73
CA ASN C 278 29.96 -36.87 18.32
C ASN C 278 29.74 -37.93 19.39
N ASP C 279 30.80 -38.32 20.09
CA ASP C 279 30.63 -39.26 21.20
C ASP C 279 29.78 -38.65 22.31
N PHE C 280 29.94 -37.34 22.55
CA PHE C 280 29.11 -36.67 23.54
C PHE C 280 27.66 -36.59 23.09
N LEU C 281 27.42 -36.26 21.82
CA LEU C 281 26.06 -36.14 21.33
C LEU C 281 25.32 -37.47 21.41
N GLN C 282 25.99 -38.57 21.06
CA GLN C 282 25.36 -39.88 21.17
C GLN C 282 25.19 -40.28 22.62
N GLU C 283 26.16 -39.95 23.47
CA GLU C 283 26.06 -40.28 24.89
C GLU C 283 24.94 -39.49 25.57
N TYR C 284 24.95 -38.17 25.40
CA TYR C 284 23.95 -37.34 26.08
C TYR C 284 22.58 -37.48 25.42
N GLY C 285 22.54 -37.58 24.10
CA GLY C 285 21.27 -37.70 23.40
C GLY C 285 20.52 -38.99 23.68
N THR C 286 21.23 -40.03 24.13
CA THR C 286 20.61 -41.33 24.39
C THR C 286 20.36 -41.55 25.88
N GLN C 287 21.41 -41.46 26.70
CA GLN C 287 21.30 -41.77 28.13
C GLN C 287 21.15 -40.54 29.01
N GLY C 288 21.28 -39.34 28.45
CA GLY C 288 21.08 -38.14 29.25
C GLY C 288 22.12 -37.98 30.34
N CYS C 289 21.71 -37.35 31.43
CA CYS C 289 22.59 -37.07 32.56
C CYS C 289 22.58 -38.18 33.61
N GLN C 290 21.94 -39.32 33.33
CA GLN C 290 21.86 -40.41 34.28
C GLN C 290 23.16 -41.22 34.25
N VAL C 291 24.24 -40.56 34.67
CA VAL C 291 25.54 -41.19 34.72
C VAL C 291 25.76 -41.85 36.08
N LYS D 1 -54.15 25.91 17.14
CA LYS D 1 -55.18 25.51 16.19
C LYS D 1 -54.87 25.90 14.73
N PRO D 2 -54.48 27.16 14.47
CA PRO D 2 -53.99 27.49 13.13
C PRO D 2 -52.60 26.91 12.92
N ARG D 3 -52.31 26.60 11.65
CA ARG D 3 -51.03 25.95 11.34
C ARG D 3 -50.79 26.01 9.84
N LEU D 4 -49.53 25.87 9.46
CA LEU D 4 -49.10 25.81 8.07
C LEU D 4 -48.56 24.41 7.78
N LEU D 5 -49.06 23.80 6.71
CA LEU D 5 -48.68 22.45 6.33
C LEU D 5 -47.71 22.49 5.16
N LEU D 6 -46.61 21.75 5.28
CA LEU D 6 -45.59 21.69 4.24
C LEU D 6 -45.44 20.24 3.79
N PHE D 7 -45.59 20.01 2.49
CA PHE D 7 -45.46 18.69 1.90
C PHE D 7 -44.36 18.71 0.85
N SER D 8 -43.61 17.60 0.77
CA SER D 8 -42.53 17.47 -0.20
C SER D 8 -42.21 16.00 -0.36
N PRO D 9 -41.76 15.58 -1.55
CA PRO D 9 -41.24 14.22 -1.69
C PRO D 9 -40.12 13.96 -0.70
N SER D 10 -40.02 12.70 -0.25
CA SER D 10 -39.11 12.37 0.84
C SER D 10 -37.65 12.61 0.44
N VAL D 11 -37.33 12.54 -0.85
CA VAL D 11 -35.97 12.76 -1.33
C VAL D 11 -36.02 13.73 -2.50
N VAL D 12 -35.10 14.69 -2.50
CA VAL D 12 -34.97 15.66 -3.58
C VAL D 12 -33.85 15.20 -4.50
N HIS D 13 -34.12 15.21 -5.81
CA HIS D 13 -33.14 14.80 -6.80
C HIS D 13 -32.46 16.03 -7.38
N LEU D 14 -31.14 16.11 -7.21
CA LEU D 14 -30.39 17.27 -7.68
C LEU D 14 -30.40 17.33 -9.20
N GLY D 15 -30.64 18.54 -9.73
CA GLY D 15 -30.65 18.77 -11.16
C GLY D 15 -32.02 18.79 -11.79
N VAL D 16 -33.06 18.33 -11.08
CA VAL D 16 -34.42 18.31 -11.60
C VAL D 16 -35.34 19.00 -10.60
N PRO D 17 -36.41 19.64 -11.06
CA PRO D 17 -37.23 20.44 -10.13
C PRO D 17 -37.96 19.57 -9.11
N LEU D 18 -38.11 20.12 -7.91
CA LEU D 18 -38.77 19.46 -6.80
C LEU D 18 -40.12 20.14 -6.56
N SER D 19 -41.20 19.38 -6.76
CA SER D 19 -42.54 19.92 -6.56
C SER D 19 -42.86 19.98 -5.07
N VAL D 20 -43.18 21.17 -4.58
CA VAL D 20 -43.45 21.40 -3.16
C VAL D 20 -44.87 21.92 -3.02
N GLY D 21 -45.61 21.35 -2.07
CA GLY D 21 -46.97 21.78 -1.78
C GLY D 21 -47.04 22.46 -0.43
N VAL D 22 -47.64 23.65 -0.43
CA VAL D 22 -47.83 24.44 0.78
C VAL D 22 -49.32 24.67 0.99
N GLN D 23 -49.76 24.51 2.23
CA GLN D 23 -51.17 24.61 2.57
C GLN D 23 -51.30 24.99 4.03
N LEU D 24 -52.29 25.82 4.34
CA LEU D 24 -52.53 26.29 5.71
C LEU D 24 -53.93 25.91 6.16
N GLN D 25 -54.08 25.65 7.45
CA GLN D 25 -55.28 25.05 8.02
C GLN D 25 -55.76 25.84 9.23
N ASP D 26 -57.08 26.02 9.32
CA ASP D 26 -57.74 26.59 10.50
C ASP D 26 -57.27 28.02 10.74
N VAL D 27 -57.27 28.83 9.68
CA VAL D 27 -56.94 30.24 9.78
C VAL D 27 -58.22 31.05 9.77
N PRO D 28 -58.23 32.27 10.31
CA PRO D 28 -59.43 33.11 10.23
C PRO D 28 -59.78 33.43 8.78
N ARG D 29 -61.00 33.93 8.59
CA ARG D 29 -61.53 34.13 7.25
C ARG D 29 -60.78 35.21 6.49
N GLY D 30 -60.27 36.23 7.18
CA GLY D 30 -59.58 37.33 6.54
C GLY D 30 -58.07 37.23 6.53
N GLN D 31 -57.51 36.07 6.87
CA GLN D 31 -56.06 35.94 6.97
C GLN D 31 -55.42 35.81 5.59
N VAL D 32 -54.23 36.41 5.45
CA VAL D 32 -53.42 36.30 4.25
C VAL D 32 -51.98 36.01 4.68
N VAL D 33 -51.39 34.96 4.12
CA VAL D 33 -50.04 34.52 4.47
C VAL D 33 -49.20 34.48 3.21
N LYS D 34 -47.99 35.02 3.29
CA LYS D 34 -47.04 35.00 2.19
C LYS D 34 -45.67 34.64 2.72
N GLY D 35 -44.85 34.03 1.87
CA GLY D 35 -43.51 33.64 2.27
C GLY D 35 -42.77 32.99 1.14
N SER D 36 -41.68 32.31 1.50
CA SER D 36 -40.82 31.64 0.53
C SER D 36 -40.41 30.28 1.08
N VAL D 37 -40.18 29.33 0.17
CA VAL D 37 -39.72 27.99 0.52
C VAL D 37 -38.50 27.67 -0.32
N PHE D 38 -37.48 27.10 0.31
CA PHE D 38 -36.22 26.83 -0.36
C PHE D 38 -35.47 25.75 0.40
N LEU D 39 -34.46 25.19 -0.25
CA LEU D 39 -33.60 24.18 0.35
C LEU D 39 -32.37 24.83 0.98
N ARG D 40 -31.97 24.31 2.13
CA ARG D 40 -30.79 24.83 2.82
C ARG D 40 -30.07 23.68 3.51
N ASN D 41 -28.74 23.80 3.61
CA ASN D 41 -27.92 22.77 4.24
C ASN D 41 -27.85 23.03 5.73
N PRO D 42 -28.30 22.11 6.58
CA PRO D 42 -28.16 22.29 8.03
C PRO D 42 -26.81 21.91 8.58
N SER D 43 -25.92 21.33 7.77
CA SER D 43 -24.62 20.86 8.24
C SER D 43 -23.49 21.84 7.94
N ARG D 44 -23.71 22.83 7.08
CA ARG D 44 -22.74 23.90 6.83
C ARG D 44 -23.44 25.23 7.09
N ASN D 45 -23.62 25.54 8.37
CA ASN D 45 -24.43 26.67 8.84
C ASN D 45 -25.83 26.48 8.27
N ASN D 46 -26.42 27.47 7.61
CA ASN D 46 -27.74 27.34 7.01
C ASN D 46 -27.79 28.09 5.68
N VAL D 47 -26.80 27.82 4.83
CA VAL D 47 -26.73 28.49 3.52
C VAL D 47 -27.82 27.93 2.61
N PRO D 48 -28.60 28.77 1.94
CA PRO D 48 -29.57 28.25 0.98
C PRO D 48 -28.89 27.56 -0.19
N CYS D 49 -29.43 26.41 -0.58
CA CYS D 49 -28.86 25.60 -1.65
C CYS D 49 -29.64 25.71 -2.96
N SER D 50 -30.70 26.52 -2.99
CA SER D 50 -31.57 26.58 -4.15
C SER D 50 -32.15 28.00 -4.24
N PRO D 51 -32.68 28.38 -5.40
CA PRO D 51 -33.47 29.60 -5.48
C PRO D 51 -34.72 29.50 -4.62
N LYS D 52 -35.35 30.64 -4.37
CA LYS D 52 -36.53 30.72 -3.52
C LYS D 52 -37.76 30.99 -4.40
N VAL D 53 -38.80 30.21 -4.20
CA VAL D 53 -40.09 30.42 -4.86
C VAL D 53 -41.07 30.95 -3.82
N ASP D 54 -41.72 32.06 -4.15
CA ASP D 54 -42.63 32.72 -3.22
C ASP D 54 -44.05 32.21 -3.40
N PHE D 55 -44.81 32.24 -2.31
CA PHE D 55 -46.20 31.81 -2.30
C PHE D 55 -47.06 32.87 -1.61
N THR D 56 -48.32 32.94 -2.02
CA THR D 56 -49.32 33.79 -1.37
C THR D 56 -50.56 32.95 -1.12
N LEU D 57 -50.86 32.71 0.15
CA LEU D 57 -51.96 31.85 0.55
C LEU D 57 -53.06 32.68 1.20
N SER D 58 -54.31 32.40 0.83
CA SER D 58 -55.47 33.09 1.39
C SER D 58 -56.43 32.06 1.96
N SER D 59 -57.37 32.54 2.78
CA SER D 59 -58.37 31.66 3.37
C SER D 59 -59.32 31.10 2.32
N GLU D 60 -59.43 31.75 1.16
CA GLU D 60 -60.26 31.24 0.07
C GLU D 60 -59.47 30.40 -0.93
N ARG D 61 -58.13 30.40 -0.83
CA ARG D 61 -57.25 29.57 -1.67
C ARG D 61 -56.16 29.03 -0.75
N ASP D 62 -56.51 28.01 0.03
CA ASP D 62 -55.68 27.56 1.14
C ASP D 62 -54.45 26.76 0.71
N PHE D 63 -54.27 26.49 -0.58
CA PHE D 63 -53.21 25.61 -1.03
C PHE D 63 -52.49 26.23 -2.22
N ALA D 64 -51.24 25.80 -2.40
CA ALA D 64 -50.42 26.23 -3.53
C ALA D 64 -49.44 25.11 -3.86
N LEU D 65 -49.34 24.77 -5.14
CA LEU D 65 -48.45 23.72 -5.64
C LEU D 65 -47.32 24.39 -6.41
N LEU D 66 -46.11 24.35 -5.84
CA LEU D 66 -44.97 25.08 -6.37
C LEU D 66 -43.94 24.12 -6.94
N SER D 67 -43.13 24.61 -7.87
CA SER D 67 -42.03 23.88 -8.47
C SER D 67 -40.73 24.56 -8.05
N LEU D 68 -40.00 23.94 -7.12
CA LEU D 68 -38.75 24.50 -6.61
C LEU D 68 -37.60 24.00 -7.45
N GLN D 69 -36.81 24.94 -7.99
CA GLN D 69 -35.68 24.58 -8.83
C GLN D 69 -34.52 24.08 -8.00
N VAL D 70 -33.87 23.03 -8.46
CA VAL D 70 -32.69 22.47 -7.80
C VAL D 70 -31.53 22.44 -8.79
N PRO D 71 -30.91 23.58 -9.09
CA PRO D 71 -29.82 23.58 -10.06
C PRO D 71 -28.55 22.97 -9.48
N LEU D 72 -27.71 22.45 -10.37
CA LEU D 72 -26.49 21.77 -9.93
C LEU D 72 -25.46 22.75 -9.39
N LYS D 73 -25.37 23.94 -9.98
CA LYS D 73 -24.33 24.89 -9.59
C LYS D 73 -24.54 25.37 -8.16
N ASP D 74 -25.78 25.61 -7.76
CA ASP D 74 -26.04 26.06 -6.40
C ASP D 74 -26.05 24.90 -5.41
N ALA D 75 -26.34 23.69 -5.88
CA ALA D 75 -26.15 22.52 -5.04
C ALA D 75 -24.67 22.30 -4.74
N LYS D 76 -23.80 22.61 -5.71
CA LYS D 76 -22.37 22.58 -5.46
C LYS D 76 -21.90 23.78 -4.65
N SER D 77 -22.64 24.90 -4.71
CA SER D 77 -22.33 26.03 -3.84
C SER D 77 -22.51 25.65 -2.38
N CYS D 78 -23.53 24.86 -2.07
CA CYS D 78 -23.66 24.29 -0.74
C CYS D 78 -22.62 23.19 -0.53
N GLY D 79 -22.48 22.77 0.72
CA GLY D 79 -21.54 21.72 1.06
C GLY D 79 -22.14 20.33 1.00
N LEU D 80 -23.10 20.14 0.10
CA LEU D 80 -23.81 18.87 0.01
C LEU D 80 -22.88 17.75 -0.48
N HIS D 81 -22.11 18.03 -1.53
CA HIS D 81 -21.26 16.99 -2.11
C HIS D 81 -20.13 16.59 -1.19
N GLN D 82 -19.67 17.51 -0.34
CA GLN D 82 -18.57 17.25 0.58
C GLN D 82 -19.04 16.83 1.97
N LEU D 83 -20.31 16.44 2.10
CA LEU D 83 -20.86 16.08 3.40
C LEU D 83 -20.23 14.79 3.91
N LEU D 84 -20.15 14.68 5.24
CA LEU D 84 -19.50 13.54 5.90
C LEU D 84 -20.52 12.43 6.12
N ARG D 85 -20.57 11.48 5.19
CA ARG D 85 -21.29 10.21 5.33
C ARG D 85 -22.74 10.44 5.78
N GLY D 86 -23.50 11.12 4.94
CA GLY D 86 -24.89 11.39 5.22
C GLY D 86 -25.52 12.35 4.24
N PRO D 87 -26.15 11.82 3.21
CA PRO D 87 -26.78 12.67 2.18
C PRO D 87 -28.14 13.21 2.61
N GLU D 88 -28.12 14.27 3.43
CA GLU D 88 -29.34 14.83 3.98
C GLU D 88 -29.34 16.35 3.83
N VAL D 89 -30.50 16.88 3.46
CA VAL D 89 -30.75 18.32 3.35
C VAL D 89 -32.14 18.57 3.92
N GLN D 90 -32.45 19.84 4.18
CA GLN D 90 -33.76 20.18 4.72
C GLN D 90 -34.43 21.23 3.86
N LEU D 91 -35.73 21.02 3.61
CA LEU D 91 -36.56 21.99 2.90
C LEU D 91 -37.25 22.87 3.93
N VAL D 92 -37.06 24.19 3.81
CA VAL D 92 -37.51 25.14 4.82
C VAL D 92 -38.47 26.13 4.17
N ALA D 93 -39.59 26.37 4.84
CA ALA D 93 -40.54 27.41 4.45
C ALA D 93 -40.34 28.63 5.34
N HIS D 94 -40.11 29.79 4.72
CA HIS D 94 -39.80 31.02 5.43
C HIS D 94 -40.98 31.98 5.27
N SER D 95 -41.61 32.33 6.39
CA SER D 95 -42.74 33.25 6.38
C SER D 95 -42.82 33.95 7.71
N PRO D 96 -43.13 35.25 7.74
CA PRO D 96 -43.35 35.92 9.03
C PRO D 96 -44.50 35.34 9.82
N TRP D 97 -45.55 34.87 9.13
CA TRP D 97 -46.74 34.35 9.79
C TRP D 97 -46.42 33.31 10.85
N LEU D 98 -45.38 32.51 10.64
CA LEU D 98 -44.98 31.53 11.64
C LEU D 98 -44.56 32.20 12.94
N LYS D 99 -43.81 33.31 12.85
CA LYS D 99 -43.41 34.06 14.02
C LYS D 99 -44.35 35.21 14.34
N ASP D 100 -45.14 35.67 13.37
CA ASP D 100 -45.97 36.86 13.55
C ASP D 100 -47.31 36.56 14.20
N SER D 101 -47.93 35.44 13.90
CA SER D 101 -49.23 35.18 14.51
C SER D 101 -49.32 33.80 15.15
N LEU D 102 -48.77 32.77 14.51
CA LEU D 102 -48.78 31.43 15.11
C LEU D 102 -47.88 31.36 16.33
N SER D 103 -46.88 32.23 16.42
CA SER D 103 -46.02 32.36 17.59
C SER D 103 -45.20 31.09 17.84
N ARG D 104 -44.36 30.76 16.85
CA ARG D 104 -43.31 29.78 17.05
C ARG D 104 -42.02 30.51 17.45
N THR D 105 -40.97 29.75 17.72
CA THR D 105 -39.71 30.37 18.12
C THR D 105 -39.03 31.06 16.95
N THR D 106 -39.02 30.41 15.79
CA THR D 106 -38.42 30.97 14.58
C THR D 106 -39.48 31.12 13.49
N ASN D 107 -39.22 32.03 12.56
CA ASN D 107 -40.10 32.26 11.42
C ASN D 107 -39.85 31.28 10.28
N ILE D 108 -39.23 30.14 10.54
CA ILE D 108 -38.95 29.14 9.53
C ILE D 108 -39.49 27.80 10.02
N GLN D 109 -40.01 27.00 9.09
CA GLN D 109 -40.57 25.70 9.39
C GLN D 109 -40.20 24.75 8.27
N GLY D 110 -39.66 23.59 8.62
CA GLY D 110 -39.22 22.67 7.58
C GLY D 110 -38.96 21.28 8.13
N ILE D 111 -38.60 20.39 7.21
CA ILE D 111 -38.32 18.99 7.50
C ILE D 111 -37.05 18.59 6.77
N ASN D 112 -36.37 17.57 7.30
CA ASN D 112 -35.15 17.07 6.69
C ASN D 112 -35.46 16.07 5.59
N LEU D 113 -34.71 16.15 4.49
CA LEU D 113 -34.90 15.30 3.33
C LEU D 113 -33.57 14.67 2.94
N LEU D 114 -33.65 13.47 2.38
CA LEU D 114 -32.48 12.94 1.69
C LEU D 114 -32.36 13.60 0.32
N PHE D 115 -31.14 13.61 -0.21
CA PHE D 115 -30.91 14.09 -1.57
C PHE D 115 -30.14 13.05 -2.35
N SER D 116 -30.35 13.06 -3.67
CA SER D 116 -29.74 12.08 -4.56
C SER D 116 -29.34 12.76 -5.86
N SER D 117 -28.23 12.32 -6.43
CA SER D 117 -27.77 12.81 -7.72
C SER D 117 -28.46 12.12 -8.88
N ARG D 118 -29.25 11.09 -8.63
CA ARG D 118 -29.91 10.33 -9.69
C ARG D 118 -30.95 11.21 -10.37
N ARG D 119 -30.91 11.23 -11.70
CA ARG D 119 -31.84 12.05 -12.48
C ARG D 119 -31.90 11.51 -13.89
N GLY D 120 -32.99 11.83 -14.58
CA GLY D 120 -33.18 11.43 -15.96
C GLY D 120 -33.38 9.93 -16.12
N HIS D 121 -33.45 9.50 -17.38
CA HIS D 121 -33.60 8.10 -17.73
C HIS D 121 -32.58 7.74 -18.79
N LEU D 122 -31.83 6.67 -18.55
CA LEU D 122 -30.79 6.21 -19.46
C LEU D 122 -31.11 4.77 -19.88
N PHE D 123 -31.31 4.57 -21.18
CA PHE D 123 -31.60 3.27 -21.75
C PHE D 123 -30.43 2.85 -22.63
N LEU D 124 -29.98 1.60 -22.47
CA LEU D 124 -28.86 1.09 -23.25
C LEU D 124 -29.11 -0.37 -23.59
N GLN D 125 -28.75 -0.75 -24.81
CA GLN D 125 -29.01 -2.08 -25.32
C GLN D 125 -27.86 -2.51 -26.23
N THR D 126 -27.54 -3.80 -26.18
CA THR D 126 -26.49 -4.39 -27.01
C THR D 126 -27.12 -5.11 -28.20
N ASP D 127 -26.28 -5.34 -29.22
CA ASP D 127 -26.77 -5.98 -30.45
C ASP D 127 -27.02 -7.48 -30.27
N GLN D 128 -26.51 -8.09 -29.19
CA GLN D 128 -26.73 -9.49 -28.92
C GLN D 128 -26.73 -9.70 -27.42
N PRO D 129 -27.51 -10.65 -26.91
CA PRO D 129 -27.49 -10.92 -25.46
C PRO D 129 -26.33 -11.80 -25.05
N ILE D 130 -25.91 -12.71 -25.92
CA ILE D 130 -24.86 -13.68 -25.63
C ILE D 130 -23.76 -13.54 -26.67
N TYR D 131 -22.52 -13.39 -26.20
CA TYR D 131 -21.36 -13.27 -27.07
C TYR D 131 -20.36 -14.37 -26.76
N ASN D 132 -19.39 -14.51 -27.65
CA ASN D 132 -18.25 -15.40 -27.48
C ASN D 132 -16.96 -14.59 -27.45
N PRO D 133 -15.95 -15.06 -26.73
CA PRO D 133 -14.67 -14.33 -26.69
C PRO D 133 -14.10 -14.14 -28.09
N GLY D 134 -13.79 -12.89 -28.42
CA GLY D 134 -13.30 -12.51 -29.73
C GLY D 134 -14.30 -11.80 -30.59
N GLN D 135 -15.59 -11.89 -30.25
CA GLN D 135 -16.63 -11.20 -31.02
C GLN D 135 -16.70 -9.74 -30.63
N ARG D 136 -16.91 -8.87 -31.63
CA ARG D 136 -17.19 -7.48 -31.36
C ARG D 136 -18.65 -7.31 -30.95
N VAL D 137 -18.90 -6.37 -30.05
CA VAL D 137 -20.24 -6.08 -29.58
C VAL D 137 -20.58 -4.64 -29.92
N ARG D 138 -21.81 -4.41 -30.35
CA ARG D 138 -22.34 -3.06 -30.59
C ARG D 138 -23.36 -2.74 -29.52
N TYR D 139 -23.26 -1.55 -28.94
CA TYR D 139 -24.22 -1.09 -27.97
C TYR D 139 -24.49 0.39 -28.20
N ARG D 140 -25.71 0.82 -27.85
CA ARG D 140 -26.10 2.21 -27.92
C ARG D 140 -26.78 2.60 -26.63
N VAL D 141 -26.69 3.88 -26.28
CA VAL D 141 -27.29 4.41 -25.06
C VAL D 141 -28.11 5.64 -25.41
N PHE D 142 -29.30 5.73 -24.82
CA PHE D 142 -30.20 6.85 -25.01
C PHE D 142 -30.30 7.65 -23.72
N ALA D 143 -30.35 8.97 -23.85
CA ALA D 143 -30.43 9.87 -22.70
C ALA D 143 -31.72 10.70 -22.80
N LEU D 144 -32.57 10.58 -21.79
CA LEU D 144 -33.80 11.34 -21.70
C LEU D 144 -33.93 11.96 -20.31
N ASP D 145 -34.67 13.05 -20.24
CA ASP D 145 -34.87 13.75 -18.98
C ASP D 145 -36.05 13.14 -18.23
N GLN D 146 -36.55 13.85 -17.21
CA GLN D 146 -37.69 13.35 -16.45
C GLN D 146 -38.95 13.32 -17.30
N LYS D 147 -39.12 14.29 -18.19
CA LYS D 147 -40.31 14.38 -19.02
C LYS D 147 -40.27 13.45 -20.22
N MET D 148 -39.32 12.52 -20.26
CA MET D 148 -39.19 11.55 -21.35
C MET D 148 -38.96 12.26 -22.69
N ARG D 149 -38.15 13.32 -22.67
CA ARG D 149 -37.70 14.00 -23.87
C ARG D 149 -36.19 13.87 -23.99
N PRO D 150 -35.65 13.86 -25.21
CA PRO D 150 -34.21 13.63 -25.39
C PRO D 150 -33.38 14.64 -24.63
N SER D 151 -32.32 14.14 -23.99
CA SER D 151 -31.44 14.94 -23.16
C SER D 151 -30.09 15.14 -23.84
N THR D 152 -29.58 16.37 -23.78
CA THR D 152 -28.31 16.72 -24.40
C THR D 152 -27.15 16.69 -23.42
N ASP D 153 -27.39 16.33 -22.15
CA ASP D 153 -26.34 16.33 -21.16
C ASP D 153 -25.28 15.28 -21.48
N THR D 154 -24.03 15.60 -21.14
CA THR D 154 -22.93 14.67 -21.36
C THR D 154 -23.02 13.52 -20.37
N ILE D 155 -22.66 12.32 -20.84
CA ILE D 155 -22.69 11.13 -20.01
C ILE D 155 -21.31 10.47 -20.04
N THR D 156 -21.04 9.67 -19.02
CA THR D 156 -19.85 8.83 -18.95
C THR D 156 -20.28 7.38 -18.85
N VAL D 157 -19.76 6.55 -19.75
CA VAL D 157 -20.13 5.14 -19.85
C VAL D 157 -18.89 4.29 -19.64
N MET D 158 -19.02 3.25 -18.83
CA MET D 158 -17.92 2.34 -18.54
C MET D 158 -18.40 0.90 -18.65
N VAL D 159 -17.46 0.01 -18.97
CA VAL D 159 -17.74 -1.42 -19.13
C VAL D 159 -16.86 -2.18 -18.14
N GLU D 160 -17.47 -3.12 -17.42
CA GLU D 160 -16.74 -3.99 -16.49
C GLU D 160 -16.95 -5.44 -16.89
N ASN D 161 -15.95 -6.27 -16.60
CA ASN D 161 -15.92 -7.64 -17.08
C ASN D 161 -16.60 -8.57 -16.07
N SER D 162 -16.27 -9.86 -16.11
CA SER D 162 -16.92 -10.83 -15.24
C SER D 162 -16.54 -10.61 -13.78
N HIS D 163 -15.32 -10.18 -13.51
CA HIS D 163 -14.86 -9.93 -12.14
C HIS D 163 -15.20 -8.53 -11.65
N GLY D 164 -15.87 -7.72 -12.48
CA GLY D 164 -16.25 -6.39 -12.06
C GLY D 164 -15.15 -5.35 -12.15
N LEU D 165 -14.24 -5.50 -13.11
CA LEU D 165 -13.12 -4.57 -13.29
C LEU D 165 -13.37 -3.75 -14.56
N ARG D 166 -13.17 -2.44 -14.45
CA ARG D 166 -13.39 -1.55 -15.58
C ARG D 166 -12.42 -1.85 -16.72
N VAL D 167 -12.97 -2.20 -17.87
CA VAL D 167 -12.16 -2.42 -19.07
C VAL D 167 -12.26 -1.26 -20.06
N ARG D 168 -13.31 -0.44 -19.96
CA ARG D 168 -13.44 0.75 -20.79
C ARG D 168 -14.08 1.86 -19.97
N LYS D 169 -13.71 3.10 -20.28
CA LYS D 169 -14.30 4.27 -19.65
C LYS D 169 -14.30 5.38 -20.69
N LYS D 170 -15.49 5.85 -21.05
CA LYS D 170 -15.62 6.80 -22.15
C LYS D 170 -16.57 7.92 -21.76
N GLU D 171 -16.23 9.14 -22.15
CA GLU D 171 -17.06 10.32 -21.93
C GLU D 171 -17.36 10.95 -23.28
N VAL D 172 -18.65 11.20 -23.55
CA VAL D 172 -19.10 11.63 -24.87
C VAL D 172 -19.97 12.87 -24.72
N TYR D 173 -19.70 13.89 -25.55
CA TYR D 173 -20.57 15.04 -25.71
C TYR D 173 -21.60 14.70 -26.78
N MET D 174 -22.85 14.50 -26.39
CA MET D 174 -23.87 13.99 -27.30
C MET D 174 -25.05 14.95 -27.41
N PRO D 175 -25.10 15.78 -28.45
CA PRO D 175 -26.31 16.57 -28.72
C PRO D 175 -27.39 15.74 -29.37
N SER D 176 -26.99 14.69 -30.10
CA SER D 176 -27.94 13.82 -30.78
C SER D 176 -28.79 12.99 -29.83
N SER D 177 -28.44 12.96 -28.54
CA SER D 177 -29.15 12.24 -27.49
C SER D 177 -29.12 10.72 -27.68
N ILE D 178 -28.34 10.23 -28.64
CA ILE D 178 -28.10 8.80 -28.81
C ILE D 178 -26.61 8.60 -29.09
N PHE D 179 -25.99 7.69 -28.36
CA PHE D 179 -24.57 7.41 -28.49
C PHE D 179 -24.36 5.94 -28.79
N GLN D 180 -23.66 5.64 -29.86
CA GLN D 180 -23.36 4.28 -30.28
C GLN D 180 -21.85 4.03 -30.18
N ASP D 181 -21.49 2.82 -29.75
CA ASP D 181 -20.09 2.45 -29.62
C ASP D 181 -19.95 0.95 -29.77
N ASP D 182 -18.77 0.51 -30.21
CA ASP D 182 -18.48 -0.90 -30.35
C ASP D 182 -17.10 -1.20 -29.76
N PHE D 183 -16.94 -2.44 -29.28
CA PHE D 183 -15.64 -2.93 -28.86
C PHE D 183 -15.61 -4.43 -29.06
N VAL D 184 -14.40 -5.00 -28.99
CA VAL D 184 -14.17 -6.41 -29.22
C VAL D 184 -13.74 -7.05 -27.90
N ILE D 185 -14.41 -8.15 -27.54
CA ILE D 185 -14.09 -8.85 -26.30
C ILE D 185 -12.76 -9.58 -26.47
N PRO D 186 -11.84 -9.50 -25.52
CA PRO D 186 -10.58 -10.25 -25.65
C PRO D 186 -10.82 -11.74 -25.69
N ASP D 187 -10.02 -12.43 -26.51
CA ASP D 187 -10.21 -13.86 -26.73
C ASP D 187 -9.81 -14.71 -25.53
N ILE D 188 -9.04 -14.16 -24.59
CA ILE D 188 -8.56 -14.92 -23.44
C ILE D 188 -9.48 -14.67 -22.26
N SER D 189 -10.57 -13.94 -22.48
CA SER D 189 -11.47 -13.58 -21.39
C SER D 189 -12.17 -14.82 -20.83
N GLU D 190 -12.34 -14.83 -19.51
CA GLU D 190 -13.03 -15.91 -18.81
C GLU D 190 -14.54 -15.76 -18.97
N PRO D 191 -15.26 -16.86 -19.23
CA PRO D 191 -16.72 -16.75 -19.41
C PRO D 191 -17.40 -16.27 -18.14
N GLY D 192 -18.51 -15.57 -18.34
CA GLY D 192 -19.27 -15.01 -17.23
C GLY D 192 -20.23 -13.95 -17.73
N THR D 193 -20.54 -13.01 -16.83
CA THR D 193 -21.47 -11.92 -17.12
C THR D 193 -20.72 -10.60 -17.08
N TRP D 194 -20.65 -9.92 -18.22
CA TRP D 194 -20.15 -8.56 -18.27
C TRP D 194 -21.29 -7.57 -18.11
N LYS D 195 -20.94 -6.32 -17.83
CA LYS D 195 -21.94 -5.29 -17.57
C LYS D 195 -21.46 -3.95 -18.11
N ILE D 196 -22.34 -3.27 -18.84
CA ILE D 196 -22.09 -1.92 -19.32
C ILE D 196 -22.96 -0.96 -18.52
N SER D 197 -22.35 0.08 -17.97
CA SER D 197 -23.05 1.05 -17.14
C SER D 197 -22.79 2.46 -17.66
N ALA D 198 -23.85 3.24 -17.78
CA ALA D 198 -23.76 4.62 -18.25
C ALA D 198 -24.48 5.53 -17.26
N ARG D 199 -23.88 6.68 -16.99
CA ARG D 199 -24.44 7.66 -16.07
C ARG D 199 -24.17 9.06 -16.58
N PHE D 200 -25.00 10.00 -16.16
CA PHE D 200 -24.73 11.41 -16.44
C PHE D 200 -23.44 11.84 -15.76
N SER D 201 -22.69 12.71 -16.42
CA SER D 201 -21.37 13.09 -15.92
C SER D 201 -21.45 13.75 -14.55
N ASP D 202 -22.46 14.61 -14.36
CA ASP D 202 -22.63 15.26 -13.06
C ASP D 202 -23.34 14.37 -12.05
N GLY D 203 -24.18 13.45 -12.51
CA GLY D 203 -24.87 12.54 -11.63
C GLY D 203 -24.03 11.35 -11.21
N LEU D 204 -23.45 11.42 -10.01
CA LEU D 204 -22.56 10.37 -9.55
C LEU D 204 -23.29 9.04 -9.39
N GLU D 205 -24.53 9.09 -8.89
CA GLU D 205 -25.33 7.90 -8.65
C GLU D 205 -26.53 7.83 -9.60
N SER D 206 -26.40 8.39 -10.80
CA SER D 206 -27.46 8.37 -11.80
C SER D 206 -27.27 7.26 -12.82
N ASN D 207 -26.60 6.18 -12.43
CA ASN D 207 -26.18 5.15 -13.38
C ASN D 207 -27.34 4.24 -13.77
N SER D 208 -27.37 3.86 -15.04
CA SER D 208 -28.22 2.79 -15.55
C SER D 208 -27.32 1.82 -16.29
N SER D 209 -27.62 0.52 -16.17
CA SER D 209 -26.70 -0.50 -16.66
C SER D 209 -27.45 -1.58 -17.42
N THR D 210 -26.72 -2.23 -18.34
CA THR D 210 -27.20 -3.39 -19.06
C THR D 210 -26.09 -4.44 -19.06
N GLN D 211 -26.43 -5.68 -18.75
CA GLN D 211 -25.46 -6.76 -18.64
C GLN D 211 -25.69 -7.80 -19.74
N PHE D 212 -24.60 -8.45 -20.14
CA PHE D 212 -24.66 -9.51 -21.14
C PHE D 212 -23.71 -10.63 -20.71
N GLU D 213 -23.96 -11.82 -21.26
CA GLU D 213 -23.18 -13.00 -20.93
C GLU D 213 -22.20 -13.31 -22.05
N VAL D 214 -20.95 -13.57 -21.67
CA VAL D 214 -19.92 -14.06 -22.59
C VAL D 214 -19.65 -15.52 -22.23
N LYS D 215 -19.84 -16.41 -23.21
CA LYS D 215 -19.74 -17.84 -22.96
C LYS D 215 -18.95 -18.50 -24.08
N LYS D 216 -18.48 -19.71 -23.80
CA LYS D 216 -17.66 -20.44 -24.76
C LYS D 216 -18.48 -20.83 -25.98
N TYR D 217 -17.79 -20.93 -27.12
CA TYR D 217 -18.45 -21.25 -28.38
C TYR D 217 -19.01 -22.66 -28.37
N VAL D 218 -20.29 -22.80 -28.69
CA VAL D 218 -20.93 -24.10 -28.85
C VAL D 218 -22.11 -23.94 -29.79
N LEU D 219 -22.14 -24.76 -30.84
CA LEU D 219 -23.23 -24.75 -31.83
C LEU D 219 -23.64 -26.18 -32.09
N PRO D 220 -24.85 -26.58 -31.72
CA PRO D 220 -25.23 -27.99 -31.88
C PRO D 220 -25.43 -28.35 -33.35
N ASN D 221 -24.98 -29.57 -33.71
CA ASN D 221 -25.17 -30.05 -35.07
C ASN D 221 -26.64 -30.28 -35.37
N PHE D 222 -27.38 -30.85 -34.42
CA PHE D 222 -28.81 -31.08 -34.55
C PHE D 222 -29.52 -30.59 -33.31
N GLU D 223 -30.76 -30.14 -33.49
CA GLU D 223 -31.55 -29.62 -32.38
C GLU D 223 -32.17 -30.78 -31.60
N VAL D 224 -32.19 -30.64 -30.28
CA VAL D 224 -32.75 -31.65 -29.38
C VAL D 224 -33.80 -30.98 -28.50
N LYS D 225 -35.01 -31.55 -28.49
CA LYS D 225 -36.13 -31.02 -27.72
C LYS D 225 -36.54 -32.04 -26.67
N ILE D 226 -36.72 -31.58 -25.43
CA ILE D 226 -37.19 -32.42 -24.35
C ILE D 226 -38.49 -31.80 -23.84
N THR D 227 -39.59 -32.51 -24.00
CA THR D 227 -40.93 -31.95 -23.77
C THR D 227 -41.68 -32.75 -22.71
N PRO D 228 -41.98 -32.16 -21.56
CA PRO D 228 -42.85 -32.83 -20.59
C PRO D 228 -44.29 -32.85 -21.07
N GLY D 229 -45.04 -33.84 -20.57
CA GLY D 229 -46.44 -33.94 -20.93
C GLY D 229 -47.25 -32.76 -20.42
N LYS D 230 -47.06 -32.42 -19.15
CA LYS D 230 -47.66 -31.24 -18.55
C LYS D 230 -46.57 -30.41 -17.87
N PRO D 231 -46.60 -29.09 -18.05
CA PRO D 231 -45.47 -28.25 -17.59
C PRO D 231 -45.39 -28.07 -16.08
N TYR D 232 -46.15 -28.86 -15.32
CA TYR D 232 -46.05 -28.82 -13.87
C TYR D 232 -46.51 -30.15 -13.30
N ILE D 233 -46.10 -30.41 -12.06
CA ILE D 233 -46.39 -31.67 -11.36
C ILE D 233 -47.10 -31.32 -10.06
N LEU D 234 -48.31 -31.84 -9.90
CA LEU D 234 -49.07 -31.60 -8.67
C LEU D 234 -48.65 -32.58 -7.59
N THR D 235 -48.29 -32.05 -6.42
CA THR D 235 -47.85 -32.87 -5.30
C THR D 235 -48.79 -32.72 -4.11
N VAL D 236 -50.08 -32.78 -4.36
CA VAL D 236 -51.07 -32.71 -3.27
C VAL D 236 -50.98 -33.98 -2.43
N PRO D 237 -51.01 -33.89 -1.10
CA PRO D 237 -50.92 -35.10 -0.26
C PRO D 237 -51.91 -36.18 -0.65
N GLY D 238 -51.40 -37.36 -0.97
CA GLY D 238 -52.21 -38.46 -1.44
C GLY D 238 -52.36 -38.56 -2.94
N HIS D 239 -51.66 -37.72 -3.70
CA HIS D 239 -51.77 -37.71 -5.15
C HIS D 239 -50.46 -37.23 -5.75
N LEU D 240 -50.15 -37.76 -6.93
CA LEU D 240 -48.97 -37.35 -7.68
C LEU D 240 -49.31 -37.42 -9.16
N ASP D 241 -48.98 -36.36 -9.89
CA ASP D 241 -49.37 -36.24 -11.29
C ASP D 241 -48.44 -37.07 -12.17
N GLU D 242 -48.74 -37.10 -13.47
CA GLU D 242 -47.99 -37.92 -14.40
C GLU D 242 -46.60 -37.33 -14.63
N MET D 243 -45.57 -38.11 -14.33
CA MET D 243 -44.18 -37.72 -14.56
C MET D 243 -43.65 -38.46 -15.79
N GLN D 244 -44.09 -38.02 -16.96
CA GLN D 244 -43.67 -38.61 -18.23
C GLN D 244 -43.26 -37.49 -19.19
N LEU D 245 -42.44 -37.86 -20.16
CA LEU D 245 -41.91 -36.90 -21.11
C LEU D 245 -41.49 -37.62 -22.38
N ASP D 246 -41.40 -36.85 -23.46
CA ASP D 246 -40.89 -37.36 -24.74
C ASP D 246 -39.64 -36.57 -25.11
N ILE D 247 -38.66 -37.27 -25.68
CA ILE D 247 -37.39 -36.69 -26.09
C ILE D 247 -37.29 -36.77 -27.60
N GLN D 248 -37.01 -35.65 -28.24
CA GLN D 248 -36.96 -35.55 -29.69
C GLN D 248 -35.65 -34.89 -30.12
N ALA D 249 -35.02 -35.47 -31.14
CA ALA D 249 -33.78 -34.95 -31.70
C ALA D 249 -33.78 -35.19 -33.20
N ARG D 250 -33.78 -34.10 -33.97
CA ARG D 250 -33.80 -34.18 -35.42
C ARG D 250 -32.88 -33.11 -36.00
N TYR D 251 -32.41 -33.35 -37.22
CA TYR D 251 -31.55 -32.38 -37.88
C TYR D 251 -32.37 -31.16 -38.31
N ILE D 252 -31.65 -30.09 -38.65
CA ILE D 252 -32.30 -28.83 -38.99
C ILE D 252 -33.13 -28.97 -40.26
N TYR D 253 -32.61 -29.69 -41.25
CA TYR D 253 -33.34 -29.84 -42.51
C TYR D 253 -34.52 -30.81 -42.39
N GLY D 254 -34.55 -31.64 -41.35
CA GLY D 254 -35.72 -32.45 -41.10
C GLY D 254 -35.47 -33.92 -40.76
N LYS D 255 -34.31 -34.44 -41.15
CA LYS D 255 -34.03 -35.85 -40.95
C LYS D 255 -33.89 -36.16 -39.46
N PRO D 256 -34.58 -37.17 -38.94
CA PRO D 256 -34.42 -37.52 -37.53
C PRO D 256 -33.06 -38.15 -37.26
N VAL D 257 -32.58 -37.95 -36.04
CA VAL D 257 -31.29 -38.47 -35.63
C VAL D 257 -31.43 -39.95 -35.30
N GLN D 258 -30.54 -40.77 -35.88
CA GLN D 258 -30.48 -42.19 -35.57
C GLN D 258 -29.46 -42.39 -34.45
N GLY D 259 -29.94 -42.64 -33.24
CA GLY D 259 -29.03 -42.82 -32.13
C GLY D 259 -29.77 -43.28 -30.89
N VAL D 260 -29.05 -43.20 -29.76
CA VAL D 260 -29.57 -43.62 -28.47
C VAL D 260 -29.52 -42.42 -27.52
N ALA D 261 -30.56 -42.28 -26.71
CA ALA D 261 -30.73 -41.13 -25.83
C ALA D 261 -30.50 -41.54 -24.39
N TYR D 262 -29.62 -40.81 -23.70
CA TYR D 262 -29.27 -41.07 -22.31
C TYR D 262 -29.82 -39.92 -21.46
N VAL D 263 -30.80 -40.23 -20.62
CA VAL D 263 -31.46 -39.23 -19.78
C VAL D 263 -31.22 -39.58 -18.31
N ARG D 264 -30.94 -38.57 -17.50
CA ARG D 264 -30.74 -38.73 -16.08
C ARG D 264 -31.63 -37.76 -15.32
N PHE D 265 -32.03 -38.16 -14.11
CA PHE D 265 -33.05 -37.46 -13.34
C PHE D 265 -32.44 -36.87 -12.07
N GLY D 266 -33.01 -35.77 -11.62
CA GLY D 266 -32.55 -35.12 -10.40
C GLY D 266 -33.52 -34.04 -9.97
N LEU D 267 -33.14 -33.34 -8.91
CA LEU D 267 -33.91 -32.23 -8.37
C LEU D 267 -33.15 -30.92 -8.56
N LEU D 268 -33.86 -29.89 -9.00
CA LEU D 268 -33.29 -28.57 -9.20
C LEU D 268 -33.83 -27.64 -8.13
N ASP D 269 -32.96 -27.21 -7.22
CA ASP D 269 -33.36 -26.29 -6.17
C ASP D 269 -33.64 -24.91 -6.75
N GLU D 270 -34.65 -24.23 -6.18
CA GLU D 270 -34.99 -22.90 -6.66
C GLU D 270 -33.82 -21.93 -6.51
N ASP D 271 -32.97 -22.15 -5.50
CA ASP D 271 -31.77 -21.33 -5.36
C ASP D 271 -30.75 -21.63 -6.45
N GLY D 272 -30.79 -22.81 -7.06
CA GLY D 272 -29.91 -23.12 -8.17
C GLY D 272 -29.14 -24.41 -8.03
N LYS D 273 -29.22 -25.04 -6.87
CA LYS D 273 -28.46 -26.28 -6.63
C LYS D 273 -29.07 -27.45 -7.40
N LYS D 274 -28.20 -28.27 -7.98
CA LYS D 274 -28.61 -29.49 -8.67
C LYS D 274 -28.27 -30.69 -7.80
N THR D 275 -29.25 -31.56 -7.57
CA THR D 275 -29.07 -32.78 -6.81
C THR D 275 -29.62 -33.94 -7.63
N PHE D 276 -28.74 -34.83 -8.07
CA PHE D 276 -29.12 -35.91 -8.97
C PHE D 276 -29.59 -37.13 -8.19
N PHE D 277 -30.47 -37.91 -8.81
CA PHE D 277 -30.88 -39.21 -8.32
C PHE D 277 -29.87 -40.24 -8.79
N ARG D 278 -29.16 -40.88 -7.85
CA ARG D 278 -28.07 -41.77 -8.22
C ARG D 278 -28.59 -43.04 -8.89
N GLY D 279 -29.81 -43.46 -8.60
CA GLY D 279 -30.32 -44.72 -9.09
C GLY D 279 -31.08 -44.65 -10.40
N LEU D 280 -31.54 -43.46 -10.78
CA LEU D 280 -32.45 -43.31 -11.91
C LEU D 280 -31.71 -42.68 -13.09
N GLU D 281 -31.31 -43.52 -14.04
CA GLU D 281 -30.84 -43.10 -15.35
C GLU D 281 -31.39 -44.06 -16.39
N SER D 282 -31.82 -43.52 -17.53
CA SER D 282 -32.45 -44.32 -18.57
C SER D 282 -31.75 -44.08 -19.91
N GLN D 283 -31.52 -45.17 -20.64
CA GLN D 283 -30.87 -45.12 -21.95
C GLN D 283 -31.76 -45.85 -22.94
N THR D 284 -32.25 -45.12 -23.94
CA THR D 284 -33.20 -45.66 -24.90
C THR D 284 -32.81 -45.26 -26.32
N LYS D 285 -33.01 -46.17 -27.27
CA LYS D 285 -32.75 -45.88 -28.67
C LYS D 285 -33.91 -45.11 -29.29
N LEU D 286 -33.58 -44.13 -30.14
CA LEU D 286 -34.60 -43.30 -30.74
C LEU D 286 -35.34 -44.05 -31.83
N VAL D 287 -36.65 -43.85 -31.89
CA VAL D 287 -37.50 -44.37 -32.97
C VAL D 287 -38.12 -43.18 -33.68
N ASN D 288 -37.88 -43.05 -34.98
CA ASN D 288 -38.25 -41.87 -35.75
C ASN D 288 -37.65 -40.61 -35.12
N GLY D 289 -36.48 -40.74 -34.51
CA GLY D 289 -35.84 -39.62 -33.83
C GLY D 289 -36.52 -39.19 -32.55
N GLN D 290 -37.34 -40.05 -31.95
CA GLN D 290 -38.08 -39.71 -30.74
C GLN D 290 -37.98 -40.85 -29.73
N SER D 291 -38.27 -40.52 -28.48
CA SER D 291 -38.32 -41.50 -27.40
C SER D 291 -39.25 -40.96 -26.31
N HIS D 292 -39.92 -41.88 -25.63
CA HIS D 292 -40.89 -41.54 -24.58
C HIS D 292 -40.43 -42.19 -23.28
N ILE D 293 -40.23 -41.38 -22.25
CA ILE D 293 -39.72 -41.84 -20.96
C ILE D 293 -40.78 -41.57 -19.90
N SER D 294 -40.99 -42.55 -19.01
CA SER D 294 -41.93 -42.44 -17.91
C SER D 294 -41.23 -42.80 -16.61
N LEU D 295 -41.44 -41.98 -15.58
CA LEU D 295 -40.88 -42.21 -14.26
C LEU D 295 -42.03 -42.53 -13.30
N SER D 296 -41.99 -43.73 -12.72
CA SER D 296 -43.08 -44.16 -11.86
C SER D 296 -42.98 -43.53 -10.48
N LYS D 297 -44.11 -43.52 -9.77
CA LYS D 297 -44.15 -42.99 -8.42
C LYS D 297 -43.29 -43.82 -7.47
N ALA D 298 -43.21 -45.13 -7.69
CA ALA D 298 -42.39 -45.99 -6.84
C ALA D 298 -40.90 -45.67 -6.98
N GLU D 299 -40.43 -45.50 -8.22
CA GLU D 299 -39.03 -45.12 -8.43
C GLU D 299 -38.75 -43.74 -7.86
N PHE D 300 -39.71 -42.82 -7.96
CA PHE D 300 -39.49 -41.46 -7.48
C PHE D 300 -39.42 -41.42 -5.96
N GLN D 301 -40.31 -42.13 -5.27
CA GLN D 301 -40.27 -42.16 -3.82
C GLN D 301 -39.05 -42.90 -3.31
N ASP D 302 -38.63 -43.96 -4.02
CA ASP D 302 -37.41 -44.67 -3.63
C ASP D 302 -36.19 -43.76 -3.74
N ALA D 303 -36.16 -42.90 -4.75
CA ALA D 303 -35.03 -41.97 -4.91
C ALA D 303 -35.07 -40.87 -3.86
N LEU D 304 -36.27 -40.41 -3.49
CA LEU D 304 -36.38 -39.34 -2.49
C LEU D 304 -35.89 -39.81 -1.12
N GLU D 305 -36.32 -41.01 -0.70
CA GLU D 305 -35.90 -41.53 0.60
C GLU D 305 -34.42 -41.91 0.60
N LYS D 306 -33.83 -42.18 -0.57
CA LYS D 306 -32.40 -42.49 -0.62
C LYS D 306 -31.55 -41.26 -0.35
N LEU D 307 -32.03 -40.07 -0.73
CA LEU D 307 -31.36 -38.81 -0.41
C LEU D 307 -32.02 -38.08 0.76
N ASN D 308 -32.83 -38.79 1.54
CA ASN D 308 -33.38 -38.28 2.80
C ASN D 308 -34.33 -37.10 2.58
N MET D 309 -35.34 -37.33 1.74
CA MET D 309 -36.38 -36.33 1.51
C MET D 309 -37.73 -37.03 1.41
N GLY D 310 -38.80 -36.27 1.69
CA GLY D 310 -40.15 -36.75 1.57
C GLY D 310 -40.91 -35.98 0.51
N ILE D 311 -42.15 -36.42 0.29
CA ILE D 311 -43.01 -35.75 -0.69
C ILE D 311 -43.39 -34.35 -0.24
N THR D 312 -43.38 -34.08 1.07
CA THR D 312 -43.71 -32.75 1.55
C THR D 312 -42.62 -31.73 1.26
N ASP D 313 -41.37 -32.19 1.10
CA ASP D 313 -40.25 -31.29 0.82
C ASP D 313 -40.18 -30.85 -0.63
N LEU D 314 -41.00 -31.42 -1.51
CA LEU D 314 -40.90 -31.13 -2.94
C LEU D 314 -41.41 -29.75 -3.31
N GLN D 315 -42.26 -29.14 -2.48
CA GLN D 315 -42.91 -27.89 -2.82
C GLN D 315 -41.87 -26.79 -3.05
N GLY D 316 -41.86 -26.24 -4.27
CA GLY D 316 -40.94 -25.21 -4.66
C GLY D 316 -39.79 -25.67 -5.54
N LEU D 317 -39.47 -26.96 -5.49
CA LEU D 317 -38.38 -27.50 -6.29
C LEU D 317 -38.84 -27.76 -7.73
N ARG D 318 -37.87 -28.08 -8.57
CA ARG D 318 -38.13 -28.45 -9.96
C ARG D 318 -37.54 -29.82 -10.25
N LEU D 319 -38.28 -30.63 -10.99
CA LEU D 319 -37.78 -31.93 -11.42
C LEU D 319 -36.82 -31.73 -12.59
N TYR D 320 -35.57 -32.14 -12.40
CA TYR D 320 -34.52 -31.88 -13.37
C TYR D 320 -34.27 -33.13 -14.21
N VAL D 321 -34.35 -32.98 -15.53
CA VAL D 321 -34.06 -34.05 -16.48
C VAL D 321 -32.98 -33.56 -17.43
N ALA D 322 -31.84 -34.25 -17.43
CA ALA D 322 -30.73 -33.93 -18.32
C ALA D 322 -30.56 -35.07 -19.31
N ALA D 323 -30.61 -34.74 -20.61
CA ALA D 323 -30.59 -35.73 -21.66
C ALA D 323 -29.37 -35.52 -22.56
N ALA D 324 -28.71 -36.62 -22.90
CA ALA D 324 -27.59 -36.63 -23.84
C ALA D 324 -27.91 -37.61 -24.95
N ILE D 325 -27.87 -37.14 -26.20
CA ILE D 325 -28.21 -37.95 -27.36
C ILE D 325 -26.91 -38.17 -28.14
N ILE D 326 -26.45 -39.41 -28.18
CA ILE D 326 -25.21 -39.78 -28.85
C ILE D 326 -25.55 -40.59 -30.10
N GLU D 327 -24.98 -40.21 -31.23
CA GLU D 327 -25.32 -40.81 -32.51
C GLU D 327 -24.80 -42.24 -32.61
N SER D 328 -25.55 -43.07 -33.35
CA SER D 328 -25.15 -44.44 -33.64
C SER D 328 -24.16 -44.48 -34.80
N PRO D 329 -24.41 -43.76 -35.92
CA PRO D 329 -23.38 -43.72 -36.98
C PRO D 329 -22.13 -43.00 -36.54
N GLY D 330 -22.28 -41.84 -35.91
CA GLY D 330 -21.18 -41.05 -35.41
C GLY D 330 -20.81 -41.42 -33.99
N GLY D 331 -20.20 -40.45 -33.31
CA GLY D 331 -19.78 -40.65 -31.94
C GLY D 331 -20.01 -39.45 -31.05
N GLU D 332 -20.18 -38.27 -31.66
CA GLU D 332 -20.40 -37.05 -30.90
C GLU D 332 -21.83 -36.99 -30.39
N MET D 333 -22.00 -36.33 -29.25
CA MET D 333 -23.30 -36.21 -28.60
C MET D 333 -23.71 -34.76 -28.48
N GLU D 334 -25.02 -34.54 -28.36
CA GLU D 334 -25.58 -33.24 -28.06
C GLU D 334 -26.44 -33.35 -26.81
N GLU D 335 -26.45 -32.30 -25.99
CA GLU D 335 -27.08 -32.34 -24.68
C GLU D 335 -28.17 -31.29 -24.57
N ALA D 336 -29.15 -31.56 -23.70
CA ALA D 336 -30.23 -30.64 -23.43
C ALA D 336 -30.71 -30.85 -22.00
N GLU D 337 -31.42 -29.87 -21.47
CA GLU D 337 -31.91 -29.91 -20.10
C GLU D 337 -33.28 -29.23 -20.03
N LEU D 338 -34.03 -29.59 -18.99
CA LEU D 338 -35.33 -28.99 -18.70
C LEU D 338 -35.30 -28.41 -17.30
N THR D 339 -35.44 -27.09 -17.21
CA THR D 339 -35.31 -26.38 -15.94
C THR D 339 -36.61 -25.77 -15.45
N SER D 340 -37.72 -26.03 -16.13
CA SER D 340 -38.99 -25.36 -15.84
C SER D 340 -40.07 -26.34 -15.38
N TRP D 341 -39.68 -27.47 -14.81
CA TRP D 341 -40.64 -28.50 -14.40
C TRP D 341 -40.85 -28.42 -12.90
N TYR D 342 -41.67 -27.45 -12.49
CA TYR D 342 -41.89 -27.17 -11.08
C TYR D 342 -42.83 -28.20 -10.44
N PHE D 343 -42.57 -28.48 -9.17
CA PHE D 343 -43.53 -29.18 -8.32
C PHE D 343 -44.42 -28.13 -7.66
N VAL D 344 -45.73 -28.22 -7.91
CA VAL D 344 -46.67 -27.22 -7.40
C VAL D 344 -47.77 -27.93 -6.62
N SER D 345 -48.37 -27.18 -5.69
CA SER D 345 -49.47 -27.68 -4.88
C SER D 345 -50.84 -27.30 -5.44
N SER D 346 -50.89 -26.50 -6.49
CA SER D 346 -52.14 -26.04 -7.08
C SER D 346 -51.86 -25.53 -8.48
N PRO D 347 -52.81 -25.65 -9.41
CA PRO D 347 -52.59 -25.10 -10.75
C PRO D 347 -52.70 -23.59 -10.80
N PHE D 348 -52.86 -22.96 -9.64
CA PHE D 348 -52.98 -21.51 -9.54
C PHE D 348 -52.01 -20.98 -8.49
N SER D 349 -51.77 -19.68 -8.55
CA SER D 349 -50.91 -18.99 -7.60
C SER D 349 -51.59 -17.71 -7.13
N LEU D 350 -51.51 -17.45 -5.83
CA LEU D 350 -52.17 -16.30 -5.22
C LEU D 350 -51.15 -15.21 -4.91
N ASP D 351 -51.49 -13.99 -5.29
CA ASP D 351 -50.68 -12.80 -4.98
C ASP D 351 -51.54 -11.88 -4.11
N LEU D 352 -51.15 -11.73 -2.85
CA LEU D 352 -51.86 -10.88 -1.91
C LEU D 352 -51.14 -9.55 -1.66
N SER D 353 -50.18 -9.19 -2.51
CA SER D 353 -49.45 -7.94 -2.31
C SER D 353 -50.31 -6.71 -2.53
N LYS D 354 -51.39 -6.82 -3.31
CA LYS D 354 -52.26 -5.69 -3.56
C LYS D 354 -53.11 -5.32 -2.35
N THR D 355 -53.19 -6.19 -1.34
CA THR D 355 -53.99 -5.94 -0.15
C THR D 355 -53.18 -5.15 0.87
N LYS D 356 -53.82 -4.14 1.47
CA LYS D 356 -53.18 -3.32 2.48
C LYS D 356 -52.78 -4.17 3.69
N ARG D 357 -51.98 -3.56 4.57
CA ARG D 357 -51.53 -4.22 5.79
C ARG D 357 -51.93 -3.43 7.03
N HIS D 358 -52.94 -2.57 6.93
CA HIS D 358 -53.41 -1.78 8.06
C HIS D 358 -54.92 -1.63 7.97
N LEU D 359 -55.59 -1.84 9.09
CA LEU D 359 -57.05 -1.76 9.14
C LEU D 359 -57.51 -0.34 9.39
N VAL D 360 -58.73 -0.06 8.97
CA VAL D 360 -59.46 1.14 9.35
C VAL D 360 -60.74 0.70 10.07
N PRO D 361 -60.76 0.79 11.40
CA PRO D 361 -61.92 0.26 12.15
C PRO D 361 -63.20 0.98 11.77
N GLY D 362 -64.27 0.20 11.60
CA GLY D 362 -65.55 0.76 11.22
C GLY D 362 -65.71 1.04 9.74
N ALA D 363 -64.84 0.49 8.90
CA ALA D 363 -64.91 0.69 7.47
C ALA D 363 -64.55 -0.62 6.77
N PRO D 364 -65.15 -0.88 5.61
CA PRO D 364 -64.88 -2.14 4.91
C PRO D 364 -63.41 -2.28 4.53
N PHE D 365 -62.86 -3.47 4.76
CA PHE D 365 -61.50 -3.81 4.39
C PHE D 365 -61.53 -4.60 3.08
N LEU D 366 -60.78 -4.12 2.09
CA LEU D 366 -60.81 -4.70 0.76
C LEU D 366 -59.68 -5.71 0.62
N LEU D 367 -60.05 -6.99 0.45
CA LEU D 367 -59.09 -8.04 0.14
C LEU D 367 -58.92 -8.08 -1.38
N GLN D 368 -57.75 -7.67 -1.85
CA GLN D 368 -57.45 -7.63 -3.28
C GLN D 368 -56.38 -8.67 -3.59
N ALA D 369 -56.68 -9.55 -4.53
CA ALA D 369 -55.78 -10.64 -4.87
C ALA D 369 -55.70 -10.78 -6.38
N LEU D 370 -54.65 -11.48 -6.84
CA LEU D 370 -54.45 -11.78 -8.24
C LEU D 370 -54.22 -13.28 -8.38
N VAL D 371 -55.10 -13.94 -9.12
CA VAL D 371 -55.01 -15.38 -9.37
C VAL D 371 -54.54 -15.57 -10.80
N ARG D 372 -53.33 -16.09 -10.96
CA ARG D 372 -52.75 -16.35 -12.27
C ARG D 372 -52.53 -17.84 -12.45
N GLU D 373 -52.91 -18.35 -13.63
CA GLU D 373 -52.68 -19.74 -13.96
C GLU D 373 -51.18 -20.04 -13.95
N MET D 374 -50.84 -21.29 -13.62
CA MET D 374 -49.45 -21.69 -13.52
C MET D 374 -48.75 -21.52 -14.86
N SER D 375 -47.70 -20.68 -14.87
CA SER D 375 -46.89 -20.38 -16.05
C SER D 375 -47.67 -19.58 -17.09
N GLY D 376 -48.92 -19.95 -17.34
CA GLY D 376 -49.72 -19.28 -18.35
C GLY D 376 -50.22 -17.91 -17.95
N SER D 377 -51.24 -17.43 -18.65
CA SER D 377 -51.82 -16.11 -18.42
C SER D 377 -52.67 -16.13 -17.16
N PRO D 378 -53.06 -14.94 -16.65
CA PRO D 378 -53.92 -14.91 -15.44
C PRO D 378 -55.16 -15.78 -15.52
N ALA D 379 -55.67 -16.17 -14.36
CA ALA D 379 -56.81 -17.09 -14.28
C ALA D 379 -58.11 -16.29 -14.19
N SER D 380 -58.96 -16.44 -15.20
CA SER D 380 -60.23 -15.73 -15.26
C SER D 380 -61.38 -16.67 -14.95
N GLY D 381 -62.33 -16.20 -14.15
CA GLY D 381 -63.49 -16.99 -13.78
C GLY D 381 -63.24 -18.04 -12.72
N ILE D 382 -62.21 -17.87 -11.90
CA ILE D 382 -61.87 -18.84 -10.87
C ILE D 382 -62.53 -18.42 -9.56
N PRO D 383 -63.19 -19.34 -8.85
CA PRO D 383 -63.79 -18.99 -7.55
C PRO D 383 -62.70 -18.87 -6.47
N VAL D 384 -62.70 -17.74 -5.77
CA VAL D 384 -61.79 -17.49 -4.66
C VAL D 384 -62.62 -17.21 -3.41
N LYS D 385 -62.35 -17.97 -2.34
CA LYS D 385 -63.11 -17.89 -1.11
C LYS D 385 -62.21 -17.42 0.02
N VAL D 386 -62.72 -16.49 0.83
CA VAL D 386 -61.97 -15.93 1.95
C VAL D 386 -62.77 -16.18 3.23
N SER D 387 -62.08 -16.62 4.28
CA SER D 387 -62.67 -16.81 5.61
C SER D 387 -61.99 -15.81 6.54
N ALA D 388 -62.75 -14.82 7.00
CA ALA D 388 -62.22 -13.72 7.79
C ALA D 388 -62.62 -13.89 9.25
N THR D 389 -61.63 -14.03 10.12
CA THR D 389 -61.85 -14.11 11.56
C THR D 389 -61.62 -12.72 12.16
N VAL D 390 -62.69 -12.11 12.63
CA VAL D 390 -62.66 -10.76 13.20
C VAL D 390 -62.54 -10.89 14.71
N SER D 391 -61.37 -10.54 15.25
CA SER D 391 -61.06 -10.75 16.66
C SER D 391 -61.31 -9.45 17.43
N SER D 392 -62.30 -9.47 18.31
CA SER D 392 -62.55 -8.38 19.25
C SER D 392 -61.78 -8.63 20.54
N PRO D 393 -61.45 -7.57 21.29
CA PRO D 393 -60.67 -7.77 22.52
C PRO D 393 -61.51 -8.25 23.69
N GLY D 394 -62.79 -7.88 23.69
CA GLY D 394 -63.70 -8.23 24.77
C GLY D 394 -64.75 -9.25 24.47
N SER D 395 -64.75 -9.86 23.27
CA SER D 395 -65.75 -10.85 22.92
C SER D 395 -65.12 -11.90 22.01
N VAL D 396 -65.85 -12.98 21.80
CA VAL D 396 -65.36 -14.10 21.00
C VAL D 396 -65.12 -13.65 19.57
N PRO D 397 -64.05 -14.10 18.89
CA PRO D 397 -63.85 -13.73 17.49
C PRO D 397 -65.03 -14.14 16.63
N GLU D 398 -65.31 -13.32 15.62
CA GLU D 398 -66.42 -13.54 14.70
C GLU D 398 -65.90 -13.84 13.30
N VAL D 399 -66.62 -14.69 12.59
CA VAL D 399 -66.19 -15.20 11.29
C VAL D 399 -67.10 -14.60 10.21
N GLN D 400 -66.48 -14.13 9.13
CA GLN D 400 -67.19 -13.61 7.96
C GLN D 400 -66.72 -14.40 6.74
N ASP D 401 -67.66 -15.05 6.06
CA ASP D 401 -67.35 -15.97 4.97
C ASP D 401 -67.88 -15.39 3.66
N ILE D 402 -66.97 -14.93 2.80
CA ILE D 402 -67.32 -14.35 1.51
C ILE D 402 -66.54 -15.07 0.43
N GLN D 403 -67.13 -15.14 -0.77
CA GLN D 403 -66.46 -15.73 -1.93
C GLN D 403 -66.85 -14.95 -3.18
N GLN D 404 -65.99 -15.04 -4.20
CA GLN D 404 -66.20 -14.30 -5.43
C GLN D 404 -65.44 -15.00 -6.55
N ASN D 405 -65.84 -14.70 -7.78
CA ASN D 405 -65.17 -15.20 -8.98
C ASN D 405 -64.23 -14.14 -9.53
N THR D 406 -63.04 -14.57 -9.96
CA THR D 406 -62.06 -13.65 -10.50
C THR D 406 -62.54 -13.06 -11.83
N ASP D 407 -61.99 -11.90 -12.17
CA ASP D 407 -62.39 -11.18 -13.37
C ASP D 407 -61.51 -11.62 -14.55
N GLY D 408 -61.56 -10.85 -15.65
CA GLY D 408 -60.79 -11.21 -16.83
C GLY D 408 -59.30 -11.11 -16.65
N SER D 409 -58.85 -10.13 -15.86
CA SER D 409 -57.43 -9.94 -15.59
C SER D 409 -56.94 -10.77 -14.42
N GLY D 410 -57.77 -11.68 -13.90
CA GLY D 410 -57.38 -12.53 -12.79
C GLY D 410 -57.40 -11.88 -11.42
N GLN D 411 -58.00 -10.70 -11.31
CA GLN D 411 -58.03 -9.96 -10.05
C GLN D 411 -59.37 -10.12 -9.35
N VAL D 412 -59.37 -9.85 -8.05
CA VAL D 412 -60.58 -9.92 -7.24
C VAL D 412 -60.48 -8.87 -6.14
N SER D 413 -61.63 -8.35 -5.72
CA SER D 413 -61.70 -7.37 -4.64
C SER D 413 -62.88 -7.75 -3.75
N ILE D 414 -62.58 -8.22 -2.55
CA ILE D 414 -63.60 -8.71 -1.63
C ILE D 414 -63.63 -7.84 -0.38
N PRO D 415 -64.71 -7.10 -0.13
CA PRO D 415 -64.80 -6.31 1.09
C PRO D 415 -65.04 -7.20 2.31
N ILE D 416 -64.33 -6.87 3.40
CA ILE D 416 -64.54 -7.50 4.69
C ILE D 416 -64.88 -6.38 5.68
N ILE D 417 -66.10 -6.39 6.20
CA ILE D 417 -66.55 -5.34 7.10
C ILE D 417 -66.05 -5.66 8.52
N ILE D 418 -65.41 -4.68 9.14
CA ILE D 418 -64.83 -4.84 10.48
C ILE D 418 -65.47 -3.84 11.43
N PRO D 419 -65.82 -4.24 12.65
CA PRO D 419 -66.40 -3.29 13.61
C PRO D 419 -65.36 -2.30 14.10
N GLN D 420 -65.84 -1.33 14.90
CA GLN D 420 -64.98 -0.27 15.40
C GLN D 420 -64.08 -0.73 16.54
N THR D 421 -64.38 -1.88 17.16
CA THR D 421 -63.59 -2.39 18.27
C THR D 421 -62.64 -3.50 17.84
N ILE D 422 -62.28 -3.56 16.56
CA ILE D 422 -61.44 -4.65 16.07
C ILE D 422 -60.08 -4.61 16.75
N SER D 423 -59.56 -5.78 17.10
CA SER D 423 -58.22 -5.94 17.65
C SER D 423 -57.23 -6.43 16.61
N GLU D 424 -57.59 -7.46 15.84
CA GLU D 424 -56.76 -7.94 14.74
C GLU D 424 -57.62 -8.77 13.81
N LEU D 425 -57.26 -8.74 12.52
CA LEU D 425 -57.99 -9.45 11.49
C LEU D 425 -57.11 -10.53 10.89
N GLN D 426 -57.63 -11.75 10.82
CA GLN D 426 -56.94 -12.88 10.22
C GLN D 426 -57.73 -13.34 9.00
N LEU D 427 -57.08 -13.32 7.83
CA LEU D 427 -57.70 -13.72 6.58
C LEU D 427 -57.13 -15.04 6.10
N SER D 428 -58.02 -15.91 5.61
CA SER D 428 -57.63 -17.19 5.01
C SER D 428 -58.24 -17.24 3.62
N VAL D 429 -57.42 -17.10 2.59
CA VAL D 429 -57.87 -17.02 1.21
C VAL D 429 -57.61 -18.37 0.54
N SER D 430 -58.62 -18.89 -0.15
CA SER D 430 -58.53 -20.15 -0.88
C SER D 430 -59.08 -19.94 -2.28
N ALA D 431 -58.23 -20.11 -3.28
CA ALA D 431 -58.59 -19.85 -4.68
C ALA D 431 -58.39 -21.11 -5.50
N GLY D 432 -59.39 -21.44 -6.32
CA GLY D 432 -59.31 -22.55 -7.23
C GLY D 432 -59.96 -23.81 -6.67
N SER D 433 -60.36 -24.69 -7.59
CA SER D 433 -60.98 -25.96 -7.29
C SER D 433 -60.61 -26.91 -8.41
N PRO D 434 -60.38 -28.21 -8.12
CA PRO D 434 -60.50 -28.87 -6.82
C PRO D 434 -59.31 -28.67 -5.89
N HIS D 435 -58.13 -28.44 -6.45
CA HIS D 435 -56.93 -28.24 -5.65
C HIS D 435 -56.70 -26.76 -5.46
N PRO D 436 -56.92 -26.21 -4.26
CA PRO D 436 -56.85 -24.76 -4.08
C PRO D 436 -55.48 -24.27 -3.65
N ALA D 437 -55.17 -23.06 -4.09
CA ALA D 437 -54.01 -22.32 -3.60
C ALA D 437 -54.44 -21.49 -2.40
N ILE D 438 -53.70 -21.60 -1.31
CA ILE D 438 -54.07 -20.95 -0.06
C ILE D 438 -53.02 -19.93 0.33
N ALA D 439 -53.48 -18.84 0.95
CA ALA D 439 -52.61 -17.80 1.47
C ALA D 439 -53.29 -17.15 2.65
N ARG D 440 -52.57 -17.03 3.77
CA ARG D 440 -53.13 -16.54 5.02
C ARG D 440 -52.45 -15.25 5.42
N LEU D 441 -53.26 -14.27 5.84
CA LEU D 441 -52.79 -12.93 6.16
C LEU D 441 -53.38 -12.47 7.48
N THR D 442 -52.55 -11.79 8.28
CA THR D 442 -52.97 -11.25 9.57
C THR D 442 -52.67 -9.76 9.60
N VAL D 443 -53.69 -8.97 9.95
CA VAL D 443 -53.57 -7.52 10.02
C VAL D 443 -53.94 -7.07 11.42
N ALA D 444 -53.11 -6.22 12.01
CA ALA D 444 -53.33 -5.70 13.35
C ALA D 444 -54.02 -4.35 13.29
N ALA D 445 -54.89 -4.10 14.26
CA ALA D 445 -55.63 -2.84 14.30
C ALA D 445 -54.76 -1.71 14.82
N PRO D 446 -55.00 -0.48 14.35
CA PRO D 446 -54.24 0.67 14.85
C PRO D 446 -54.46 0.87 16.33
N PRO D 447 -53.63 1.69 17.00
CA PRO D 447 -53.84 1.93 18.43
C PRO D 447 -55.22 2.49 18.72
N SER D 448 -55.70 2.20 19.93
CA SER D 448 -57.09 2.47 20.27
C SER D 448 -57.36 3.96 20.51
N GLY D 449 -56.35 4.71 20.96
CA GLY D 449 -56.57 6.10 21.34
C GLY D 449 -56.40 7.09 20.21
N GLY D 450 -56.49 6.63 18.97
CA GLY D 450 -56.29 7.48 17.81
C GLY D 450 -57.30 8.60 17.71
N PRO D 451 -56.94 9.66 16.99
CA PRO D 451 -57.86 10.81 16.84
C PRO D 451 -58.82 10.64 15.68
N GLY D 452 -59.24 9.40 15.41
CA GLY D 452 -60.13 9.12 14.30
C GLY D 452 -59.38 8.55 13.10
N PHE D 453 -60.15 8.13 12.11
CA PHE D 453 -59.60 7.51 10.91
C PHE D 453 -60.30 8.07 9.68
N LEU D 454 -59.65 7.88 8.53
CA LEU D 454 -60.20 8.25 7.23
C LEU D 454 -60.21 7.02 6.35
N SER D 455 -61.35 6.76 5.70
CA SER D 455 -61.52 5.62 4.81
C SER D 455 -61.68 6.13 3.39
N ILE D 456 -60.81 5.66 2.49
CA ILE D 456 -60.87 6.00 1.07
C ILE D 456 -61.43 4.80 0.34
N GLU D 457 -62.68 4.90 -0.11
CA GLU D 457 -63.40 3.80 -0.72
C GLU D 457 -63.48 3.98 -2.22
N ARG D 458 -63.30 2.89 -2.96
CA ARG D 458 -63.26 2.92 -4.42
C ARG D 458 -64.36 2.03 -4.98
N PRO D 459 -65.36 2.58 -5.68
CA PRO D 459 -66.46 1.74 -6.20
C PRO D 459 -66.05 0.88 -7.37
N ASP D 460 -65.39 1.48 -8.36
CA ASP D 460 -64.96 0.76 -9.56
C ASP D 460 -63.55 0.23 -9.33
N SER D 461 -63.41 -1.10 -9.27
CA SER D 461 -62.16 -1.72 -8.88
C SER D 461 -61.22 -1.98 -10.06
N ARG D 462 -61.73 -2.04 -11.28
CA ARG D 462 -60.87 -2.30 -12.42
C ARG D 462 -59.94 -1.11 -12.65
N PRO D 463 -58.69 -1.36 -13.06
CA PRO D 463 -57.75 -0.26 -13.29
C PRO D 463 -58.25 0.67 -14.39
N PRO D 464 -58.17 1.98 -14.17
CA PRO D 464 -58.70 2.92 -15.15
C PRO D 464 -57.76 3.11 -16.33
N ARG D 465 -58.36 3.40 -17.49
CA ARG D 465 -57.60 3.72 -18.68
C ARG D 465 -57.20 5.20 -18.67
N VAL D 466 -56.15 5.52 -19.42
CA VAL D 466 -55.70 6.90 -19.54
C VAL D 466 -56.79 7.71 -20.24
N GLY D 467 -57.40 8.64 -19.51
CA GLY D 467 -58.54 9.39 -20.01
C GLY D 467 -59.83 9.15 -19.26
N ASP D 468 -59.90 8.09 -18.45
CA ASP D 468 -61.10 7.83 -17.66
C ASP D 468 -61.13 8.72 -16.42
N THR D 469 -62.33 8.89 -15.88
CA THR D 469 -62.54 9.63 -14.63
C THR D 469 -62.77 8.63 -13.50
N LEU D 470 -61.94 8.71 -12.47
CA LEU D 470 -62.02 7.81 -11.33
C LEU D 470 -62.71 8.53 -10.17
N ASN D 471 -63.73 7.89 -9.61
CA ASN D 471 -64.46 8.43 -8.46
C ASN D 471 -64.02 7.70 -7.20
N LEU D 472 -63.65 8.45 -6.18
CA LEU D 472 -63.22 7.90 -4.90
C LEU D 472 -64.07 8.47 -3.79
N ASN D 473 -64.36 7.62 -2.79
CA ASN D 473 -65.19 8.00 -1.66
C ASN D 473 -64.30 8.35 -0.47
N LEU D 474 -64.56 9.50 0.13
CA LEU D 474 -63.89 9.94 1.35
C LEU D 474 -64.88 9.85 2.50
N ARG D 475 -64.57 9.03 3.50
CA ARG D 475 -65.46 8.82 4.64
C ARG D 475 -64.64 8.89 5.92
N ALA D 476 -64.78 9.99 6.66
CA ALA D 476 -64.20 10.08 7.99
C ALA D 476 -65.04 9.28 8.97
N VAL D 477 -64.38 8.51 9.83
CA VAL D 477 -65.06 7.65 10.78
C VAL D 477 -64.29 7.64 12.09
N GLY D 478 -65.02 7.71 13.20
CA GLY D 478 -64.43 7.62 14.52
C GLY D 478 -64.30 8.93 15.27
N SER D 479 -64.75 10.04 14.69
CA SER D 479 -64.60 11.34 15.34
C SER D 479 -65.70 12.27 14.86
N GLY D 480 -65.78 13.44 15.49
CA GLY D 480 -66.76 14.44 15.10
C GLY D 480 -66.34 15.16 13.82
N ALA D 481 -67.35 15.57 13.06
CA ALA D 481 -67.12 16.24 11.77
C ALA D 481 -67.13 17.75 11.97
N THR D 482 -66.07 18.23 12.64
CA THR D 482 -65.88 19.66 12.87
C THR D 482 -64.94 20.30 11.87
N PHE D 483 -64.49 19.56 10.86
CA PHE D 483 -63.61 20.10 9.84
C PHE D 483 -64.41 20.63 8.66
N SER D 484 -63.80 21.56 7.92
CA SER D 484 -64.50 22.23 6.84
C SER D 484 -64.27 21.57 5.48
N HIS D 485 -63.10 20.99 5.25
CA HIS D 485 -62.77 20.42 3.94
C HIS D 485 -61.93 19.17 4.11
N TYR D 486 -62.03 18.29 3.13
CA TYR D 486 -61.03 17.24 2.92
C TYR D 486 -59.93 17.81 2.03
N TYR D 487 -58.68 17.39 2.30
CA TYR D 487 -57.54 17.83 1.52
C TYR D 487 -56.90 16.59 0.89
N TYR D 488 -56.77 16.60 -0.43
CA TYR D 488 -56.19 15.48 -1.15
C TYR D 488 -55.16 15.97 -2.16
N MET D 489 -54.28 15.06 -2.57
CA MET D 489 -53.23 15.36 -3.53
C MET D 489 -52.84 14.09 -4.26
N ILE D 490 -52.33 14.26 -5.48
CA ILE D 490 -51.96 13.15 -6.35
C ILE D 490 -50.44 13.07 -6.43
N LEU D 491 -49.90 11.87 -6.23
CA LEU D 491 -48.47 11.62 -6.32
C LEU D 491 -48.21 10.66 -7.46
N SER D 492 -47.40 11.10 -8.43
CA SER D 492 -47.06 10.28 -9.58
C SER D 492 -45.57 10.38 -9.86
N ARG D 493 -44.91 9.23 -9.97
CA ARG D 493 -43.49 9.15 -10.29
C ARG D 493 -42.62 9.88 -9.25
N GLY D 494 -43.11 9.94 -8.01
CA GLY D 494 -42.37 10.58 -6.94
C GLY D 494 -42.51 12.08 -6.85
N GLN D 495 -43.47 12.66 -7.55
CA GLN D 495 -43.67 14.11 -7.55
C GLN D 495 -45.15 14.42 -7.30
N ILE D 496 -45.40 15.50 -6.57
CA ILE D 496 -46.77 15.97 -6.36
C ILE D 496 -47.26 16.57 -7.67
N VAL D 497 -48.24 15.93 -8.29
CA VAL D 497 -48.72 16.34 -9.61
C VAL D 497 -49.96 17.21 -9.46
N PHE D 498 -50.79 16.91 -8.47
CA PHE D 498 -52.04 17.65 -8.28
C PHE D 498 -52.34 17.78 -6.79
N MET D 499 -53.05 18.84 -6.44
CA MET D 499 -53.40 19.11 -5.05
C MET D 499 -54.66 19.99 -5.05
N ASN D 500 -55.64 19.64 -4.23
CA ASN D 500 -56.91 20.35 -4.25
C ASN D 500 -57.67 20.06 -2.96
N ARG D 501 -58.77 20.77 -2.79
CA ARG D 501 -59.69 20.60 -1.67
C ARG D 501 -60.98 19.96 -2.13
N GLU D 502 -61.76 19.47 -1.16
CA GLU D 502 -63.09 18.97 -1.43
C GLU D 502 -63.90 19.21 -0.16
N PRO D 503 -65.04 19.90 -0.26
CA PRO D 503 -65.79 20.24 0.95
C PRO D 503 -66.40 19.03 1.62
N LYS D 504 -66.57 19.14 2.94
CA LYS D 504 -67.19 18.07 3.70
C LYS D 504 -68.70 18.08 3.44
N ARG D 505 -69.20 16.98 2.90
CA ARG D 505 -70.63 16.73 2.77
C ARG D 505 -70.95 15.43 3.51
N THR D 506 -72.24 15.11 3.58
CA THR D 506 -72.64 13.87 4.24
C THR D 506 -72.00 12.67 3.56
N LEU D 507 -71.86 12.72 2.23
CA LEU D 507 -71.11 11.74 1.46
C LEU D 507 -70.25 12.51 0.46
N THR D 508 -68.93 12.44 0.63
CA THR D 508 -68.00 13.20 -0.18
C THR D 508 -67.34 12.29 -1.23
N SER D 509 -67.38 12.72 -2.48
CA SER D 509 -66.81 11.97 -3.59
C SER D 509 -65.85 12.87 -4.35
N VAL D 510 -64.66 12.34 -4.65
CA VAL D 510 -63.63 13.06 -5.39
C VAL D 510 -63.46 12.41 -6.75
N SER D 511 -63.52 13.22 -7.80
CA SER D 511 -63.36 12.74 -9.17
C SER D 511 -61.96 13.07 -9.65
N VAL D 512 -61.21 12.04 -10.05
CA VAL D 512 -59.84 12.19 -10.52
C VAL D 512 -59.81 11.85 -12.01
N PHE D 513 -59.26 12.76 -12.80
CA PHE D 513 -59.10 12.56 -14.24
C PHE D 513 -57.71 12.00 -14.50
N VAL D 514 -57.64 10.75 -14.92
CA VAL D 514 -56.37 10.05 -15.12
C VAL D 514 -55.86 10.38 -16.52
N ASP D 515 -54.80 11.18 -16.59
CA ASP D 515 -54.17 11.54 -17.84
C ASP D 515 -52.79 10.87 -17.94
N HIS D 516 -51.98 11.33 -18.89
CA HIS D 516 -50.69 10.71 -19.13
C HIS D 516 -49.67 11.00 -18.03
N HIS D 517 -49.93 12.01 -17.19
CA HIS D 517 -49.03 12.29 -16.07
C HIS D 517 -49.12 11.23 -14.99
N LEU D 518 -50.24 10.52 -14.89
CA LEU D 518 -50.48 9.59 -13.80
C LEU D 518 -50.05 8.16 -14.11
N ALA D 519 -49.75 7.85 -15.37
CA ALA D 519 -49.30 6.51 -15.72
C ALA D 519 -47.89 6.28 -15.16
N PRO D 520 -47.56 5.02 -14.80
CA PRO D 520 -48.43 3.83 -14.84
C PRO D 520 -49.18 3.60 -13.52
N SER D 521 -48.77 4.30 -12.46
CA SER D 521 -49.41 4.17 -11.16
C SER D 521 -49.21 5.48 -10.39
N PHE D 522 -50.21 5.83 -9.60
CA PHE D 522 -50.16 7.06 -8.82
C PHE D 522 -50.79 6.81 -7.45
N TYR D 523 -50.31 7.55 -6.46
CA TYR D 523 -50.82 7.48 -5.09
C TYR D 523 -51.83 8.59 -4.86
N PHE D 524 -52.98 8.24 -4.27
CA PHE D 524 -53.98 9.22 -3.87
C PHE D 524 -53.89 9.38 -2.35
N VAL D 525 -53.43 10.55 -1.91
CA VAL D 525 -53.28 10.87 -0.50
C VAL D 525 -54.33 11.90 -0.13
N ALA D 526 -55.13 11.59 0.89
CA ALA D 526 -56.17 12.50 1.37
C ALA D 526 -56.11 12.57 2.90
N PHE D 527 -56.47 13.73 3.43
CA PHE D 527 -56.40 13.93 4.87
C PHE D 527 -57.35 15.03 5.30
N TYR D 528 -57.77 14.95 6.56
CA TYR D 528 -58.51 16.01 7.23
C TYR D 528 -57.90 16.21 8.62
N TYR D 529 -58.29 17.30 9.27
CA TYR D 529 -57.74 17.67 10.56
C TYR D 529 -58.80 17.61 11.64
N HIS D 530 -58.42 17.05 12.79
CA HIS D 530 -59.29 16.96 13.98
C HIS D 530 -58.57 17.68 15.11
N GLY D 531 -58.94 18.94 15.33
CA GLY D 531 -58.27 19.75 16.34
C GLY D 531 -56.86 20.12 15.93
N ASP D 532 -55.87 19.51 16.60
CA ASP D 532 -54.47 19.70 16.26
C ASP D 532 -53.81 18.42 15.74
N HIS D 533 -54.59 17.41 15.41
CA HIS D 533 -54.06 16.14 14.92
C HIS D 533 -54.52 15.90 13.50
N PRO D 534 -53.61 15.66 12.55
CA PRO D 534 -54.04 15.28 11.21
C PRO D 534 -54.51 13.84 11.18
N VAL D 535 -55.48 13.57 10.31
CA VAL D 535 -55.99 12.22 10.08
C VAL D 535 -55.92 11.97 8.59
N ALA D 536 -55.16 10.96 8.19
CA ALA D 536 -54.84 10.75 6.78
C ALA D 536 -54.90 9.28 6.42
N ASN D 537 -55.01 9.03 5.12
CA ASN D 537 -54.97 7.70 4.55
C ASN D 537 -54.62 7.84 3.07
N SER D 538 -54.12 6.75 2.48
CA SER D 538 -53.67 6.79 1.10
C SER D 538 -54.09 5.52 0.38
N LEU D 539 -54.18 5.63 -0.94
CA LEU D 539 -54.56 4.51 -1.81
C LEU D 539 -53.75 4.59 -3.08
N ARG D 540 -53.17 3.46 -3.49
CA ARG D 540 -52.38 3.37 -4.70
C ARG D 540 -53.25 2.84 -5.84
N VAL D 541 -53.28 3.58 -6.94
CA VAL D 541 -54.11 3.23 -8.11
C VAL D 541 -53.17 2.87 -9.25
N ASP D 542 -53.32 1.65 -9.76
CA ASP D 542 -52.58 1.20 -10.94
C ASP D 542 -53.39 1.52 -12.19
N VAL D 543 -52.72 2.12 -13.17
CA VAL D 543 -53.37 2.54 -14.41
C VAL D 543 -53.16 1.46 -15.46
N GLN D 544 -54.18 1.25 -16.29
CA GLN D 544 -54.13 0.27 -17.37
C GLN D 544 -53.35 0.80 -18.56
N ALA D 545 -52.38 1.67 -18.31
CA ALA D 545 -51.64 2.31 -19.38
C ALA D 545 -50.74 1.32 -20.10
N GLY D 546 -50.44 1.63 -21.36
CA GLY D 546 -49.59 0.79 -22.17
C GLY D 546 -49.49 1.24 -23.60
N ALA D 547 -49.36 2.55 -23.82
CA ALA D 547 -49.27 3.11 -25.15
C ALA D 547 -48.33 4.31 -25.13
N CYS D 548 -47.74 4.59 -26.29
CA CYS D 548 -46.76 5.66 -26.43
C CYS D 548 -47.44 7.02 -26.50
N GLU D 549 -46.63 8.06 -26.30
CA GLU D 549 -46.94 9.38 -26.82
C GLU D 549 -46.51 9.40 -28.28
N GLY D 550 -47.44 9.70 -29.18
CA GLY D 550 -47.16 9.55 -30.59
C GLY D 550 -47.22 8.09 -31.00
N LYS D 551 -46.44 7.77 -32.03
CA LYS D 551 -46.53 6.43 -32.62
C LYS D 551 -45.25 6.10 -33.38
N LEU D 552 -44.79 4.85 -33.23
CA LEU D 552 -43.76 4.27 -34.08
C LEU D 552 -44.25 2.89 -34.51
N GLU D 553 -44.48 2.72 -35.81
CA GLU D 553 -45.06 1.50 -36.35
C GLU D 553 -44.14 0.92 -37.41
N LEU D 554 -43.72 -0.33 -37.22
CA LEU D 554 -42.88 -1.05 -38.16
C LEU D 554 -43.71 -2.13 -38.85
N SER D 555 -43.54 -2.27 -40.15
CA SER D 555 -44.32 -3.23 -40.92
C SER D 555 -43.56 -3.66 -42.16
N VAL D 556 -43.62 -4.96 -42.44
CA VAL D 556 -43.14 -5.52 -43.70
C VAL D 556 -44.39 -5.81 -44.53
N ASP D 557 -44.64 -4.96 -45.51
CA ASP D 557 -45.90 -5.01 -46.25
C ASP D 557 -46.01 -6.31 -47.05
N GLY D 558 -47.24 -6.81 -47.18
CA GLY D 558 -47.46 -8.04 -47.90
C GLY D 558 -46.99 -9.25 -47.09
N ALA D 559 -46.58 -10.29 -47.81
CA ALA D 559 -46.09 -11.50 -47.16
C ALA D 559 -44.77 -11.23 -46.47
N LYS D 560 -44.62 -11.75 -45.26
CA LYS D 560 -43.39 -11.63 -44.48
C LYS D 560 -42.58 -12.92 -44.51
N GLN D 561 -42.68 -13.69 -45.58
CA GLN D 561 -41.91 -14.91 -45.78
C GLN D 561 -41.04 -14.73 -47.00
N TYR D 562 -39.72 -14.90 -46.82
CA TYR D 562 -38.76 -14.66 -47.89
C TYR D 562 -37.71 -15.76 -47.91
N ARG D 563 -37.10 -15.94 -49.07
CA ARG D 563 -36.00 -16.87 -49.24
C ARG D 563 -34.68 -16.13 -49.05
N ASN D 564 -33.57 -16.82 -49.28
CA ASN D 564 -32.26 -16.21 -49.13
C ASN D 564 -31.98 -15.23 -50.25
N GLY D 565 -31.40 -14.08 -49.91
CA GLY D 565 -30.93 -13.11 -50.88
C GLY D 565 -31.93 -12.10 -51.38
N GLU D 566 -33.15 -12.53 -51.67
CA GLU D 566 -34.14 -11.64 -52.26
C GLU D 566 -34.47 -10.48 -51.32
N SER D 567 -34.69 -9.31 -51.91
CA SER D 567 -34.84 -8.08 -51.14
C SER D 567 -36.16 -8.07 -50.37
N VAL D 568 -36.16 -7.37 -49.24
CA VAL D 568 -37.34 -7.17 -48.42
C VAL D 568 -37.42 -5.69 -48.05
N LYS D 569 -38.63 -5.13 -48.13
CA LYS D 569 -38.85 -3.72 -47.86
C LYS D 569 -39.53 -3.56 -46.50
N LEU D 570 -38.94 -2.72 -45.65
CA LEU D 570 -39.45 -2.44 -44.32
C LEU D 570 -40.01 -1.03 -44.28
N HIS D 571 -41.25 -0.89 -43.80
CA HIS D 571 -41.92 0.39 -43.73
C HIS D 571 -41.83 0.95 -42.32
N LEU D 572 -41.44 2.21 -42.20
CA LEU D 572 -41.33 2.90 -40.93
C LEU D 572 -42.34 4.04 -40.89
N GLU D 573 -43.17 4.06 -39.85
CA GLU D 573 -44.20 5.08 -39.71
C GLU D 573 -44.07 5.75 -38.34
N THR D 574 -44.16 7.08 -38.33
CA THR D 574 -44.09 7.85 -37.10
C THR D 574 -44.93 9.11 -37.27
N ASP D 575 -45.39 9.65 -36.14
CA ASP D 575 -46.24 10.83 -36.19
C ASP D 575 -45.45 12.13 -36.31
N SER D 576 -44.19 12.15 -35.87
CA SER D 576 -43.36 13.34 -35.91
C SER D 576 -41.99 12.97 -36.47
N LEU D 577 -41.12 13.97 -36.59
CA LEU D 577 -39.73 13.72 -36.95
C LEU D 577 -39.00 13.13 -35.75
N ALA D 578 -38.33 12.00 -35.96
CA ALA D 578 -37.72 11.28 -34.86
C ALA D 578 -36.55 10.45 -35.35
N LEU D 579 -35.68 10.09 -34.41
CA LEU D 579 -34.59 9.16 -34.66
C LEU D 579 -35.07 7.75 -34.35
N VAL D 580 -35.11 6.90 -35.38
CA VAL D 580 -35.61 5.54 -35.24
C VAL D 580 -34.42 4.60 -35.15
N ALA D 581 -34.23 4.00 -33.97
CA ALA D 581 -33.16 3.04 -33.74
C ALA D 581 -33.73 1.63 -33.91
N LEU D 582 -33.19 0.90 -34.87
CA LEU D 582 -33.71 -0.41 -35.26
C LEU D 582 -32.80 -1.53 -34.78
N GLY D 583 -33.29 -2.76 -34.96
CA GLY D 583 -32.55 -3.95 -34.58
C GLY D 583 -33.31 -5.21 -34.90
N ALA D 584 -32.61 -6.23 -35.42
CA ALA D 584 -33.22 -7.50 -35.79
C ALA D 584 -32.62 -8.60 -34.92
N LEU D 585 -33.48 -9.27 -34.14
CA LEU D 585 -33.05 -10.27 -33.18
C LEU D 585 -33.56 -11.64 -33.59
N ASP D 586 -32.68 -12.64 -33.49
CA ASP D 586 -33.06 -14.02 -33.79
C ASP D 586 -34.04 -14.52 -32.74
N THR D 587 -35.01 -15.32 -33.21
CA THR D 587 -35.97 -15.94 -32.29
C THR D 587 -35.37 -17.10 -31.50
N ALA D 588 -34.21 -17.61 -31.92
CA ALA D 588 -33.63 -18.77 -31.25
C ALA D 588 -33.08 -18.41 -29.88
N LEU D 589 -32.36 -17.29 -29.78
CA LEU D 589 -31.79 -16.89 -28.50
C LEU D 589 -32.84 -16.56 -27.45
N TYR D 590 -34.07 -16.24 -27.88
CA TYR D 590 -35.18 -15.96 -26.98
C TYR D 590 -36.05 -17.17 -26.72
N ALA D 591 -35.76 -18.30 -27.35
CA ALA D 591 -36.56 -19.51 -27.22
C ALA D 591 -35.91 -20.47 -26.23
N ALA D 592 -36.51 -21.65 -26.09
CA ALA D 592 -35.99 -22.77 -25.28
C ALA D 592 -35.89 -22.30 -23.83
N GLY D 593 -34.73 -22.40 -23.19
CA GLY D 593 -34.62 -22.03 -21.78
C GLY D 593 -34.88 -20.56 -21.53
N SER D 594 -34.59 -19.72 -22.52
CA SER D 594 -34.87 -18.28 -22.45
C SER D 594 -34.20 -17.63 -21.25
N LYS D 595 -32.91 -17.94 -21.06
CA LYS D 595 -32.10 -17.33 -20.01
C LYS D 595 -31.37 -16.09 -20.51
N SER D 596 -31.89 -15.42 -21.53
CA SER D 596 -31.12 -14.44 -22.29
C SER D 596 -31.61 -13.01 -22.11
N HIS D 597 -32.34 -12.73 -21.02
CA HIS D 597 -32.77 -11.37 -20.67
C HIS D 597 -33.71 -10.76 -21.71
N LYS D 598 -34.98 -10.59 -21.35
CA LYS D 598 -35.96 -10.08 -22.28
C LYS D 598 -35.61 -8.67 -22.74
N PRO D 599 -35.92 -8.32 -23.99
CA PRO D 599 -35.60 -6.99 -24.51
C PRO D 599 -36.55 -5.92 -23.96
N LEU D 600 -36.35 -4.69 -24.40
CA LEU D 600 -37.16 -3.58 -23.94
C LEU D 600 -38.55 -3.63 -24.55
N ASN D 601 -39.53 -3.13 -23.78
CA ASN D 601 -40.88 -2.92 -24.26
C ASN D 601 -41.49 -1.75 -23.50
N MET D 602 -42.75 -1.43 -23.81
CA MET D 602 -43.41 -0.33 -23.13
C MET D 602 -43.59 -0.63 -21.64
N GLY D 603 -43.73 -1.91 -21.28
CA GLY D 603 -43.80 -2.26 -19.87
C GLY D 603 -42.51 -1.96 -19.13
N LYS D 604 -41.36 -2.21 -19.77
CA LYS D 604 -40.08 -1.86 -19.17
C LYS D 604 -39.88 -0.35 -19.10
N VAL D 605 -40.40 0.39 -20.08
CA VAL D 605 -40.23 1.83 -20.10
C VAL D 605 -41.00 2.49 -18.95
N PHE D 606 -42.26 2.10 -18.76
CA PHE D 606 -43.05 2.65 -17.67
C PHE D 606 -42.48 2.27 -16.32
N GLU D 607 -41.96 1.05 -16.20
CA GLU D 607 -41.26 0.65 -14.97
C GLU D 607 -40.03 1.51 -14.74
N ALA D 608 -39.33 1.90 -15.82
CA ALA D 608 -38.18 2.79 -15.68
C ALA D 608 -38.62 4.20 -15.29
N MET D 609 -39.71 4.69 -15.87
CA MET D 609 -40.24 5.99 -15.49
C MET D 609 -40.73 5.99 -14.05
N ASN D 610 -41.32 4.86 -13.62
CA ASN D 610 -41.82 4.73 -12.26
C ASN D 610 -40.73 4.35 -11.27
N SER D 611 -39.47 4.27 -11.70
CA SER D 611 -38.38 3.95 -10.79
C SER D 611 -38.13 5.05 -9.76
N TYR D 612 -38.66 6.25 -10.00
CA TYR D 612 -38.56 7.34 -9.04
C TYR D 612 -39.71 7.35 -8.04
N ASP D 613 -40.57 6.33 -8.07
CA ASP D 613 -41.65 6.23 -7.09
C ASP D 613 -41.07 6.00 -5.70
N LEU D 614 -41.57 6.74 -4.72
CA LEU D 614 -41.07 6.69 -3.35
C LEU D 614 -42.03 6.01 -2.40
N GLY D 615 -43.11 5.42 -2.90
CA GLY D 615 -44.15 4.85 -2.07
C GLY D 615 -43.68 3.80 -1.08
N CYS D 616 -43.16 2.68 -1.59
CA CYS D 616 -42.67 1.57 -0.78
C CYS D 616 -43.79 0.87 -0.01
N GLY D 617 -45.02 0.91 -0.55
CA GLY D 617 -46.13 0.26 0.10
C GLY D 617 -47.39 0.23 -0.75
N PRO D 618 -48.41 -0.48 -0.28
CA PRO D 618 -49.68 -0.54 -1.00
C PRO D 618 -50.74 0.45 -0.53
N GLY D 619 -50.43 1.30 0.45
CA GLY D 619 -51.40 2.26 0.92
C GLY D 619 -51.13 2.81 2.30
N GLY D 620 -50.54 1.98 3.16
CA GLY D 620 -50.26 2.39 4.53
C GLY D 620 -51.52 2.72 5.32
N GLY D 621 -51.30 3.39 6.45
CA GLY D 621 -52.42 3.85 7.26
C GLY D 621 -52.33 3.49 8.72
N ASP D 622 -51.15 3.08 9.18
CA ASP D 622 -50.98 2.76 10.60
C ASP D 622 -51.10 4.02 11.45
N SER D 623 -50.43 5.09 11.04
CA SER D 623 -50.53 6.38 11.68
C SER D 623 -50.66 7.46 10.61
N ALA D 624 -51.49 8.47 10.89
CA ALA D 624 -51.70 9.54 9.92
C ALA D 624 -50.40 10.25 9.59
N LEU D 625 -49.46 10.29 10.53
CA LEU D 625 -48.17 10.92 10.26
C LEU D 625 -47.31 10.06 9.34
N GLN D 626 -47.34 8.74 9.54
CA GLN D 626 -46.48 7.84 8.78
C GLN D 626 -47.13 7.27 7.54
N VAL D 627 -48.40 7.62 7.26
CA VAL D 627 -48.98 7.26 5.97
C VAL D 627 -48.37 8.11 4.86
N PHE D 628 -47.81 9.27 5.21
CA PHE D 628 -47.08 10.07 4.23
C PHE D 628 -45.75 9.42 3.88
N GLN D 629 -45.11 8.75 4.84
CA GLN D 629 -43.90 8.00 4.53
C GLN D 629 -44.20 6.84 3.60
N ALA D 630 -45.29 6.12 3.85
CA ALA D 630 -45.71 5.02 2.99
C ALA D 630 -46.20 5.50 1.63
N ALA D 631 -46.42 6.79 1.46
CA ALA D 631 -46.75 7.36 0.16
C ALA D 631 -45.55 8.00 -0.52
N GLY D 632 -44.48 8.28 0.22
CA GLY D 632 -43.28 8.87 -0.33
C GLY D 632 -43.06 10.33 0.01
N LEU D 633 -43.77 10.87 1.00
CA LEU D 633 -43.70 12.28 1.34
C LEU D 633 -43.09 12.48 2.72
N ALA D 634 -42.55 13.68 2.93
CA ALA D 634 -42.16 14.18 4.24
C ALA D 634 -42.99 15.43 4.53
N PHE D 635 -43.43 15.58 5.77
CA PHE D 635 -44.40 16.61 6.10
C PHE D 635 -44.25 17.05 7.54
N SER D 636 -44.53 18.31 7.79
CA SER D 636 -44.53 18.86 9.14
C SER D 636 -45.52 20.01 9.21
N ASP D 637 -46.17 20.14 10.37
CA ASP D 637 -47.12 21.23 10.61
C ASP D 637 -46.59 22.25 11.61
N GLY D 638 -45.37 22.07 12.12
CA GLY D 638 -44.82 22.90 13.16
C GLY D 638 -44.96 22.32 14.55
N ASP D 639 -45.83 21.32 14.73
CA ASP D 639 -45.98 20.61 15.99
C ASP D 639 -45.48 19.18 15.95
N GLN D 640 -45.51 18.55 14.78
CA GLN D 640 -45.01 17.19 14.61
C GLN D 640 -44.31 17.09 13.27
N TRP D 641 -43.28 16.24 13.20
CA TRP D 641 -42.41 16.17 12.04
C TRP D 641 -42.33 14.75 11.51
N THR D 642 -42.29 14.61 10.19
CA THR D 642 -42.10 13.32 9.55
C THR D 642 -40.64 12.91 9.64
N LEU D 643 -40.41 11.65 9.99
CA LEU D 643 -39.06 11.13 10.12
C LEU D 643 -38.43 10.93 8.74
N SER D 644 -37.18 11.38 8.59
CA SER D 644 -36.42 11.09 7.37
C SER D 644 -36.00 9.63 7.39
N ARG D 645 -36.41 8.88 6.39
CA ARG D 645 -36.25 7.43 6.43
C ARG D 645 -34.77 7.04 6.39
N LYS D 646 -34.49 5.87 6.98
CA LYS D 646 -33.10 5.47 7.22
C LYS D 646 -32.36 5.18 5.92
N ARG D 647 -33.03 4.53 4.97
CA ARG D 647 -32.41 4.17 3.70
C ARG D 647 -33.12 4.86 2.55
N LEU D 648 -32.43 4.94 1.42
CA LEU D 648 -33.00 5.61 0.25
C LEU D 648 -34.08 4.76 -0.41
N SER D 649 -33.88 3.44 -0.46
CA SER D 649 -34.81 2.53 -1.14
C SER D 649 -35.48 1.63 -0.11
N CYS D 650 -36.70 2.02 0.29
CA CYS D 650 -37.63 1.25 1.11
C CYS D 650 -36.96 0.53 2.28
N PRO D 651 -36.84 1.16 3.44
CA PRO D 651 -36.28 0.51 4.63
C PRO D 651 -37.27 -0.45 5.28
N VAL E 2 -23.99 -47.18 -19.34
CA VAL E 2 -24.85 -46.89 -18.19
C VAL E 2 -24.16 -47.31 -16.89
N ASN E 3 -23.73 -48.56 -16.83
CA ASN E 3 -23.06 -49.06 -15.63
C ASN E 3 -21.76 -48.33 -15.35
N PHE E 4 -21.05 -47.90 -16.40
CA PHE E 4 -19.82 -47.14 -16.21
C PHE E 4 -20.11 -45.80 -15.53
N GLN E 5 -21.17 -45.11 -15.97
CA GLN E 5 -21.50 -43.81 -15.40
C GLN E 5 -21.93 -43.93 -13.95
N LYS E 6 -22.73 -44.95 -13.62
CA LYS E 6 -23.22 -45.10 -12.26
C LYS E 6 -22.11 -45.50 -11.30
N ALA E 7 -21.10 -46.24 -11.78
CA ALA E 7 -20.00 -46.63 -10.92
C ALA E 7 -19.10 -45.44 -10.60
N ILE E 8 -18.89 -44.55 -11.57
CA ILE E 8 -18.08 -43.36 -11.32
C ILE E 8 -18.81 -42.41 -10.37
N ASN E 9 -20.12 -42.27 -10.54
CA ASN E 9 -20.91 -41.46 -9.62
C ASN E 9 -20.85 -42.04 -8.20
N GLU E 10 -20.75 -43.36 -8.09
CA GLU E 10 -20.57 -43.99 -6.78
C GLU E 10 -19.22 -43.62 -6.18
N LYS E 11 -18.19 -43.53 -7.02
CA LYS E 11 -16.86 -43.15 -6.55
C LYS E 11 -16.82 -41.69 -6.16
N LEU E 12 -17.49 -40.82 -6.92
CA LEU E 12 -17.52 -39.39 -6.61
C LEU E 12 -18.20 -39.12 -5.28
N GLY E 13 -19.22 -39.90 -4.92
CA GLY E 13 -19.92 -39.70 -3.67
C GLY E 13 -19.09 -39.98 -2.44
N GLN E 14 -17.95 -40.67 -2.59
CA GLN E 14 -17.08 -40.97 -1.47
C GLN E 14 -16.20 -39.80 -1.05
N TYR E 15 -16.16 -38.74 -1.86
CA TYR E 15 -15.34 -37.56 -1.57
C TYR E 15 -16.27 -36.37 -1.39
N ALA E 16 -16.23 -35.76 -0.21
CA ALA E 16 -17.19 -34.72 0.15
C ALA E 16 -16.80 -33.34 -0.35
N SER E 17 -15.51 -33.05 -0.46
CA SER E 17 -15.08 -31.72 -0.86
C SER E 17 -15.34 -31.49 -2.35
N PRO E 18 -15.79 -30.30 -2.74
CA PRO E 18 -15.98 -30.03 -4.18
C PRO E 18 -14.68 -29.99 -4.95
N THR E 19 -13.59 -29.54 -4.32
CA THR E 19 -12.28 -29.62 -4.96
C THR E 19 -11.86 -31.07 -5.16
N ALA E 20 -12.13 -31.92 -4.17
CA ALA E 20 -11.79 -33.34 -4.30
C ALA E 20 -12.63 -33.99 -5.40
N LYS E 21 -13.89 -33.59 -5.54
CA LYS E 21 -14.72 -34.13 -6.61
C LYS E 21 -14.17 -33.74 -7.98
N ARG E 22 -13.72 -32.49 -8.13
CA ARG E 22 -13.16 -32.06 -9.41
C ARG E 22 -11.82 -32.72 -9.67
N CYS E 23 -10.99 -32.87 -8.64
CA CYS E 23 -9.75 -33.62 -8.79
C CYS E 23 -10.03 -35.07 -9.16
N CYS E 24 -11.11 -35.63 -8.61
CA CYS E 24 -11.54 -36.97 -9.01
C CYS E 24 -12.12 -36.95 -10.43
N GLN E 25 -12.85 -35.89 -10.77
CA GLN E 25 -13.42 -35.77 -12.11
C GLN E 25 -12.32 -35.62 -13.16
N ASP E 26 -11.26 -34.88 -12.82
CA ASP E 26 -10.12 -34.78 -13.74
C ASP E 26 -9.38 -36.11 -13.87
N GLY E 27 -9.34 -36.90 -12.80
CA GLY E 27 -8.64 -38.18 -12.86
C GLY E 27 -9.34 -39.19 -13.76
N VAL E 28 -10.67 -39.25 -13.68
CA VAL E 28 -11.41 -40.20 -14.50
C VAL E 28 -11.50 -39.76 -15.94
N THR E 29 -11.32 -38.47 -16.21
CA THR E 29 -11.33 -37.97 -17.58
C THR E 29 -10.09 -38.49 -18.32
N ARG E 30 -10.30 -38.99 -19.53
CA ARG E 30 -9.21 -39.61 -20.29
C ARG E 30 -8.33 -38.55 -20.95
N LEU E 31 -7.02 -38.68 -20.73
CA LEU E 31 -6.06 -37.80 -21.38
C LEU E 31 -5.97 -38.15 -22.87
N PRO E 32 -5.77 -37.16 -23.73
CA PRO E 32 -5.69 -37.47 -25.18
C PRO E 32 -4.57 -38.43 -25.53
N MET E 33 -3.33 -38.13 -25.14
CA MET E 33 -2.22 -39.05 -25.33
C MET E 33 -2.14 -40.00 -24.15
N MET E 34 -1.63 -41.20 -24.40
CA MET E 34 -1.64 -42.27 -23.40
C MET E 34 -0.44 -42.10 -22.48
N ARG E 35 -0.69 -41.55 -21.29
CA ARG E 35 0.28 -41.51 -20.22
C ARG E 35 -0.19 -42.41 -19.09
N SER E 36 0.76 -43.12 -18.47
CA SER E 36 0.41 -44.03 -17.38
C SER E 36 -0.24 -43.25 -16.24
N CYS E 37 -1.21 -43.90 -15.58
CA CYS E 37 -1.96 -43.21 -14.53
C CYS E 37 -1.05 -42.77 -13.39
N GLU E 38 -0.14 -43.65 -12.94
CA GLU E 38 0.80 -43.27 -11.90
C GLU E 38 1.75 -42.17 -12.38
N GLN E 39 2.23 -42.28 -13.62
CA GLN E 39 3.09 -41.24 -14.18
C GLN E 39 2.34 -39.92 -14.32
N ARG E 40 1.06 -39.98 -14.71
CA ARG E 40 0.28 -38.77 -14.88
C ARG E 40 0.06 -38.05 -13.55
N ALA E 41 -0.18 -38.82 -12.48
CA ALA E 41 -0.48 -38.22 -11.18
C ALA E 41 0.72 -37.52 -10.56
N ALA E 42 1.94 -37.75 -11.05
CA ALA E 42 3.12 -37.15 -10.46
C ALA E 42 3.19 -35.64 -10.69
N ARG E 43 2.40 -35.12 -11.63
CA ARG E 43 2.52 -33.70 -11.98
C ARG E 43 1.80 -32.79 -10.99
N VAL E 44 0.58 -33.17 -10.58
CA VAL E 44 -0.20 -32.31 -9.69
C VAL E 44 0.55 -32.11 -8.38
N GLN E 45 0.60 -30.87 -7.92
CA GLN E 45 1.44 -30.49 -6.79
C GLN E 45 0.64 -30.26 -5.50
N GLN E 46 -0.65 -30.55 -5.51
CA GLN E 46 -1.47 -30.40 -4.30
C GLN E 46 -1.74 -31.79 -3.72
N PRO E 47 -1.21 -32.12 -2.55
CA PRO E 47 -1.43 -33.47 -2.00
C PRO E 47 -2.89 -33.79 -1.73
N ASP E 48 -3.67 -32.81 -1.27
CA ASP E 48 -5.10 -33.04 -1.06
C ASP E 48 -5.85 -33.22 -2.38
N CYS E 49 -5.24 -32.84 -3.50
CA CYS E 49 -5.78 -33.13 -4.82
C CYS E 49 -5.17 -34.36 -5.45
N ARG E 50 -3.90 -34.66 -5.14
CA ARG E 50 -3.23 -35.81 -5.74
C ARG E 50 -3.78 -37.12 -5.22
N GLU E 51 -4.08 -37.19 -3.92
CA GLU E 51 -4.56 -38.44 -3.33
C GLU E 51 -5.87 -38.91 -3.94
N PRO E 52 -6.91 -38.08 -4.09
CA PRO E 52 -8.14 -38.55 -4.75
C PRO E 52 -7.99 -38.66 -6.26
N PHE E 53 -7.10 -37.83 -6.83
CA PHE E 53 -6.86 -37.90 -8.27
C PHE E 53 -6.34 -39.26 -8.68
N LEU E 54 -5.35 -39.78 -7.93
CA LEU E 54 -4.77 -41.08 -8.27
C LEU E 54 -5.78 -42.20 -8.05
N SER E 55 -6.52 -42.16 -6.95
CA SER E 55 -7.47 -43.24 -6.65
C SER E 55 -8.57 -43.33 -7.68
N CYS E 56 -9.12 -42.18 -8.11
CA CYS E 56 -10.15 -42.19 -9.13
C CYS E 56 -9.58 -42.57 -10.50
N CYS E 57 -8.37 -42.09 -10.80
CA CYS E 57 -7.71 -42.45 -12.06
C CYS E 57 -7.42 -43.95 -12.10
N GLN E 58 -7.04 -44.53 -10.96
CA GLN E 58 -6.81 -45.97 -10.92
C GLN E 58 -8.13 -46.74 -11.00
N PHE E 59 -9.17 -46.25 -10.33
CA PHE E 59 -10.46 -46.96 -10.35
C PHE E 59 -11.14 -46.83 -11.71
N ALA E 60 -11.06 -45.66 -12.34
CA ALA E 60 -11.70 -45.47 -13.63
C ALA E 60 -11.09 -46.36 -14.70
N GLU E 61 -9.75 -46.38 -14.79
CA GLU E 61 -9.11 -47.23 -15.77
C GLU E 61 -9.28 -48.70 -15.44
N SER E 62 -9.31 -49.06 -14.16
CA SER E 62 -9.61 -50.44 -13.77
C SER E 62 -11.03 -50.81 -14.20
N LEU E 63 -11.98 -49.91 -13.96
CA LEU E 63 -13.35 -50.13 -14.44
C LEU E 63 -13.39 -50.13 -15.96
N ARG E 64 -12.60 -49.26 -16.59
CA ARG E 64 -12.58 -49.20 -18.06
C ARG E 64 -11.93 -50.45 -18.64
N LYS E 65 -10.93 -51.00 -17.95
CA LYS E 65 -10.36 -52.28 -18.36
C LYS E 65 -11.37 -53.40 -18.22
N LYS E 66 -12.21 -53.35 -17.19
CA LYS E 66 -13.24 -54.37 -17.01
C LYS E 66 -14.34 -54.25 -18.07
N SER E 67 -14.68 -53.02 -18.48
CA SER E 67 -15.66 -52.85 -19.55
C SER E 67 -15.14 -53.36 -20.88
N ARG E 68 -13.83 -53.22 -21.14
CA ARG E 68 -13.24 -53.87 -22.30
C ARG E 68 -13.22 -55.38 -22.15
N ASP E 69 -13.15 -55.87 -20.91
CA ASP E 69 -13.19 -57.31 -20.69
C ASP E 69 -14.59 -57.87 -20.88
N LYS E 70 -15.62 -57.06 -20.62
CA LYS E 70 -17.00 -57.51 -20.84
C LYS E 70 -17.31 -57.57 -22.33
N GLY E 71 -16.93 -56.53 -23.08
CA GLY E 71 -17.18 -56.47 -24.49
C GLY E 71 -18.57 -55.93 -24.82
N GLN E 72 -18.69 -55.39 -26.03
CA GLN E 72 -19.96 -54.84 -26.47
C GLN E 72 -20.97 -55.96 -26.70
N ALA E 73 -22.20 -55.73 -26.24
CA ALA E 73 -23.23 -56.76 -26.27
C ALA E 73 -23.86 -56.85 -27.65
N GLY E 74 -24.18 -58.07 -28.05
CA GLY E 74 -24.80 -58.31 -29.34
C GLY E 74 -24.65 -59.76 -29.79
N LEU E 75 -25.59 -60.22 -30.61
CA LEU E 75 -25.52 -61.58 -31.15
C LEU E 75 -24.51 -61.72 -32.28
N GLN E 76 -24.09 -60.60 -32.87
CA GLN E 76 -23.12 -60.65 -33.95
C GLN E 76 -21.77 -61.18 -33.46
N ARG E 77 -20.99 -61.71 -34.40
CA ARG E 77 -19.66 -62.23 -34.11
C ARG E 77 -18.56 -61.25 -34.45
N ALA E 78 -18.89 -60.04 -34.90
CA ALA E 78 -17.91 -58.98 -35.08
C ALA E 78 -17.84 -58.13 -33.82
N LEU E 79 -16.71 -57.46 -33.64
CA LEU E 79 -16.45 -56.65 -32.46
C LEU E 79 -16.08 -55.24 -32.88
N GLU E 80 -16.83 -54.26 -32.39
CA GLU E 80 -16.50 -52.87 -32.64
C GLU E 80 -15.26 -52.46 -31.88
N ILE E 81 -14.52 -51.48 -32.43
CA ILE E 81 -13.34 -50.97 -31.77
C ILE E 81 -13.63 -49.79 -30.87
N LEU E 82 -14.84 -49.20 -30.97
CA LEU E 82 -15.22 -48.05 -30.15
C LEU E 82 -15.72 -48.54 -28.79
N GLN E 83 -14.76 -48.97 -27.97
CA GLN E 83 -15.04 -49.52 -26.65
C GLN E 83 -14.72 -48.55 -25.52
N GLU E 84 -14.38 -47.30 -25.85
CA GLU E 84 -14.06 -46.30 -24.83
C GLU E 84 -15.32 -45.58 -24.39
N GLU E 85 -15.49 -45.43 -23.09
CA GLU E 85 -16.59 -44.67 -22.52
C GLU E 85 -16.06 -43.78 -21.40
N ASP E 86 -16.38 -42.50 -21.46
CA ASP E 86 -15.91 -41.54 -20.48
C ASP E 86 -17.09 -41.00 -19.67
N LEU E 87 -16.78 -40.42 -18.52
CA LEU E 87 -17.80 -39.87 -17.64
C LEU E 87 -18.47 -38.67 -18.27
N ILE E 88 -19.80 -38.63 -18.19
CA ILE E 88 -20.58 -37.46 -18.59
C ILE E 88 -20.62 -36.52 -17.39
N ASP E 89 -20.07 -35.32 -17.57
CA ASP E 89 -19.88 -34.40 -16.45
C ASP E 89 -21.21 -34.04 -15.80
N GLU E 90 -21.19 -33.92 -14.48
CA GLU E 90 -22.33 -33.39 -13.72
C GLU E 90 -22.32 -31.88 -13.64
N ASP E 91 -21.30 -31.23 -14.23
CA ASP E 91 -21.34 -29.79 -14.41
C ASP E 91 -22.47 -29.41 -15.36
N ASP E 92 -22.77 -28.12 -15.41
CA ASP E 92 -23.90 -27.65 -16.20
C ASP E 92 -23.69 -27.95 -17.67
N ILE E 93 -24.78 -28.30 -18.35
CA ILE E 93 -24.73 -28.71 -19.76
C ILE E 93 -24.54 -27.49 -20.64
N PRO E 94 -23.92 -27.61 -21.81
CA PRO E 94 -23.69 -26.44 -22.67
C PRO E 94 -24.86 -26.12 -23.58
N VAL E 95 -25.60 -25.06 -23.26
CA VAL E 95 -26.63 -24.57 -24.16
C VAL E 95 -25.98 -23.77 -25.29
N ARG E 96 -26.66 -23.73 -26.43
CA ARG E 96 -26.11 -23.07 -27.61
C ARG E 96 -25.75 -21.61 -27.31
N SER E 97 -24.61 -21.17 -27.84
CA SER E 97 -24.10 -19.83 -27.56
C SER E 97 -23.76 -19.01 -28.78
N PHE E 98 -23.74 -19.60 -29.98
CA PHE E 98 -23.39 -18.88 -31.20
C PHE E 98 -24.66 -18.51 -31.95
N PHE E 99 -24.77 -17.24 -32.35
CA PHE E 99 -25.94 -16.72 -33.03
C PHE E 99 -25.51 -15.77 -34.13
N PRO E 100 -26.28 -15.68 -35.22
CA PRO E 100 -25.89 -14.80 -36.33
C PRO E 100 -25.84 -13.34 -35.90
N GLU E 101 -24.98 -12.58 -36.57
CA GLU E 101 -24.77 -11.19 -36.21
C GLU E 101 -26.02 -10.36 -36.46
N ASN E 102 -26.21 -9.35 -35.62
CA ASN E 102 -27.42 -8.52 -35.64
C ASN E 102 -27.32 -7.55 -36.81
N TRP E 103 -27.85 -7.96 -37.96
CA TRP E 103 -28.03 -7.03 -39.06
C TRP E 103 -29.15 -6.05 -38.74
N LEU E 104 -29.17 -4.93 -39.46
CA LEU E 104 -30.11 -3.83 -39.25
C LEU E 104 -29.90 -3.14 -37.90
N TRP E 105 -28.69 -3.23 -37.34
CA TRP E 105 -28.35 -2.51 -36.11
C TRP E 105 -27.94 -1.09 -36.52
N ARG E 106 -28.93 -0.21 -36.61
CA ARG E 106 -28.71 1.13 -37.14
C ARG E 106 -29.72 2.09 -36.54
N VAL E 107 -29.50 3.38 -36.79
CA VAL E 107 -30.43 4.43 -36.40
C VAL E 107 -30.64 5.34 -37.60
N GLU E 108 -31.91 5.56 -37.96
CA GLU E 108 -32.26 6.33 -39.14
C GLU E 108 -33.20 7.47 -38.76
N THR E 109 -32.94 8.64 -39.34
CA THR E 109 -33.81 9.80 -39.15
C THR E 109 -35.01 9.66 -40.06
N VAL E 110 -36.19 9.50 -39.47
CA VAL E 110 -37.42 9.27 -40.21
C VAL E 110 -38.36 10.45 -39.97
N ASP E 111 -38.76 11.11 -41.05
CA ASP E 111 -39.72 12.20 -41.00
C ASP E 111 -41.06 11.67 -41.51
N ARG E 112 -42.05 11.62 -40.61
CA ARG E 112 -43.38 11.09 -40.91
C ARG E 112 -43.32 9.61 -41.28
N PHE E 113 -42.75 9.28 -42.43
CA PHE E 113 -42.57 7.88 -42.77
C PHE E 113 -41.46 7.73 -43.81
N GLN E 114 -40.80 6.56 -43.77
CA GLN E 114 -39.78 6.20 -44.73
C GLN E 114 -39.86 4.70 -44.99
N ILE E 115 -39.33 4.28 -46.13
CA ILE E 115 -39.30 2.87 -46.53
C ILE E 115 -37.86 2.48 -46.80
N LEU E 116 -37.42 1.39 -46.20
CA LEU E 116 -36.06 0.88 -46.35
C LEU E 116 -36.11 -0.45 -47.09
N THR E 117 -35.38 -0.53 -48.21
CA THR E 117 -35.19 -1.79 -48.91
C THR E 117 -33.97 -2.50 -48.32
N LEU E 118 -34.15 -3.76 -47.93
CA LEU E 118 -33.13 -4.50 -47.20
C LEU E 118 -32.83 -5.81 -47.90
N TRP E 119 -31.62 -6.31 -47.67
CA TRP E 119 -31.17 -7.59 -48.21
C TRP E 119 -31.04 -8.59 -47.06
N LEU E 120 -31.70 -9.73 -47.21
CA LEU E 120 -31.93 -10.69 -46.13
C LEU E 120 -30.74 -11.64 -45.99
N PRO E 121 -30.21 -11.82 -44.78
CA PRO E 121 -29.13 -12.80 -44.59
C PRO E 121 -29.62 -14.22 -44.86
N ASP E 122 -28.66 -15.13 -45.03
CA ASP E 122 -28.93 -16.49 -45.46
C ASP E 122 -29.22 -17.45 -44.32
N SER E 123 -29.52 -16.94 -43.13
CA SER E 123 -29.86 -17.81 -42.02
C SER E 123 -31.23 -18.44 -42.23
N LEU E 124 -31.50 -19.50 -41.48
CA LEU E 124 -32.78 -20.19 -41.55
C LEU E 124 -33.72 -19.83 -40.40
N THR E 125 -33.19 -19.29 -39.31
CA THR E 125 -34.01 -18.94 -38.15
C THR E 125 -34.81 -17.67 -38.41
N THR E 126 -36.07 -17.69 -38.02
CA THR E 126 -36.94 -16.53 -38.21
C THR E 126 -36.53 -15.40 -37.28
N TRP E 127 -36.70 -14.17 -37.76
CA TRP E 127 -36.31 -12.97 -37.03
C TRP E 127 -37.53 -12.19 -36.58
N GLU E 128 -37.31 -11.31 -35.61
CA GLU E 128 -38.28 -10.29 -35.23
C GLU E 128 -37.55 -8.95 -35.14
N ILE E 129 -38.17 -7.92 -35.71
CA ILE E 129 -37.55 -6.60 -35.83
C ILE E 129 -38.12 -5.69 -34.76
N HIS E 130 -37.24 -5.02 -34.02
CA HIS E 130 -37.63 -4.07 -32.98
C HIS E 130 -37.30 -2.64 -33.43
N GLY E 131 -37.89 -1.68 -32.73
CA GLY E 131 -37.69 -0.29 -33.07
C GLY E 131 -37.88 0.67 -31.92
N LEU E 132 -37.04 1.69 -31.85
CA LEU E 132 -37.12 2.73 -30.82
C LEU E 132 -37.17 4.08 -31.50
N SER E 133 -38.17 4.89 -31.17
CA SER E 133 -38.34 6.22 -31.74
C SER E 133 -38.04 7.26 -30.67
N LEU E 134 -37.12 8.17 -30.95
CA LEU E 134 -36.80 9.29 -30.07
C LEU E 134 -37.15 10.58 -30.80
N SER E 135 -38.22 11.23 -30.38
CA SER E 135 -38.66 12.50 -30.95
C SER E 135 -38.58 13.58 -29.88
N LYS E 136 -38.08 14.76 -30.29
CA LYS E 136 -37.98 15.86 -29.33
C LYS E 136 -39.33 16.34 -28.85
N THR E 137 -40.37 16.18 -29.68
CA THR E 137 -41.71 16.65 -29.31
C THR E 137 -42.55 15.56 -28.65
N LYS E 138 -42.47 14.32 -29.13
CA LYS E 138 -43.33 13.25 -28.66
C LYS E 138 -42.64 12.25 -27.75
N GLY E 139 -41.31 12.29 -27.64
CA GLY E 139 -40.60 11.46 -26.70
C GLY E 139 -40.34 10.05 -27.20
N LEU E 140 -39.95 9.19 -26.26
CA LEU E 140 -39.57 7.82 -26.57
C LEU E 140 -40.80 6.96 -26.88
N CYS E 141 -40.64 6.05 -27.84
CA CYS E 141 -41.67 5.06 -28.13
C CYS E 141 -41.00 3.76 -28.56
N VAL E 142 -41.53 2.65 -28.08
CA VAL E 142 -41.05 1.32 -28.43
C VAL E 142 -42.03 0.71 -29.41
N ALA E 143 -41.55 0.36 -30.59
CA ALA E 143 -42.41 -0.20 -31.62
C ALA E 143 -42.81 -1.63 -31.29
N THR E 144 -43.96 -2.04 -31.81
CA THR E 144 -44.39 -3.42 -31.66
C THR E 144 -43.52 -4.32 -32.54
N PRO E 145 -43.00 -5.42 -32.01
CA PRO E 145 -42.15 -6.31 -32.82
C PRO E 145 -42.92 -6.87 -34.01
N VAL E 146 -42.23 -6.99 -35.14
CA VAL E 146 -42.80 -7.54 -36.37
C VAL E 146 -41.99 -8.77 -36.75
N GLN E 147 -42.68 -9.86 -37.07
CA GLN E 147 -42.03 -11.11 -37.39
C GLN E 147 -41.57 -11.13 -38.85
N LEU E 148 -40.45 -11.81 -39.08
CA LEU E 148 -39.94 -12.01 -40.43
C LEU E 148 -39.44 -13.44 -40.53
N ARG E 149 -40.05 -14.23 -41.41
CA ARG E 149 -39.74 -15.64 -41.56
C ARG E 149 -38.88 -15.84 -42.80
N VAL E 150 -37.63 -16.23 -42.61
CA VAL E 150 -36.74 -16.62 -43.69
C VAL E 150 -36.72 -18.14 -43.76
N PHE E 151 -36.83 -18.67 -44.98
CA PHE E 151 -36.89 -20.11 -45.17
C PHE E 151 -36.07 -20.49 -46.39
N ARG E 152 -35.66 -21.76 -46.45
CA ARG E 152 -34.87 -22.30 -47.53
C ARG E 152 -35.64 -23.42 -48.22
N GLU E 153 -35.82 -23.30 -49.53
CA GLU E 153 -36.34 -24.42 -50.30
C GLU E 153 -35.24 -25.42 -50.62
N PHE E 154 -34.08 -24.93 -51.04
CA PHE E 154 -32.96 -25.75 -51.46
C PHE E 154 -31.68 -24.99 -51.16
N HIS E 155 -30.70 -25.69 -50.59
CA HIS E 155 -29.48 -25.06 -50.09
C HIS E 155 -28.26 -25.85 -50.56
N LEU E 156 -27.30 -25.13 -51.15
CA LEU E 156 -26.03 -25.69 -51.57
C LEU E 156 -24.95 -25.30 -50.57
N HIS E 157 -24.18 -26.27 -50.09
CA HIS E 157 -23.18 -26.05 -49.05
C HIS E 157 -21.86 -26.64 -49.50
N LEU E 158 -20.84 -25.78 -49.60
CA LEU E 158 -19.51 -26.18 -50.04
C LEU E 158 -18.51 -25.95 -48.92
N ARG E 159 -17.54 -26.87 -48.80
CA ARG E 159 -16.50 -26.77 -47.80
C ARG E 159 -15.20 -27.30 -48.38
N LEU E 160 -14.08 -26.68 -47.99
CA LEU E 160 -12.77 -27.02 -48.52
C LEU E 160 -11.72 -26.69 -47.47
N PRO E 161 -10.54 -27.31 -47.54
CA PRO E 161 -9.53 -27.08 -46.51
C PRO E 161 -9.01 -25.65 -46.52
N MET E 162 -8.33 -25.30 -45.41
CA MET E 162 -7.74 -23.97 -45.32
C MET E 162 -6.57 -23.82 -46.29
N SER E 163 -5.67 -24.79 -46.32
CA SER E 163 -4.48 -24.74 -47.16
C SER E 163 -4.29 -26.09 -47.85
N VAL E 164 -4.05 -26.04 -49.16
CA VAL E 164 -3.81 -27.23 -49.97
C VAL E 164 -2.58 -26.97 -50.82
N ARG E 165 -1.58 -27.85 -50.71
CA ARG E 165 -0.42 -27.76 -51.57
C ARG E 165 -0.74 -28.29 -52.96
N ARG E 166 -0.12 -27.68 -53.96
CA ARG E 166 -0.41 -28.04 -55.34
C ARG E 166 -0.02 -29.49 -55.62
N PHE E 167 -0.77 -30.11 -56.55
CA PHE E 167 -0.65 -31.51 -56.95
C PHE E 167 -1.08 -32.49 -55.88
N GLU E 168 -1.71 -32.01 -54.81
CA GLU E 168 -2.39 -32.90 -53.87
C GLU E 168 -3.75 -33.29 -54.45
N GLN E 169 -4.11 -34.56 -54.29
CA GLN E 169 -5.36 -35.08 -54.83
C GLN E 169 -6.51 -34.72 -53.90
N LEU E 170 -7.47 -33.96 -54.41
CA LEU E 170 -8.54 -33.40 -53.58
C LEU E 170 -9.90 -33.82 -54.15
N GLU E 171 -10.74 -34.38 -53.29
CA GLU E 171 -12.12 -34.72 -53.64
C GLU E 171 -13.04 -33.87 -52.79
N LEU E 172 -13.56 -32.78 -53.36
CA LEU E 172 -14.48 -31.91 -52.65
C LEU E 172 -15.89 -32.48 -52.69
N ARG E 173 -16.64 -32.23 -51.61
CA ARG E 173 -17.98 -32.79 -51.44
C ARG E 173 -18.96 -31.68 -51.04
N PRO E 174 -19.43 -30.90 -52.02
CA PRO E 174 -20.55 -30.00 -51.75
C PRO E 174 -21.81 -30.80 -51.41
N VAL E 175 -22.54 -30.33 -50.39
CA VAL E 175 -23.69 -31.03 -49.86
C VAL E 175 -24.96 -30.31 -50.30
N LEU E 176 -25.91 -31.06 -50.84
CA LEU E 176 -27.21 -30.53 -51.27
C LEU E 176 -28.21 -30.76 -50.14
N TYR E 177 -28.79 -29.67 -49.64
CA TYR E 177 -29.80 -29.72 -48.60
C TYR E 177 -31.16 -29.46 -49.22
N ASN E 178 -32.09 -30.41 -49.01
CA ASN E 178 -33.45 -30.31 -49.54
C ASN E 178 -34.42 -30.23 -48.37
N TYR E 179 -35.08 -29.08 -48.23
CA TYR E 179 -36.06 -28.88 -47.18
C TYR E 179 -37.49 -29.15 -47.63
N LEU E 180 -37.72 -29.31 -48.93
CA LEU E 180 -39.07 -29.50 -49.45
C LEU E 180 -39.58 -30.90 -49.11
N ASP E 181 -40.90 -31.04 -49.11
CA ASP E 181 -41.56 -32.32 -48.93
C ASP E 181 -41.65 -33.12 -50.23
N LYS E 182 -40.92 -32.70 -51.26
CA LYS E 182 -40.89 -33.40 -52.54
C LYS E 182 -39.48 -33.88 -52.82
N ASN E 183 -39.38 -35.02 -53.51
CA ASN E 183 -38.09 -35.45 -54.05
C ASN E 183 -37.62 -34.46 -55.10
N LEU E 184 -36.31 -34.18 -55.11
CA LEU E 184 -35.74 -33.16 -55.98
C LEU E 184 -34.53 -33.73 -56.71
N THR E 185 -34.51 -33.55 -58.03
CA THR E 185 -33.37 -33.91 -58.86
C THR E 185 -32.63 -32.64 -59.26
N VAL E 186 -31.33 -32.60 -58.98
CA VAL E 186 -30.52 -31.40 -59.16
C VAL E 186 -29.43 -31.70 -60.18
N SER E 187 -29.14 -30.72 -61.03
CA SER E 187 -28.02 -30.79 -61.97
C SER E 187 -26.88 -29.96 -61.39
N VAL E 188 -25.81 -30.64 -60.97
CA VAL E 188 -24.70 -30.01 -60.28
C VAL E 188 -23.45 -30.10 -61.15
N HIS E 189 -22.65 -29.04 -61.14
CA HIS E 189 -21.39 -29.01 -61.85
C HIS E 189 -20.50 -27.95 -61.24
N VAL E 190 -19.20 -28.08 -61.46
CA VAL E 190 -18.22 -27.08 -61.04
C VAL E 190 -17.85 -26.25 -62.26
N SER E 191 -17.88 -24.92 -62.10
CA SER E 191 -17.63 -24.04 -63.22
C SER E 191 -16.19 -24.20 -63.70
N PRO E 192 -15.94 -24.10 -65.00
CA PRO E 192 -14.57 -24.21 -65.50
C PRO E 192 -13.72 -23.03 -65.07
N VAL E 193 -12.51 -23.33 -64.61
CA VAL E 193 -11.60 -22.29 -64.11
C VAL E 193 -10.18 -22.76 -64.34
N GLU E 194 -9.30 -21.81 -64.66
CA GLU E 194 -7.90 -22.12 -64.92
C GLU E 194 -7.19 -22.51 -63.62
N GLY E 195 -6.09 -23.26 -63.78
CA GLY E 195 -5.27 -23.67 -62.66
C GLY E 195 -5.70 -24.93 -61.96
N LEU E 196 -6.87 -25.49 -62.30
CA LEU E 196 -7.40 -26.68 -61.66
C LEU E 196 -7.68 -27.73 -62.71
N CYS E 197 -6.96 -28.86 -62.63
CA CYS E 197 -7.30 -30.02 -63.45
C CYS E 197 -8.63 -30.58 -62.97
N LEU E 198 -9.67 -30.44 -63.78
CA LEU E 198 -11.03 -30.74 -63.37
C LEU E 198 -11.70 -31.62 -64.41
N ALA E 199 -12.69 -32.40 -63.96
CA ALA E 199 -13.39 -33.33 -64.85
C ALA E 199 -14.08 -32.57 -65.97
N GLY E 200 -13.83 -33.02 -67.21
CA GLY E 200 -14.39 -32.36 -68.37
C GLY E 200 -13.91 -30.94 -68.57
N GLY E 201 -12.78 -30.58 -67.96
CA GLY E 201 -12.33 -29.20 -68.01
C GLY E 201 -13.24 -28.23 -67.31
N GLY E 202 -14.01 -28.69 -66.34
CA GLY E 202 -15.00 -27.85 -65.69
C GLY E 202 -16.31 -27.81 -66.44
N GLY E 203 -17.40 -27.69 -65.69
CA GLY E 203 -18.72 -27.65 -66.29
C GLY E 203 -19.28 -29.00 -66.68
N LEU E 204 -18.88 -30.06 -65.98
CA LEU E 204 -19.41 -31.39 -66.22
C LEU E 204 -20.64 -31.61 -65.35
N ALA E 205 -21.82 -31.65 -65.96
CA ALA E 205 -23.05 -31.78 -65.21
C ALA E 205 -23.16 -33.18 -64.59
N GLN E 206 -23.71 -33.24 -63.38
CA GLN E 206 -23.93 -34.49 -62.67
C GLN E 206 -25.32 -34.45 -62.06
N GLN E 207 -26.13 -35.44 -62.40
CA GLN E 207 -27.51 -35.51 -61.92
C GLN E 207 -27.57 -36.27 -60.60
N VAL E 208 -28.06 -35.61 -59.56
CA VAL E 208 -28.11 -36.18 -58.22
C VAL E 208 -29.54 -36.04 -57.69
N LEU E 209 -30.09 -37.16 -57.23
CA LEU E 209 -31.42 -37.18 -56.61
C LEU E 209 -31.28 -36.99 -55.11
N VAL E 210 -31.95 -35.98 -54.57
CA VAL E 210 -31.94 -35.70 -53.14
C VAL E 210 -33.35 -35.96 -52.60
N PRO E 211 -33.53 -36.91 -51.69
CA PRO E 211 -34.88 -37.18 -51.17
C PRO E 211 -35.43 -36.00 -50.39
N ALA E 212 -36.75 -36.04 -50.16
CA ALA E 212 -37.42 -34.97 -49.45
C ALA E 212 -36.96 -34.92 -48.00
N GLY E 213 -36.70 -33.72 -47.50
CA GLY E 213 -36.23 -33.56 -46.13
C GLY E 213 -34.95 -34.30 -45.84
N SER E 214 -34.01 -34.28 -46.78
CA SER E 214 -32.77 -35.05 -46.65
C SER E 214 -31.63 -34.28 -47.27
N ALA E 215 -30.41 -34.79 -47.05
CA ALA E 215 -29.19 -34.18 -47.58
C ALA E 215 -28.37 -35.24 -48.29
N ARG E 216 -27.78 -34.85 -49.42
CA ARG E 216 -26.96 -35.77 -50.21
C ARG E 216 -25.68 -35.08 -50.66
N PRO E 217 -24.51 -35.53 -50.20
CA PRO E 217 -23.25 -34.96 -50.69
C PRO E 217 -22.97 -35.39 -52.11
N VAL E 218 -22.39 -34.48 -52.88
CA VAL E 218 -21.98 -34.74 -54.26
C VAL E 218 -20.47 -34.63 -54.32
N ALA E 219 -19.81 -35.67 -54.85
CA ALA E 219 -18.36 -35.76 -54.86
C ALA E 219 -17.82 -35.30 -56.21
N PHE E 220 -16.98 -34.27 -56.19
CA PHE E 220 -16.25 -33.81 -57.36
C PHE E 220 -14.76 -33.99 -57.10
N SER E 221 -14.04 -34.42 -58.13
CA SER E 221 -12.59 -34.66 -58.03
C SER E 221 -11.84 -33.55 -58.75
N VAL E 222 -10.75 -33.09 -58.14
CA VAL E 222 -9.94 -32.02 -58.69
C VAL E 222 -8.52 -32.14 -58.14
N VAL E 223 -7.56 -31.60 -58.88
CA VAL E 223 -6.19 -31.51 -58.41
C VAL E 223 -5.62 -30.18 -58.86
N PRO E 224 -5.12 -29.35 -57.94
CA PRO E 224 -4.64 -28.01 -58.32
C PRO E 224 -3.21 -28.08 -58.86
N THR E 225 -3.01 -27.47 -60.04
CA THR E 225 -1.69 -27.38 -60.64
C THR E 225 -1.10 -25.98 -60.56
N ALA E 226 -1.89 -24.97 -60.22
CA ALA E 226 -1.41 -23.60 -60.13
C ALA E 226 -0.61 -23.40 -58.84
N ALA E 227 0.00 -22.22 -58.74
CA ALA E 227 0.76 -21.84 -57.56
C ALA E 227 0.12 -20.69 -56.80
N ALA E 228 -1.05 -20.22 -57.23
CA ALA E 228 -1.76 -19.14 -56.58
C ALA E 228 -3.14 -19.61 -56.13
N ALA E 229 -3.83 -18.76 -55.39
CA ALA E 229 -5.17 -19.06 -54.92
C ALA E 229 -6.17 -18.92 -56.05
N VAL E 230 -7.11 -19.86 -56.12
CA VAL E 230 -8.11 -19.91 -57.18
C VAL E 230 -9.49 -20.01 -56.54
N SER E 231 -10.42 -19.18 -57.00
CA SER E 231 -11.80 -19.22 -56.56
C SER E 231 -12.59 -20.16 -57.48
N LEU E 232 -13.14 -21.22 -56.90
CA LEU E 232 -13.93 -22.18 -57.65
C LEU E 232 -15.40 -22.02 -57.28
N LYS E 233 -16.27 -22.18 -58.28
CA LYS E 233 -17.70 -21.90 -58.14
C LYS E 233 -18.51 -23.11 -58.57
N VAL E 234 -19.35 -23.61 -57.67
CA VAL E 234 -20.22 -24.76 -57.94
C VAL E 234 -21.62 -24.23 -58.21
N VAL E 235 -22.21 -24.68 -59.32
CA VAL E 235 -23.54 -24.24 -59.74
C VAL E 235 -24.47 -25.45 -59.75
N ALA E 236 -25.59 -25.33 -59.07
CA ALA E 236 -26.59 -26.38 -59.00
C ALA E 236 -27.96 -25.79 -59.27
N ARG E 237 -28.68 -26.37 -60.23
CA ARG E 237 -30.04 -25.96 -60.53
C ARG E 237 -30.87 -27.20 -60.82
N GLY E 238 -32.11 -27.20 -60.33
CA GLY E 238 -32.99 -28.33 -60.53
C GLY E 238 -33.54 -28.41 -61.93
N SER E 239 -34.05 -27.29 -62.44
CA SER E 239 -34.72 -27.23 -63.74
C SER E 239 -35.84 -28.25 -63.81
N PHE E 240 -36.25 -28.63 -65.02
CA PHE E 240 -37.33 -29.60 -65.20
C PHE E 240 -38.59 -29.15 -64.47
N GLU E 241 -38.98 -27.90 -64.74
CA GLU E 241 -40.10 -27.19 -64.11
C GLU E 241 -39.88 -26.94 -62.62
N PHE E 242 -38.71 -27.28 -62.07
CA PHE E 242 -38.35 -26.89 -60.71
C PHE E 242 -37.52 -25.62 -60.80
N PRO E 243 -38.04 -24.47 -60.36
CA PRO E 243 -37.23 -23.23 -60.41
C PRO E 243 -36.10 -23.19 -59.39
N VAL E 244 -35.90 -24.25 -58.61
CA VAL E 244 -34.89 -24.23 -57.56
C VAL E 244 -33.49 -24.16 -58.17
N GLY E 245 -32.56 -23.60 -57.40
CA GLY E 245 -31.19 -23.45 -57.84
C GLY E 245 -30.36 -22.66 -56.85
N ASP E 246 -29.07 -22.96 -56.78
CA ASP E 246 -28.20 -22.29 -55.82
C ASP E 246 -26.76 -22.39 -56.32
N ALA E 247 -25.94 -21.40 -55.93
CA ALA E 247 -24.55 -21.33 -56.36
C ALA E 247 -23.68 -20.83 -55.22
N VAL E 248 -22.52 -21.46 -55.05
CA VAL E 248 -21.57 -21.12 -54.00
C VAL E 248 -20.19 -20.97 -54.63
N SER E 249 -19.53 -19.85 -54.32
CA SER E 249 -18.18 -19.57 -54.82
C SER E 249 -17.27 -19.29 -53.63
N LYS E 250 -16.14 -19.99 -53.55
CA LYS E 250 -15.20 -19.82 -52.46
C LYS E 250 -13.79 -19.83 -53.01
N VAL E 251 -12.87 -19.23 -52.25
CA VAL E 251 -11.47 -19.12 -52.64
C VAL E 251 -10.70 -20.27 -52.02
N LEU E 252 -9.92 -20.97 -52.84
CA LEU E 252 -9.10 -22.10 -52.40
C LEU E 252 -7.64 -21.68 -52.40
N GLN E 253 -7.02 -21.70 -51.22
CA GLN E 253 -5.61 -21.33 -51.09
C GLN E 253 -4.73 -22.48 -51.53
N ILE E 254 -3.89 -22.23 -52.53
CA ILE E 254 -2.95 -23.22 -53.05
C ILE E 254 -1.54 -22.76 -52.71
N GLU E 255 -0.83 -23.58 -51.95
CA GLU E 255 0.51 -23.26 -51.48
C GLU E 255 1.56 -24.09 -52.20
N LYS E 256 2.79 -23.60 -52.19
CA LYS E 256 3.89 -24.34 -52.76
C LYS E 256 4.25 -25.54 -51.88
N GLU E 257 4.99 -26.48 -52.47
CA GLU E 257 5.16 -27.80 -51.85
C GLU E 257 5.91 -27.72 -50.53
N GLY E 258 7.05 -27.03 -50.52
CA GLY E 258 7.95 -27.08 -49.39
C GLY E 258 7.44 -26.31 -48.18
N ALA E 259 8.35 -26.08 -47.25
CA ALA E 259 8.07 -25.33 -46.02
C ALA E 259 8.77 -23.97 -46.09
N ILE E 260 8.08 -22.96 -45.56
CA ILE E 260 8.56 -21.58 -45.68
C ILE E 260 9.85 -21.40 -44.88
N HIS E 261 10.81 -20.69 -45.47
CA HIS E 261 12.06 -20.33 -44.82
C HIS E 261 12.33 -18.86 -45.08
N ARG E 262 12.62 -18.10 -44.02
CA ARG E 262 12.82 -16.67 -44.11
C ARG E 262 14.25 -16.32 -43.70
N GLU E 263 14.93 -15.56 -44.55
CA GLU E 263 16.26 -15.04 -44.25
C GLU E 263 16.23 -13.52 -44.42
N GLU E 264 16.58 -12.81 -43.35
CA GLU E 264 16.54 -11.35 -43.33
C GLU E 264 17.96 -10.82 -43.15
N LEU E 265 18.41 -10.01 -44.11
CA LEU E 265 19.71 -9.37 -44.05
C LEU E 265 19.53 -7.86 -44.16
N VAL E 266 20.30 -7.12 -43.36
CA VAL E 266 20.27 -5.67 -43.35
C VAL E 266 21.67 -5.14 -43.62
N TYR E 267 21.75 -4.07 -44.41
CA TYR E 267 23.01 -3.47 -44.81
C TYR E 267 23.07 -2.02 -44.37
N GLU E 268 24.18 -1.62 -43.77
CA GLU E 268 24.40 -0.23 -43.40
C GLU E 268 24.74 0.58 -44.64
N LEU E 269 24.05 1.72 -44.80
CA LEU E 269 24.26 2.60 -45.95
C LEU E 269 25.02 3.84 -45.48
N ASN E 270 26.26 3.95 -45.93
CA ASN E 270 27.11 5.10 -45.62
C ASN E 270 27.64 5.66 -46.93
N PRO E 271 27.17 6.82 -47.38
CA PRO E 271 27.49 7.29 -48.73
C PRO E 271 28.87 7.94 -48.87
N LEU E 272 29.69 7.96 -47.82
CA LEU E 272 31.01 8.56 -47.93
C LEU E 272 31.88 7.79 -48.92
N ASP E 273 32.72 8.52 -49.65
CA ASP E 273 33.54 7.90 -50.68
C ASP E 273 34.56 6.93 -50.09
N HIS E 274 35.03 7.18 -48.87
CA HIS E 274 35.99 6.26 -48.26
C HIS E 274 35.37 4.91 -47.95
N ARG E 275 34.08 4.89 -47.59
CA ARG E 275 33.39 3.66 -47.26
C ARG E 275 32.94 2.94 -48.53
N GLY E 276 32.24 1.82 -48.35
CA GLY E 276 31.68 1.09 -49.46
C GLY E 276 30.53 1.82 -50.10
N ARG E 277 30.84 2.84 -50.91
CA ARG E 277 29.80 3.62 -51.56
C ARG E 277 28.99 2.77 -52.54
N THR E 278 29.64 1.82 -53.20
CA THR E 278 28.97 0.88 -54.10
C THR E 278 29.19 -0.53 -53.58
N LEU E 279 28.09 -1.26 -53.38
CA LEU E 279 28.15 -2.61 -52.84
C LEU E 279 27.16 -3.49 -53.58
N GLU E 280 27.46 -4.79 -53.63
CA GLU E 280 26.65 -5.77 -54.32
C GLU E 280 26.07 -6.77 -53.32
N ILE E 281 24.81 -7.11 -53.51
CA ILE E 281 24.12 -8.12 -52.70
C ILE E 281 24.14 -9.42 -53.49
N PRO E 282 24.75 -10.49 -52.96
CA PRO E 282 25.07 -11.67 -53.79
C PRO E 282 23.86 -12.49 -54.23
N GLY E 283 22.65 -12.16 -53.78
CA GLY E 283 21.53 -13.02 -54.11
C GLY E 283 21.58 -14.31 -53.31
N ASN E 284 20.78 -15.27 -53.75
CA ASN E 284 20.64 -16.53 -53.04
C ASN E 284 20.86 -17.71 -53.98
N SER E 285 21.45 -18.77 -53.42
CA SER E 285 21.64 -20.03 -54.14
C SER E 285 21.54 -21.20 -53.17
N ASP E 286 20.55 -21.15 -52.29
CA ASP E 286 20.43 -22.14 -51.23
C ASP E 286 20.16 -23.52 -51.82
N PRO E 287 20.83 -24.57 -51.32
CA PRO E 287 20.64 -25.90 -51.90
C PRO E 287 19.35 -26.58 -51.49
N ASN E 288 18.61 -26.04 -50.52
CA ASN E 288 17.38 -26.65 -50.05
C ASN E 288 16.13 -26.04 -50.67
N MET E 289 16.27 -24.93 -51.39
CA MET E 289 15.12 -24.29 -52.01
C MET E 289 14.47 -25.20 -53.04
N ILE E 290 13.14 -25.24 -53.04
CA ILE E 290 12.38 -26.10 -53.93
C ILE E 290 12.59 -25.64 -55.37
N PRO E 291 12.55 -26.55 -56.35
CA PRO E 291 12.89 -26.15 -57.74
C PRO E 291 11.81 -25.35 -58.44
N ASP E 292 10.58 -25.85 -58.45
CA ASP E 292 9.49 -25.24 -59.23
C ASP E 292 8.94 -23.99 -58.53
N GLY E 293 9.82 -23.01 -58.35
CA GLY E 293 9.42 -21.78 -57.70
C GLY E 293 10.03 -20.54 -58.31
N ASP E 294 9.18 -19.59 -58.71
CA ASP E 294 9.63 -18.30 -59.23
C ASP E 294 9.73 -17.28 -58.09
N PHE E 295 10.53 -17.64 -57.09
CA PHE E 295 10.62 -16.85 -55.87
C PHE E 295 11.25 -15.49 -56.15
N ASN E 296 10.97 -14.55 -55.26
CA ASN E 296 11.49 -13.19 -55.33
C ASN E 296 12.16 -12.82 -54.02
N SER E 297 13.05 -11.83 -54.09
CA SER E 297 13.67 -11.22 -52.93
C SER E 297 13.19 -9.78 -52.82
N TYR E 298 12.77 -9.38 -51.62
CA TYR E 298 12.15 -8.09 -51.39
C TYR E 298 13.11 -7.17 -50.64
N VAL E 299 13.24 -5.94 -51.13
CA VAL E 299 14.21 -4.98 -50.61
C VAL E 299 13.47 -3.74 -50.13
N ARG E 300 13.81 -3.27 -48.93
CA ARG E 300 13.29 -2.03 -48.38
C ARG E 300 14.47 -1.11 -48.07
N VAL E 301 14.51 0.03 -48.76
CA VAL E 301 15.57 1.02 -48.59
C VAL E 301 14.97 2.22 -47.89
N THR E 302 15.54 2.61 -46.76
CA THR E 302 14.99 3.68 -45.93
C THR E 302 16.09 4.63 -45.49
N ALA E 303 15.84 5.92 -45.66
CA ALA E 303 16.67 6.97 -45.07
C ALA E 303 15.91 7.74 -44.00
N SER E 304 14.66 7.38 -43.73
CA SER E 304 13.86 8.02 -42.69
C SER E 304 13.49 6.98 -41.63
N ASP E 305 14.51 6.37 -41.02
CA ASP E 305 14.32 5.26 -40.08
C ASP E 305 13.33 5.57 -38.95
N PRO E 306 13.37 6.72 -38.28
CA PRO E 306 12.40 6.94 -37.19
C PRO E 306 10.96 6.96 -37.65
N LEU E 307 10.65 7.74 -38.69
CA LEU E 307 9.27 7.82 -39.16
C LEU E 307 8.80 6.50 -39.77
N ASP E 308 9.71 5.76 -40.42
CA ASP E 308 9.32 4.48 -41.00
C ASP E 308 9.05 3.43 -39.93
N THR E 309 9.66 3.58 -38.75
CA THR E 309 9.47 2.63 -37.67
C THR E 309 8.27 2.97 -36.78
N LEU E 310 8.01 4.27 -36.57
CA LEU E 310 6.98 4.70 -35.63
C LEU E 310 5.81 5.42 -36.29
N GLY E 311 5.86 5.63 -37.61
CA GLY E 311 4.87 6.43 -38.29
C GLY E 311 3.62 5.65 -38.69
N SER E 312 2.92 6.18 -39.69
CA SER E 312 1.68 5.57 -40.14
C SER E 312 1.92 4.21 -40.78
N GLU E 313 3.11 3.98 -41.31
CA GLU E 313 3.47 2.69 -41.89
C GLU E 313 4.21 1.80 -40.89
N GLY E 314 4.22 2.18 -39.61
CA GLY E 314 4.92 1.39 -38.61
C GLY E 314 4.09 1.09 -37.38
N ALA E 315 4.50 1.62 -36.23
CA ALA E 315 3.80 1.34 -34.97
C ALA E 315 2.39 1.90 -34.96
N LEU E 316 2.12 2.96 -35.72
CA LEU E 316 0.81 3.60 -35.73
C LEU E 316 -0.03 3.22 -36.95
N SER E 317 0.33 2.12 -37.62
CA SER E 317 -0.54 1.56 -38.63
C SER E 317 -1.81 1.04 -37.96
N PRO E 318 -2.89 0.84 -38.72
CA PRO E 318 -4.12 0.30 -38.12
C PRO E 318 -3.88 -0.93 -37.26
N GLY E 319 -3.02 -1.84 -37.72
CA GLY E 319 -2.48 -2.88 -36.86
C GLY E 319 -1.11 -2.46 -36.37
N GLY E 320 -0.95 -2.44 -35.05
CA GLY E 320 0.30 -1.99 -34.47
C GLY E 320 1.48 -2.91 -34.73
N VAL E 321 2.53 -2.78 -33.91
CA VAL E 321 3.68 -3.66 -34.03
C VAL E 321 3.28 -5.11 -33.79
N ALA E 322 2.14 -5.34 -33.13
CA ALA E 322 1.62 -6.69 -32.96
C ALA E 322 1.47 -7.40 -34.30
N SER E 323 1.01 -6.68 -35.32
CA SER E 323 0.84 -7.25 -36.64
C SER E 323 2.13 -7.24 -37.46
N LEU E 324 3.06 -6.33 -37.15
CA LEU E 324 4.34 -6.32 -37.86
C LEU E 324 5.28 -7.37 -37.31
N LEU E 325 5.32 -7.54 -35.98
CA LEU E 325 6.04 -8.66 -35.39
C LEU E 325 5.25 -9.93 -35.62
N ARG E 326 5.90 -10.94 -36.19
CA ARG E 326 5.20 -12.13 -36.67
C ARG E 326 4.80 -13.11 -35.57
N LEU E 327 5.31 -12.93 -34.34
CA LEU E 327 5.06 -13.92 -33.31
C LEU E 327 3.63 -13.83 -32.78
N PRO E 328 3.05 -14.96 -32.39
CA PRO E 328 1.73 -14.93 -31.75
C PRO E 328 1.81 -14.28 -30.38
N ARG E 329 0.67 -13.73 -29.95
CA ARG E 329 0.61 -12.87 -28.76
C ARG E 329 -0.49 -13.33 -27.82
N GLY E 330 -0.62 -14.64 -27.62
CA GLY E 330 -1.63 -15.15 -26.73
C GLY E 330 -1.34 -14.89 -25.26
N CYS E 331 -0.07 -14.89 -24.88
CA CYS E 331 0.30 -14.72 -23.49
C CYS E 331 0.00 -13.30 -22.99
N GLY E 332 0.07 -13.14 -21.67
CA GLY E 332 -0.24 -11.86 -21.04
C GLY E 332 0.80 -10.80 -21.25
N GLU E 333 2.08 -11.17 -21.13
CA GLU E 333 3.16 -10.20 -21.36
C GLU E 333 3.13 -9.66 -22.77
N GLN E 334 2.75 -10.48 -23.75
CA GLN E 334 2.73 -10.06 -25.14
C GLN E 334 1.68 -8.99 -25.41
N THR E 335 0.74 -8.80 -24.49
CA THR E 335 -0.29 -7.78 -24.68
C THR E 335 0.32 -6.38 -24.73
N MET E 336 1.43 -6.17 -24.02
CA MET E 336 2.07 -4.86 -24.01
C MET E 336 2.64 -4.45 -25.37
N ILE E 337 2.71 -5.37 -26.33
CA ILE E 337 3.13 -4.99 -27.68
C ILE E 337 2.09 -4.08 -28.33
N TYR E 338 0.85 -4.09 -27.84
CA TYR E 338 -0.14 -3.11 -28.26
C TYR E 338 0.06 -1.75 -27.61
N LEU E 339 0.83 -1.69 -26.52
CA LEU E 339 0.92 -0.50 -25.68
C LEU E 339 2.29 0.16 -25.80
N ALA E 340 3.35 -0.48 -25.29
CA ALA E 340 4.65 0.18 -25.20
C ALA E 340 5.17 0.69 -26.54
N PRO E 341 5.04 -0.02 -27.66
CA PRO E 341 5.44 0.61 -28.93
C PRO E 341 4.56 1.78 -29.32
N THR E 342 3.25 1.69 -29.08
CA THR E 342 2.35 2.79 -29.41
C THR E 342 2.66 4.02 -28.57
N LEU E 343 2.99 3.82 -27.29
CA LEU E 343 3.34 4.94 -26.44
C LEU E 343 4.65 5.59 -26.87
N ALA E 344 5.64 4.77 -27.26
CA ALA E 344 6.91 5.32 -27.72
C ALA E 344 6.73 6.12 -29.00
N ALA E 345 5.85 5.66 -29.90
CA ALA E 345 5.58 6.41 -31.12
C ALA E 345 4.86 7.72 -30.81
N SER E 346 3.98 7.71 -29.82
CA SER E 346 3.26 8.94 -29.47
C SER E 346 4.19 9.96 -28.83
N ARG E 347 5.12 9.51 -27.97
CA ARG E 347 6.05 10.43 -27.35
C ARG E 347 6.98 11.07 -28.38
N TYR E 348 7.40 10.31 -29.38
CA TYR E 348 8.28 10.85 -30.42
C TYR E 348 7.55 11.89 -31.25
N LEU E 349 6.30 11.60 -31.66
CA LEU E 349 5.56 12.54 -32.49
C LEU E 349 5.13 13.76 -31.70
N ASP E 350 4.88 13.61 -30.40
CA ASP E 350 4.51 14.76 -29.58
C ASP E 350 5.70 15.71 -29.40
N LYS E 351 6.87 15.16 -29.10
CA LYS E 351 8.05 15.98 -28.84
C LYS E 351 8.68 16.54 -30.11
N THR E 352 8.38 15.96 -31.27
CA THR E 352 8.88 16.47 -32.54
C THR E 352 7.82 17.20 -33.36
N GLU E 353 6.56 17.17 -32.93
CA GLU E 353 5.46 17.89 -33.60
C GLU E 353 5.35 17.49 -35.07
N GLN E 354 5.26 16.18 -35.30
CA GLN E 354 5.15 15.64 -36.65
C GLN E 354 3.80 14.99 -36.92
N TRP E 355 2.79 15.23 -36.05
CA TRP E 355 1.47 14.69 -36.28
C TRP E 355 0.85 15.25 -37.56
N SER E 356 1.20 16.49 -37.92
CA SER E 356 0.61 17.12 -39.10
C SER E 356 1.06 16.44 -40.38
N THR E 357 2.24 15.82 -40.39
CA THR E 357 2.71 15.15 -41.59
C THR E 357 1.93 13.86 -41.86
N LEU E 358 1.71 13.06 -40.82
CA LEU E 358 1.01 11.80 -40.97
C LEU E 358 -0.48 12.04 -41.25
N PRO E 359 -1.16 11.04 -41.79
CA PRO E 359 -2.61 11.16 -41.97
C PRO E 359 -3.29 11.34 -40.63
N PRO E 360 -4.43 12.03 -40.61
CA PRO E 360 -5.03 12.42 -39.32
C PRO E 360 -5.60 11.25 -38.52
N GLU E 361 -5.88 10.13 -39.15
CA GLU E 361 -6.44 8.98 -38.44
C GLU E 361 -5.42 8.23 -37.60
N THR E 362 -4.13 8.61 -37.67
CA THR E 362 -3.11 7.91 -36.91
C THR E 362 -3.32 8.07 -35.41
N LYS E 363 -3.69 9.28 -34.96
CA LYS E 363 -3.97 9.48 -33.55
C LYS E 363 -5.19 8.67 -33.11
N ASP E 364 -6.18 8.54 -33.98
CA ASP E 364 -7.32 7.67 -33.68
C ASP E 364 -6.92 6.21 -33.67
N HIS E 365 -5.98 5.82 -34.55
CA HIS E 365 -5.46 4.46 -34.52
C HIS E 365 -4.63 4.22 -33.26
N ALA E 366 -3.90 5.23 -32.80
CA ALA E 366 -3.04 5.07 -31.63
C ALA E 366 -3.86 4.80 -30.38
N VAL E 367 -4.86 5.64 -30.10
CA VAL E 367 -5.70 5.43 -28.93
C VAL E 367 -6.51 4.14 -29.07
N ASP E 368 -6.78 3.71 -30.30
CA ASP E 368 -7.48 2.45 -30.50
C ASP E 368 -6.61 1.27 -30.11
N LEU E 369 -5.30 1.37 -30.36
CA LEU E 369 -4.38 0.32 -29.95
C LEU E 369 -4.20 0.31 -28.43
N ILE E 370 -4.10 1.49 -27.81
CA ILE E 370 -3.91 1.57 -26.38
C ILE E 370 -5.14 1.03 -25.65
N GLN E 371 -6.33 1.41 -26.10
CA GLN E 371 -7.56 0.89 -25.50
C GLN E 371 -7.66 -0.62 -25.68
N LYS E 372 -7.20 -1.12 -26.83
CA LYS E 372 -7.19 -2.56 -27.06
C LYS E 372 -6.22 -3.27 -26.13
N GLY E 373 -5.05 -2.66 -25.89
CA GLY E 373 -4.09 -3.27 -24.99
C GLY E 373 -4.53 -3.23 -23.55
N TYR E 374 -5.10 -2.11 -23.11
CA TYR E 374 -5.55 -1.99 -21.72
C TYR E 374 -6.68 -2.97 -21.43
N MET E 375 -7.63 -3.11 -22.35
CA MET E 375 -8.77 -4.00 -22.12
C MET E 375 -8.33 -5.46 -22.02
N ARG E 376 -7.31 -5.85 -22.80
CA ARG E 376 -6.87 -7.24 -22.77
C ARG E 376 -6.01 -7.55 -21.55
N ILE E 377 -5.13 -6.62 -21.16
CA ILE E 377 -4.21 -6.90 -20.07
C ILE E 377 -4.95 -6.95 -18.73
N GLN E 378 -6.05 -6.21 -18.59
CA GLN E 378 -6.80 -6.23 -17.34
C GLN E 378 -7.49 -7.55 -17.08
N GLN E 379 -7.62 -8.41 -18.11
CA GLN E 379 -8.18 -9.74 -17.90
C GLN E 379 -7.27 -10.60 -17.03
N PHE E 380 -5.97 -10.33 -17.04
CA PHE E 380 -4.99 -11.08 -16.27
C PHE E 380 -4.81 -10.56 -14.85
N ARG E 381 -5.50 -9.48 -14.49
CA ARG E 381 -5.36 -8.92 -13.14
C ARG E 381 -6.00 -9.84 -12.11
N LYS E 382 -5.25 -10.16 -11.06
CA LYS E 382 -5.78 -10.97 -9.98
C LYS E 382 -6.48 -10.08 -8.95
N ALA E 383 -7.11 -10.71 -7.96
CA ALA E 383 -7.91 -9.97 -6.99
C ALA E 383 -7.05 -9.04 -6.14
N ASP E 384 -5.84 -9.47 -5.78
CA ASP E 384 -4.96 -8.71 -4.90
C ASP E 384 -4.10 -7.69 -5.64
N GLY E 385 -4.43 -7.39 -6.90
CA GLY E 385 -3.72 -6.39 -7.66
C GLY E 385 -2.54 -6.90 -8.45
N SER E 386 -2.21 -8.18 -8.34
CA SER E 386 -1.10 -8.75 -9.10
C SER E 386 -1.59 -9.23 -10.47
N TYR E 387 -0.64 -9.57 -11.33
CA TYR E 387 -0.92 -10.06 -12.68
C TYR E 387 -0.22 -11.38 -12.89
N ALA E 388 -0.87 -12.25 -13.67
CA ALA E 388 -0.38 -13.60 -13.92
C ALA E 388 -0.03 -13.77 -15.40
N ALA E 389 0.94 -14.64 -15.66
CA ALA E 389 1.37 -14.90 -17.02
C ALA E 389 0.22 -15.43 -17.88
N TRP E 390 -0.61 -16.30 -17.29
CA TRP E 390 -1.81 -16.80 -17.94
C TRP E 390 -3.01 -16.49 -17.04
N LEU E 391 -4.20 -16.74 -17.58
CA LEU E 391 -5.43 -16.28 -16.93
C LEU E 391 -5.57 -16.85 -15.52
N SER E 392 -5.50 -18.17 -15.40
CA SER E 392 -5.68 -18.86 -14.13
C SER E 392 -4.35 -19.27 -13.49
N ARG E 393 -3.28 -18.52 -13.76
CA ARG E 393 -1.94 -18.85 -13.29
C ARG E 393 -1.60 -18.07 -12.03
N ASP E 394 -0.53 -18.49 -11.37
CA ASP E 394 -0.04 -17.82 -10.17
C ASP E 394 0.46 -16.42 -10.52
N SER E 395 0.58 -15.60 -9.48
CA SER E 395 0.97 -14.20 -9.64
C SER E 395 2.47 -14.09 -9.89
N SER E 396 2.84 -13.31 -10.91
CA SER E 396 4.23 -13.10 -11.27
C SER E 396 4.68 -11.71 -10.83
N THR E 397 5.78 -11.65 -10.09
CA THR E 397 6.32 -10.36 -9.66
C THR E 397 6.84 -9.56 -10.84
N TRP E 398 7.53 -10.21 -11.77
CA TRP E 398 8.08 -9.49 -12.93
C TRP E 398 6.97 -8.93 -13.80
N LEU E 399 5.97 -9.76 -14.13
CA LEU E 399 4.89 -9.29 -15.00
C LEU E 399 4.09 -8.19 -14.34
N THR E 400 3.86 -8.29 -13.02
CA THR E 400 3.17 -7.23 -12.31
C THR E 400 3.93 -5.91 -12.41
N ALA E 401 5.27 -5.98 -12.35
CA ALA E 401 6.08 -4.78 -12.53
C ALA E 401 5.97 -4.24 -13.95
N PHE E 402 6.03 -5.14 -14.94
CA PHE E 402 5.95 -4.70 -16.34
C PHE E 402 4.61 -4.04 -16.63
N VAL E 403 3.53 -4.59 -16.07
CA VAL E 403 2.21 -4.00 -16.30
C VAL E 403 2.13 -2.61 -15.68
N LEU E 404 2.68 -2.44 -14.47
CA LEU E 404 2.66 -1.14 -13.83
C LEU E 404 3.53 -0.13 -14.59
N LYS E 405 4.66 -0.59 -15.13
CA LYS E 405 5.55 0.31 -15.84
C LYS E 405 4.90 0.87 -17.10
N VAL E 406 4.04 0.08 -17.75
CA VAL E 406 3.38 0.52 -18.98
C VAL E 406 2.06 1.22 -18.68
N LEU E 407 1.25 0.67 -17.77
CA LEU E 407 -0.05 1.26 -17.49
C LEU E 407 0.05 2.57 -16.72
N SER E 408 1.18 2.83 -16.06
CA SER E 408 1.36 4.12 -15.39
C SER E 408 1.39 5.26 -16.40
N LEU E 409 1.99 5.03 -17.57
CA LEU E 409 2.05 6.05 -18.61
C LEU E 409 0.74 6.19 -19.36
N ALA E 410 0.00 5.09 -19.51
CA ALA E 410 -1.16 5.05 -20.40
C ALA E 410 -2.49 5.26 -19.70
N GLN E 411 -2.53 5.25 -18.36
CA GLN E 411 -3.80 5.26 -17.65
C GLN E 411 -4.59 6.54 -17.91
N GLU E 412 -3.90 7.68 -18.04
CA GLU E 412 -4.60 8.93 -18.25
C GLU E 412 -5.17 9.02 -19.67
N GLN E 413 -4.43 8.51 -20.65
CA GLN E 413 -4.90 8.57 -22.03
C GLN E 413 -5.96 7.52 -22.31
N VAL E 414 -6.00 6.44 -21.53
CA VAL E 414 -6.95 5.36 -21.75
C VAL E 414 -8.16 5.45 -20.83
N GLY E 415 -8.13 6.34 -19.84
CA GLY E 415 -9.22 6.43 -18.89
C GLY E 415 -9.14 5.47 -17.73
N GLY E 416 -7.93 5.10 -17.29
CA GLY E 416 -7.77 4.17 -16.20
C GLY E 416 -8.06 4.79 -14.85
N SER E 417 -8.04 3.94 -13.83
CA SER E 417 -8.28 4.35 -12.46
C SER E 417 -6.99 4.33 -11.67
N PRO E 418 -6.61 5.43 -11.02
CA PRO E 418 -5.35 5.44 -10.26
C PRO E 418 -5.34 4.49 -9.08
N GLU E 419 -6.50 4.24 -8.46
CA GLU E 419 -6.52 3.40 -7.26
C GLU E 419 -6.12 1.96 -7.56
N LYS E 420 -6.46 1.47 -8.76
CA LYS E 420 -6.10 0.09 -9.11
C LYS E 420 -4.59 -0.06 -9.27
N LEU E 421 -3.93 0.95 -9.82
CA LEU E 421 -2.47 0.91 -9.92
C LEU E 421 -1.81 1.12 -8.57
N GLN E 422 -2.43 1.93 -7.69
CA GLN E 422 -1.93 2.07 -6.33
C GLN E 422 -2.04 0.75 -5.58
N GLU E 423 -3.11 0.00 -5.84
CA GLU E 423 -3.22 -1.36 -5.28
C GLU E 423 -2.19 -2.30 -5.89
N THR E 424 -1.87 -2.10 -7.17
CA THR E 424 -0.86 -2.94 -7.82
C THR E 424 0.51 -2.70 -7.24
N SER E 425 0.92 -1.43 -7.11
CA SER E 425 2.23 -1.11 -6.55
C SER E 425 2.33 -1.53 -5.08
N ASN E 426 1.21 -1.50 -4.35
CA ASN E 426 1.23 -1.96 -2.97
C ASN E 426 1.52 -3.45 -2.89
N TRP E 427 1.06 -4.22 -3.88
CA TRP E 427 1.37 -5.65 -3.90
C TRP E 427 2.85 -5.88 -4.19
N LEU E 428 3.44 -5.06 -5.06
CA LEU E 428 4.87 -5.20 -5.37
C LEU E 428 5.72 -4.92 -4.14
N LEU E 429 5.30 -3.98 -3.30
CA LEU E 429 6.06 -3.66 -2.10
C LEU E 429 6.12 -4.84 -1.14
N SER E 430 5.10 -5.69 -1.13
CA SER E 430 5.10 -6.86 -0.26
C SER E 430 6.07 -7.94 -0.72
N GLN E 431 6.62 -7.84 -1.92
CA GLN E 431 7.53 -8.83 -2.46
C GLN E 431 8.99 -8.46 -2.26
N GLN E 432 9.28 -7.34 -1.61
CA GLN E 432 10.65 -6.93 -1.37
C GLN E 432 11.25 -7.74 -0.22
N GLN E 433 12.42 -8.34 -0.47
CA GLN E 433 13.04 -9.20 0.52
C GLN E 433 13.81 -8.37 1.55
N ALA E 434 14.46 -9.06 2.49
CA ALA E 434 15.15 -8.36 3.57
C ALA E 434 16.33 -7.54 3.06
N ASP E 435 17.06 -8.07 2.08
CA ASP E 435 18.20 -7.33 1.54
C ASP E 435 17.76 -6.06 0.81
N GLY E 436 16.53 -6.04 0.31
CA GLY E 436 16.05 -4.99 -0.58
C GLY E 436 15.77 -5.45 -1.98
N SER E 437 16.19 -6.66 -2.35
CA SER E 437 15.91 -7.23 -3.65
C SER E 437 14.47 -7.75 -3.71
N PHE E 438 13.94 -7.81 -4.92
CA PHE E 438 12.60 -8.34 -5.15
C PHE E 438 12.70 -9.79 -5.64
N GLN E 439 11.61 -10.53 -5.45
CA GLN E 439 11.61 -11.97 -5.70
C GLN E 439 10.31 -12.36 -6.39
N ASP E 440 10.40 -13.31 -7.32
CA ASP E 440 9.27 -13.77 -8.11
C ASP E 440 9.05 -15.26 -7.87
N PRO E 441 7.87 -15.68 -7.41
CA PRO E 441 7.64 -17.12 -7.22
C PRO E 441 7.39 -17.88 -8.51
N CYS E 442 7.20 -17.19 -9.64
CA CYS E 442 7.05 -17.83 -10.94
C CYS E 442 7.43 -16.85 -12.03
N PRO E 443 8.72 -16.70 -12.34
CA PRO E 443 9.14 -15.67 -13.31
C PRO E 443 8.67 -16.00 -14.71
N VAL E 444 8.32 -14.95 -15.46
CA VAL E 444 7.91 -15.13 -16.84
C VAL E 444 9.11 -15.39 -17.73
N LEU E 445 10.19 -14.63 -17.54
CA LEU E 445 11.38 -14.69 -18.39
C LEU E 445 12.57 -15.16 -17.57
N ASP E 446 13.26 -16.19 -18.07
CA ASP E 446 14.47 -16.71 -17.46
C ASP E 446 15.62 -16.59 -18.45
N ARG E 447 16.79 -16.21 -17.93
CA ARG E 447 18.00 -16.10 -18.74
C ARG E 447 19.22 -16.40 -17.88
N SER E 448 20.16 -17.15 -18.44
CA SER E 448 21.37 -17.56 -17.75
C SER E 448 22.59 -17.14 -18.56
N MET E 449 23.65 -16.75 -17.85
CA MET E 449 24.87 -16.28 -18.48
C MET E 449 26.07 -16.95 -17.82
N GLN E 450 26.96 -17.52 -18.64
CA GLN E 450 28.15 -18.15 -18.13
C GLN E 450 29.14 -17.10 -17.60
N GLY E 451 29.86 -17.48 -16.55
CA GLY E 451 30.84 -16.59 -15.94
C GLY E 451 30.36 -16.01 -14.63
N GLY E 452 29.36 -15.13 -14.70
CA GLY E 452 28.77 -14.59 -13.49
C GLY E 452 27.77 -15.54 -12.88
N LEU E 453 27.57 -15.41 -11.57
CA LEU E 453 26.64 -16.27 -10.86
C LEU E 453 25.22 -16.01 -11.35
N VAL E 454 24.54 -17.09 -11.75
CA VAL E 454 23.23 -16.96 -12.38
C VAL E 454 22.20 -16.43 -11.41
N GLY E 455 22.26 -16.89 -10.15
CA GLY E 455 21.28 -16.43 -9.16
C GLY E 455 21.41 -14.96 -8.85
N ASN E 456 22.65 -14.44 -8.84
CA ASN E 456 22.86 -13.02 -8.57
C ASN E 456 22.36 -12.16 -9.71
N ASP E 457 22.58 -12.60 -10.95
CA ASP E 457 22.13 -11.82 -12.11
C ASP E 457 20.61 -11.80 -12.19
N GLU E 458 19.95 -12.92 -11.88
CA GLU E 458 18.49 -12.99 -11.98
C GLU E 458 17.82 -12.05 -10.99
N THR E 459 18.28 -12.07 -9.74
CA THR E 459 17.65 -11.24 -8.71
C THR E 459 17.94 -9.75 -8.96
N VAL E 460 19.15 -9.43 -9.43
CA VAL E 460 19.50 -8.03 -9.69
C VAL E 460 18.71 -7.51 -10.88
N ALA E 461 18.63 -8.30 -11.96
CA ALA E 461 17.85 -7.87 -13.13
C ALA E 461 16.39 -7.71 -12.78
N LEU E 462 15.85 -8.59 -11.94
CA LEU E 462 14.48 -8.45 -11.49
C LEU E 462 14.32 -7.24 -10.58
N THR E 463 15.27 -7.03 -9.67
CA THR E 463 15.19 -5.90 -8.75
C THR E 463 15.24 -4.58 -9.51
N ALA E 464 16.16 -4.45 -10.46
CA ALA E 464 16.25 -3.23 -11.24
C ALA E 464 14.99 -3.01 -12.07
N PHE E 465 14.42 -4.09 -12.60
CA PHE E 465 13.21 -3.95 -13.41
C PHE E 465 12.02 -3.52 -12.56
N VAL E 466 11.90 -4.06 -11.34
CA VAL E 466 10.84 -3.64 -10.43
C VAL E 466 11.07 -2.20 -9.99
N THR E 467 12.32 -1.82 -9.74
CA THR E 467 12.62 -0.46 -9.34
C THR E 467 12.25 0.53 -10.44
N ILE E 468 12.54 0.18 -11.70
CA ILE E 468 12.14 1.02 -12.82
C ILE E 468 10.62 1.12 -12.89
N ALA E 469 9.92 0.02 -12.59
CA ALA E 469 8.47 0.03 -12.60
C ALA E 469 7.91 0.89 -11.47
N LEU E 470 8.47 0.75 -10.27
CA LEU E 470 8.00 1.53 -9.13
C LEU E 470 8.25 3.03 -9.33
N HIS E 471 9.34 3.38 -10.02
CA HIS E 471 9.59 4.79 -10.30
C HIS E 471 8.54 5.37 -11.24
N HIS E 472 8.14 4.60 -12.26
CA HIS E 472 7.05 5.04 -13.12
C HIS E 472 5.73 5.07 -12.36
N GLY E 473 5.58 4.25 -11.34
CA GLY E 473 4.35 4.23 -10.55
C GLY E 473 4.14 5.48 -9.72
N LEU E 474 5.20 6.24 -9.45
CA LEU E 474 5.06 7.48 -8.69
C LEU E 474 4.21 8.52 -9.43
N ALA E 475 4.11 8.42 -10.75
CA ALA E 475 3.27 9.33 -11.50
C ALA E 475 1.79 9.14 -11.22
N VAL E 476 1.40 7.97 -10.70
CA VAL E 476 0.00 7.72 -10.38
C VAL E 476 -0.43 8.48 -9.13
N PHE E 477 0.46 8.58 -8.14
CA PHE E 477 0.12 9.14 -6.84
C PHE E 477 0.06 10.67 -6.96
N GLN E 478 -1.16 11.19 -7.12
CA GLN E 478 -1.37 12.63 -7.24
C GLN E 478 -2.64 13.08 -6.53
N ASP E 479 -3.26 12.24 -5.71
CA ASP E 479 -4.63 12.45 -5.26
C ASP E 479 -4.74 12.78 -3.76
N GLU E 480 -3.65 13.24 -3.14
CA GLU E 480 -3.66 13.64 -1.74
C GLU E 480 -3.94 12.47 -0.79
N GLY E 481 -4.94 11.64 -1.12
CA GLY E 481 -5.33 10.56 -0.23
C GLY E 481 -4.34 9.42 -0.17
N ALA E 482 -3.66 9.13 -1.28
CA ALA E 482 -2.72 8.02 -1.35
C ALA E 482 -1.27 8.45 -1.16
N GLU E 483 -1.02 9.73 -0.89
CA GLU E 483 0.33 10.23 -0.67
C GLU E 483 0.98 9.66 0.58
N PRO E 484 0.22 9.27 1.62
CA PRO E 484 0.83 8.45 2.68
C PRO E 484 1.55 7.22 2.17
N LEU E 485 1.05 6.61 1.10
CA LEU E 485 1.73 5.44 0.52
C LEU E 485 2.87 5.85 -0.40
N LYS E 486 2.78 7.03 -1.02
CA LYS E 486 3.84 7.47 -1.94
C LYS E 486 5.18 7.59 -1.23
N GLN E 487 5.18 7.98 0.04
CA GLN E 487 6.42 8.03 0.79
C GLN E 487 6.97 6.62 1.03
N ARG E 488 6.08 5.66 1.28
CA ARG E 488 6.52 4.28 1.46
C ARG E 488 7.12 3.70 0.19
N VAL E 489 6.59 4.09 -0.98
CA VAL E 489 7.11 3.59 -2.25
C VAL E 489 8.51 4.13 -2.49
N GLU E 490 8.73 5.43 -2.25
CA GLU E 490 10.06 6.00 -2.44
C GLU E 490 11.08 5.40 -1.49
N ALA E 491 10.66 5.06 -0.26
CA ALA E 491 11.56 4.35 0.65
C ALA E 491 11.91 2.97 0.14
N SER E 492 10.97 2.30 -0.52
CA SER E 492 11.26 0.99 -1.11
C SER E 492 12.23 1.12 -2.28
N ILE E 493 12.10 2.18 -3.08
CA ILE E 493 13.02 2.41 -4.17
C ILE E 493 14.42 2.72 -3.65
N SER E 494 14.50 3.54 -2.59
CA SER E 494 15.80 3.86 -2.00
C SER E 494 16.45 2.62 -1.39
N LYS E 495 15.65 1.76 -0.78
CA LYS E 495 16.18 0.52 -0.23
C LYS E 495 16.68 -0.40 -1.33
N ALA E 496 15.99 -0.43 -2.47
CA ALA E 496 16.42 -1.24 -3.59
C ALA E 496 17.69 -0.68 -4.23
N ASN E 497 17.79 0.64 -4.33
CA ASN E 497 18.99 1.26 -4.87
C ASN E 497 20.21 0.97 -4.00
N SER E 498 20.02 0.85 -2.69
CA SER E 498 21.13 0.47 -1.82
C SER E 498 21.60 -0.94 -2.11
N PHE E 499 20.66 -1.86 -2.36
CA PHE E 499 21.04 -3.22 -2.75
C PHE E 499 21.71 -3.22 -4.12
N LEU E 500 21.15 -2.49 -5.09
CA LEU E 500 21.75 -2.40 -6.41
C LEU E 500 23.12 -1.74 -6.35
N GLY E 501 23.32 -0.81 -5.42
CA GLY E 501 24.62 -0.15 -5.30
C GLY E 501 25.71 -1.08 -4.83
N GLU E 502 25.39 -1.96 -3.87
CA GLU E 502 26.39 -2.90 -3.37
C GLU E 502 26.76 -3.93 -4.45
N LYS E 503 25.77 -4.41 -5.20
CA LYS E 503 26.06 -5.38 -6.25
C LYS E 503 26.77 -4.73 -7.43
N ALA E 504 26.50 -3.45 -7.69
CA ALA E 504 27.24 -2.73 -8.72
C ALA E 504 28.67 -2.45 -8.26
N SER E 505 28.85 -2.17 -6.97
CA SER E 505 30.19 -1.93 -6.44
C SER E 505 31.01 -3.22 -6.39
N ALA E 506 30.36 -4.36 -6.22
CA ALA E 506 31.08 -5.62 -6.17
C ALA E 506 31.76 -5.94 -7.49
N GLY E 507 31.16 -5.52 -8.60
CA GLY E 507 31.80 -5.62 -9.91
C GLY E 507 31.71 -6.96 -10.60
N LEU E 508 31.15 -7.98 -9.95
CA LEU E 508 31.01 -9.29 -10.56
C LEU E 508 29.69 -9.44 -11.31
N LEU E 509 28.98 -8.34 -11.55
CA LEU E 509 27.67 -8.42 -12.17
C LEU E 509 27.79 -8.72 -13.66
N GLY E 510 26.79 -9.41 -14.19
CA GLY E 510 26.75 -9.73 -15.61
C GLY E 510 26.51 -8.50 -16.46
N ALA E 511 26.71 -8.68 -17.76
CA ALA E 511 26.58 -7.57 -18.70
C ALA E 511 25.15 -7.07 -18.79
N HIS E 512 24.19 -7.99 -18.92
CA HIS E 512 22.79 -7.60 -19.02
C HIS E 512 22.28 -7.01 -17.71
N ALA E 513 22.65 -7.63 -16.58
CA ALA E 513 22.21 -7.13 -15.29
C ALA E 513 22.80 -5.75 -14.99
N ALA E 514 24.03 -5.50 -15.45
CA ALA E 514 24.62 -4.18 -15.23
C ALA E 514 23.97 -3.12 -16.09
N ALA E 515 23.51 -3.48 -17.29
CA ALA E 515 22.87 -2.49 -18.17
C ALA E 515 21.56 -1.99 -17.57
N ILE E 516 20.72 -2.91 -17.07
CA ILE E 516 19.47 -2.49 -16.45
C ILE E 516 19.73 -1.83 -15.10
N THR E 517 20.80 -2.23 -14.42
CA THR E 517 21.15 -1.57 -13.17
C THR E 517 21.63 -0.14 -13.41
N ALA E 518 22.42 0.06 -14.47
CA ALA E 518 22.88 1.41 -14.80
C ALA E 518 21.71 2.32 -15.16
N TYR E 519 20.73 1.79 -15.87
CA TYR E 519 19.54 2.59 -16.20
C TYR E 519 18.67 2.81 -14.98
N ALA E 520 18.62 1.85 -14.06
CA ALA E 520 17.83 2.02 -12.84
C ALA E 520 18.40 3.11 -11.95
N LEU E 521 19.72 3.15 -11.82
CA LEU E 521 20.38 4.16 -10.99
C LEU E 521 20.55 5.50 -11.70
N SER E 522 20.14 5.59 -12.96
CA SER E 522 20.07 6.86 -13.68
C SER E 522 18.64 7.38 -13.84
N LEU E 523 17.68 6.47 -14.05
CA LEU E 523 16.28 6.88 -14.05
C LEU E 523 15.89 7.44 -12.69
N THR E 524 16.13 6.68 -11.62
CA THR E 524 16.03 7.19 -10.27
C THR E 524 17.29 7.98 -9.93
N LYS E 525 17.09 9.14 -9.30
CA LYS E 525 18.22 10.02 -8.99
C LYS E 525 19.08 9.42 -7.87
N ALA E 526 19.80 8.35 -8.19
CA ALA E 526 20.68 7.71 -7.24
C ALA E 526 21.89 8.61 -6.94
N PRO E 527 22.55 8.41 -5.80
CA PRO E 527 23.75 9.20 -5.52
C PRO E 527 24.82 9.00 -6.59
N VAL E 528 25.69 10.01 -6.73
CA VAL E 528 26.65 10.03 -7.83
C VAL E 528 27.64 8.88 -7.72
N ASP E 529 27.94 8.43 -6.49
CA ASP E 529 28.89 7.33 -6.34
C ASP E 529 28.31 6.02 -6.87
N LEU E 530 27.06 5.73 -6.55
CA LEU E 530 26.41 4.55 -7.12
C LEU E 530 26.06 4.76 -8.59
N LEU E 531 25.67 5.98 -8.94
CA LEU E 531 25.35 6.28 -10.34
C LEU E 531 26.58 6.17 -11.23
N GLY E 532 27.76 6.52 -10.70
CA GLY E 532 28.98 6.50 -11.49
C GLY E 532 29.58 5.14 -11.68
N VAL E 533 29.62 4.34 -10.62
CA VAL E 533 30.27 3.03 -10.70
C VAL E 533 29.49 2.10 -11.62
N ALA E 534 28.17 2.26 -11.70
CA ALA E 534 27.39 1.46 -12.64
C ALA E 534 27.69 1.86 -14.08
N HIS E 535 27.89 3.15 -14.31
CA HIS E 535 28.26 3.62 -15.65
C HIS E 535 29.65 3.14 -16.03
N ASN E 536 30.60 3.18 -15.10
CA ASN E 536 31.95 2.73 -15.39
C ASN E 536 32.00 1.24 -15.67
N ASN E 537 31.20 0.45 -14.94
CA ASN E 537 31.17 -0.99 -15.18
C ASN E 537 30.53 -1.30 -16.52
N LEU E 538 29.47 -0.58 -16.89
CA LEU E 538 28.76 -0.88 -18.13
C LEU E 538 29.60 -0.54 -19.36
N MET E 539 30.26 0.62 -19.34
CA MET E 539 31.06 1.03 -20.49
C MET E 539 32.30 0.17 -20.68
N ALA E 540 32.74 -0.54 -19.64
CA ALA E 540 33.90 -1.41 -19.75
C ALA E 540 33.60 -2.72 -20.48
N MET E 541 32.33 -3.09 -20.57
CA MET E 541 31.92 -4.34 -21.22
C MET E 541 31.39 -4.13 -22.63
N ALA E 542 31.53 -2.93 -23.18
CA ALA E 542 31.02 -2.65 -24.51
C ALA E 542 31.95 -3.19 -25.59
N GLN E 543 31.37 -3.53 -26.73
CA GLN E 543 32.11 -3.96 -27.92
C GLN E 543 31.86 -2.96 -29.03
N GLU E 544 32.93 -2.54 -29.71
CA GLU E 544 32.86 -1.47 -30.69
C GLU E 544 33.43 -1.93 -32.02
N THR E 545 32.66 -1.74 -33.09
CA THR E 545 33.10 -2.02 -34.45
C THR E 545 32.51 -0.96 -35.37
N GLY E 546 33.36 -0.33 -36.17
CA GLY E 546 32.91 0.72 -37.07
C GLY E 546 32.34 1.89 -36.28
N ASP E 547 31.15 2.35 -36.69
CA ASP E 547 30.43 3.38 -35.96
C ASP E 547 29.31 2.79 -35.10
N ASN E 548 29.46 1.53 -34.71
CA ASN E 548 28.44 0.83 -33.94
C ASN E 548 29.01 0.39 -32.59
N LEU E 549 28.15 0.41 -31.57
CA LEU E 549 28.52 0.01 -30.22
C LEU E 549 27.43 -0.89 -29.67
N TYR E 550 27.80 -2.05 -29.17
CA TYR E 550 26.84 -3.01 -28.64
C TYR E 550 27.41 -3.71 -27.42
N TRP E 551 26.53 -4.36 -26.67
CA TRP E 551 26.88 -5.07 -25.44
C TRP E 551 26.45 -6.51 -25.56
N GLY E 552 27.39 -7.43 -25.28
CA GLY E 552 27.09 -8.85 -25.33
C GLY E 552 28.31 -9.71 -25.61
N SER E 553 28.52 -10.74 -24.80
CA SER E 553 29.62 -11.67 -24.96
C SER E 553 29.07 -13.06 -25.21
N VAL E 554 29.66 -13.76 -26.17
CA VAL E 554 29.16 -15.07 -26.59
C VAL E 554 29.59 -16.12 -25.58
N THR E 555 28.62 -16.86 -25.04
CA THR E 555 28.85 -17.97 -24.11
C THR E 555 29.68 -17.56 -22.90
N GLY E 556 29.55 -16.31 -22.47
CA GLY E 556 30.18 -15.88 -21.23
C GLY E 556 31.69 -15.77 -21.33
N SER E 557 32.34 -15.90 -20.19
CA SER E 557 33.79 -15.73 -20.08
C SER E 557 34.53 -16.98 -19.60
N GLN E 558 33.81 -18.07 -19.31
CA GLN E 558 34.44 -19.29 -18.82
C GLN E 558 34.07 -20.52 -19.64
N SER E 559 33.64 -20.32 -20.89
CA SER E 559 33.21 -21.45 -21.71
C SER E 559 34.40 -22.20 -22.31
N ASN E 560 35.38 -21.46 -22.85
CA ASN E 560 36.53 -22.09 -23.48
C ASN E 560 37.76 -21.22 -23.25
N ALA E 561 38.93 -21.83 -23.44
CA ALA E 561 40.21 -21.17 -23.20
C ALA E 561 40.86 -20.67 -24.48
N VAL E 562 40.06 -20.36 -25.50
CA VAL E 562 40.60 -19.84 -26.76
C VAL E 562 40.70 -18.32 -26.67
N SER E 563 41.54 -17.75 -27.53
CA SER E 563 41.79 -16.32 -27.52
C SER E 563 40.53 -15.56 -27.91
N PRO E 564 40.39 -14.30 -27.47
CA PRO E 564 39.19 -13.54 -27.77
C PRO E 564 39.01 -13.30 -29.27
N THR E 565 37.78 -12.97 -29.64
CA THR E 565 37.44 -12.81 -31.05
C THR E 565 38.02 -11.51 -31.60
N PRO E 566 38.36 -11.48 -32.89
CA PRO E 566 38.88 -10.25 -33.48
C PRO E 566 37.82 -9.20 -33.77
N ALA E 567 36.54 -9.59 -33.87
CA ALA E 567 35.43 -8.69 -34.16
C ALA E 567 35.69 -7.91 -35.44
N PRO E 568 35.50 -8.51 -36.60
CA PRO E 568 35.83 -7.82 -37.85
C PRO E 568 34.76 -6.81 -38.25
N ARG E 569 35.20 -5.84 -39.07
CA ARG E 569 34.34 -4.81 -39.62
C ARG E 569 34.37 -4.91 -41.13
N ASN E 570 33.26 -4.52 -41.77
CA ASN E 570 33.14 -4.44 -43.22
C ASN E 570 31.77 -3.88 -43.60
N PRO E 571 31.70 -2.62 -44.03
CA PRO E 571 30.39 -2.05 -44.39
C PRO E 571 29.76 -2.68 -45.63
N SER E 572 30.55 -3.32 -46.48
CA SER E 572 29.97 -4.02 -47.63
C SER E 572 29.34 -5.35 -47.24
N ASP E 573 29.75 -5.94 -46.11
CA ASP E 573 29.11 -7.14 -45.61
C ASP E 573 27.84 -6.78 -44.84
N PRO E 574 26.87 -7.69 -44.76
CA PRO E 574 25.64 -7.39 -44.03
C PRO E 574 25.88 -7.28 -42.54
N MET E 575 24.93 -6.64 -41.87
CA MET E 575 24.97 -6.52 -40.42
C MET E 575 24.44 -7.80 -39.79
N PRO E 576 25.25 -8.56 -39.05
CA PRO E 576 24.75 -9.80 -38.44
C PRO E 576 23.66 -9.52 -37.43
N GLN E 577 22.59 -10.31 -37.50
CA GLN E 577 21.46 -10.15 -36.59
C GLN E 577 21.81 -10.73 -35.23
N ALA E 578 21.81 -9.89 -34.20
CA ALA E 578 22.17 -10.31 -32.86
C ALA E 578 21.01 -11.04 -32.19
N PRO E 579 21.31 -11.89 -31.20
CA PRO E 579 20.24 -12.52 -30.42
C PRO E 579 19.44 -11.50 -29.64
N ALA E 580 18.28 -11.96 -29.14
CA ALA E 580 17.36 -11.05 -28.46
C ALA E 580 17.95 -10.48 -27.18
N LEU E 581 18.81 -11.24 -26.50
CA LEU E 581 19.38 -10.76 -25.23
C LEU E 581 20.25 -9.53 -25.45
N TRP E 582 21.02 -9.50 -26.55
CA TRP E 582 21.87 -8.35 -26.82
C TRP E 582 21.05 -7.10 -27.13
N ILE E 583 19.89 -7.26 -27.77
CA ILE E 583 19.07 -6.11 -28.12
C ILE E 583 18.56 -5.42 -26.85
N GLU E 584 18.11 -6.21 -25.87
CA GLU E 584 17.64 -5.64 -24.61
C GLU E 584 18.78 -4.99 -23.84
N THR E 585 19.97 -5.61 -23.86
CA THR E 585 21.08 -5.09 -23.08
C THR E 585 21.55 -3.73 -23.62
N THR E 586 21.75 -3.62 -24.94
CA THR E 586 22.18 -2.36 -25.52
C THR E 586 21.08 -1.31 -25.48
N ALA E 587 19.82 -1.71 -25.44
CA ALA E 587 18.73 -0.74 -25.30
C ALA E 587 18.73 -0.11 -23.92
N TYR E 588 18.94 -0.91 -22.87
CA TYR E 588 19.07 -0.37 -21.53
C TYR E 588 20.30 0.51 -21.42
N ALA E 589 21.40 0.12 -22.06
CA ALA E 589 22.60 0.94 -22.04
C ALA E 589 22.38 2.27 -22.76
N LEU E 590 21.64 2.24 -23.88
CA LEU E 590 21.31 3.47 -24.58
C LEU E 590 20.38 4.35 -23.74
N LEU E 591 19.43 3.73 -23.05
CA LEU E 591 18.55 4.48 -22.16
C LEU E 591 19.32 5.12 -21.01
N HIS E 592 20.26 4.36 -20.43
CA HIS E 592 21.08 4.90 -19.35
C HIS E 592 21.98 6.03 -19.86
N LEU E 593 22.50 5.89 -21.08
CA LEU E 593 23.48 6.86 -21.58
C LEU E 593 22.83 8.21 -21.87
N LEU E 594 21.61 8.21 -22.40
CA LEU E 594 20.95 9.48 -22.72
C LEU E 594 20.60 10.27 -21.48
N LEU E 595 20.18 9.59 -20.41
CA LEU E 595 19.89 10.29 -19.16
C LEU E 595 21.15 10.71 -18.44
N HIS E 596 22.22 9.90 -18.52
CA HIS E 596 23.45 10.21 -17.80
C HIS E 596 24.21 11.36 -18.46
N GLU E 597 24.33 11.32 -19.80
CA GLU E 597 25.18 12.27 -20.52
C GLU E 597 24.50 12.94 -21.70
N GLY E 598 23.44 12.36 -22.25
CA GLY E 598 22.77 12.96 -23.38
C GLY E 598 23.33 12.48 -24.71
N LYS E 599 22.95 13.20 -25.77
CA LYS E 599 23.38 12.87 -27.11
C LYS E 599 24.90 13.02 -27.23
N ALA E 600 25.58 11.90 -27.46
CA ALA E 600 27.03 11.89 -27.59
C ALA E 600 27.42 10.88 -28.66
N GLU E 601 28.74 10.73 -28.87
CA GLU E 601 29.21 9.79 -29.87
C GLU E 601 28.86 8.36 -29.50
N MET E 602 29.00 8.01 -28.22
CA MET E 602 28.63 6.66 -27.78
C MET E 602 27.14 6.43 -27.89
N ALA E 603 26.32 7.47 -27.66
CA ALA E 603 24.89 7.33 -27.84
C ALA E 603 24.53 7.15 -29.31
N ASP E 604 25.25 7.84 -30.20
CA ASP E 604 25.03 7.66 -31.64
C ASP E 604 25.46 6.27 -32.09
N GLN E 605 26.60 5.79 -31.59
CA GLN E 605 27.08 4.47 -31.99
C GLN E 605 26.12 3.37 -31.55
N ALA E 606 25.56 3.51 -30.35
CA ALA E 606 24.61 2.51 -29.86
C ALA E 606 23.33 2.53 -30.69
N SER E 607 22.72 3.70 -30.84
CA SER E 607 21.45 3.80 -31.57
C SER E 607 21.62 3.40 -33.03
N ALA E 608 22.79 3.67 -33.63
CA ALA E 608 23.03 3.23 -34.99
C ALA E 608 23.02 1.70 -35.08
N TRP E 609 23.48 1.03 -34.02
CA TRP E 609 23.44 -0.43 -34.02
C TRP E 609 22.02 -0.95 -33.82
N LEU E 610 21.22 -0.27 -32.98
CA LEU E 610 19.82 -0.66 -32.80
C LEU E 610 19.05 -0.52 -34.10
N THR E 611 19.29 0.56 -34.86
CA THR E 611 18.58 0.77 -36.12
C THR E 611 18.92 -0.34 -37.12
N ARG E 612 20.17 -0.81 -37.12
CA ARG E 612 20.60 -1.86 -38.02
C ARG E 612 20.37 -3.25 -37.44
N GLN E 613 19.58 -3.38 -36.38
CA GLN E 613 19.22 -4.68 -35.81
C GLN E 613 17.73 -4.98 -35.91
N GLY E 614 16.91 -4.02 -36.31
CA GLY E 614 15.49 -4.27 -36.44
C GLY E 614 15.19 -5.22 -37.59
N SER E 615 14.09 -5.95 -37.46
CA SER E 615 13.72 -6.93 -38.46
C SER E 615 13.23 -6.23 -39.73
N PHE E 616 12.84 -7.05 -40.71
CA PHE E 616 12.56 -6.53 -42.05
C PHE E 616 11.35 -5.63 -42.07
N GLN E 617 10.22 -6.11 -41.57
CA GLN E 617 8.94 -5.43 -41.75
C GLN E 617 8.35 -4.86 -40.46
N GLY E 618 9.12 -4.83 -39.37
CA GLY E 618 8.58 -4.26 -38.15
C GLY E 618 9.47 -4.32 -36.92
N GLY E 619 9.14 -5.21 -35.98
CA GLY E 619 9.80 -5.23 -34.69
C GLY E 619 11.20 -5.80 -34.70
N PHE E 620 11.62 -6.34 -33.56
CA PHE E 620 12.95 -6.91 -33.39
C PHE E 620 12.81 -8.43 -33.30
N ARG E 621 13.36 -9.09 -32.28
CA ARG E 621 13.28 -10.55 -32.21
C ARG E 621 11.96 -11.01 -31.61
N SER E 622 11.54 -10.39 -30.51
CA SER E 622 10.31 -10.78 -29.84
C SER E 622 9.74 -9.56 -29.12
N THR E 623 8.79 -9.81 -28.21
CA THR E 623 8.04 -8.71 -27.58
C THR E 623 8.92 -7.91 -26.63
N GLN E 624 9.64 -8.59 -25.73
CA GLN E 624 10.41 -7.89 -24.69
C GLN E 624 11.48 -7.01 -25.30
N ASP E 625 12.21 -7.53 -26.29
CA ASP E 625 13.26 -6.73 -26.92
C ASP E 625 12.67 -5.61 -27.78
N THR E 626 11.48 -5.83 -28.36
CA THR E 626 10.88 -4.80 -29.21
C THR E 626 10.42 -3.60 -28.38
N VAL E 627 9.76 -3.85 -27.25
CA VAL E 627 9.22 -2.75 -26.45
C VAL E 627 10.34 -1.93 -25.81
N ILE E 628 11.46 -2.58 -25.47
CA ILE E 628 12.56 -1.86 -24.83
C ILE E 628 13.39 -1.12 -25.87
N ALA E 629 13.58 -1.71 -27.05
CA ALA E 629 14.36 -1.05 -28.10
C ALA E 629 13.63 0.18 -28.62
N LEU E 630 12.33 0.04 -28.91
CA LEU E 630 11.56 1.20 -29.36
C LEU E 630 11.47 2.26 -28.27
N ASP E 631 11.44 1.85 -27.01
CA ASP E 631 11.47 2.81 -25.91
C ASP E 631 12.79 3.56 -25.88
N ALA E 632 13.89 2.87 -26.20
CA ALA E 632 15.19 3.53 -26.25
C ALA E 632 15.36 4.35 -27.51
N LEU E 633 14.96 3.80 -28.66
CA LEU E 633 15.12 4.52 -29.93
C LEU E 633 14.26 5.78 -29.98
N SER E 634 13.04 5.72 -29.42
CA SER E 634 12.19 6.90 -29.38
C SER E 634 12.83 8.01 -28.56
N ALA E 635 13.48 7.66 -27.45
CA ALA E 635 14.18 8.66 -26.65
C ALA E 635 15.34 9.26 -27.42
N TYR E 636 16.07 8.45 -28.18
CA TYR E 636 17.18 8.96 -28.97
C TYR E 636 16.69 9.82 -30.13
N TRP E 637 15.64 9.37 -30.82
CA TRP E 637 15.13 10.12 -31.96
C TRP E 637 14.52 11.45 -31.54
N ILE E 638 14.04 11.55 -30.29
CA ILE E 638 13.59 12.84 -29.77
C ILE E 638 14.78 13.77 -29.58
N ALA E 639 15.90 13.23 -29.10
CA ALA E 639 17.07 14.05 -28.81
C ALA E 639 17.80 14.48 -30.08
N SER E 640 17.88 13.59 -31.07
CA SER E 640 18.68 13.82 -32.27
C SER E 640 17.86 14.34 -33.44
N HIS E 641 16.61 14.73 -33.22
CA HIS E 641 15.78 15.22 -34.31
C HIS E 641 16.16 16.65 -34.67
N THR E 642 16.34 16.91 -35.96
CA THR E 642 16.64 18.24 -36.47
C THR E 642 15.78 18.52 -37.69
N THR E 643 15.65 19.79 -38.02
CA THR E 643 14.93 20.23 -39.21
C THR E 643 15.82 20.27 -40.45
N GLU E 644 17.02 19.71 -40.37
CA GLU E 644 17.94 19.70 -41.50
C GLU E 644 17.41 18.78 -42.60
N GLU E 645 17.63 19.19 -43.86
CA GLU E 645 17.05 18.51 -45.01
C GLU E 645 18.00 17.51 -45.67
N ARG E 646 18.91 16.93 -44.89
CA ARG E 646 19.88 16.02 -45.48
C ARG E 646 19.25 14.68 -45.82
N GLY E 647 19.68 14.10 -46.93
CA GLY E 647 19.18 12.82 -47.40
C GLY E 647 20.23 12.11 -48.23
N LEU E 648 19.78 11.26 -49.13
CA LEU E 648 20.70 10.50 -49.98
C LEU E 648 19.99 10.05 -51.24
N ASN E 649 20.78 9.87 -52.30
CA ASN E 649 20.32 9.26 -53.55
C ASN E 649 20.89 7.86 -53.64
N VAL E 650 20.05 6.89 -54.01
CA VAL E 650 20.45 5.50 -54.10
C VAL E 650 19.91 4.90 -55.40
N THR E 651 20.74 4.10 -56.06
CA THR E 651 20.39 3.45 -57.31
C THR E 651 20.58 1.95 -57.16
N LEU E 652 19.50 1.20 -57.36
CA LEU E 652 19.51 -0.26 -57.25
C LEU E 652 19.17 -0.87 -58.59
N SER E 653 19.91 -1.90 -58.98
CA SER E 653 19.70 -2.56 -60.26
C SER E 653 20.02 -4.04 -60.13
N SER E 654 19.44 -4.83 -61.03
CA SER E 654 19.66 -6.27 -61.06
C SER E 654 19.29 -6.80 -62.44
N THR E 655 20.04 -7.81 -62.89
CA THR E 655 19.74 -8.43 -64.18
C THR E 655 18.50 -9.31 -64.10
N GLY E 656 18.26 -9.94 -62.95
CA GLY E 656 17.01 -10.62 -62.67
C GLY E 656 16.60 -11.76 -63.58
N ARG E 657 15.44 -12.33 -63.30
CA ARG E 657 14.85 -13.39 -64.12
C ARG E 657 14.01 -12.83 -65.27
N ASN E 658 13.39 -11.67 -65.06
CA ASN E 658 12.52 -11.04 -66.04
C ASN E 658 13.22 -9.95 -66.84
N GLY E 659 14.54 -9.98 -66.93
CA GLY E 659 15.30 -8.97 -67.63
C GLY E 659 15.84 -7.90 -66.69
N PHE E 660 16.75 -7.11 -67.23
CA PHE E 660 17.40 -6.07 -66.44
C PHE E 660 16.40 -4.99 -66.06
N LYS E 661 16.58 -4.44 -64.85
CA LYS E 661 15.74 -3.36 -64.36
C LYS E 661 16.53 -2.56 -63.34
N SER E 662 16.39 -1.24 -63.38
CA SER E 662 17.11 -0.34 -62.51
C SER E 662 16.17 0.67 -61.90
N HIS E 663 16.37 0.97 -60.61
CA HIS E 663 15.55 1.91 -59.87
C HIS E 663 16.44 2.96 -59.24
N ALA E 664 16.06 4.23 -59.42
CA ALA E 664 16.77 5.36 -58.82
C ALA E 664 15.82 6.05 -57.85
N LEU E 665 16.25 6.20 -56.60
CA LEU E 665 15.39 6.68 -55.52
C LEU E 665 15.94 7.96 -54.93
N GLN E 666 15.03 8.88 -54.58
CA GLN E 666 15.35 10.11 -53.88
C GLN E 666 14.86 9.95 -52.44
N LEU E 667 15.78 9.87 -51.50
CA LEU E 667 15.46 9.61 -50.10
C LEU E 667 15.89 10.79 -49.24
N ASN E 668 15.06 11.11 -48.25
CA ASN E 668 15.34 12.21 -47.34
C ASN E 668 14.74 11.90 -45.97
N ASN E 669 14.86 12.85 -45.05
CA ASN E 669 14.45 12.61 -43.66
C ASN E 669 12.93 12.59 -43.51
N ARG E 670 12.21 13.42 -44.27
CA ARG E 670 10.80 13.67 -44.03
C ARG E 670 9.89 12.71 -44.78
N GLN E 671 10.38 11.54 -45.17
CA GLN E 671 9.58 10.57 -45.90
C GLN E 671 9.03 9.50 -44.96
N ILE E 672 7.98 8.83 -45.43
CA ILE E 672 7.42 7.66 -44.77
C ILE E 672 7.37 6.56 -45.82
N ARG E 673 8.27 5.59 -45.70
CA ARG E 673 8.40 4.51 -46.69
C ARG E 673 8.06 3.19 -46.04
N GLY E 674 7.19 2.42 -46.68
CA GLY E 674 6.75 1.15 -46.13
C GLY E 674 6.55 0.06 -47.16
N LEU E 675 5.47 -0.71 -47.03
CA LEU E 675 5.22 -1.85 -47.90
C LEU E 675 4.96 -1.40 -49.33
N GLU E 676 4.27 -0.27 -49.52
CA GLU E 676 3.86 0.16 -50.85
C GLU E 676 5.02 0.48 -51.77
N GLU E 677 6.19 0.81 -51.22
CA GLU E 677 7.33 1.23 -52.03
C GLU E 677 8.55 0.34 -51.81
N GLU E 678 8.34 -0.96 -51.61
CA GLU E 678 9.44 -1.91 -51.54
C GLU E 678 9.63 -2.56 -52.91
N LEU E 679 10.88 -2.90 -53.21
CA LEU E 679 11.26 -3.40 -54.52
C LEU E 679 11.30 -4.93 -54.53
N GLN E 680 11.11 -5.49 -55.73
CA GLN E 680 11.09 -6.93 -55.92
C GLN E 680 12.16 -7.31 -56.94
N PHE E 681 13.00 -8.29 -56.58
CA PHE E 681 13.99 -8.85 -57.49
C PHE E 681 13.89 -10.36 -57.45
N SER E 682 14.56 -11.01 -58.40
CA SER E 682 14.31 -12.42 -58.68
C SER E 682 15.04 -13.38 -57.75
N LEU E 683 15.28 -12.96 -56.51
CA LEU E 683 15.85 -13.83 -55.48
C LEU E 683 17.23 -14.37 -55.86
N GLY E 684 17.31 -15.10 -56.98
CA GLY E 684 18.56 -15.73 -57.35
C GLY E 684 19.59 -14.77 -57.91
N SER E 685 19.14 -13.74 -58.62
CA SER E 685 20.07 -12.81 -59.25
C SER E 685 20.60 -11.79 -58.24
N LYS E 686 21.91 -11.54 -58.32
CA LYS E 686 22.52 -10.53 -57.46
C LYS E 686 22.08 -9.14 -57.88
N ILE E 687 22.06 -8.22 -56.90
CA ILE E 687 21.63 -6.84 -57.13
C ILE E 687 22.79 -5.92 -56.80
N ASN E 688 22.92 -4.84 -57.57
CA ASN E 688 23.99 -3.86 -57.41
C ASN E 688 23.40 -2.55 -56.94
N VAL E 689 23.98 -1.98 -55.88
CA VAL E 689 23.46 -0.78 -55.24
C VAL E 689 24.56 0.28 -55.27
N LYS E 690 24.20 1.49 -55.71
CA LYS E 690 25.10 2.64 -55.71
C LYS E 690 24.44 3.75 -54.89
N VAL E 691 25.14 4.19 -53.84
CA VAL E 691 24.60 5.15 -52.89
C VAL E 691 25.34 6.47 -53.05
N GLY E 692 24.68 7.54 -52.60
CA GLY E 692 25.28 8.87 -52.61
C GLY E 692 24.37 9.91 -51.98
N GLY E 693 24.94 10.78 -51.15
CA GLY E 693 24.13 11.80 -50.51
C GLY E 693 24.87 12.40 -49.31
N ASN E 694 24.09 12.99 -48.41
CA ASN E 694 24.62 13.70 -47.26
C ASN E 694 24.18 13.09 -45.93
N SER E 695 23.64 11.88 -45.93
CA SER E 695 23.17 11.26 -44.70
C SER E 695 23.28 9.75 -44.79
N LYS E 696 23.40 9.10 -43.64
CA LYS E 696 23.46 7.66 -43.57
C LYS E 696 22.07 7.05 -43.70
N GLY E 697 22.03 5.80 -44.17
CA GLY E 697 20.77 5.11 -44.35
C GLY E 697 20.80 3.65 -43.94
N THR E 698 19.74 2.91 -44.28
CA THR E 698 19.65 1.51 -43.93
C THR E 698 18.90 0.78 -45.05
N LEU E 699 19.45 -0.36 -45.48
CA LEU E 699 18.85 -1.18 -46.52
C LEU E 699 18.58 -2.57 -45.97
N LYS E 700 17.35 -3.05 -46.15
CA LYS E 700 16.94 -4.36 -45.69
C LYS E 700 16.49 -5.21 -46.87
N VAL E 701 16.87 -6.48 -46.86
CA VAL E 701 16.43 -7.44 -47.86
C VAL E 701 15.78 -8.63 -47.15
N LEU E 702 14.73 -9.16 -47.76
CA LEU E 702 14.02 -10.32 -47.24
C LEU E 702 14.00 -11.41 -48.30
N ARG E 703 14.54 -12.58 -47.95
CA ARG E 703 14.52 -13.75 -48.82
C ARG E 703 13.62 -14.79 -48.18
N THR E 704 12.40 -14.94 -48.71
CA THR E 704 11.45 -15.93 -48.24
C THR E 704 11.17 -16.92 -49.36
N TYR E 705 11.36 -18.21 -49.06
CA TYR E 705 11.21 -19.25 -50.07
C TYR E 705 10.92 -20.57 -49.37
N ASN E 706 10.44 -21.52 -50.16
CA ASN E 706 10.08 -22.84 -49.65
C ASN E 706 11.25 -23.81 -49.80
N VAL E 707 11.53 -24.56 -48.74
CA VAL E 707 12.64 -25.51 -48.74
C VAL E 707 12.07 -26.92 -48.66
N LEU E 708 12.82 -27.86 -49.22
CA LEU E 708 12.45 -29.28 -49.19
C LEU E 708 13.21 -30.06 -48.13
N ASP E 709 14.12 -29.42 -47.40
CA ASP E 709 14.86 -30.09 -46.34
C ASP E 709 15.39 -29.02 -45.38
N MET E 710 15.70 -29.45 -44.17
CA MET E 710 16.18 -28.56 -43.12
C MET E 710 17.70 -28.59 -43.04
N LYS E 711 18.27 -27.52 -42.49
CA LYS E 711 19.70 -27.37 -42.37
C LYS E 711 20.28 -28.45 -41.44
N ASN E 712 21.60 -28.64 -41.54
CA ASN E 712 22.28 -29.57 -40.65
C ASN E 712 22.42 -29.01 -39.24
N THR E 713 22.25 -27.69 -39.07
CA THR E 713 22.35 -27.03 -37.77
C THR E 713 20.99 -26.59 -37.25
N THR E 714 19.92 -27.27 -37.68
CA THR E 714 18.58 -26.80 -37.39
C THR E 714 18.24 -26.98 -35.90
N CYS E 715 18.69 -28.07 -35.30
CA CYS E 715 18.31 -28.43 -33.93
C CYS E 715 19.58 -28.64 -33.10
N GLN E 716 20.25 -27.53 -32.78
CA GLN E 716 21.45 -27.59 -31.96
C GLN E 716 21.11 -27.83 -30.49
N ASP E 717 20.15 -27.06 -29.97
CA ASP E 717 19.79 -27.14 -28.55
C ASP E 717 18.42 -27.81 -28.38
N LEU E 718 17.36 -27.04 -28.57
CA LEU E 718 16.01 -27.56 -28.41
C LEU E 718 15.72 -28.63 -29.46
N GLN E 719 14.88 -29.59 -29.09
CA GLN E 719 14.51 -30.69 -29.97
C GLN E 719 13.00 -30.85 -29.99
N ILE E 720 12.45 -31.06 -31.18
CA ILE E 720 11.03 -31.35 -31.35
C ILE E 720 10.91 -32.57 -32.26
N GLU E 721 10.05 -33.51 -31.86
CA GLU E 721 9.79 -34.72 -32.63
C GLU E 721 8.29 -34.90 -32.77
N VAL E 722 7.79 -34.87 -34.00
CA VAL E 722 6.37 -34.99 -34.29
C VAL E 722 6.16 -36.28 -35.07
N THR E 723 5.31 -37.16 -34.54
CA THR E 723 4.93 -38.39 -35.21
C THR E 723 3.42 -38.52 -35.17
N VAL E 724 2.89 -39.32 -36.09
CA VAL E 724 1.44 -39.48 -36.26
C VAL E 724 1.13 -40.93 -36.52
N LYS E 725 0.05 -41.43 -35.90
CA LYS E 725 -0.42 -42.78 -36.09
C LYS E 725 -1.87 -42.76 -36.54
N GLY E 726 -2.26 -43.78 -37.31
CA GLY E 726 -3.63 -43.88 -37.76
C GLY E 726 -4.59 -44.11 -36.60
N HIS E 727 -5.85 -43.75 -36.84
CA HIS E 727 -6.88 -43.90 -35.81
C HIS E 727 -7.06 -45.37 -35.45
N VAL E 728 -7.23 -46.24 -36.45
CA VAL E 728 -7.40 -47.65 -36.17
C VAL E 728 -6.10 -48.25 -35.63
N GLU E 729 -4.95 -47.74 -36.05
CA GLU E 729 -3.68 -48.24 -35.54
C GLU E 729 -3.48 -47.82 -34.09
N TYR E 730 -3.85 -46.59 -33.75
CA TYR E 730 -3.70 -46.11 -32.38
C TYR E 730 -4.74 -46.72 -31.45
N THR E 731 -5.94 -47.00 -31.95
CA THR E 731 -6.98 -47.58 -31.10
C THR E 731 -6.59 -48.96 -30.60
N MET E 732 -6.02 -49.80 -31.49
CA MET E 732 -5.62 -51.14 -31.07
C MET E 732 -4.53 -51.09 -30.01
N GLU E 733 -3.59 -50.14 -30.13
CA GLU E 733 -2.57 -49.99 -29.11
C GLU E 733 -3.16 -49.46 -27.81
N ALA E 734 -4.15 -48.56 -27.90
CA ALA E 734 -4.81 -48.06 -26.71
C ALA E 734 -5.78 -49.08 -26.12
N ASN E 735 -6.41 -49.91 -26.97
CA ASN E 735 -7.37 -50.89 -26.50
C ASN E 735 -6.69 -51.98 -25.67
N GLU E 736 -5.79 -52.72 -26.29
CA GLU E 736 -5.14 -53.88 -25.66
C GLU E 736 -3.63 -53.65 -25.62
N ASP E 737 -3.21 -52.66 -24.83
CA ASP E 737 -1.79 -52.43 -24.61
C ASP E 737 -1.22 -53.48 -23.67
N GLU E 739 -1.48 -56.79 -23.88
CA GLU E 739 -0.97 -58.00 -24.53
C GLU E 739 0.37 -57.73 -25.22
N ASP E 740 1.36 -58.56 -24.94
CA ASP E 740 2.72 -58.37 -25.45
C ASP E 740 3.19 -59.51 -26.33
N VAL F 5 -23.17 -33.28 -41.93
CA VAL F 5 -23.99 -34.47 -42.13
C VAL F 5 -23.20 -35.72 -41.78
N VAL F 6 -23.89 -36.85 -41.68
CA VAL F 6 -23.27 -38.12 -41.32
C VAL F 6 -23.49 -39.14 -42.44
N GLU F 7 -23.65 -38.65 -43.67
CA GLU F 7 -23.89 -39.55 -44.79
C GLU F 7 -22.69 -40.45 -45.08
N GLU F 8 -21.48 -39.95 -44.87
CA GLU F 8 -20.27 -40.75 -45.00
C GLU F 8 -19.26 -40.28 -43.97
N GLN F 9 -18.56 -41.22 -43.36
CA GLN F 9 -17.69 -40.91 -42.24
C GLN F 9 -16.38 -40.30 -42.70
N GLU F 10 -15.69 -39.66 -41.75
CA GLU F 10 -14.48 -38.90 -42.00
C GLU F 10 -13.26 -39.63 -41.46
N SER F 11 -12.10 -39.32 -42.04
CA SER F 11 -10.85 -39.95 -41.64
C SER F 11 -10.21 -39.18 -40.49
N ARG F 12 -9.65 -39.92 -39.53
CA ARG F 12 -9.10 -39.35 -38.32
C ARG F 12 -7.70 -39.91 -38.08
N VAL F 13 -6.84 -39.08 -37.47
CA VAL F 13 -5.49 -39.46 -37.11
C VAL F 13 -5.19 -38.94 -35.71
N HIS F 14 -4.13 -39.48 -35.11
CA HIS F 14 -3.72 -39.11 -33.76
C HIS F 14 -2.30 -38.54 -33.83
N TYR F 15 -2.18 -37.24 -33.59
CA TYR F 15 -0.87 -36.60 -33.56
C TYR F 15 -0.14 -36.92 -32.27
N THR F 16 1.18 -36.78 -32.31
CA THR F 16 2.03 -37.04 -31.16
C THR F 16 3.26 -36.14 -31.26
N VAL F 17 3.42 -35.23 -30.30
CA VAL F 17 4.48 -34.22 -30.34
C VAL F 17 5.30 -34.36 -29.05
N CYS F 18 6.54 -34.82 -29.20
CA CYS F 18 7.48 -34.86 -28.09
C CYS F 18 8.50 -33.74 -28.22
N ILE F 19 8.87 -33.15 -27.09
CA ILE F 19 9.91 -32.12 -27.05
C ILE F 19 10.85 -32.39 -25.87
N TRP F 20 12.10 -31.97 -26.03
CA TRP F 20 13.08 -32.05 -24.96
C TRP F 20 14.25 -31.15 -25.32
N ARG F 21 15.13 -30.93 -24.35
CA ARG F 21 16.28 -30.04 -24.50
C ARG F 21 17.56 -30.85 -24.33
N ASN F 22 18.47 -30.73 -25.32
CA ASN F 22 19.77 -31.36 -25.23
C ASN F 22 20.80 -30.48 -24.53
N GLY F 23 20.62 -29.16 -24.58
CA GLY F 23 21.65 -28.27 -24.09
C GLY F 23 21.84 -28.38 -22.59
N LYS F 24 23.07 -28.10 -22.14
CA LYS F 24 23.43 -28.13 -20.74
C LYS F 24 23.16 -26.79 -20.05
N VAL F 25 22.36 -25.92 -20.67
CA VAL F 25 22.01 -24.65 -20.05
C VAL F 25 21.05 -24.90 -18.89
N GLY F 26 21.10 -24.02 -17.89
CA GLY F 26 20.36 -24.26 -16.66
C GLY F 26 18.86 -24.19 -16.82
N LEU F 27 18.36 -23.31 -17.69
CA LEU F 27 16.92 -23.09 -17.77
C LEU F 27 16.53 -22.72 -19.20
N SER F 28 15.23 -22.76 -19.45
CA SER F 28 14.64 -22.30 -20.70
C SER F 28 13.35 -21.55 -20.39
N GLY F 29 13.15 -20.42 -21.05
CA GLY F 29 11.95 -19.65 -20.84
C GLY F 29 10.74 -20.24 -21.54
N MET F 30 9.75 -19.41 -21.83
CA MET F 30 8.56 -19.89 -22.53
C MET F 30 8.91 -20.29 -23.95
N ALA F 31 8.39 -21.44 -24.39
CA ALA F 31 8.65 -21.96 -25.72
C ALA F 31 7.32 -22.18 -26.44
N ILE F 32 7.38 -22.12 -27.77
CA ILE F 32 6.21 -22.24 -28.62
C ILE F 32 6.43 -23.39 -29.60
N ALA F 33 5.47 -24.30 -29.67
CA ALA F 33 5.48 -25.39 -30.64
C ALA F 33 4.51 -25.05 -31.76
N ASP F 34 5.05 -24.82 -32.96
CA ASP F 34 4.27 -24.47 -34.14
C ASP F 34 4.19 -25.70 -35.04
N VAL F 35 3.00 -26.30 -35.12
CA VAL F 35 2.78 -27.49 -35.93
C VAL F 35 1.88 -27.09 -37.10
N THR F 36 2.41 -27.23 -38.33
CA THR F 36 1.64 -27.03 -39.53
C THR F 36 0.95 -28.35 -39.87
N LEU F 37 -0.37 -28.38 -39.76
CA LEU F 37 -1.12 -29.61 -39.98
C LEU F 37 -1.05 -30.04 -41.45
N LEU F 38 -1.22 -31.33 -41.67
CA LEU F 38 -1.31 -31.85 -43.03
C LEU F 38 -2.54 -31.28 -43.72
N SER F 39 -2.47 -31.21 -45.05
CA SER F 39 -3.53 -30.57 -45.81
C SER F 39 -4.86 -31.30 -45.64
N GLY F 40 -5.92 -30.53 -45.43
CA GLY F 40 -7.25 -31.07 -45.25
C GLY F 40 -7.65 -31.33 -43.81
N PHE F 41 -6.69 -31.47 -42.91
CA PHE F 41 -6.97 -31.78 -41.52
C PHE F 41 -7.11 -30.51 -40.68
N HIS F 42 -7.95 -30.59 -39.65
CA HIS F 42 -8.01 -29.60 -38.60
C HIS F 42 -8.01 -30.32 -37.26
N ALA F 43 -7.27 -29.78 -36.31
CA ALA F 43 -7.10 -30.44 -35.02
C ALA F 43 -8.40 -30.42 -34.23
N LEU F 44 -8.67 -31.52 -33.53
CA LEU F 44 -9.84 -31.61 -32.68
C LEU F 44 -9.64 -30.75 -31.43
N ARG F 45 -10.50 -29.75 -31.25
CA ARG F 45 -10.34 -28.83 -30.13
C ARG F 45 -10.63 -29.49 -28.79
N ALA F 46 -11.44 -30.55 -28.78
CA ALA F 46 -11.80 -31.20 -27.52
C ALA F 46 -10.57 -31.75 -26.81
N ASP F 47 -9.69 -32.43 -27.56
CA ASP F 47 -8.47 -32.96 -26.94
C ASP F 47 -7.52 -31.85 -26.54
N LEU F 48 -7.53 -30.72 -27.26
CA LEU F 48 -6.65 -29.62 -26.90
C LEU F 48 -7.05 -28.97 -25.58
N GLU F 49 -8.36 -28.87 -25.32
CA GLU F 49 -8.81 -28.33 -24.05
C GLU F 49 -8.47 -29.28 -22.90
N LYS F 50 -8.51 -30.58 -23.14
CA LYS F 50 -8.06 -31.54 -22.15
C LYS F 50 -6.59 -31.38 -21.82
N LEU F 51 -5.81 -30.83 -22.76
CA LEU F 51 -4.37 -30.69 -22.57
C LEU F 51 -4.02 -29.55 -21.62
N THR F 52 -4.86 -28.53 -21.54
CA THR F 52 -4.59 -27.36 -20.69
C THR F 52 -5.15 -27.52 -19.28
N SER F 53 -6.41 -27.94 -19.17
CA SER F 53 -7.05 -28.07 -17.87
C SER F 53 -6.77 -29.45 -17.27
N LEU F 54 -7.77 -30.01 -16.59
CA LEU F 54 -7.69 -31.35 -16.00
C LEU F 54 -6.54 -31.45 -14.99
N SER F 55 -6.31 -30.35 -14.25
CA SER F 55 -5.35 -30.30 -13.16
C SER F 55 -3.91 -30.52 -13.62
N ASP F 56 -3.71 -31.27 -14.69
CA ASP F 56 -2.37 -31.56 -15.21
C ASP F 56 -1.95 -30.45 -16.17
N ARG F 57 -0.78 -29.86 -15.90
CA ARG F 57 -0.24 -28.80 -16.75
C ARG F 57 0.72 -29.44 -17.77
N TYR F 58 0.13 -30.02 -18.82
CA TYR F 58 0.91 -30.53 -19.94
C TYR F 58 1.19 -29.44 -20.97
N VAL F 59 0.32 -28.44 -21.07
CA VAL F 59 0.55 -27.27 -21.89
C VAL F 59 -0.23 -26.12 -21.28
N SER F 60 0.23 -24.90 -21.52
CA SER F 60 -0.36 -23.74 -20.86
C SER F 60 -1.44 -23.07 -21.70
N HIS F 61 -1.36 -23.15 -23.03
CA HIS F 61 -2.32 -22.50 -23.90
C HIS F 61 -2.12 -23.04 -25.31
N PHE F 62 -3.13 -22.84 -26.14
CA PHE F 62 -3.05 -23.29 -27.53
C PHE F 62 -3.87 -22.36 -28.42
N GLU F 63 -3.37 -22.15 -29.64
CA GLU F 63 -4.07 -21.39 -30.66
C GLU F 63 -4.21 -22.26 -31.91
N THR F 64 -5.35 -22.13 -32.59
CA THR F 64 -5.67 -22.95 -33.75
C THR F 64 -5.91 -22.10 -34.99
N GLU F 65 -5.08 -21.09 -35.19
CA GLU F 65 -5.25 -20.20 -36.34
C GLU F 65 -4.84 -20.91 -37.62
N GLY F 66 -5.74 -20.94 -38.60
CA GLY F 66 -5.46 -21.51 -39.89
C GLY F 66 -5.13 -22.99 -39.83
N PRO F 67 -4.26 -23.45 -40.72
CA PRO F 67 -3.84 -24.85 -40.70
C PRO F 67 -2.71 -25.11 -39.71
N HIS F 68 -2.56 -24.23 -38.72
CA HIS F 68 -1.49 -24.32 -37.75
C HIS F 68 -2.06 -24.61 -36.36
N VAL F 69 -1.31 -25.39 -35.59
CA VAL F 69 -1.61 -25.63 -34.18
C VAL F 69 -0.47 -25.01 -33.37
N LEU F 70 -0.80 -23.99 -32.57
CA LEU F 70 0.19 -23.22 -31.83
C LEU F 70 0.10 -23.60 -30.36
N LEU F 71 1.19 -24.17 -29.84
CA LEU F 71 1.23 -24.66 -28.46
C LEU F 71 2.21 -23.82 -27.64
N TYR F 72 1.79 -23.45 -26.44
CA TYR F 72 2.59 -22.63 -25.53
C TYR F 72 3.10 -23.51 -24.39
N PHE F 73 4.41 -23.71 -24.34
CA PHE F 73 5.05 -24.44 -23.26
C PHE F 73 5.75 -23.48 -22.31
N ASP F 74 5.59 -23.69 -21.01
CA ASP F 74 6.24 -22.83 -20.03
C ASP F 74 7.75 -23.00 -20.06
N SER F 75 8.23 -24.23 -20.24
CA SER F 75 9.65 -24.50 -20.27
C SER F 75 9.89 -25.81 -21.02
N VAL F 76 11.11 -25.96 -21.53
CA VAL F 76 11.53 -27.14 -22.27
C VAL F 76 12.32 -28.03 -21.32
N PRO F 77 11.87 -29.26 -21.06
CA PRO F 77 12.58 -30.13 -20.11
C PRO F 77 13.77 -30.82 -20.75
N THR F 78 14.68 -31.28 -19.89
CA THR F 78 15.82 -32.05 -20.38
C THR F 78 15.42 -33.44 -20.81
N SER F 79 14.56 -34.10 -20.03
CA SER F 79 14.03 -35.41 -20.40
C SER F 79 12.82 -35.24 -21.30
N ARG F 80 12.53 -36.30 -22.06
CA ARG F 80 11.49 -36.22 -23.08
C ARG F 80 10.12 -36.01 -22.45
N GLU F 81 9.41 -34.99 -22.93
CA GLU F 81 8.01 -34.75 -22.60
C GLU F 81 7.23 -34.75 -23.90
N CYS F 82 6.15 -35.53 -23.94
CA CYS F 82 5.39 -35.72 -25.18
C CYS F 82 3.94 -35.34 -25.00
N VAL F 83 3.34 -34.89 -26.10
CA VAL F 83 1.96 -34.38 -26.13
C VAL F 83 1.28 -34.93 -27.38
N GLY F 84 0.02 -35.33 -27.24
CA GLY F 84 -0.72 -35.86 -28.36
C GLY F 84 -2.15 -35.35 -28.38
N PHE F 85 -2.75 -35.39 -29.57
CA PHE F 85 -4.14 -35.00 -29.77
C PHE F 85 -4.60 -35.55 -31.11
N GLU F 86 -5.92 -35.72 -31.23
CA GLU F 86 -6.52 -36.25 -32.45
C GLU F 86 -6.80 -35.13 -33.44
N ALA F 87 -6.63 -35.45 -34.72
CA ALA F 87 -6.97 -34.55 -35.81
C ALA F 87 -7.91 -35.26 -36.78
N VAL F 88 -8.75 -34.48 -37.45
CA VAL F 88 -9.76 -35.01 -38.34
C VAL F 88 -9.70 -34.27 -39.67
N GLN F 89 -9.90 -35.02 -40.77
CA GLN F 89 -9.82 -34.43 -42.10
C GLN F 89 -11.16 -33.82 -42.49
N GLU F 90 -11.15 -32.51 -42.76
CA GLU F 90 -12.37 -31.81 -43.14
C GLU F 90 -12.83 -32.24 -44.54
N VAL F 91 -11.93 -32.16 -45.52
CA VAL F 91 -12.25 -32.53 -46.90
C VAL F 91 -11.24 -33.57 -47.37
N PRO F 92 -11.69 -34.68 -47.95
CA PRO F 92 -10.75 -35.76 -48.32
C PRO F 92 -9.68 -35.29 -49.29
N VAL F 93 -8.44 -35.33 -48.85
CA VAL F 93 -7.27 -34.99 -49.66
C VAL F 93 -6.34 -36.19 -49.68
N GLY F 94 -5.99 -36.66 -50.88
CA GLY F 94 -5.08 -37.76 -51.06
C GLY F 94 -3.70 -37.29 -51.50
N LEU F 95 -2.74 -38.21 -51.42
CA LEU F 95 -1.35 -37.93 -51.74
C LEU F 95 -0.84 -36.73 -50.93
N VAL F 96 -1.09 -36.79 -49.62
CA VAL F 96 -0.76 -35.66 -48.76
C VAL F 96 0.75 -35.48 -48.69
N GLN F 97 1.19 -34.24 -48.67
CA GLN F 97 2.60 -33.89 -48.65
C GLN F 97 3.04 -33.56 -47.23
N PRO F 98 4.30 -33.83 -46.89
CA PRO F 98 4.77 -33.58 -45.53
C PRO F 98 4.76 -32.09 -45.20
N ALA F 99 4.62 -31.79 -43.91
CA ALA F 99 4.55 -30.43 -43.43
C ALA F 99 5.61 -30.21 -42.36
N SER F 100 5.73 -28.97 -41.91
CA SER F 100 6.78 -28.57 -40.98
C SER F 100 6.24 -28.39 -39.57
N ALA F 101 7.10 -28.63 -38.59
CA ALA F 101 6.83 -28.38 -37.20
C ALA F 101 8.03 -27.65 -36.59
N THR F 102 7.76 -26.64 -35.77
CA THR F 102 8.81 -25.77 -35.28
C THR F 102 8.64 -25.52 -33.79
N LEU F 103 9.73 -25.67 -33.03
CA LEU F 103 9.77 -25.38 -31.61
C LEU F 103 10.87 -24.33 -31.37
N TYR F 104 10.51 -23.24 -30.71
CA TYR F 104 11.46 -22.15 -30.52
C TYR F 104 11.21 -21.45 -29.19
N ASP F 105 12.29 -20.97 -28.58
CA ASP F 105 12.18 -20.15 -27.39
C ASP F 105 11.60 -18.79 -27.76
N TYR F 106 10.55 -18.37 -27.05
CA TYR F 106 9.84 -17.14 -27.42
C TYR F 106 10.72 -15.92 -27.22
N TYR F 107 11.36 -15.81 -26.05
CA TYR F 107 12.17 -14.64 -25.72
C TYR F 107 13.60 -14.76 -26.22
N ASN F 108 13.96 -15.89 -26.83
CA ASN F 108 15.26 -16.06 -27.49
C ASN F 108 15.05 -16.91 -28.74
N PRO F 109 14.48 -16.33 -29.79
CA PRO F 109 14.11 -17.13 -30.97
C PRO F 109 15.30 -17.68 -31.75
N GLU F 110 16.53 -17.34 -31.39
CA GLU F 110 17.68 -17.93 -32.05
C GLU F 110 17.83 -19.40 -31.70
N ARG F 111 17.34 -19.82 -30.54
CA ARG F 111 17.30 -21.23 -30.16
C ARG F 111 16.00 -21.82 -30.69
N ARG F 112 16.10 -22.64 -31.73
CA ARG F 112 14.91 -23.18 -32.38
C ARG F 112 15.24 -24.54 -32.99
N CYS F 113 14.20 -25.22 -33.45
CA CYS F 113 14.34 -26.55 -34.05
C CYS F 113 13.16 -26.78 -34.98
N SER F 114 13.43 -26.98 -36.26
CA SER F 114 12.40 -27.21 -37.26
C SER F 114 12.60 -28.58 -37.89
N VAL F 115 11.50 -29.28 -38.13
CA VAL F 115 11.55 -30.67 -38.59
C VAL F 115 10.37 -30.93 -39.51
N PHE F 116 10.57 -31.83 -40.48
CA PHE F 116 9.51 -32.30 -41.34
C PHE F 116 8.85 -33.55 -40.75
N TYR F 117 7.58 -33.73 -41.06
CA TYR F 117 6.85 -34.92 -40.65
C TYR F 117 5.82 -35.24 -41.71
N GLY F 118 5.55 -36.53 -41.89
CA GLY F 118 4.63 -36.99 -42.92
C GLY F 118 3.58 -37.92 -42.34
N ALA F 119 2.63 -38.30 -43.21
CA ALA F 119 1.57 -39.20 -42.84
C ALA F 119 2.15 -40.56 -42.44
N PRO F 120 1.39 -41.34 -41.67
CA PRO F 120 1.89 -42.68 -41.28
C PRO F 120 2.16 -43.54 -42.51
N SER F 121 3.18 -44.38 -42.39
CA SER F 121 3.54 -45.26 -43.50
C SER F 121 2.44 -46.28 -43.75
N LYS F 122 2.22 -46.59 -45.04
CA LYS F 122 1.17 -47.52 -45.46
C LYS F 122 -0.21 -47.03 -45.04
N SER F 123 -0.45 -45.73 -45.17
CA SER F 123 -1.74 -45.13 -44.88
C SER F 123 -2.46 -44.76 -46.18
N ARG F 124 -3.79 -44.69 -46.09
CA ARG F 124 -4.59 -44.34 -47.25
C ARG F 124 -4.36 -42.91 -47.71
N LEU F 125 -3.78 -42.06 -46.86
CA LEU F 125 -3.57 -40.66 -47.23
C LEU F 125 -2.50 -40.50 -48.30
N LEU F 126 -1.61 -41.47 -48.46
CA LEU F 126 -0.59 -41.40 -49.50
C LEU F 126 -1.09 -41.81 -50.86
N ALA F 127 -2.26 -42.43 -50.95
CA ALA F 127 -2.84 -42.86 -52.22
C ALA F 127 -3.68 -41.74 -52.82
N THR F 128 -3.79 -41.76 -54.15
CA THR F 128 -4.53 -40.73 -54.85
C THR F 128 -6.04 -40.93 -54.69
N LEU F 129 -6.78 -39.87 -54.99
CA LEU F 129 -8.24 -39.90 -54.99
C LEU F 129 -8.81 -39.36 -56.29
N CYS F 130 -7.99 -39.19 -57.32
CA CYS F 130 -8.43 -38.54 -58.56
C CYS F 130 -9.31 -39.46 -59.38
N SER F 131 -10.30 -38.86 -60.04
CA SER F 131 -11.07 -39.58 -61.04
C SER F 131 -10.21 -39.83 -62.28
N ALA F 132 -10.63 -40.80 -63.09
CA ALA F 132 -9.81 -41.32 -64.18
C ALA F 132 -9.23 -40.20 -65.05
N GLU F 133 -10.11 -39.36 -65.60
CA GLU F 133 -9.62 -38.29 -66.48
C GLU F 133 -8.89 -37.21 -65.68
N VAL F 134 -9.20 -37.05 -64.40
CA VAL F 134 -8.49 -36.07 -63.58
C VAL F 134 -7.05 -36.50 -63.36
N CYS F 135 -6.82 -37.80 -63.16
CA CYS F 135 -5.45 -38.29 -63.07
C CYS F 135 -4.70 -38.08 -64.38
N GLN F 136 -5.40 -38.19 -65.51
CA GLN F 136 -4.77 -37.96 -66.81
C GLN F 136 -4.33 -36.51 -66.96
N CYS F 137 -5.19 -35.57 -66.54
CA CYS F 137 -4.82 -34.16 -66.54
C CYS F 137 -3.70 -33.88 -65.56
N ALA F 138 -3.66 -34.62 -64.45
CA ALA F 138 -2.67 -34.34 -63.40
C ALA F 138 -1.24 -34.53 -63.92
N GLU F 139 -1.01 -35.55 -64.73
CA GLU F 139 0.31 -35.79 -65.30
C GLU F 139 0.58 -34.96 -66.55
N GLY F 140 -0.30 -34.01 -66.87
CA GLY F 140 -0.03 -33.10 -67.97
C GLY F 140 1.10 -32.15 -67.70
N LYS F 141 1.44 -31.93 -66.43
CA LYS F 141 2.63 -31.19 -66.03
C LYS F 141 3.79 -32.11 -65.70
N CYS F 142 3.54 -33.41 -65.58
CA CYS F 142 4.53 -34.43 -65.27
C CYS F 142 5.23 -34.90 -66.55
N PRO F 143 6.48 -35.36 -66.43
CA PRO F 143 7.17 -35.91 -67.60
C PRO F 143 6.56 -37.22 -68.04
N ARG F 144 6.49 -37.41 -69.37
CA ARG F 144 5.96 -38.65 -69.91
C ARG F 144 7.00 -39.75 -69.75
N GLN F 145 6.63 -40.83 -69.09
CA GLN F 145 7.52 -41.97 -68.90
C GLN F 145 7.39 -42.95 -70.07
N ARG F 146 8.53 -43.42 -70.55
CA ARG F 146 8.55 -44.35 -71.66
C ARG F 146 9.72 -45.30 -71.49
N ARG F 147 9.51 -46.56 -71.83
CA ARG F 147 10.59 -47.53 -71.82
C ARG F 147 11.47 -47.31 -73.05
N ALA F 148 12.52 -48.13 -73.16
CA ALA F 148 13.52 -47.91 -74.20
C ALA F 148 12.90 -47.93 -75.59
N LEU F 149 13.28 -46.93 -76.40
CA LEU F 149 12.83 -46.75 -77.78
C LEU F 149 11.36 -47.08 -78.00
N GLU F 150 10.50 -46.64 -77.09
CA GLU F 150 9.06 -46.83 -77.24
C GLU F 150 8.48 -45.67 -78.05
N ARG F 151 7.72 -46.01 -79.10
CA ARG F 151 7.08 -45.01 -79.94
C ARG F 151 5.67 -44.73 -79.42
N GLY F 152 5.38 -43.45 -79.20
CA GLY F 152 4.04 -43.06 -78.81
C GLY F 152 3.07 -43.13 -79.98
N LEU F 153 1.78 -43.08 -79.65
CA LEU F 153 0.75 -43.16 -80.68
C LEU F 153 0.79 -41.95 -81.60
N GLN F 154 1.10 -40.77 -81.05
CA GLN F 154 1.17 -39.54 -81.82
C GLN F 154 2.61 -39.11 -82.14
N ASP F 155 3.59 -39.96 -81.86
CA ASP F 155 5.00 -39.62 -82.09
C ASP F 155 5.33 -39.79 -83.56
N GLU F 156 5.62 -38.68 -84.24
CA GLU F 156 6.04 -38.70 -85.63
C GLU F 156 7.45 -39.28 -85.74
N ASP F 157 7.85 -39.62 -86.97
CA ASP F 157 9.15 -40.24 -87.20
C ASP F 157 10.31 -39.34 -86.80
N GLY F 158 10.08 -38.02 -86.69
CA GLY F 158 11.13 -37.11 -86.25
C GLY F 158 10.89 -36.60 -84.85
N TYR F 159 10.32 -37.47 -84.00
CA TYR F 159 9.89 -37.05 -82.66
C TYR F 159 11.07 -36.56 -81.82
N ARG F 160 12.21 -37.24 -81.89
CA ARG F 160 13.34 -36.86 -81.05
C ARG F 160 13.91 -35.51 -81.47
N MET F 161 14.03 -35.27 -82.78
CA MET F 161 14.54 -33.99 -83.24
C MET F 161 13.51 -32.88 -83.04
N LYS F 162 12.23 -33.19 -83.20
CA LYS F 162 11.19 -32.19 -82.98
C LYS F 162 11.17 -31.72 -81.54
N PHE F 163 11.32 -32.64 -80.60
CA PHE F 163 11.35 -32.26 -79.19
C PHE F 163 12.59 -31.43 -78.87
N ALA F 164 13.71 -31.73 -79.53
CA ALA F 164 14.96 -31.05 -79.22
C ALA F 164 15.02 -29.64 -79.80
N CYS F 165 14.51 -29.45 -81.02
CA CYS F 165 14.76 -28.23 -81.77
C CYS F 165 13.51 -27.45 -82.14
N TYR F 166 12.32 -28.05 -82.09
CA TYR F 166 11.10 -27.37 -82.47
C TYR F 166 10.21 -27.03 -81.28
N TYR F 167 9.87 -28.01 -80.46
CA TYR F 167 9.09 -27.76 -79.26
C TYR F 167 9.28 -28.89 -78.27
N PRO F 168 9.60 -28.59 -77.00
CA PRO F 168 9.71 -27.23 -76.44
C PRO F 168 11.08 -26.58 -76.63
N ARG F 169 11.88 -27.11 -77.56
CA ARG F 169 13.26 -26.67 -77.77
C ARG F 169 14.05 -26.78 -76.47
N VAL F 170 14.66 -27.94 -76.25
CA VAL F 170 15.35 -28.20 -74.99
C VAL F 170 16.54 -27.25 -74.82
N GLU F 171 16.80 -26.88 -73.57
CA GLU F 171 17.96 -26.06 -73.24
C GLU F 171 19.16 -26.87 -72.80
N TYR F 172 18.96 -28.12 -72.37
CA TYR F 172 20.05 -29.00 -72.00
C TYR F 172 19.73 -30.41 -72.47
N GLY F 173 20.78 -31.13 -72.86
CA GLY F 173 20.65 -32.52 -73.27
C GLY F 173 21.77 -33.38 -72.74
N PHE F 174 21.46 -34.27 -71.80
CA PHE F 174 22.46 -35.07 -71.14
C PHE F 174 22.16 -36.55 -71.28
N GLN F 175 23.19 -37.37 -71.04
CA GLN F 175 23.06 -38.82 -70.95
C GLN F 175 23.76 -39.23 -69.66
N VAL F 176 22.97 -39.60 -68.65
CA VAL F 176 23.48 -39.76 -67.30
C VAL F 176 23.24 -41.18 -66.81
N LYS F 177 23.95 -41.53 -65.73
CA LYS F 177 23.81 -42.80 -65.04
C LYS F 177 23.35 -42.53 -63.62
N VAL F 178 22.24 -43.15 -63.23
CA VAL F 178 21.62 -42.88 -61.94
C VAL F 178 22.34 -43.68 -60.85
N LEU F 179 22.68 -43.01 -59.76
CA LEU F 179 23.41 -43.62 -58.65
C LEU F 179 22.51 -43.97 -57.47
N ARG F 180 21.71 -43.02 -56.99
CA ARG F 180 20.99 -43.20 -55.73
C ARG F 180 19.77 -42.29 -55.72
N GLU F 181 18.71 -42.76 -55.07
CA GLU F 181 17.45 -42.03 -54.94
C GLU F 181 17.20 -41.68 -53.48
N ASP F 182 16.95 -40.40 -53.22
CA ASP F 182 16.55 -39.91 -51.91
C ASP F 182 15.23 -39.16 -52.02
N SER F 183 14.47 -39.14 -50.93
CA SER F 183 13.18 -38.46 -50.88
C SER F 183 13.35 -37.16 -50.09
N ARG F 184 13.07 -36.04 -50.74
CA ARG F 184 13.20 -34.71 -50.15
C ARG F 184 11.82 -34.06 -50.13
N ALA F 185 11.10 -34.24 -49.03
CA ALA F 185 9.77 -33.64 -48.81
C ALA F 185 8.86 -34.10 -49.94
N ALA F 186 8.22 -33.19 -50.68
CA ALA F 186 7.32 -33.56 -51.77
C ALA F 186 8.05 -33.87 -53.07
N PHE F 187 9.37 -34.01 -53.02
CA PHE F 187 10.17 -34.32 -54.20
C PHE F 187 11.02 -35.54 -53.93
N ARG F 188 11.36 -36.27 -55.00
CA ARG F 188 12.33 -37.35 -54.96
C ARG F 188 13.59 -36.91 -55.70
N LEU F 189 14.74 -37.15 -55.10
CA LEU F 189 16.02 -36.69 -55.61
C LEU F 189 16.84 -37.86 -56.13
N PHE F 190 17.33 -37.73 -57.37
CA PHE F 190 18.23 -38.71 -57.98
C PHE F 190 19.55 -38.02 -58.27
N GLU F 191 20.60 -38.45 -57.57
CA GLU F 191 21.95 -37.97 -57.86
C GLU F 191 22.54 -38.85 -58.96
N THR F 192 22.91 -38.23 -60.07
CA THR F 192 23.38 -38.95 -61.25
C THR F 192 24.76 -38.47 -61.65
N LYS F 193 25.42 -39.26 -62.50
CA LYS F 193 26.71 -38.91 -63.08
C LYS F 193 26.56 -38.84 -64.59
N ILE F 194 27.02 -37.73 -65.17
CA ILE F 194 26.89 -37.53 -66.61
C ILE F 194 27.86 -38.45 -67.35
N THR F 195 27.36 -39.15 -68.35
CA THR F 195 28.19 -39.96 -69.23
C THR F 195 28.44 -39.34 -70.60
N GLN F 196 27.48 -38.57 -71.12
CA GLN F 196 27.64 -37.87 -72.38
C GLN F 196 26.90 -36.54 -72.30
N VAL F 197 27.47 -35.53 -72.97
CA VAL F 197 26.88 -34.19 -73.01
C VAL F 197 26.51 -33.88 -74.46
N LEU F 198 25.26 -33.50 -74.67
CA LEU F 198 24.75 -33.15 -76.00
C LEU F 198 24.56 -31.66 -76.19
N HIS F 199 23.99 -30.97 -75.20
CA HIS F 199 23.77 -29.54 -75.29
C HIS F 199 23.59 -28.99 -73.88
N PHE F 200 23.96 -27.71 -73.72
CA PHE F 200 23.84 -27.05 -72.43
C PHE F 200 23.78 -25.55 -72.66
N THR F 201 23.25 -24.84 -71.65
CA THR F 201 23.17 -23.38 -71.73
C THR F 201 23.79 -22.73 -70.50
N LYS F 202 23.20 -22.92 -69.33
CA LYS F 202 23.75 -22.35 -68.11
C LYS F 202 24.84 -23.21 -67.51
N ASP F 203 24.73 -24.54 -67.66
CA ASP F 203 25.71 -25.47 -67.11
C ASP F 203 26.92 -25.54 -68.05
N VAL F 204 27.72 -24.47 -68.01
CA VAL F 204 28.91 -24.38 -68.86
C VAL F 204 29.91 -25.48 -68.51
N LYS F 205 30.04 -25.78 -67.22
CA LYS F 205 30.98 -26.79 -66.75
C LYS F 205 30.38 -28.19 -66.74
N ALA F 206 29.43 -28.47 -67.63
CA ALA F 206 28.89 -29.81 -67.76
C ALA F 206 29.82 -30.65 -68.63
N ALA F 207 30.21 -31.81 -68.13
CA ALA F 207 31.15 -32.67 -68.84
C ALA F 207 30.94 -34.11 -68.36
N ALA F 208 31.70 -35.03 -68.96
CA ALA F 208 31.65 -36.42 -68.53
C ALA F 208 32.20 -36.55 -67.12
N ASN F 209 31.63 -37.52 -66.37
CA ASN F 209 31.92 -37.81 -64.98
C ASN F 209 31.51 -36.68 -64.03
N GLN F 210 30.92 -35.61 -64.53
CA GLN F 210 30.31 -34.63 -63.65
C GLN F 210 29.01 -35.18 -63.07
N MET F 211 28.72 -34.79 -61.83
CA MET F 211 27.54 -35.27 -61.13
C MET F 211 26.53 -34.15 -60.97
N ARG F 212 25.25 -34.48 -61.17
CA ARG F 212 24.16 -33.52 -61.09
C ARG F 212 23.02 -34.13 -60.28
N ASN F 213 22.03 -33.29 -59.97
CA ASN F 213 20.87 -33.69 -59.20
C ASN F 213 19.61 -33.46 -60.03
N PHE F 214 18.77 -34.49 -60.11
CA PHE F 214 17.53 -34.43 -60.87
C PHE F 214 16.35 -34.64 -59.92
N LEU F 215 15.40 -33.71 -59.95
CA LEU F 215 14.27 -33.69 -59.04
C LEU F 215 12.98 -33.95 -59.80
N VAL F 216 12.03 -34.62 -59.15
CA VAL F 216 10.71 -34.87 -59.71
C VAL F 216 9.72 -34.95 -58.56
N ARG F 217 8.51 -34.44 -58.79
CA ARG F 217 7.48 -34.49 -57.77
C ARG F 217 7.03 -35.93 -57.53
N ALA F 218 6.58 -36.19 -56.30
CA ALA F 218 6.12 -37.53 -55.93
C ALA F 218 4.88 -37.96 -56.71
N SER F 219 4.09 -37.00 -57.22
CA SER F 219 2.89 -37.33 -57.96
C SER F 219 3.18 -37.90 -59.35
N CYS F 220 4.34 -37.60 -59.92
CA CYS F 220 4.62 -37.90 -61.32
C CYS F 220 5.06 -39.34 -61.57
N ARG F 221 5.22 -40.15 -60.52
CA ARG F 221 5.62 -41.56 -60.59
C ARG F 221 6.64 -41.83 -61.70
N LEU F 222 7.64 -40.95 -61.85
CA LEU F 222 8.66 -41.14 -62.86
C LEU F 222 9.62 -42.28 -62.51
N ARG F 223 9.77 -42.59 -61.22
CA ARG F 223 10.54 -43.72 -60.73
C ARG F 223 12.04 -43.54 -60.91
N LEU F 224 12.54 -43.68 -62.14
CA LEU F 224 13.98 -43.63 -62.42
C LEU F 224 14.76 -44.60 -61.54
N GLU F 225 14.90 -45.84 -62.00
CA GLU F 225 15.58 -46.84 -61.18
C GLU F 225 17.10 -46.62 -61.22
N PRO F 226 17.78 -46.74 -60.08
CA PRO F 226 19.23 -46.53 -60.06
C PRO F 226 19.96 -47.67 -60.76
N GLY F 227 21.16 -47.35 -61.24
CA GLY F 227 21.99 -48.31 -61.94
C GLY F 227 21.80 -48.35 -63.44
N LYS F 228 20.80 -47.67 -63.98
CA LYS F 228 20.55 -47.62 -65.41
C LYS F 228 20.94 -46.27 -65.98
N GLU F 229 21.14 -46.25 -67.30
CA GLU F 229 21.58 -45.07 -68.03
C GLU F 229 20.41 -44.49 -68.80
N TYR F 230 20.19 -43.18 -68.64
CA TYR F 230 19.03 -42.51 -69.21
C TYR F 230 19.45 -41.34 -70.09
N LEU F 231 18.67 -41.10 -71.13
CA LEU F 231 18.76 -39.88 -71.93
C LEU F 231 17.80 -38.85 -71.35
N ILE F 232 18.33 -37.70 -70.94
CA ILE F 232 17.55 -36.66 -70.30
C ILE F 232 17.69 -35.38 -71.11
N MET F 233 16.55 -34.79 -71.47
CA MET F 233 16.49 -33.52 -72.20
C MET F 233 15.35 -32.69 -71.65
N GLY F 234 15.59 -31.40 -71.46
CA GLY F 234 14.56 -30.53 -70.93
C GLY F 234 14.94 -29.07 -70.90
N LEU F 235 14.37 -28.32 -69.96
CA LEU F 235 14.61 -26.89 -69.83
C LEU F 235 15.43 -26.62 -68.57
N ASP F 236 16.20 -25.54 -68.61
CA ASP F 236 17.13 -25.22 -67.54
C ASP F 236 16.39 -24.84 -66.26
N GLY F 237 16.90 -25.30 -65.13
CA GLY F 237 16.29 -25.04 -63.85
C GLY F 237 16.79 -23.75 -63.21
N ALA F 238 16.43 -23.57 -61.94
CA ALA F 238 16.77 -22.36 -61.21
C ALA F 238 17.52 -22.60 -59.91
N THR F 239 17.68 -23.84 -59.46
CA THR F 239 18.32 -24.15 -58.19
C THR F 239 19.71 -24.72 -58.42
N TYR F 240 20.48 -24.79 -57.32
CA TYR F 240 21.84 -25.30 -57.35
C TYR F 240 22.03 -26.25 -56.17
N ASP F 241 23.06 -27.10 -56.27
CA ASP F 241 23.26 -28.17 -55.31
C ASP F 241 24.22 -27.70 -54.21
N LEU F 242 24.83 -28.67 -53.50
CA LEU F 242 25.68 -28.33 -52.37
C LEU F 242 27.01 -27.73 -52.80
N GLU F 243 27.53 -28.15 -53.95
CA GLU F 243 28.82 -27.65 -54.44
C GLU F 243 28.69 -26.42 -55.32
N GLY F 244 27.49 -26.09 -55.78
CA GLY F 244 27.28 -24.96 -56.67
C GLY F 244 26.86 -25.32 -58.06
N HIS F 245 26.71 -26.61 -58.36
CA HIS F 245 26.25 -27.04 -59.67
C HIS F 245 24.73 -26.95 -59.76
N PRO F 246 24.19 -26.64 -60.93
CA PRO F 246 22.74 -26.48 -61.06
C PRO F 246 22.00 -27.80 -60.89
N GLN F 247 20.78 -27.70 -60.39
CA GLN F 247 19.88 -28.84 -60.27
C GLN F 247 18.79 -28.74 -61.34
N TYR F 248 18.24 -29.89 -61.71
CA TYR F 248 17.29 -29.98 -62.80
C TYR F 248 15.97 -30.56 -62.33
N LEU F 249 14.87 -29.92 -62.72
CA LEU F 249 13.53 -30.40 -62.44
C LEU F 249 12.98 -31.08 -63.69
N LEU F 250 12.39 -32.26 -63.52
CA LEU F 250 11.84 -33.04 -64.61
C LEU F 250 10.32 -32.86 -64.63
N ASP F 251 9.82 -32.21 -65.66
CA ASP F 251 8.38 -31.94 -65.79
C ASP F 251 7.95 -32.34 -67.19
N SER F 252 6.76 -31.87 -67.60
CA SER F 252 6.21 -32.24 -68.90
C SER F 252 7.06 -31.73 -70.05
N ASN F 253 7.93 -30.75 -69.82
CA ASN F 253 8.87 -30.28 -70.82
C ASN F 253 10.21 -30.99 -70.74
N SER F 254 10.26 -32.17 -70.12
CA SER F 254 11.48 -32.95 -69.99
C SER F 254 11.32 -34.29 -70.69
N TRP F 255 12.37 -34.73 -71.36
CA TRP F 255 12.40 -36.00 -72.07
C TRP F 255 13.28 -36.97 -71.29
N ILE F 256 12.69 -38.04 -70.79
CA ILE F 256 13.40 -39.08 -70.06
C ILE F 256 13.18 -40.41 -70.78
N GLU F 257 14.27 -41.10 -71.10
CA GLU F 257 14.20 -42.36 -71.82
C GLU F 257 15.34 -43.26 -71.39
N GLU F 258 15.00 -44.48 -70.97
CA GLU F 258 16.01 -45.47 -70.62
C GLU F 258 16.79 -45.87 -71.86
N MET F 259 18.11 -45.85 -71.76
CA MET F 259 18.95 -46.19 -72.90
C MET F 259 18.87 -47.69 -73.16
N PRO F 260 18.70 -48.12 -74.42
CA PRO F 260 18.54 -49.55 -74.69
C PRO F 260 19.83 -50.32 -74.46
N SER F 261 19.66 -51.56 -74.02
CA SER F 261 20.81 -52.44 -73.84
C SER F 261 21.33 -52.91 -75.20
N GLU F 262 22.57 -53.42 -75.20
CA GLU F 262 23.16 -53.94 -76.43
C GLU F 262 22.38 -55.13 -76.94
N ARG F 263 21.92 -56.01 -76.04
CA ARG F 263 21.16 -57.18 -76.45
C ARG F 263 19.81 -56.79 -77.03
N LEU F 264 19.20 -55.72 -76.52
CA LEU F 264 17.91 -55.27 -77.04
C LEU F 264 18.06 -54.59 -78.39
N CYS F 265 19.12 -53.79 -78.56
CA CYS F 265 19.28 -53.02 -79.79
C CYS F 265 19.53 -53.92 -80.99
N ARG F 266 20.22 -55.05 -80.79
CA ARG F 266 20.50 -55.96 -81.90
C ARG F 266 19.32 -56.88 -82.23
N SER F 267 18.19 -56.72 -81.55
CA SER F 267 17.01 -57.51 -81.86
C SER F 267 16.47 -57.11 -83.24
N THR F 268 15.91 -58.11 -83.94
CA THR F 268 15.36 -57.84 -85.26
C THR F 268 14.22 -56.83 -85.20
N ARG F 269 13.42 -56.88 -84.14
CA ARG F 269 12.29 -55.96 -84.02
C ARG F 269 12.76 -54.54 -83.78
N GLN F 270 13.73 -54.36 -82.88
CA GLN F 270 14.14 -53.02 -82.44
C GLN F 270 15.36 -52.49 -83.18
N ARG F 271 15.80 -53.17 -84.24
CA ARG F 271 16.99 -52.72 -84.95
C ARG F 271 16.75 -51.40 -85.66
N ALA F 272 15.54 -51.21 -86.21
CA ALA F 272 15.24 -49.97 -86.90
C ALA F 272 15.05 -48.82 -85.92
N ALA F 273 14.38 -49.06 -84.80
CA ALA F 273 14.17 -48.00 -83.82
C ALA F 273 15.48 -47.60 -83.15
N CYS F 274 16.36 -48.58 -82.88
CA CYS F 274 17.65 -48.27 -82.29
C CYS F 274 18.52 -47.43 -83.24
N ALA F 275 18.28 -47.55 -84.56
CA ALA F 275 19.04 -46.76 -85.51
C ALA F 275 18.61 -45.30 -85.50
N GLN F 276 17.30 -45.04 -85.37
CA GLN F 276 16.82 -43.66 -85.31
C GLN F 276 17.37 -42.94 -84.09
N LEU F 277 17.43 -43.61 -82.95
CA LEU F 277 17.95 -43.01 -81.74
C LEU F 277 19.40 -42.58 -81.91
N ASN F 278 20.25 -43.50 -82.37
CA ASN F 278 21.66 -43.18 -82.55
C ASN F 278 21.87 -42.14 -83.66
N ASP F 279 21.05 -42.18 -84.71
CA ASP F 279 21.14 -41.15 -85.74
C ASP F 279 20.79 -39.78 -85.18
N PHE F 280 19.84 -39.71 -84.25
CA PHE F 280 19.51 -38.44 -83.62
C PHE F 280 20.63 -37.98 -82.69
N LEU F 281 21.20 -38.90 -81.92
CA LEU F 281 22.25 -38.52 -80.97
C LEU F 281 23.47 -37.94 -81.68
N GLN F 282 23.87 -38.55 -82.79
CA GLN F 282 25.03 -38.04 -83.53
C GLN F 282 24.70 -36.73 -84.23
N GLU F 283 23.51 -36.60 -84.80
CA GLU F 283 23.13 -35.37 -85.47
C GLU F 283 22.96 -34.23 -84.48
N TYR F 284 22.18 -34.45 -83.42
CA TYR F 284 21.94 -33.39 -82.45
C TYR F 284 23.17 -33.11 -81.60
N GLY F 285 23.90 -34.16 -81.22
CA GLY F 285 25.07 -33.99 -80.38
C GLY F 285 26.23 -33.29 -81.07
N THR F 286 26.27 -33.32 -82.40
CA THR F 286 27.37 -32.71 -83.16
C THR F 286 26.97 -31.38 -83.76
N GLN F 287 25.90 -31.35 -84.56
CA GLN F 287 25.51 -30.16 -85.29
C GLN F 287 24.42 -29.36 -84.60
N GLY F 288 23.84 -29.87 -83.52
CA GLY F 288 22.83 -29.12 -82.81
C GLY F 288 21.57 -28.91 -83.63
N CYS F 289 20.90 -27.79 -83.36
CA CYS F 289 19.66 -27.45 -84.03
C CYS F 289 19.96 -26.64 -85.29
N GLN F 290 18.93 -26.00 -85.85
CA GLN F 290 19.02 -25.27 -87.12
C GLN F 290 19.55 -26.19 -88.22
N VAL F 291 18.91 -27.35 -88.36
CA VAL F 291 19.33 -28.36 -89.33
C VAL F 291 19.09 -27.85 -90.75
N THR G 6 37.68 -50.82 -122.63
CA THR G 6 38.41 -50.54 -121.41
C THR G 6 37.58 -50.94 -120.19
N ALA G 7 38.14 -50.70 -119.00
CA ALA G 7 37.49 -50.96 -117.71
C ALA G 7 37.25 -52.45 -117.47
N HIS G 8 36.66 -53.13 -118.46
CA HIS G 8 36.38 -54.56 -118.39
C HIS G 8 35.36 -54.90 -117.30
N ALA G 9 35.19 -56.19 -117.04
CA ALA G 9 34.10 -56.66 -116.19
C ALA G 9 34.34 -56.31 -114.72
N CYS G 10 33.25 -56.13 -113.99
CA CYS G 10 33.31 -55.89 -112.57
C CYS G 10 33.78 -57.14 -111.83
N PRO G 11 34.36 -56.98 -110.63
CA PRO G 11 34.75 -58.14 -109.85
C PRO G 11 33.57 -59.05 -109.55
N TYR G 12 33.84 -60.35 -109.50
CA TYR G 12 32.77 -61.33 -109.35
C TYR G 12 32.14 -61.21 -107.97
N PRO G 13 30.81 -61.16 -107.88
CA PRO G 13 30.16 -60.97 -106.58
C PRO G 13 29.95 -62.27 -105.82
N MET G 14 30.91 -62.64 -104.98
CA MET G 14 30.74 -63.81 -104.13
C MET G 14 29.71 -63.50 -103.05
N ALA G 15 28.78 -64.44 -102.83
CA ALA G 15 27.68 -64.19 -101.93
C ALA G 15 28.17 -64.18 -100.47
N PRO G 16 27.61 -63.30 -99.63
CA PRO G 16 27.90 -63.37 -98.20
C PRO G 16 27.29 -64.62 -97.60
N PRO G 17 27.73 -65.02 -96.40
CA PRO G 17 27.18 -66.23 -95.79
C PRO G 17 25.68 -66.14 -95.61
N ASN G 18 24.99 -67.25 -95.90
CA ASN G 18 23.54 -67.42 -95.75
C ASN G 18 22.75 -66.58 -96.73
N GLY G 19 23.38 -66.12 -97.82
CA GLY G 19 22.67 -65.42 -98.86
C GLY G 19 23.01 -66.01 -100.22
N HIS G 20 22.11 -65.80 -101.18
CA HIS G 20 22.30 -66.28 -102.54
C HIS G 20 22.00 -65.17 -103.53
N VAL G 21 22.70 -65.23 -104.66
CA VAL G 21 22.69 -64.17 -105.66
C VAL G 21 21.62 -64.47 -106.71
N SER G 22 21.00 -63.41 -107.23
CA SER G 22 20.06 -63.50 -108.32
C SER G 22 20.19 -62.24 -109.16
N PRO G 23 20.42 -62.37 -110.48
CA PRO G 23 20.62 -63.65 -111.17
C PRO G 23 22.08 -64.09 -111.21
N VAL G 24 22.32 -65.39 -111.31
CA VAL G 24 23.67 -65.92 -111.38
C VAL G 24 24.17 -65.84 -112.82
N GLN G 25 25.36 -65.29 -112.99
CA GLN G 25 25.99 -65.16 -114.31
C GLN G 25 27.46 -65.52 -114.21
N ALA G 26 28.02 -65.98 -115.32
CA ALA G 26 29.44 -66.32 -115.35
C ALA G 26 30.31 -65.07 -115.35
N LYS G 27 29.82 -63.97 -115.94
CA LYS G 27 30.56 -62.72 -115.97
C LYS G 27 29.58 -61.58 -115.71
N TYR G 28 30.09 -60.51 -115.09
CA TYR G 28 29.31 -59.32 -114.80
C TYR G 28 30.01 -58.13 -115.43
N ILE G 29 29.44 -57.61 -116.51
CA ILE G 29 30.04 -56.54 -117.29
C ILE G 29 29.23 -55.26 -117.07
N LEU G 30 29.77 -54.14 -117.54
CA LEU G 30 29.23 -52.80 -117.31
C LEU G 30 27.72 -52.76 -117.43
N LYS G 31 27.07 -52.26 -116.38
CA LYS G 31 25.63 -52.06 -116.22
C LYS G 31 24.86 -53.34 -115.92
N ASP G 32 25.54 -54.48 -115.77
CA ASP G 32 24.86 -55.66 -115.24
C ASP G 32 24.58 -55.48 -113.76
N SER G 33 23.49 -56.10 -113.29
CA SER G 33 23.05 -55.93 -111.92
C SER G 33 22.75 -57.27 -111.28
N PHE G 34 22.71 -57.27 -109.95
CA PHE G 34 22.37 -58.46 -109.18
C PHE G 34 21.72 -58.03 -107.88
N SER G 35 21.04 -58.98 -107.24
CA SER G 35 20.39 -58.75 -105.96
C SER G 35 20.68 -59.91 -105.03
N ILE G 36 20.74 -59.61 -103.73
CA ILE G 36 21.02 -60.60 -102.69
C ILE G 36 19.73 -60.88 -101.94
N PHE G 37 19.41 -62.16 -101.78
CA PHE G 37 18.25 -62.60 -101.03
C PHE G 37 18.70 -63.62 -99.99
N CYS G 38 18.50 -63.30 -98.72
CA CYS G 38 18.89 -64.20 -97.65
C CYS G 38 17.92 -65.37 -97.54
N GLU G 39 18.43 -66.51 -97.10
CA GLU G 39 17.56 -67.66 -96.85
C GLU G 39 16.62 -67.35 -95.69
N THR G 40 15.53 -68.12 -95.61
CA THR G 40 14.48 -67.87 -94.63
C THR G 40 15.05 -67.97 -93.22
N GLY G 41 14.76 -66.96 -92.40
CA GLY G 41 15.29 -66.86 -91.06
C GLY G 41 16.46 -65.91 -90.91
N TYR G 42 16.84 -65.20 -91.97
CA TYR G 42 17.95 -64.27 -91.95
C TYR G 42 17.50 -62.94 -92.53
N GLU G 43 18.10 -61.86 -92.05
CA GLU G 43 17.75 -60.51 -92.47
C GLU G 43 18.94 -59.82 -93.09
N LEU G 44 18.66 -58.88 -94.00
CA LEU G 44 19.68 -58.05 -94.62
C LEU G 44 20.04 -56.90 -93.69
N LEU G 45 21.33 -56.69 -93.48
CA LEU G 45 21.80 -55.53 -92.75
C LEU G 45 23.21 -55.18 -93.19
N GLN G 46 23.51 -53.89 -93.21
CA GLN G 46 24.85 -53.40 -93.56
C GLN G 46 25.35 -52.55 -92.39
N GLY G 47 26.22 -53.13 -91.56
CA GLY G 47 26.76 -52.41 -90.43
C GLY G 47 25.73 -52.10 -89.36
N HIS G 48 24.95 -53.12 -88.95
CA HIS G 48 23.94 -53.07 -87.91
C HIS G 48 22.66 -52.34 -88.32
N LEU G 49 22.68 -51.59 -89.44
CA LEU G 49 21.36 -51.07 -89.76
C LEU G 49 20.69 -51.94 -90.81
N PRO G 50 19.38 -52.20 -90.70
CA PRO G 50 18.73 -53.14 -91.61
C PRO G 50 18.52 -52.56 -93.00
N LEU G 51 18.34 -53.46 -93.95
CA LEU G 51 18.07 -53.13 -95.35
C LEU G 51 16.76 -53.77 -95.77
N LYS G 52 15.89 -52.96 -96.41
CA LYS G 52 14.66 -53.52 -96.96
C LYS G 52 14.96 -54.52 -98.07
N SER G 53 15.89 -54.17 -98.95
CA SER G 53 16.36 -55.06 -100.01
C SER G 53 17.69 -54.53 -100.51
N PHE G 54 18.47 -55.42 -101.14
CA PHE G 54 19.77 -55.07 -101.67
C PHE G 54 19.81 -55.34 -103.17
N THR G 55 20.33 -54.37 -103.92
CA THR G 55 20.52 -54.51 -105.35
C THR G 55 21.66 -53.59 -105.78
N ALA G 56 22.66 -54.16 -106.45
CA ALA G 56 23.82 -53.42 -106.93
C ALA G 56 23.93 -53.54 -108.44
N VAL G 57 24.63 -52.58 -109.04
CA VAL G 57 24.81 -52.52 -110.48
C VAL G 57 26.28 -52.24 -110.78
N CYS G 58 26.82 -52.90 -111.80
CA CYS G 58 28.21 -52.68 -112.20
C CYS G 58 28.34 -51.32 -112.86
N GLN G 59 29.19 -50.47 -112.28
CA GLN G 59 29.39 -49.12 -112.79
C GLN G 59 30.43 -49.11 -113.90
N LYS G 60 30.43 -48.02 -114.67
CA LYS G 60 31.41 -47.87 -115.75
C LYS G 60 32.83 -47.74 -115.24
N ASP G 61 33.02 -47.50 -113.95
CA ASP G 61 34.34 -47.49 -113.32
C ASP G 61 34.86 -48.89 -113.02
N GLY G 62 34.15 -49.93 -113.47
CA GLY G 62 34.56 -51.29 -113.19
C GLY G 62 34.41 -51.70 -111.75
N SER G 63 33.46 -51.10 -111.03
CA SER G 63 33.26 -51.39 -109.62
C SER G 63 31.77 -51.34 -109.31
N TRP G 64 31.39 -52.05 -108.24
CA TRP G 64 30.00 -52.07 -107.83
C TRP G 64 29.65 -50.81 -107.06
N ASP G 65 28.41 -50.34 -107.23
CA ASP G 65 28.00 -49.07 -106.64
C ASP G 65 27.78 -49.19 -105.13
N ARG G 66 27.35 -50.36 -104.66
CA ARG G 66 27.07 -50.57 -103.24
C ARG G 66 27.84 -51.77 -102.74
N PRO G 67 28.49 -51.68 -101.59
CA PRO G 67 29.26 -52.82 -101.07
C PRO G 67 28.36 -53.96 -100.66
N MET G 68 28.97 -55.13 -100.50
CA MET G 68 28.22 -56.33 -100.15
C MET G 68 27.61 -56.18 -98.76
N PRO G 69 26.34 -56.55 -98.57
CA PRO G 69 25.77 -56.55 -97.22
C PRO G 69 26.10 -57.82 -96.48
N ALA G 70 25.35 -58.11 -95.40
CA ALA G 70 25.55 -59.32 -94.63
C ALA G 70 24.20 -59.87 -94.21
N CYS G 71 23.95 -61.14 -94.52
CA CYS G 71 22.76 -61.83 -94.07
C CYS G 71 22.98 -62.29 -92.63
N SER G 72 22.29 -61.65 -91.69
CA SER G 72 22.42 -61.96 -90.28
C SER G 72 21.19 -62.71 -89.79
N ILE G 73 21.41 -63.63 -88.85
CA ILE G 73 20.34 -64.47 -88.35
C ILE G 73 19.36 -63.62 -87.54
N VAL G 74 18.06 -63.95 -87.66
CA VAL G 74 17.03 -63.19 -86.97
C VAL G 74 17.18 -63.38 -85.47
N ASP G 75 17.14 -62.28 -84.73
CA ASP G 75 17.30 -62.27 -83.28
C ASP G 75 16.00 -61.77 -82.66
N CYS G 76 15.38 -62.62 -81.84
CA CYS G 76 14.15 -62.25 -81.15
C CYS G 76 14.38 -61.40 -79.90
N GLY G 77 15.62 -61.26 -79.47
CA GLY G 77 15.93 -60.47 -78.30
C GLY G 77 15.65 -61.21 -77.01
N PRO G 78 15.88 -60.56 -75.88
CA PRO G 78 15.66 -61.21 -74.59
C PRO G 78 14.18 -61.49 -74.36
N PRO G 79 13.84 -62.62 -73.76
CA PRO G 79 12.43 -62.93 -73.51
C PRO G 79 11.83 -62.00 -72.45
N ASP G 80 10.57 -61.65 -72.65
CA ASP G 80 9.85 -60.88 -71.64
C ASP G 80 9.69 -61.70 -70.38
N ASP G 81 10.07 -61.11 -69.25
CA ASP G 81 10.03 -61.84 -67.98
C ASP G 81 8.58 -62.15 -67.60
N LEU G 82 8.41 -63.24 -66.84
CA LEU G 82 7.10 -63.76 -66.52
C LEU G 82 6.69 -63.35 -65.11
N PRO G 83 5.54 -62.71 -64.94
CA PRO G 83 5.07 -62.37 -63.59
C PRO G 83 4.87 -63.63 -62.76
N SER G 84 5.50 -63.65 -61.59
CA SER G 84 5.49 -64.80 -60.68
C SER G 84 6.02 -66.06 -61.38
N GLY G 85 6.99 -65.89 -62.26
CA GLY G 85 7.57 -67.01 -62.97
C GLY G 85 9.00 -66.76 -63.42
N ARG G 86 9.54 -67.66 -64.22
CA ARG G 86 10.92 -67.54 -64.70
C ARG G 86 10.99 -68.13 -66.10
N VAL G 87 12.16 -67.96 -66.72
CA VAL G 87 12.40 -68.45 -68.08
C VAL G 87 13.79 -69.06 -68.13
N GLU G 88 13.89 -70.22 -68.80
CA GLU G 88 15.15 -70.94 -68.94
C GLU G 88 15.47 -71.11 -70.41
N TYR G 89 16.71 -70.82 -70.79
CA TYR G 89 17.15 -70.99 -72.17
C TYR G 89 17.46 -72.46 -72.41
N ILE G 90 16.68 -73.11 -73.28
CA ILE G 90 16.88 -74.52 -73.55
C ILE G 90 18.00 -74.72 -74.58
N THR G 91 18.03 -73.89 -75.62
CA THR G 91 19.01 -74.07 -76.68
C THR G 91 20.43 -73.81 -76.18
N GLY G 92 20.60 -72.77 -75.36
CA GLY G 92 21.90 -72.42 -74.84
C GLY G 92 21.86 -71.16 -74.02
N PRO G 93 22.88 -70.94 -73.17
CA PRO G 93 22.89 -69.78 -72.29
C PRO G 93 22.77 -68.45 -73.02
N GLY G 94 21.59 -67.84 -72.96
CA GLY G 94 21.39 -66.51 -73.50
C GLY G 94 21.32 -66.42 -75.01
N VAL G 95 21.08 -67.54 -75.70
CA VAL G 95 20.93 -67.50 -77.15
C VAL G 95 19.49 -67.15 -77.48
N THR G 96 19.30 -66.12 -78.30
CA THR G 96 17.97 -65.62 -78.64
C THR G 96 17.75 -65.58 -80.15
N THR G 97 18.57 -66.30 -80.91
CA THR G 97 18.52 -66.22 -82.36
C THR G 97 17.45 -67.16 -82.91
N TYR G 98 17.38 -67.21 -84.24
CA TYR G 98 16.32 -67.94 -84.95
C TYR G 98 16.31 -69.42 -84.56
N LYS G 99 15.11 -69.94 -84.29
CA LYS G 99 14.86 -71.33 -83.96
C LYS G 99 15.47 -71.76 -82.62
N ALA G 100 15.81 -70.80 -81.76
CA ALA G 100 16.22 -71.14 -80.40
C ALA G 100 14.97 -71.28 -79.52
N VAL G 101 15.07 -72.14 -78.51
CA VAL G 101 13.93 -72.54 -77.70
C VAL G 101 14.16 -72.06 -76.26
N ILE G 102 13.12 -71.47 -75.68
CA ILE G 102 13.11 -71.11 -74.26
C ILE G 102 11.90 -71.79 -73.62
N GLN G 103 12.02 -72.07 -72.33
CA GLN G 103 10.97 -72.75 -71.58
C GLN G 103 10.56 -71.89 -70.38
N TYR G 104 9.36 -71.33 -70.42
CA TYR G 104 8.84 -70.60 -69.28
C TYR G 104 8.43 -71.56 -68.17
N SER G 105 8.53 -71.09 -66.94
CA SER G 105 8.19 -71.90 -65.78
C SER G 105 7.72 -71.00 -64.66
N CYS G 106 6.51 -71.23 -64.18
CA CYS G 106 6.01 -70.52 -63.01
C CYS G 106 6.73 -71.01 -61.75
N GLU G 107 6.74 -70.16 -60.73
CA GLU G 107 7.39 -70.52 -59.48
C GLU G 107 6.72 -71.76 -58.88
N GLU G 108 7.54 -72.66 -58.36
CA GLU G 108 7.09 -74.01 -58.05
C GLU G 108 5.98 -74.02 -57.02
N THR G 109 5.13 -75.06 -57.09
CA THR G 109 4.11 -75.38 -56.10
C THR G 109 3.00 -74.35 -56.03
N PHE G 110 3.35 -73.08 -55.80
CA PHE G 110 2.35 -72.08 -55.48
C PHE G 110 1.63 -71.53 -56.71
N TYR G 111 2.21 -71.69 -57.90
CA TYR G 111 1.59 -71.22 -59.13
C TYR G 111 1.52 -72.35 -60.15
N THR G 112 0.53 -72.25 -61.04
CA THR G 112 0.40 -73.15 -62.17
C THR G 112 0.22 -72.32 -63.44
N MET G 113 0.60 -72.90 -64.57
CA MET G 113 0.60 -72.17 -65.83
C MET G 113 -0.73 -72.27 -66.58
N LYS G 114 -1.52 -73.30 -66.31
CA LYS G 114 -2.82 -73.49 -66.95
C LYS G 114 -2.70 -73.62 -68.46
N VAL G 115 -3.16 -72.60 -69.20
CA VAL G 115 -3.15 -72.66 -70.66
C VAL G 115 -1.72 -72.62 -71.17
N ASN G 116 -1.44 -73.43 -72.20
CA ASN G 116 -0.15 -73.50 -72.88
C ASN G 116 0.91 -74.14 -72.00
N ASP G 117 1.93 -74.73 -72.61
CA ASP G 117 2.96 -75.47 -71.91
C ASP G 117 4.26 -74.68 -71.71
N GLY G 118 4.31 -73.43 -72.17
CA GLY G 118 5.45 -72.58 -71.92
C GLY G 118 6.62 -72.75 -72.86
N LYS G 119 6.48 -73.56 -73.90
CA LYS G 119 7.54 -73.73 -74.89
C LYS G 119 7.42 -72.66 -75.96
N TYR G 120 8.45 -71.82 -76.08
CA TYR G 120 8.48 -70.74 -77.06
C TYR G 120 9.75 -70.85 -77.89
N VAL G 121 9.61 -70.63 -79.19
CA VAL G 121 10.72 -70.70 -80.13
C VAL G 121 10.80 -69.37 -80.87
N CYS G 122 12.03 -68.94 -81.15
CA CYS G 122 12.23 -67.70 -81.90
C CYS G 122 11.92 -67.94 -83.37
N GLU G 123 10.91 -67.24 -83.87
CA GLU G 123 10.45 -67.41 -85.25
C GLU G 123 11.05 -66.33 -86.15
N ALA G 124 10.93 -66.54 -87.45
CA ALA G 124 11.58 -65.68 -88.44
C ALA G 124 11.01 -64.27 -88.44
N ASP G 125 9.86 -64.05 -87.82
CA ASP G 125 9.27 -62.72 -87.78
C ASP G 125 9.80 -61.86 -86.64
N GLY G 126 10.70 -62.40 -85.82
CA GLY G 126 11.28 -61.65 -84.72
C GLY G 126 10.56 -61.76 -83.40
N PHE G 127 9.47 -62.53 -83.33
CA PHE G 127 8.69 -62.69 -82.11
C PHE G 127 8.80 -64.12 -81.59
N TRP G 128 8.88 -64.26 -80.27
CA TRP G 128 8.78 -65.57 -79.66
C TRP G 128 7.36 -66.10 -79.84
N THR G 129 7.24 -67.32 -80.37
CA THR G 129 5.95 -67.93 -80.65
C THR G 129 5.78 -69.18 -79.82
N SER G 130 4.57 -69.39 -79.30
CA SER G 130 4.27 -70.54 -78.48
C SER G 130 4.18 -71.81 -79.34
N SER G 131 3.92 -72.94 -78.68
CA SER G 131 3.72 -74.18 -79.42
C SER G 131 2.47 -74.13 -80.29
N LYS G 132 1.44 -73.42 -79.84
CA LYS G 132 0.21 -73.28 -80.60
C LYS G 132 0.25 -72.16 -81.62
N GLY G 133 1.23 -71.27 -81.55
CA GLY G 133 1.34 -70.15 -82.46
C GLY G 133 0.93 -68.81 -81.90
N GLU G 134 0.91 -68.64 -80.59
CA GLU G 134 0.52 -67.38 -79.97
C GLU G 134 1.76 -66.54 -79.67
N LYS G 135 1.58 -65.22 -79.77
CA LYS G 135 2.68 -64.29 -79.56
C LYS G 135 2.79 -63.80 -78.13
N SER G 136 1.73 -63.92 -77.34
CA SER G 136 1.68 -63.37 -75.99
C SER G 136 2.27 -64.33 -74.98
N LEU G 137 2.63 -63.79 -73.81
CA LEU G 137 3.19 -64.58 -72.74
C LEU G 137 2.14 -65.50 -72.13
N PRO G 138 2.57 -66.58 -71.49
CA PRO G 138 1.65 -67.35 -70.64
C PRO G 138 1.34 -66.58 -69.37
N VAL G 139 0.37 -67.09 -68.62
CA VAL G 139 -0.06 -66.49 -67.37
C VAL G 139 0.03 -67.52 -66.26
N CYS G 140 0.60 -67.12 -65.13
CA CYS G 140 0.69 -68.00 -63.96
C CYS G 140 -0.49 -67.72 -63.04
N GLU G 141 -1.22 -68.77 -62.68
CA GLU G 141 -2.40 -68.64 -61.85
C GLU G 141 -2.17 -69.25 -60.48
N PRO G 142 -2.62 -68.60 -59.41
CA PRO G 142 -2.38 -69.13 -58.07
C PRO G 142 -3.04 -70.48 -57.86
N VAL G 143 -2.34 -71.36 -57.13
CA VAL G 143 -2.86 -72.67 -56.76
C VAL G 143 -3.42 -72.57 -55.35
N CYS G 144 -4.74 -72.72 -55.24
CA CYS G 144 -5.41 -72.60 -53.96
C CYS G 144 -5.38 -73.92 -53.20
N GLY G 145 -5.72 -73.85 -51.90
CA GLY G 145 -5.94 -75.04 -51.11
C GLY G 145 -4.70 -75.71 -50.57
N LEU G 146 -3.58 -75.00 -50.48
CA LEU G 146 -2.36 -75.58 -49.93
C LEU G 146 -2.26 -75.29 -48.44
N SER G 147 -1.72 -76.24 -47.69
CA SER G 147 -1.58 -76.09 -46.25
C SER G 147 -0.53 -77.06 -45.75
N ALA G 148 0.09 -76.69 -44.63
CA ALA G 148 1.08 -77.54 -43.97
C ALA G 148 0.46 -78.55 -43.02
N ARG G 149 -0.86 -78.59 -42.91
CA ARG G 149 -1.52 -79.55 -42.05
C ARG G 149 -1.40 -80.96 -42.63
N THR G 150 -1.49 -81.95 -41.74
CA THR G 150 -1.37 -83.35 -42.14
C THR G 150 -2.75 -83.97 -42.38
N ILE H 1 -11.66 -67.19 -31.77
CA ILE H 1 -12.11 -68.58 -31.68
C ILE H 1 -12.17 -69.01 -30.22
N TYR H 2 -13.31 -69.59 -29.84
CA TYR H 2 -13.57 -69.99 -28.45
C TYR H 2 -13.24 -71.46 -28.28
N GLY H 3 -12.36 -71.76 -27.32
CA GLY H 3 -12.02 -73.13 -27.00
C GLY H 3 -11.01 -73.77 -27.92
N GLY H 4 -10.19 -72.98 -28.63
CA GLY H 4 -9.24 -73.49 -29.58
C GLY H 4 -7.81 -73.37 -29.10
N GLN H 5 -6.90 -73.54 -30.06
CA GLN H 5 -5.47 -73.44 -29.83
C GLN H 5 -4.86 -72.56 -30.92
N LYS H 6 -3.69 -71.99 -30.63
CA LYS H 6 -3.05 -71.10 -31.58
C LYS H 6 -2.38 -71.90 -32.69
N ALA H 7 -2.56 -71.45 -33.92
CA ALA H 7 -2.06 -72.17 -35.08
C ALA H 7 -0.56 -71.95 -35.26
N LYS H 8 0.08 -72.88 -35.97
CA LYS H 8 1.49 -72.83 -36.28
C LYS H 8 1.71 -72.27 -37.68
N PRO H 9 2.92 -71.86 -38.01
CA PRO H 9 3.17 -71.30 -39.36
C PRO H 9 2.79 -72.29 -40.46
N GLY H 10 2.07 -71.80 -41.45
CA GLY H 10 1.70 -72.58 -42.61
C GLY H 10 0.39 -73.31 -42.52
N ASP H 11 -0.29 -73.28 -41.38
CA ASP H 11 -1.55 -74.00 -41.24
C ASP H 11 -2.66 -73.34 -42.06
N PHE H 12 -2.80 -72.02 -41.93
CA PHE H 12 -3.87 -71.26 -42.60
C PHE H 12 -3.26 -70.11 -43.39
N PRO H 13 -2.64 -70.40 -44.54
CA PRO H 13 -2.07 -69.33 -45.36
C PRO H 13 -3.10 -68.50 -46.11
N TRP H 14 -4.39 -68.80 -45.96
CA TRP H 14 -5.46 -68.04 -46.59
C TRP H 14 -6.14 -67.07 -45.64
N GLN H 15 -5.75 -67.07 -44.36
CA GLN H 15 -6.42 -66.23 -43.39
C GLN H 15 -6.06 -64.76 -43.59
N VAL H 16 -7.07 -63.91 -43.52
CA VAL H 16 -6.93 -62.48 -43.74
C VAL H 16 -7.43 -61.73 -42.51
N LEU H 17 -6.68 -60.73 -42.08
CA LEU H 17 -7.06 -59.88 -40.96
C LEU H 17 -7.59 -58.55 -41.50
N ILE H 18 -8.79 -58.18 -41.06
CA ILE H 18 -9.46 -56.97 -41.51
C ILE H 18 -9.70 -56.08 -40.30
N LEU H 19 -9.19 -54.85 -40.38
CA LEU H 19 -9.33 -53.88 -39.30
C LEU H 19 -9.90 -52.58 -39.86
N GLY H 20 -10.92 -52.05 -39.19
CA GLY H 20 -11.49 -50.77 -39.54
C GLY H 20 -12.29 -50.22 -38.38
N GLY H 21 -13.56 -49.88 -38.61
CA GLY H 21 -14.46 -49.65 -37.49
C GLY H 21 -14.78 -50.90 -36.71
N THR H 22 -14.54 -52.06 -37.31
CA THR H 22 -14.75 -53.35 -36.67
C THR H 22 -13.47 -54.19 -36.78
N THR H 23 -13.33 -55.14 -35.86
CA THR H 23 -12.28 -56.15 -35.94
C THR H 23 -12.88 -57.42 -36.51
N ALA H 24 -12.37 -57.85 -37.67
CA ALA H 24 -12.94 -59.01 -38.35
C ALA H 24 -11.82 -59.77 -39.05
N ALA H 25 -12.20 -60.83 -39.75
CA ALA H 25 -11.27 -61.68 -40.48
C ALA H 25 -11.80 -61.90 -41.89
N GLY H 26 -10.99 -62.58 -42.70
CA GLY H 26 -11.38 -62.89 -44.07
C GLY H 26 -10.57 -64.04 -44.60
N ALA H 27 -10.93 -64.45 -45.82
CA ALA H 27 -10.24 -65.53 -46.52
C ALA H 27 -9.88 -65.06 -47.92
N LEU H 28 -8.63 -65.27 -48.31
CA LEU H 28 -8.16 -64.80 -49.61
C LEU H 28 -8.68 -65.69 -50.74
N LEU H 29 -9.14 -65.05 -51.81
CA LEU H 29 -9.57 -65.72 -53.02
C LEU H 29 -8.72 -65.24 -54.18
N TYR H 30 -8.10 -66.17 -54.90
CA TYR H 30 -7.18 -65.87 -56.00
C TYR H 30 -6.07 -64.97 -55.44
N ASP H 31 -5.68 -63.91 -56.16
CA ASP H 31 -4.66 -62.98 -55.70
C ASP H 31 -5.20 -61.56 -55.58
N ASN H 32 -6.52 -61.39 -55.59
CA ASN H 32 -7.07 -60.03 -55.57
C ASN H 32 -8.49 -59.95 -55.03
N TRP H 33 -8.98 -60.94 -54.29
CA TRP H 33 -10.31 -60.89 -53.70
C TRP H 33 -10.26 -61.44 -52.29
N VAL H 34 -11.08 -60.85 -51.41
CA VAL H 34 -11.16 -61.25 -50.01
C VAL H 34 -12.60 -61.57 -49.68
N LEU H 35 -12.84 -62.77 -49.14
CA LEU H 35 -14.16 -63.23 -48.74
C LEU H 35 -14.36 -62.99 -47.25
N THR H 36 -15.45 -62.34 -46.89
CA THR H 36 -15.72 -61.99 -45.51
C THR H 36 -17.21 -61.79 -45.32
N ALA H 37 -17.61 -61.50 -44.09
CA ALA H 37 -19.01 -61.32 -43.75
C ALA H 37 -19.49 -59.92 -44.07
N ALA H 38 -20.79 -59.79 -44.33
CA ALA H 38 -21.37 -58.50 -44.69
C ALA H 38 -21.56 -57.61 -43.46
N HIS H 39 -21.96 -58.19 -42.33
CA HIS H 39 -22.21 -57.38 -41.14
C HIS H 39 -20.93 -56.80 -40.57
N ALA H 40 -19.79 -57.48 -40.77
CA ALA H 40 -18.52 -56.96 -40.29
C ALA H 40 -18.00 -55.84 -41.17
N VAL H 41 -18.36 -55.83 -42.46
CA VAL H 41 -17.88 -54.83 -43.41
C VAL H 41 -18.88 -53.67 -43.56
N TYR H 42 -20.10 -53.81 -43.05
CA TYR H 42 -21.12 -52.78 -43.22
C TYR H 42 -20.66 -51.40 -42.79
N GLU H 43 -19.70 -51.33 -41.86
CA GLU H 43 -19.16 -50.05 -41.43
C GLU H 43 -18.51 -49.33 -42.62
N GLN H 44 -19.00 -48.12 -42.90
CA GLN H 44 -18.65 -47.33 -44.08
C GLN H 44 -18.36 -48.20 -45.29
N LYS H 45 -19.37 -48.96 -45.75
CA LYS H 45 -19.20 -49.82 -46.91
C LYS H 45 -19.07 -49.02 -48.19
N HIS H 46 -19.69 -47.83 -48.25
CA HIS H 46 -19.58 -46.98 -49.43
C HIS H 46 -18.21 -46.35 -49.58
N ASP H 47 -17.33 -46.49 -48.59
CA ASP H 47 -15.96 -45.98 -48.68
C ASP H 47 -15.10 -47.04 -49.32
N ALA H 48 -14.42 -46.68 -50.42
CA ALA H 48 -13.66 -47.65 -51.19
C ALA H 48 -12.50 -48.22 -50.38
N SER H 49 -11.68 -47.34 -49.79
CA SER H 49 -10.51 -47.74 -49.01
C SER H 49 -10.81 -47.76 -47.51
N ALA H 50 -11.99 -48.25 -47.13
CA ALA H 50 -12.42 -48.13 -45.74
C ALA H 50 -11.65 -49.06 -44.82
N LEU H 51 -11.38 -50.28 -45.26
CA LEU H 51 -10.86 -51.32 -44.38
C LEU H 51 -9.36 -51.50 -44.56
N ASP H 52 -8.67 -51.72 -43.44
CA ASP H 52 -7.26 -52.09 -43.44
C ASP H 52 -7.17 -53.61 -43.49
N ILE H 53 -6.60 -54.13 -44.57
CA ILE H 53 -6.57 -55.56 -44.86
C ILE H 53 -5.13 -56.05 -44.73
N ARG H 54 -4.89 -56.92 -43.76
CA ARG H 54 -3.56 -57.43 -43.47
C ARG H 54 -3.54 -58.94 -43.57
N MET H 55 -2.46 -59.47 -44.15
CA MET H 55 -2.32 -60.90 -44.36
C MET H 55 -0.84 -61.26 -44.31
N GLY H 56 -0.57 -62.56 -44.33
CA GLY H 56 0.81 -63.03 -44.28
C GLY H 56 1.47 -62.86 -42.93
N THR H 57 0.69 -62.86 -41.86
CA THR H 57 1.22 -62.72 -40.51
C THR H 57 0.44 -63.63 -39.58
N LEU H 58 1.09 -64.01 -38.48
CA LEU H 58 0.50 -64.93 -37.52
C LEU H 58 0.00 -64.25 -36.24
N LYS H 59 0.35 -62.98 -36.04
CA LYS H 59 -0.07 -62.24 -34.85
C LYS H 59 -0.84 -60.99 -35.27
N ARG H 60 -1.99 -60.78 -34.66
CA ARG H 60 -2.87 -59.67 -35.05
C ARG H 60 -2.24 -58.32 -34.71
N LEU H 61 -1.64 -58.20 -33.53
CA LEU H 61 -1.08 -56.93 -33.07
C LEU H 61 0.32 -56.66 -33.60
N SER H 62 0.88 -57.57 -34.40
CA SER H 62 2.25 -57.40 -34.86
C SER H 62 2.30 -56.38 -36.00
N PRO H 63 3.33 -55.52 -36.02
CA PRO H 63 3.52 -54.62 -37.15
C PRO H 63 4.10 -55.30 -38.38
N HIS H 64 4.39 -56.59 -38.31
CA HIS H 64 4.81 -57.37 -39.46
C HIS H 64 3.58 -57.88 -40.18
N TYR H 65 3.41 -57.50 -41.45
CA TYR H 65 2.24 -57.89 -42.23
C TYR H 65 2.46 -57.53 -43.69
N THR H 66 1.68 -58.17 -44.55
CA THR H 66 1.56 -57.77 -45.95
C THR H 66 0.29 -56.96 -46.10
N GLN H 67 0.43 -55.70 -46.52
CA GLN H 67 -0.67 -54.75 -46.52
C GLN H 67 -1.44 -54.81 -47.83
N ALA H 68 -2.77 -54.76 -47.72
CA ALA H 68 -3.65 -54.67 -48.88
C ALA H 68 -4.73 -53.65 -48.59
N TRP H 69 -5.11 -52.89 -49.61
CA TRP H 69 -6.14 -51.87 -49.48
C TRP H 69 -7.29 -52.17 -50.43
N SER H 70 -8.51 -51.91 -49.97
CA SER H 70 -9.70 -52.28 -50.71
C SER H 70 -10.00 -51.28 -51.81
N GLU H 71 -10.44 -51.79 -52.97
CA GLU H 71 -10.90 -50.94 -54.05
C GLU H 71 -12.42 -50.75 -54.01
N ALA H 72 -13.16 -51.81 -53.69
CA ALA H 72 -14.62 -51.74 -53.61
C ALA H 72 -15.11 -52.89 -52.75
N VAL H 73 -16.35 -52.75 -52.30
CA VAL H 73 -17.02 -53.76 -51.48
C VAL H 73 -18.37 -54.07 -52.11
N PHE H 74 -18.67 -55.36 -52.26
CA PHE H 74 -19.91 -55.82 -52.87
C PHE H 74 -20.72 -56.59 -51.84
N ILE H 75 -21.93 -56.10 -51.55
CA ILE H 75 -22.87 -56.77 -50.66
C ILE H 75 -24.02 -57.29 -51.50
N HIS H 76 -24.43 -58.53 -51.23
CA HIS H 76 -25.59 -59.09 -51.93
C HIS H 76 -26.84 -58.30 -51.57
N GLU H 77 -27.66 -58.02 -52.58
CA GLU H 77 -28.81 -57.13 -52.40
C GLU H 77 -29.84 -57.69 -51.43
N GLY H 78 -29.84 -59.00 -51.19
CA GLY H 78 -30.80 -59.58 -50.27
C GLY H 78 -30.52 -59.33 -48.80
N TYR H 79 -29.33 -58.85 -48.46
CA TYR H 79 -28.95 -58.66 -47.06
C TYR H 79 -29.62 -57.43 -46.47
N THR H 80 -30.09 -57.55 -45.24
CA THR H 80 -30.66 -56.45 -44.48
C THR H 80 -29.95 -56.39 -43.14
N HIS H 81 -29.21 -55.30 -42.90
CA HIS H 81 -28.41 -55.19 -41.71
C HIS H 81 -29.28 -55.02 -40.47
N ASP H 82 -28.84 -55.61 -39.36
CA ASP H 82 -29.52 -55.57 -38.07
C ASP H 82 -30.88 -56.28 -38.09
N ALA H 83 -31.31 -56.76 -39.26
CA ALA H 83 -32.57 -57.44 -39.43
C ALA H 83 -32.36 -58.91 -39.80
N GLY H 84 -31.37 -59.54 -39.22
CA GLY H 84 -31.00 -60.91 -39.54
C GLY H 84 -29.72 -60.98 -40.36
N PHE H 85 -29.21 -62.19 -40.47
CA PHE H 85 -27.95 -62.45 -41.16
C PHE H 85 -28.14 -63.25 -42.44
N ASP H 86 -29.33 -63.15 -43.04
CA ASP H 86 -29.56 -63.76 -44.35
C ASP H 86 -28.74 -63.01 -45.39
N ASN H 87 -27.96 -63.75 -46.18
CA ASN H 87 -27.04 -63.19 -47.17
C ASN H 87 -25.93 -62.37 -46.50
N ASP H 88 -25.39 -62.90 -45.40
CA ASP H 88 -24.28 -62.27 -44.69
C ASP H 88 -22.98 -62.69 -45.37
N ILE H 89 -22.70 -62.03 -46.50
CA ILE H 89 -21.51 -62.32 -47.29
C ILE H 89 -21.05 -61.04 -47.96
N ALA H 90 -19.73 -60.83 -47.99
CA ALA H 90 -19.14 -59.64 -48.56
C ALA H 90 -17.91 -60.03 -49.38
N LEU H 91 -17.75 -59.38 -50.54
CA LEU H 91 -16.59 -59.56 -51.40
C LEU H 91 -15.83 -58.25 -51.46
N ILE H 92 -14.54 -58.29 -51.11
CA ILE H 92 -13.68 -57.12 -51.10
C ILE H 92 -12.66 -57.26 -52.23
N LYS H 93 -12.60 -56.25 -53.09
CA LYS H 93 -11.64 -56.23 -54.18
C LYS H 93 -10.36 -55.53 -53.71
N LEU H 94 -9.23 -56.19 -53.90
CA LEU H 94 -7.95 -55.67 -53.47
C LEU H 94 -7.34 -54.78 -54.55
N ASN H 95 -6.77 -53.65 -54.14
CA ASN H 95 -6.24 -52.70 -55.09
C ASN H 95 -5.05 -53.28 -55.86
N ASN H 96 -4.13 -53.93 -55.16
CA ASN H 96 -2.97 -54.55 -55.78
C ASN H 96 -3.05 -56.07 -55.63
N LYS H 97 -2.49 -56.77 -56.61
CA LYS H 97 -2.49 -58.23 -56.59
C LYS H 97 -1.52 -58.74 -55.53
N VAL H 98 -1.96 -59.73 -54.76
CA VAL H 98 -1.19 -60.22 -53.63
C VAL H 98 0.03 -60.99 -54.12
N VAL H 99 1.14 -60.85 -53.40
CA VAL H 99 2.36 -61.60 -53.68
C VAL H 99 2.23 -63.00 -53.09
N ILE H 100 1.64 -63.92 -53.87
CA ILE H 100 1.44 -65.28 -53.39
C ILE H 100 2.79 -65.93 -53.14
N ASN H 101 2.93 -66.56 -51.98
CA ASN H 101 4.19 -67.19 -51.60
C ASN H 101 3.88 -68.36 -50.66
N SER H 102 4.87 -68.73 -49.84
CA SER H 102 4.74 -69.92 -49.00
C SER H 102 3.69 -69.73 -47.91
N ASN H 103 3.61 -68.53 -47.34
CA ASN H 103 2.70 -68.26 -46.23
C ASN H 103 1.45 -67.49 -46.67
N ILE H 104 1.28 -67.26 -47.97
CA ILE H 104 0.10 -66.60 -48.50
C ILE H 104 -0.38 -67.35 -49.74
N THR H 105 -1.45 -68.13 -49.59
CA THR H 105 -2.09 -68.82 -50.71
C THR H 105 -3.59 -68.77 -50.49
N PRO H 106 -4.38 -68.54 -51.54
CA PRO H 106 -5.83 -68.44 -51.37
C PRO H 106 -6.46 -69.78 -51.05
N ILE H 107 -7.67 -69.72 -50.54
CA ILE H 107 -8.49 -70.90 -50.28
C ILE H 107 -9.34 -71.17 -51.51
N CYS H 108 -9.57 -72.44 -51.80
CA CYS H 108 -10.34 -72.83 -52.98
C CYS H 108 -11.83 -72.59 -52.75
N LEU H 109 -12.50 -72.11 -53.79
CA LEU H 109 -13.95 -72.09 -53.75
C LEU H 109 -14.48 -73.51 -54.00
N PRO H 110 -15.56 -73.90 -53.34
CA PRO H 110 -16.08 -75.27 -53.53
C PRO H 110 -16.61 -75.48 -54.95
N ARG H 111 -16.45 -76.71 -55.43
CA ARG H 111 -16.92 -77.08 -56.75
C ARG H 111 -18.42 -77.36 -56.72
N LYS H 112 -18.96 -77.71 -57.89
CA LYS H 112 -20.33 -78.20 -57.96
C LYS H 112 -20.46 -79.60 -57.35
N GLU H 113 -19.34 -80.30 -57.18
CA GLU H 113 -19.31 -81.65 -56.62
C GLU H 113 -18.69 -81.68 -55.22
N ALA H 114 -18.66 -80.55 -54.54
CA ALA H 114 -17.94 -80.42 -53.28
C ALA H 114 -18.79 -80.72 -52.05
N GLU H 115 -20.09 -80.99 -52.21
CA GLU H 115 -20.93 -81.28 -51.06
C GLU H 115 -20.64 -82.63 -50.45
N SER H 116 -19.76 -83.44 -51.05
CA SER H 116 -19.45 -84.76 -50.51
C SER H 116 -18.74 -84.70 -49.17
N PHE H 117 -18.06 -83.60 -48.86
CA PHE H 117 -17.31 -83.46 -47.62
C PHE H 117 -17.99 -82.58 -46.58
N MET H 118 -19.10 -81.94 -46.93
CA MET H 118 -19.84 -81.09 -45.99
C MET H 118 -21.06 -81.80 -45.41
N ARG H 119 -20.99 -83.12 -45.25
CA ARG H 119 -22.12 -83.84 -44.67
C ARG H 119 -22.17 -83.61 -43.15
N THR H 120 -23.33 -83.93 -42.59
CA THR H 120 -23.54 -83.75 -41.16
C THR H 120 -22.54 -84.58 -40.37
N ASP H 121 -22.08 -84.02 -39.25
CA ASP H 121 -21.17 -84.63 -38.27
C ASP H 121 -19.74 -84.81 -38.80
N ASP H 122 -19.48 -84.44 -40.06
CA ASP H 122 -18.11 -84.47 -40.54
C ASP H 122 -17.33 -83.27 -40.01
N ILE H 123 -16.02 -83.46 -39.86
CA ILE H 123 -15.19 -82.50 -39.16
C ILE H 123 -14.80 -81.36 -40.10
N GLY H 124 -14.97 -80.12 -39.63
CA GLY H 124 -14.48 -78.96 -40.33
C GLY H 124 -13.64 -78.11 -39.39
N THR H 125 -12.96 -77.13 -39.98
CA THR H 125 -12.04 -76.26 -39.23
C THR H 125 -12.41 -74.81 -39.45
N ALA H 126 -12.48 -74.06 -38.34
CA ALA H 126 -12.67 -72.61 -38.37
C ALA H 126 -11.47 -71.93 -37.72
N SER H 127 -11.21 -70.69 -38.12
CA SER H 127 -10.05 -69.98 -37.63
C SER H 127 -10.36 -68.48 -37.52
N GLY H 128 -9.72 -67.84 -36.56
CA GLY H 128 -9.92 -66.42 -36.35
C GLY H 128 -9.28 -65.97 -35.05
N TRP H 129 -9.30 -64.66 -34.85
CA TRP H 129 -8.70 -64.03 -33.67
C TRP H 129 -9.75 -63.62 -32.63
N GLY H 130 -10.88 -64.30 -32.58
CA GLY H 130 -11.94 -63.94 -31.67
C GLY H 130 -11.60 -64.25 -30.21
N LEU H 131 -12.59 -64.03 -29.35
CA LEU H 131 -12.42 -64.26 -27.93
C LEU H 131 -12.09 -65.72 -27.67
N THR H 132 -11.03 -65.95 -26.89
CA THR H 132 -10.58 -67.30 -26.60
C THR H 132 -11.40 -67.90 -25.45
N GLN H 133 -11.06 -69.13 -25.08
CA GLN H 133 -11.77 -69.81 -24.00
C GLN H 133 -11.49 -69.17 -22.65
N ARG H 134 -10.34 -68.52 -22.49
CA ARG H 134 -9.99 -67.91 -21.22
C ARG H 134 -10.63 -66.53 -21.04
N GLY H 135 -11.12 -65.92 -22.12
CA GLY H 135 -11.81 -64.65 -22.03
C GLY H 135 -11.06 -63.45 -22.57
N PHE H 136 -9.95 -63.66 -23.29
CA PHE H 136 -9.18 -62.57 -23.85
C PHE H 136 -9.28 -62.58 -25.37
N LEU H 137 -9.05 -61.42 -25.97
CA LEU H 137 -8.92 -61.33 -27.41
C LEU H 137 -7.66 -62.06 -27.87
N ALA H 138 -7.77 -62.78 -28.97
CA ALA H 138 -6.64 -63.58 -29.44
C ALA H 138 -5.58 -62.68 -30.09
N ARG H 139 -4.32 -62.99 -29.80
CA ARG H 139 -3.18 -62.35 -30.45
C ARG H 139 -2.67 -63.16 -31.62
N ASN H 140 -2.38 -64.44 -31.40
CA ASN H 140 -2.06 -65.38 -32.46
C ASN H 140 -3.33 -65.98 -33.03
N LEU H 141 -3.23 -66.47 -34.25
CA LEU H 141 -4.39 -67.06 -34.92
C LEU H 141 -4.81 -68.34 -34.20
N MET H 142 -6.10 -68.48 -33.95
CA MET H 142 -6.66 -69.64 -33.25
C MET H 142 -7.51 -70.46 -34.22
N TYR H 143 -7.75 -71.71 -33.85
CA TYR H 143 -8.51 -72.62 -34.70
C TYR H 143 -9.17 -73.71 -33.86
N VAL H 144 -10.27 -74.24 -34.40
CA VAL H 144 -10.97 -75.37 -33.80
C VAL H 144 -11.35 -76.36 -34.90
N ASP H 145 -11.45 -77.62 -34.52
CA ASP H 145 -12.00 -78.67 -35.37
C ASP H 145 -13.38 -79.03 -34.84
N ILE H 146 -14.41 -78.81 -35.64
CA ILE H 146 -15.79 -78.92 -35.18
C ILE H 146 -16.62 -79.76 -36.15
N PRO H 147 -17.61 -80.49 -35.66
CA PRO H 147 -18.50 -81.25 -36.57
C PRO H 147 -19.68 -80.42 -37.05
N ILE H 148 -20.15 -80.76 -38.24
CA ILE H 148 -21.24 -80.03 -38.88
C ILE H 148 -22.56 -80.43 -38.24
N VAL H 149 -23.47 -79.47 -38.12
CA VAL H 149 -24.80 -79.68 -37.55
C VAL H 149 -25.83 -79.46 -38.65
N ASP H 150 -26.90 -80.25 -38.62
CA ASP H 150 -27.94 -80.18 -39.63
C ASP H 150 -28.59 -78.80 -39.64
N HIS H 151 -29.16 -78.43 -40.79
CA HIS H 151 -29.77 -77.12 -40.95
C HIS H 151 -31.04 -76.99 -40.12
N GLN H 152 -31.97 -77.94 -40.28
CA GLN H 152 -33.23 -77.87 -39.54
C GLN H 152 -32.99 -78.01 -38.04
N LYS H 153 -32.07 -78.90 -37.66
CA LYS H 153 -31.70 -79.05 -36.24
C LYS H 153 -31.14 -77.75 -35.68
N CYS H 154 -30.43 -76.98 -36.51
CA CYS H 154 -29.86 -75.71 -36.06
C CYS H 154 -30.93 -74.62 -35.96
N THR H 155 -31.89 -74.62 -36.88
CA THR H 155 -32.93 -73.60 -36.87
C THR H 155 -33.78 -73.70 -35.60
N ALA H 156 -34.03 -74.92 -35.11
CA ALA H 156 -34.81 -75.09 -33.90
C ALA H 156 -34.10 -74.50 -32.69
N ALA H 157 -32.76 -74.52 -32.69
CA ALA H 157 -31.99 -73.98 -31.58
C ALA H 157 -31.93 -72.46 -31.57
N TYR H 158 -32.43 -71.79 -32.62
CA TYR H 158 -32.42 -70.34 -32.67
C TYR H 158 -33.83 -69.75 -32.75
N GLU H 159 -34.85 -70.56 -32.54
CA GLU H 159 -36.19 -70.05 -32.24
C GLU H 159 -36.33 -69.65 -30.78
N LYS H 160 -35.22 -69.64 -30.04
CA LYS H 160 -35.19 -69.24 -28.65
C LYS H 160 -35.61 -67.77 -28.50
N PRO H 161 -35.95 -67.34 -27.29
CA PRO H 161 -36.58 -66.00 -27.11
C PRO H 161 -35.79 -64.87 -27.76
N PRO H 162 -34.52 -64.66 -27.39
CA PRO H 162 -33.90 -63.35 -27.71
C PRO H 162 -33.59 -63.15 -29.19
N TYR H 163 -33.46 -64.21 -29.98
CA TYR H 163 -33.01 -64.06 -31.34
C TYR H 163 -34.11 -63.47 -32.22
N PRO H 164 -33.75 -62.68 -33.24
CA PRO H 164 -34.75 -62.08 -34.13
C PRO H 164 -35.43 -63.07 -35.07
N ARG H 165 -35.26 -64.37 -34.84
CA ARG H 165 -35.93 -65.42 -35.61
C ARG H 165 -35.52 -65.39 -37.08
N GLY H 166 -34.21 -65.32 -37.32
CA GLY H 166 -33.69 -65.41 -38.67
C GLY H 166 -33.70 -66.86 -39.12
N SER H 167 -34.20 -67.10 -40.33
CA SER H 167 -34.31 -68.45 -40.88
C SER H 167 -32.91 -68.99 -41.11
N VAL H 168 -32.47 -69.88 -40.22
CA VAL H 168 -31.11 -70.40 -40.29
C VAL H 168 -30.96 -71.37 -41.45
N THR H 169 -32.01 -72.11 -41.79
CA THR H 169 -31.93 -73.05 -42.89
C THR H 169 -31.75 -72.36 -44.24
N ALA H 170 -32.00 -71.06 -44.31
CA ALA H 170 -31.88 -70.30 -45.55
C ALA H 170 -30.49 -69.68 -45.61
N ASN H 171 -29.65 -70.21 -46.51
CA ASN H 171 -28.34 -69.67 -46.86
C ASN H 171 -27.31 -69.77 -45.75
N MET H 172 -27.58 -70.54 -44.69
CA MET H 172 -26.66 -70.68 -43.58
C MET H 172 -26.43 -72.15 -43.28
N LEU H 173 -25.26 -72.44 -42.70
CA LEU H 173 -24.95 -73.76 -42.16
C LEU H 173 -24.37 -73.59 -40.76
N CYS H 174 -24.41 -74.67 -39.99
CA CYS H 174 -24.01 -74.62 -38.60
C CYS H 174 -23.01 -75.73 -38.28
N ALA H 175 -22.32 -75.58 -37.16
CA ALA H 175 -21.34 -76.55 -36.70
C ALA H 175 -21.12 -76.37 -35.21
N GLY H 176 -20.57 -77.40 -34.59
CA GLY H 176 -20.29 -77.35 -33.16
C GLY H 176 -20.87 -78.52 -32.40
N LEU H 177 -20.29 -78.83 -31.24
CA LEU H 177 -20.77 -79.93 -30.42
C LEU H 177 -22.11 -79.57 -29.79
N GLU H 178 -22.93 -80.59 -29.53
CA GLU H 178 -24.19 -80.35 -28.83
C GLU H 178 -23.95 -79.88 -27.40
N SER H 179 -22.88 -80.35 -26.76
CA SER H 179 -22.55 -79.96 -25.40
C SER H 179 -21.81 -78.64 -25.32
N GLY H 180 -21.46 -78.04 -26.46
CA GLY H 180 -20.74 -76.79 -26.46
C GLY H 180 -19.27 -76.94 -26.12
N GLY H 181 -18.56 -75.82 -26.17
CA GLY H 181 -17.14 -75.75 -25.89
C GLY H 181 -16.29 -75.39 -27.08
N LYS H 182 -16.80 -75.54 -28.29
CA LYS H 182 -16.07 -75.20 -29.51
C LYS H 182 -16.96 -74.35 -30.39
N ASP H 183 -16.56 -73.11 -30.61
CA ASP H 183 -17.39 -72.15 -31.35
C ASP H 183 -16.55 -70.92 -31.67
N SER H 184 -17.06 -70.12 -32.61
CA SER H 184 -16.50 -68.80 -32.86
C SER H 184 -17.08 -67.81 -31.86
N CYS H 185 -16.44 -66.64 -31.77
CA CYS H 185 -16.90 -65.62 -30.84
C CYS H 185 -16.63 -64.25 -31.44
N ARG H 186 -16.89 -63.20 -30.64
CA ARG H 186 -16.77 -61.83 -31.12
C ARG H 186 -15.36 -61.53 -31.58
N GLY H 187 -15.21 -61.26 -32.86
CA GLY H 187 -13.91 -61.04 -33.48
C GLY H 187 -13.56 -62.00 -34.60
N ASP H 188 -14.34 -63.07 -34.78
CA ASP H 188 -14.07 -64.06 -35.82
C ASP H 188 -14.87 -63.83 -37.09
N ALA H 189 -15.74 -62.82 -37.12
CA ALA H 189 -16.62 -62.61 -38.26
C ALA H 189 -15.83 -62.49 -39.55
N GLY H 190 -16.27 -63.22 -40.57
CA GLY H 190 -15.57 -63.28 -41.83
C GLY H 190 -14.58 -64.42 -41.95
N GLY H 191 -14.27 -65.11 -40.86
CA GLY H 191 -13.36 -66.23 -40.93
C GLY H 191 -13.90 -67.36 -41.78
N ALA H 192 -13.00 -68.20 -42.25
CA ALA H 192 -13.32 -69.27 -43.19
C ALA H 192 -13.50 -70.59 -42.46
N LEU H 193 -14.62 -71.26 -42.71
CA LEU H 193 -14.85 -72.62 -42.27
C LEU H 193 -14.42 -73.54 -43.41
N VAL H 194 -13.27 -74.16 -43.28
CA VAL H 194 -12.63 -74.88 -44.37
C VAL H 194 -12.84 -76.38 -44.20
N PHE H 195 -12.92 -77.08 -45.33
CA PHE H 195 -13.04 -78.53 -45.36
C PHE H 195 -12.01 -79.09 -46.34
N LEU H 196 -11.65 -80.35 -46.13
CA LEU H 196 -10.61 -81.01 -46.92
C LEU H 196 -11.26 -81.89 -47.99
N ASP H 197 -10.94 -81.60 -49.25
CA ASP H 197 -11.35 -82.45 -50.38
C ASP H 197 -10.29 -83.55 -50.52
N SER H 198 -10.60 -84.74 -49.99
CA SER H 198 -9.63 -85.82 -49.98
C SER H 198 -9.33 -86.36 -51.38
N GLU H 199 -10.27 -86.22 -52.32
CA GLU H 199 -10.01 -86.68 -53.68
C GLU H 199 -8.92 -85.86 -54.34
N THR H 200 -8.92 -84.55 -54.11
CA THR H 200 -7.90 -83.65 -54.66
C THR H 200 -6.82 -83.29 -53.65
N GLU H 201 -7.01 -83.63 -52.37
CA GLU H 201 -6.08 -83.26 -51.30
C GLU H 201 -5.88 -81.75 -51.25
N ARG H 202 -7.00 -81.02 -51.30
CA ARG H 202 -7.00 -79.57 -51.26
C ARG H 202 -8.09 -79.10 -50.31
N TRP H 203 -7.87 -77.93 -49.70
CA TRP H 203 -8.83 -77.34 -48.78
C TRP H 203 -9.71 -76.35 -49.50
N PHE H 204 -10.98 -76.28 -49.08
CA PHE H 204 -11.93 -75.32 -49.62
C PHE H 204 -12.78 -74.78 -48.49
N VAL H 205 -13.23 -73.53 -48.66
CA VAL H 205 -14.05 -72.86 -47.65
C VAL H 205 -15.52 -73.17 -47.93
N GLY H 206 -16.23 -73.62 -46.90
CA GLY H 206 -17.63 -73.96 -47.04
C GLY H 206 -18.55 -73.02 -46.28
N GLY H 207 -18.02 -72.36 -45.27
CA GLY H 207 -18.80 -71.45 -44.46
C GLY H 207 -18.02 -70.21 -44.09
N ILE H 208 -18.76 -69.13 -43.85
CA ILE H 208 -18.20 -67.85 -43.44
C ILE H 208 -18.73 -67.54 -42.05
N VAL H 209 -17.82 -67.26 -41.11
CA VAL H 209 -18.22 -66.97 -39.74
C VAL H 209 -19.19 -65.80 -39.74
N SER H 210 -20.41 -66.04 -39.23
CA SER H 210 -21.46 -65.03 -39.28
C SER H 210 -21.95 -64.65 -37.88
N TRP H 211 -22.80 -65.49 -37.30
CA TRP H 211 -23.40 -65.16 -36.00
C TRP H 211 -23.59 -66.44 -35.21
N GLY H 212 -24.38 -66.34 -34.14
CA GLY H 212 -24.62 -67.46 -33.25
C GLY H 212 -25.17 -66.96 -31.92
N SER H 213 -25.00 -67.77 -30.90
CA SER H 213 -25.44 -67.39 -29.57
C SER H 213 -24.56 -66.26 -29.02
N MET H 214 -25.19 -65.30 -28.35
CA MET H 214 -24.43 -64.21 -27.73
C MET H 214 -23.46 -64.76 -26.69
N ASN H 215 -23.89 -65.75 -25.93
CA ASN H 215 -23.00 -66.49 -25.03
C ASN H 215 -22.31 -67.57 -25.86
N CYS H 216 -21.04 -67.34 -26.19
CA CYS H 216 -20.34 -68.18 -27.14
C CYS H 216 -20.16 -69.60 -26.60
N GLY H 217 -20.42 -70.58 -27.47
CA GLY H 217 -20.17 -71.97 -27.16
C GLY H 217 -21.06 -72.59 -26.10
N GLU H 218 -22.25 -72.04 -25.88
CA GLU H 218 -23.15 -72.59 -24.89
C GLU H 218 -23.75 -73.90 -25.39
N ALA H 219 -23.99 -74.82 -24.45
CA ALA H 219 -24.59 -76.10 -24.79
C ALA H 219 -25.97 -75.90 -25.40
N GLY H 220 -26.26 -76.66 -26.45
CA GLY H 220 -27.47 -76.47 -27.21
C GLY H 220 -27.45 -75.31 -28.17
N GLN H 221 -26.33 -74.60 -28.28
CA GLN H 221 -26.17 -73.49 -29.20
C GLN H 221 -24.97 -73.76 -30.10
N TYR H 222 -25.07 -73.36 -31.36
CA TYR H 222 -24.07 -73.70 -32.36
C TYR H 222 -23.67 -72.46 -33.16
N GLY H 223 -22.45 -72.48 -33.67
CA GLY H 223 -22.00 -71.40 -34.53
C GLY H 223 -22.68 -71.46 -35.88
N VAL H 224 -23.09 -70.29 -36.37
CA VAL H 224 -23.82 -70.16 -37.63
C VAL H 224 -22.89 -69.55 -38.66
N TYR H 225 -22.82 -70.18 -39.84
CA TYR H 225 -21.93 -69.76 -40.90
C TYR H 225 -22.72 -69.56 -42.18
N THR H 226 -22.34 -68.54 -42.96
CA THR H 226 -22.98 -68.32 -44.25
C THR H 226 -22.54 -69.39 -45.24
N LYS H 227 -23.52 -70.03 -45.88
CA LYS H 227 -23.24 -71.15 -46.78
C LYS H 227 -22.68 -70.62 -48.09
N VAL H 228 -21.48 -71.07 -48.46
CA VAL H 228 -20.80 -70.52 -49.63
C VAL H 228 -21.40 -71.03 -50.93
N ILE H 229 -21.74 -72.33 -50.99
CA ILE H 229 -22.15 -72.94 -52.24
C ILE H 229 -23.43 -72.33 -52.79
N ASN H 230 -24.24 -71.70 -51.94
CA ASN H 230 -25.44 -71.02 -52.43
C ASN H 230 -25.10 -69.77 -53.23
N TYR H 231 -23.91 -69.21 -53.06
CA TYR H 231 -23.52 -67.97 -53.72
C TYR H 231 -22.38 -68.17 -54.71
N ILE H 232 -22.03 -69.41 -55.05
CA ILE H 232 -20.95 -69.65 -56.00
C ILE H 232 -21.18 -68.96 -57.33
N PRO H 233 -22.37 -69.05 -57.96
CA PRO H 233 -22.57 -68.28 -59.19
C PRO H 233 -22.49 -66.78 -58.97
N TRP H 234 -22.99 -66.28 -57.83
CA TRP H 234 -22.90 -64.86 -57.54
C TRP H 234 -21.46 -64.44 -57.30
N ILE H 235 -20.67 -65.30 -56.67
CA ILE H 235 -19.26 -64.98 -56.44
C ILE H 235 -18.49 -65.00 -57.77
N GLU H 236 -18.71 -66.03 -58.58
CA GLU H 236 -18.02 -66.12 -59.86
C GLU H 236 -18.46 -65.01 -60.82
N ASN H 237 -19.71 -64.56 -60.72
CA ASN H 237 -20.17 -63.47 -61.57
C ASN H 237 -19.50 -62.16 -61.19
N ILE H 238 -19.25 -61.95 -59.90
CA ILE H 238 -18.56 -60.74 -59.46
C ILE H 238 -17.07 -60.83 -59.76
N ILE H 239 -16.46 -62.00 -59.49
CA ILE H 239 -15.02 -62.15 -59.73
C ILE H 239 -14.70 -61.96 -61.20
N SER H 240 -15.55 -62.47 -62.09
CA SER H 240 -15.33 -62.29 -63.52
C SER H 240 -15.51 -60.82 -63.92
N ASP H 241 -16.38 -60.10 -63.23
CA ASP H 241 -16.64 -58.69 -63.52
C ASP H 241 -15.69 -57.84 -62.67
N PHE H 242 -14.44 -57.75 -63.13
CA PHE H 242 -13.41 -57.01 -62.42
C PHE H 242 -13.76 -55.53 -62.31
N THR I 6 42.06 -77.66 19.80
CA THR I 6 43.40 -77.43 20.35
C THR I 6 44.01 -76.16 19.75
N ALA I 7 45.29 -75.94 20.03
CA ALA I 7 45.96 -74.74 19.56
C ALA I 7 46.04 -74.70 18.04
N HIS I 8 45.88 -73.50 17.48
CA HIS I 8 46.02 -73.28 16.05
C HIS I 8 46.72 -71.96 15.82
N ALA I 9 47.08 -71.71 14.56
CA ALA I 9 47.66 -70.43 14.18
C ALA I 9 46.55 -69.43 13.91
N CYS I 10 46.78 -68.19 14.36
CA CYS I 10 45.85 -67.13 14.06
C CYS I 10 45.88 -66.80 12.57
N PRO I 11 44.79 -66.27 12.02
CA PRO I 11 44.79 -65.88 10.61
C PRO I 11 45.93 -64.92 10.31
N TYR I 12 46.55 -65.11 9.15
CA TYR I 12 47.76 -64.36 8.83
C TYR I 12 47.46 -62.88 8.72
N PRO I 13 48.18 -62.01 9.43
CA PRO I 13 47.88 -60.58 9.37
C PRO I 13 48.49 -59.88 8.17
N MET I 14 47.76 -59.87 7.05
CA MET I 14 48.22 -59.12 5.88
C MET I 14 48.22 -57.63 6.18
N ALA I 15 49.27 -56.95 5.72
CA ALA I 15 49.45 -55.55 6.08
C ALA I 15 48.35 -54.70 5.45
N PRO I 16 47.83 -53.70 6.17
CA PRO I 16 46.91 -52.74 5.56
C PRO I 16 47.63 -51.88 4.54
N PRO I 17 46.90 -51.25 3.62
CA PRO I 17 47.56 -50.40 2.62
C PRO I 17 48.37 -49.28 3.28
N ASN I 18 49.59 -49.09 2.77
CA ASN I 18 50.52 -48.06 3.23
C ASN I 18 50.98 -48.28 4.67
N GLY I 19 50.89 -49.51 5.18
CA GLY I 19 51.35 -49.82 6.51
C GLY I 19 52.33 -50.97 6.49
N HIS I 20 53.20 -50.99 7.51
CA HIS I 20 54.23 -52.00 7.64
C HIS I 20 54.08 -52.72 8.97
N VAL I 21 54.32 -54.02 8.96
CA VAL I 21 54.10 -54.89 10.12
C VAL I 21 55.44 -55.17 10.79
N SER I 22 55.42 -55.25 12.13
CA SER I 22 56.59 -55.60 12.92
C SER I 22 56.10 -56.37 14.14
N PRO I 23 56.67 -57.55 14.41
CA PRO I 23 57.69 -58.21 13.59
C PRO I 23 57.08 -59.18 12.58
N VAL I 24 57.80 -59.48 11.52
CA VAL I 24 57.32 -60.40 10.49
C VAL I 24 57.60 -61.84 10.93
N GLN I 25 56.62 -62.72 10.74
CA GLN I 25 56.76 -64.12 11.10
C GLN I 25 56.12 -64.98 10.02
N ALA I 26 56.62 -66.21 9.88
CA ALA I 26 56.04 -67.13 8.90
C ALA I 26 54.60 -67.49 9.27
N LYS I 27 54.33 -67.69 10.56
CA LYS I 27 52.97 -67.87 11.05
C LYS I 27 52.91 -67.36 12.48
N TYR I 28 51.74 -66.90 12.88
CA TYR I 28 51.52 -66.28 14.19
C TYR I 28 50.73 -67.24 15.06
N ILE I 29 51.38 -67.77 16.08
CA ILE I 29 50.78 -68.74 16.97
C ILE I 29 50.35 -68.06 18.26
N LEU I 30 49.67 -68.79 19.13
CA LEU I 30 49.15 -68.24 20.37
C LEU I 30 50.21 -67.46 21.13
N LYS I 31 49.86 -66.24 21.52
CA LYS I 31 50.65 -65.27 22.28
C LYS I 31 51.64 -64.50 21.40
N ASP I 32 51.73 -64.79 20.11
CA ASP I 32 52.51 -63.94 19.23
C ASP I 32 51.77 -62.63 18.98
N SER I 33 52.53 -61.56 18.82
CA SER I 33 51.96 -60.23 18.67
C SER I 33 52.61 -59.51 17.49
N PHE I 34 51.94 -58.46 17.02
CA PHE I 34 52.46 -57.63 15.95
C PHE I 34 51.96 -56.20 16.13
N SER I 35 52.67 -55.26 15.53
CA SER I 35 52.31 -53.86 15.55
C SER I 35 52.40 -53.29 14.14
N ILE I 36 51.55 -52.31 13.87
CA ILE I 36 51.47 -51.66 12.55
C ILE I 36 52.12 -50.30 12.64
N PHE I 37 53.03 -50.02 11.71
CA PHE I 37 53.68 -48.71 11.62
C PHE I 37 53.50 -48.19 10.20
N CYS I 38 52.77 -47.09 10.06
CA CYS I 38 52.52 -46.50 8.77
C CYS I 38 53.76 -45.77 8.26
N GLU I 39 53.89 -45.69 6.94
CA GLU I 39 54.96 -44.92 6.35
C GLU I 39 54.75 -43.43 6.63
N THR I 40 55.84 -42.67 6.52
CA THR I 40 55.81 -41.25 6.89
C THR I 40 54.76 -40.50 6.07
N GLY I 41 53.90 -39.76 6.77
CA GLY I 41 52.80 -39.04 6.15
C GLY I 41 51.45 -39.70 6.32
N TYR I 42 51.37 -40.80 7.07
CA TYR I 42 50.12 -41.51 7.28
C TYR I 42 49.88 -41.68 8.77
N GLU I 43 48.61 -41.72 9.15
CA GLU I 43 48.21 -41.85 10.54
C GLU I 43 47.36 -43.10 10.73
N LEU I 44 47.40 -43.65 11.95
CA LEU I 44 46.61 -44.81 12.29
C LEU I 44 45.21 -44.42 12.71
N LEU I 45 44.22 -45.17 12.20
CA LEU I 45 42.84 -44.98 12.60
C LEU I 45 42.11 -46.31 12.52
N GLN I 46 41.13 -46.50 13.42
CA GLN I 46 40.31 -47.70 13.41
C GLN I 46 39.13 -47.48 12.48
N GLY I 47 38.03 -46.94 13.02
CA GLY I 47 36.95 -46.45 12.18
C GLY I 47 37.29 -45.07 11.67
N HIS I 48 36.50 -44.07 12.06
CA HIS I 48 36.87 -42.69 11.82
C HIS I 48 37.66 -42.08 12.98
N LEU I 49 37.79 -42.79 14.11
CA LEU I 49 38.54 -42.35 15.27
C LEU I 49 40.01 -42.74 15.12
N PRO I 50 40.93 -41.86 15.52
CA PRO I 50 42.35 -42.15 15.32
C PRO I 50 42.91 -43.08 16.38
N LEU I 51 44.06 -43.64 16.07
CA LEU I 51 44.79 -44.54 16.97
C LEU I 51 46.19 -43.99 17.19
N LYS I 52 46.60 -43.89 18.46
CA LYS I 52 47.97 -43.50 18.77
C LYS I 52 48.95 -44.55 18.29
N SER I 53 48.65 -45.83 18.53
CA SER I 53 49.44 -46.94 18.03
C SER I 53 48.57 -48.18 18.06
N PHE I 54 48.95 -49.17 17.25
CA PHE I 54 48.20 -50.42 17.13
C PHE I 54 49.09 -51.58 17.51
N THR I 55 48.54 -52.49 18.32
CA THR I 55 49.23 -53.72 18.71
C THR I 55 48.18 -54.77 19.04
N ALA I 56 48.28 -55.92 18.38
CA ALA I 56 47.36 -57.03 18.60
C ALA I 56 48.14 -58.28 18.99
N VAL I 57 47.46 -59.20 19.66
CA VAL I 57 48.06 -60.44 20.14
C VAL I 57 47.15 -61.61 19.78
N CYS I 58 47.75 -62.72 19.36
CA CYS I 58 47.00 -63.91 19.00
C CYS I 58 46.50 -64.60 20.27
N GLN I 59 45.18 -64.70 20.41
CA GLN I 59 44.55 -65.26 21.59
C GLN I 59 44.01 -66.66 21.29
N LYS I 60 43.34 -67.23 22.30
CA LYS I 60 42.84 -68.60 22.21
C LYS I 60 41.86 -68.75 21.05
N ASP I 61 41.83 -69.96 20.48
CA ASP I 61 40.95 -70.35 19.38
C ASP I 61 41.29 -69.65 18.07
N GLY I 62 42.47 -69.06 17.96
CA GLY I 62 42.88 -68.43 16.73
C GLY I 62 42.10 -67.17 16.39
N SER I 63 41.97 -66.27 17.36
CA SER I 63 41.23 -65.03 17.18
C SER I 63 42.07 -63.86 17.68
N TRP I 64 41.99 -62.74 16.98
CA TRP I 64 42.71 -61.54 17.34
C TRP I 64 41.87 -60.66 18.28
N ASP I 65 42.56 -59.91 19.13
CA ASP I 65 41.87 -59.04 20.09
C ASP I 65 41.33 -57.77 19.43
N ARG I 66 41.99 -57.29 18.37
CA ARG I 66 41.57 -56.08 17.70
C ARG I 66 41.30 -56.36 16.22
N PRO I 67 40.35 -55.66 15.62
CA PRO I 67 40.21 -55.70 14.15
C PRO I 67 41.31 -54.89 13.49
N MET I 68 41.47 -55.13 12.19
CA MET I 68 42.55 -54.49 11.45
C MET I 68 42.31 -52.98 11.35
N PRO I 69 43.34 -52.16 11.58
CA PRO I 69 43.18 -50.71 11.39
C PRO I 69 43.42 -50.29 9.95
N ALA I 70 43.64 -49.00 9.72
CA ALA I 70 43.90 -48.50 8.38
C ALA I 70 44.86 -47.32 8.46
N CYS I 71 45.93 -47.37 7.68
CA CYS I 71 46.85 -46.25 7.57
C CYS I 71 46.27 -45.24 6.58
N SER I 72 45.86 -44.08 7.07
CA SER I 72 45.27 -43.04 6.25
C SER I 72 46.23 -41.86 6.15
N ILE I 73 46.28 -41.25 4.97
CA ILE I 73 47.23 -40.17 4.71
C ILE I 73 46.85 -38.95 5.52
N VAL I 74 47.86 -38.21 6.00
CA VAL I 74 47.62 -37.05 6.85
C VAL I 74 46.90 -35.96 6.08
N ASP I 75 45.90 -35.36 6.71
CA ASP I 75 45.10 -34.30 6.11
C ASP I 75 45.31 -33.02 6.90
N CYS I 76 45.78 -31.96 6.23
CA CYS I 76 45.99 -30.68 6.87
C CYS I 76 44.71 -29.86 7.02
N GLY I 77 43.62 -30.28 6.37
CA GLY I 77 42.38 -29.57 6.47
C GLY I 77 42.33 -28.34 5.59
N PRO I 78 41.21 -27.62 5.61
CA PRO I 78 41.07 -26.41 4.77
C PRO I 78 42.09 -25.36 5.16
N PRO I 79 42.62 -24.62 4.20
CA PRO I 79 43.57 -23.55 4.54
C PRO I 79 42.87 -22.41 5.27
N ASP I 80 43.57 -21.85 6.25
CA ASP I 80 43.04 -20.68 6.96
C ASP I 80 42.93 -19.50 6.01
N ASP I 81 41.77 -18.86 6.00
CA ASP I 81 41.54 -17.75 5.09
C ASP I 81 42.45 -16.58 5.42
N LEU I 82 42.81 -15.83 4.38
CA LEU I 82 43.76 -14.74 4.49
C LEU I 82 43.05 -13.40 4.44
N PRO I 83 43.27 -12.52 5.42
CA PRO I 83 42.64 -11.20 5.38
C PRO I 83 43.07 -10.42 4.14
N SER I 84 42.08 -9.95 3.38
CA SER I 84 42.31 -9.20 2.15
C SER I 84 43.14 -10.01 1.15
N GLY I 85 42.89 -11.33 1.12
CA GLY I 85 43.64 -12.20 0.23
C GLY I 85 42.82 -13.40 -0.18
N ARG I 86 43.37 -14.17 -1.12
CA ARG I 86 42.74 -15.37 -1.63
C ARG I 86 43.72 -16.52 -1.56
N VAL I 87 43.18 -17.74 -1.57
CA VAL I 87 43.98 -18.96 -1.55
C VAL I 87 43.70 -19.73 -2.84
N GLU I 88 44.77 -20.25 -3.45
CA GLU I 88 44.68 -20.98 -4.71
C GLU I 88 45.25 -22.37 -4.52
N TYR I 89 44.51 -23.38 -4.95
CA TYR I 89 44.97 -24.76 -4.87
C TYR I 89 45.84 -25.08 -6.07
N ILE I 90 47.12 -25.37 -5.82
CA ILE I 90 48.04 -25.71 -6.90
C ILE I 90 47.96 -27.19 -7.27
N THR I 91 47.91 -28.06 -6.26
CA THR I 91 47.92 -29.50 -6.54
C THR I 91 46.64 -29.95 -7.21
N GLY I 92 45.49 -29.48 -6.72
CA GLY I 92 44.22 -29.87 -7.29
C GLY I 92 43.05 -29.25 -6.56
N PRO I 93 41.86 -29.31 -7.16
CA PRO I 93 40.67 -28.68 -6.55
C PRO I 93 40.35 -29.22 -5.15
N GLY I 94 40.66 -28.41 -4.13
CA GLY I 94 40.27 -28.75 -2.78
C GLY I 94 41.03 -29.90 -2.15
N VAL I 95 42.19 -30.26 -2.67
CA VAL I 95 42.99 -31.32 -2.07
C VAL I 95 43.84 -30.70 -0.97
N THR I 96 43.71 -31.24 0.25
CA THR I 96 44.40 -30.72 1.42
C THR I 96 45.26 -31.78 2.11
N THR I 97 45.57 -32.87 1.42
CA THR I 97 46.27 -33.98 2.03
C THR I 97 47.78 -33.73 2.01
N TYR I 98 48.51 -34.72 2.52
CA TYR I 98 49.96 -34.61 2.69
C TYR I 98 50.65 -34.30 1.37
N LYS I 99 51.60 -33.35 1.43
CA LYS I 99 52.44 -32.90 0.32
C LYS I 99 51.69 -32.10 -0.74
N ALA I 100 50.44 -31.71 -0.48
CA ALA I 100 49.73 -30.84 -1.40
C ALA I 100 50.18 -29.39 -1.21
N VAL I 101 50.12 -28.63 -2.30
CA VAL I 101 50.67 -27.27 -2.33
C VAL I 101 49.53 -26.29 -2.59
N ILE I 102 49.50 -25.20 -1.82
CA ILE I 102 48.59 -24.09 -2.03
C ILE I 102 49.42 -22.82 -2.16
N GLN I 103 48.87 -21.84 -2.87
CA GLN I 103 49.54 -20.57 -3.13
C GLN I 103 48.65 -19.43 -2.65
N TYR I 104 49.05 -18.79 -1.55
CA TYR I 104 48.33 -17.62 -1.07
C TYR I 104 48.61 -16.42 -1.97
N SER I 105 47.64 -15.51 -2.05
CA SER I 105 47.78 -14.31 -2.86
C SER I 105 46.93 -13.21 -2.27
N CYS I 106 47.57 -12.10 -1.92
CA CYS I 106 46.82 -10.91 -1.53
C CYS I 106 46.13 -10.33 -2.75
N GLU I 107 45.05 -9.59 -2.51
CA GLU I 107 44.30 -8.98 -3.60
C GLU I 107 45.20 -8.05 -4.40
N GLU I 108 45.23 -8.25 -5.71
CA GLU I 108 46.23 -7.64 -6.56
C GLU I 108 46.12 -6.11 -6.56
N THR I 109 47.24 -5.47 -6.91
CA THR I 109 47.39 -4.02 -7.01
C THR I 109 47.27 -3.31 -5.66
N PHE I 110 46.15 -3.50 -4.96
CA PHE I 110 45.91 -2.74 -3.74
C PHE I 110 46.71 -3.25 -2.56
N TYR I 111 47.09 -4.53 -2.55
CA TYR I 111 47.81 -5.11 -1.43
C TYR I 111 49.09 -5.77 -1.91
N THR I 112 50.06 -5.88 -1.01
CA THR I 112 51.29 -6.62 -1.24
C THR I 112 51.56 -7.52 -0.05
N MET I 113 52.28 -8.60 -0.29
CA MET I 113 52.54 -9.61 0.72
C MET I 113 53.91 -9.38 1.37
N LYS I 114 54.01 -9.71 2.65
CA LYS I 114 55.24 -9.58 3.41
C LYS I 114 55.55 -10.90 4.11
N VAL I 115 56.63 -10.89 4.88
CA VAL I 115 57.11 -12.04 5.65
C VAL I 115 57.56 -13.17 4.73
N ASN I 116 56.64 -13.73 3.93
CA ASN I 116 56.97 -14.80 3.01
C ASN I 116 56.17 -14.62 1.73
N ASP I 117 56.43 -15.48 0.75
CA ASP I 117 55.85 -15.36 -0.58
C ASP I 117 54.59 -16.19 -0.78
N GLY I 118 54.11 -16.88 0.26
CA GLY I 118 52.79 -17.47 0.24
C GLY I 118 52.68 -18.88 -0.29
N LYS I 119 53.79 -19.54 -0.59
CA LYS I 119 53.76 -20.94 -1.03
C LYS I 119 53.77 -21.84 0.19
N TYR I 120 52.69 -22.60 0.39
CA TYR I 120 52.53 -23.47 1.54
C TYR I 120 52.28 -24.90 1.10
N VAL I 121 52.86 -25.85 1.84
CA VAL I 121 52.70 -27.27 1.56
C VAL I 121 52.23 -27.96 2.84
N CYS I 122 51.39 -28.98 2.67
CA CYS I 122 50.90 -29.74 3.81
C CYS I 122 52.00 -30.63 4.36
N GLU I 123 52.34 -30.44 5.62
CA GLU I 123 53.43 -31.17 6.27
C GLU I 123 52.88 -32.40 6.99
N ALA I 124 53.80 -33.28 7.38
CA ALA I 124 53.42 -34.57 7.95
C ALA I 124 52.75 -34.45 9.31
N ASP I 125 52.88 -33.30 9.98
CA ASP I 125 52.29 -33.10 11.30
C ASP I 125 50.86 -32.57 11.24
N GLY I 126 50.33 -32.33 10.04
CA GLY I 126 48.98 -31.83 9.90
C GLY I 126 48.86 -30.32 9.78
N PHE I 127 49.98 -29.60 9.71
CA PHE I 127 49.97 -28.15 9.60
C PHE I 127 50.46 -27.72 8.23
N TRP I 128 49.81 -26.71 7.67
CA TRP I 128 50.33 -26.08 6.46
C TRP I 128 51.59 -25.29 6.80
N THR I 129 52.68 -25.59 6.10
CA THR I 129 53.97 -24.96 6.35
C THR I 129 54.45 -24.23 5.10
N SER I 130 55.03 -23.05 5.31
CA SER I 130 55.52 -22.24 4.20
C SER I 130 56.81 -22.82 3.64
N SER I 131 57.37 -22.14 2.64
CA SER I 131 58.65 -22.55 2.09
C SER I 131 59.77 -22.37 3.11
N LYS I 132 59.63 -21.40 4.01
CA LYS I 132 60.63 -21.16 5.04
C LYS I 132 60.53 -22.13 6.21
N GLY I 133 59.41 -22.84 6.33
CA GLY I 133 59.18 -23.72 7.45
C GLY I 133 58.31 -23.16 8.54
N GLU I 134 57.59 -22.08 8.28
CA GLU I 134 56.70 -21.47 9.27
C GLU I 134 55.29 -22.01 9.09
N LYS I 135 54.58 -22.12 10.21
CA LYS I 135 53.23 -22.67 10.23
C LYS I 135 52.15 -21.60 10.23
N SER I 136 52.50 -20.35 10.49
CA SER I 136 51.51 -19.28 10.58
C SER I 136 51.24 -18.67 9.20
N LEU I 137 50.14 -17.92 9.12
CA LEU I 137 49.73 -17.31 7.87
C LEU I 137 50.68 -16.18 7.48
N PRO I 138 50.72 -15.84 6.19
CA PRO I 138 51.37 -14.60 5.76
C PRO I 138 50.50 -13.40 6.13
N VAL I 139 51.06 -12.21 5.91
CA VAL I 139 50.37 -10.95 6.19
C VAL I 139 50.34 -10.11 4.93
N CYS I 140 49.19 -9.51 4.65
CA CYS I 140 49.02 -8.63 3.50
C CYS I 140 49.15 -7.19 3.95
N GLU I 141 49.94 -6.41 3.21
CA GLU I 141 50.22 -5.03 3.56
C GLU I 141 49.67 -4.09 2.50
N PRO I 142 49.04 -2.99 2.90
CA PRO I 142 48.51 -2.04 1.90
C PRO I 142 49.62 -1.39 1.10
N VAL I 143 49.34 -1.15 -0.17
CA VAL I 143 50.25 -0.45 -1.07
C VAL I 143 49.82 1.01 -1.12
N CYS I 144 50.69 1.89 -0.62
CA CYS I 144 50.36 3.31 -0.55
C CYS I 144 50.54 3.97 -1.91
N GLY I 145 49.95 5.15 -2.04
CA GLY I 145 50.07 5.90 -3.29
C GLY I 145 49.02 5.45 -4.28
N LEU I 146 49.45 5.19 -5.52
CA LEU I 146 48.58 4.68 -6.59
C LEU I 146 47.44 5.64 -6.88
N SER I 147 47.78 6.83 -7.36
CA SER I 147 46.79 7.80 -7.79
C SER I 147 46.43 7.58 -9.26
N ALA I 148 45.22 7.99 -9.62
CA ALA I 148 44.71 7.82 -10.97
C ALA I 148 45.04 9.01 -11.88
N ARG I 149 45.80 9.98 -11.39
CA ARG I 149 46.18 11.11 -12.21
C ARG I 149 47.14 10.68 -13.31
N THR I 150 47.06 11.35 -14.45
CA THR I 150 47.92 11.04 -15.59
C THR I 150 49.07 12.03 -15.69
N ILE J 1 39.72 23.85 -1.23
CA ILE J 1 40.72 24.30 -2.18
C ILE J 1 40.19 25.52 -2.95
N TYR J 2 41.01 26.57 -3.00
CA TYR J 2 40.61 27.85 -3.57
C TYR J 2 41.20 28.00 -4.96
N GLY J 3 40.32 28.19 -5.95
CA GLY J 3 40.78 28.44 -7.31
C GLY J 3 41.21 27.21 -8.08
N GLY J 4 40.69 26.04 -7.73
CA GLY J 4 41.08 24.79 -8.35
C GLY J 4 40.02 24.25 -9.29
N GLN J 5 40.13 22.95 -9.56
CA GLN J 5 39.20 22.24 -10.43
C GLN J 5 38.71 20.98 -9.73
N LYS J 6 37.64 20.41 -10.27
CA LYS J 6 36.97 19.28 -9.63
C LYS J 6 37.70 17.99 -9.95
N ALA J 7 37.95 17.18 -8.92
CA ALA J 7 38.68 15.94 -9.08
C ALA J 7 37.76 14.83 -9.58
N LYS J 8 38.35 13.85 -10.25
CA LYS J 8 37.65 12.68 -10.76
C LYS J 8 37.92 11.49 -9.84
N PRO J 9 37.11 10.43 -9.94
CA PRO J 9 37.32 9.26 -9.07
C PRO J 9 38.72 8.68 -9.22
N GLY J 10 39.37 8.41 -8.09
CA GLY J 10 40.69 7.83 -8.06
C GLY J 10 41.84 8.81 -8.01
N ASP J 11 41.57 10.11 -8.18
CA ASP J 11 42.65 11.09 -8.16
C ASP J 11 43.30 11.19 -6.79
N PHE J 12 42.48 11.25 -5.74
CA PHE J 12 42.97 11.39 -4.37
C PHE J 12 42.30 10.33 -3.50
N PRO J 13 42.72 9.07 -3.63
CA PRO J 13 42.10 7.99 -2.85
C PRO J 13 42.52 7.95 -1.39
N TRP J 14 43.39 8.87 -0.95
CA TRP J 14 43.79 8.96 0.44
C TRP J 14 43.07 10.07 1.19
N GLN J 15 42.21 10.82 0.51
CA GLN J 15 41.57 11.98 1.12
C GLN J 15 40.55 11.54 2.17
N VAL J 16 40.59 12.19 3.33
CA VAL J 16 39.71 11.88 4.45
C VAL J 16 38.98 13.15 4.86
N LEU J 17 37.68 13.04 5.08
CA LEU J 17 36.87 14.14 5.60
C LEU J 17 36.59 13.92 7.07
N ILE J 18 36.91 14.92 7.88
CA ILE J 18 36.79 14.83 9.34
C ILE J 18 35.76 15.87 9.79
N LEU J 19 34.74 15.41 10.51
CA LEU J 19 33.69 16.27 11.02
C LEU J 19 33.62 16.15 12.54
N GLY J 20 33.60 17.30 13.22
CA GLY J 20 33.42 17.36 14.65
C GLY J 20 33.00 18.75 15.06
N GLY J 21 33.75 19.37 15.97
CA GLY J 21 33.58 20.80 16.20
C GLY J 21 34.11 21.63 15.06
N THR J 22 34.93 21.04 14.18
CA THR J 22 35.50 21.72 13.04
C THR J 22 35.27 20.89 11.79
N THR J 23 35.30 21.57 10.64
CA THR J 23 35.32 20.92 9.34
C THR J 23 36.76 20.90 8.85
N ALA J 24 37.32 19.71 8.68
CA ALA J 24 38.72 19.57 8.32
C ALA J 24 38.89 18.37 7.39
N ALA J 25 40.13 18.10 7.01
CA ALA J 25 40.47 17.00 6.12
C ALA J 25 41.63 16.21 6.73
N GLY J 26 41.94 15.09 6.09
CA GLY J 26 43.03 14.25 6.54
C GLY J 26 43.52 13.36 5.40
N ALA J 27 44.60 12.63 5.68
CA ALA J 27 45.18 11.70 4.73
C ALA J 27 45.37 10.36 5.40
N LEU J 28 44.95 9.29 4.73
CA LEU J 28 45.03 7.95 5.31
C LEU J 28 46.46 7.45 5.29
N LEU J 29 46.90 6.89 6.42
CA LEU J 29 48.20 6.22 6.52
C LEU J 29 47.97 4.76 6.85
N TYR J 30 48.60 3.88 6.07
CA TYR J 30 48.37 2.44 6.16
C TYR J 30 46.88 2.14 6.02
N ASP J 31 46.35 1.26 6.85
CA ASP J 31 44.92 0.94 6.82
C ASP J 31 44.22 1.27 8.13
N ASN J 32 44.86 2.03 9.03
CA ASN J 32 44.19 2.34 10.30
C ASN J 32 44.73 3.61 10.95
N TRP J 33 45.36 4.52 10.21
CA TRP J 33 45.84 5.78 10.77
C TRP J 33 45.50 6.91 9.82
N VAL J 34 45.20 8.07 10.40
CA VAL J 34 44.83 9.27 9.65
C VAL J 34 45.79 10.39 10.02
N LEU J 35 46.43 10.98 9.01
CA LEU J 35 47.32 12.11 9.21
C LEU J 35 46.55 13.41 8.99
N THR J 36 46.67 14.33 9.94
CA THR J 36 45.92 15.58 9.88
C THR J 36 46.64 16.61 10.73
N ALA J 37 46.09 17.83 10.75
CA ALA J 37 46.68 18.92 11.51
C ALA J 37 46.25 18.86 12.96
N ALA J 38 47.11 19.39 13.84
CA ALA J 38 46.81 19.36 15.26
C ALA J 38 45.77 20.41 15.64
N HIS J 39 45.82 21.59 15.01
CA HIS J 39 44.89 22.65 15.36
C HIS J 39 43.45 22.32 14.97
N ALA J 40 43.27 21.52 13.92
CA ALA J 40 41.93 21.15 13.48
C ALA J 40 41.31 20.09 14.38
N VAL J 41 42.12 19.20 14.95
CA VAL J 41 41.62 18.07 15.73
C VAL J 41 41.71 18.32 17.24
N TYR J 42 42.50 19.31 17.68
CA TYR J 42 42.58 19.61 19.12
C TYR J 42 41.21 19.85 19.72
N GLU J 43 40.28 20.39 18.93
CA GLU J 43 38.89 20.47 19.36
C GLU J 43 38.34 19.08 19.60
N GLN J 44 37.89 18.83 20.84
CA GLN J 44 37.41 17.51 21.26
C GLN J 44 38.52 16.47 21.14
N LYS J 45 39.71 16.79 21.67
CA LYS J 45 40.84 15.88 21.58
C LYS J 45 40.73 14.74 22.57
N HIS J 46 40.20 14.99 23.76
CA HIS J 46 40.12 13.96 24.79
C HIS J 46 38.91 13.06 24.65
N ASP J 47 37.98 13.38 23.75
CA ASP J 47 36.90 12.47 23.39
C ASP J 47 37.37 11.66 22.19
N ALA J 48 37.62 10.36 22.41
CA ALA J 48 38.28 9.55 21.39
C ALA J 48 37.43 9.41 20.13
N SER J 49 36.17 8.98 20.30
CA SER J 49 35.28 8.73 19.16
C SER J 49 34.41 9.94 18.84
N ALA J 50 34.87 11.15 19.15
CA ALA J 50 34.06 12.34 18.88
C ALA J 50 34.03 12.67 17.40
N LEU J 51 35.05 12.29 16.65
CA LEU J 51 35.21 12.72 15.27
C LEU J 51 34.44 11.81 14.31
N ASP J 52 33.73 12.44 13.37
CA ASP J 52 33.09 11.72 12.28
C ASP J 52 34.07 11.68 11.12
N ILE J 53 34.57 10.49 10.80
CA ILE J 53 35.64 10.30 9.83
C ILE J 53 35.04 9.62 8.61
N ARG J 54 35.00 10.35 7.49
CA ARG J 54 34.42 9.86 6.25
C ARG J 54 35.46 9.91 5.14
N MET J 55 35.50 8.84 4.34
CA MET J 55 36.51 8.72 3.30
C MET J 55 35.92 7.90 2.14
N GLY J 56 36.68 7.85 1.05
CA GLY J 56 36.28 7.06 -0.09
C GLY J 56 35.15 7.64 -0.91
N THR J 57 34.91 8.94 -0.80
CA THR J 57 33.86 9.60 -1.58
C THR J 57 34.35 10.96 -2.03
N LEU J 58 33.77 11.46 -3.12
CA LEU J 58 34.19 12.71 -3.72
C LEU J 58 33.30 13.89 -3.34
N LYS J 59 32.17 13.65 -2.70
CA LYS J 59 31.22 14.70 -2.35
C LYS J 59 31.03 14.78 -0.85
N ARG J 60 31.10 16.00 -0.31
CA ARG J 60 30.94 16.21 1.11
C ARG J 60 29.51 15.92 1.56
N LEU J 61 28.53 16.23 0.72
CA LEU J 61 27.12 16.07 1.04
C LEU J 61 26.59 14.67 0.74
N SER J 62 27.48 13.73 0.41
CA SER J 62 27.01 12.42 -0.02
C SER J 62 26.46 11.62 1.16
N PRO J 63 25.34 10.92 0.97
CA PRO J 63 24.85 10.01 2.02
C PRO J 63 25.57 8.67 2.04
N HIS J 64 26.35 8.36 1.02
CA HIS J 64 27.05 7.08 0.90
C HIS J 64 28.54 7.32 1.04
N TYR J 65 29.16 6.72 2.06
CA TYR J 65 30.58 6.89 2.31
C TYR J 65 31.06 5.73 3.19
N THR J 66 32.38 5.61 3.28
CA THR J 66 33.01 4.62 4.14
C THR J 66 33.28 5.26 5.50
N GLN J 67 32.69 4.69 6.55
CA GLN J 67 32.80 5.26 7.89
C GLN J 67 33.95 4.61 8.65
N ALA J 68 34.70 5.45 9.36
CA ALA J 68 35.79 4.99 10.22
C ALA J 68 35.60 5.58 11.62
N TRP J 69 35.93 4.79 12.64
CA TRP J 69 35.78 5.21 14.02
C TRP J 69 37.15 5.36 14.66
N SER J 70 37.35 6.48 15.36
CA SER J 70 38.64 6.76 15.99
C SER J 70 38.74 6.05 17.32
N GLU J 71 39.85 5.33 17.53
CA GLU J 71 40.10 4.70 18.82
C GLU J 71 40.79 5.66 19.78
N ALA J 72 41.71 6.47 19.27
CA ALA J 72 42.41 7.46 20.08
C ALA J 72 42.94 8.55 19.16
N VAL J 73 43.26 9.69 19.76
CA VAL J 73 43.78 10.86 19.05
C VAL J 73 45.10 11.25 19.68
N PHE J 74 46.13 11.42 18.85
CA PHE J 74 47.46 11.78 19.31
C PHE J 74 47.83 13.14 18.76
N ILE J 75 48.05 14.10 19.66
CA ILE J 75 48.49 15.45 19.29
C ILE J 75 49.97 15.58 19.62
N HIS J 76 50.73 16.20 18.72
CA HIS J 76 52.15 16.41 18.95
C HIS J 76 52.35 17.31 20.17
N GLU J 77 53.22 16.86 21.09
CA GLU J 77 53.42 17.58 22.34
C GLU J 77 54.04 18.96 22.14
N GLY J 78 54.74 19.19 21.03
CA GLY J 78 55.32 20.50 20.77
C GLY J 78 54.30 21.56 20.42
N TYR J 79 53.10 21.16 20.03
CA TYR J 79 52.08 22.13 19.63
C TYR J 79 51.52 22.86 20.85
N THR J 80 51.23 24.14 20.67
CA THR J 80 50.63 24.98 21.71
C THR J 80 49.34 25.57 21.16
N HIS J 81 48.21 25.12 21.69
CA HIS J 81 46.90 25.56 21.22
C HIS J 81 46.49 26.93 21.76
N ASP J 82 47.45 27.86 21.85
CA ASP J 82 47.11 29.24 22.18
C ASP J 82 47.02 30.04 20.89
N ALA J 83 48.17 30.44 20.35
CA ALA J 83 48.27 31.10 19.05
C ALA J 83 49.55 30.64 18.38
N GLY J 84 49.49 30.41 17.08
CA GLY J 84 50.60 29.87 16.34
C GLY J 84 50.40 28.41 15.98
N PHE J 85 51.11 27.97 14.95
CA PHE J 85 50.94 26.63 14.41
C PHE J 85 52.25 25.87 14.37
N ASP J 86 53.18 26.19 15.25
CA ASP J 86 54.44 25.46 15.32
C ASP J 86 54.17 24.02 15.77
N ASN J 87 54.66 23.07 14.99
CA ASN J 87 54.45 21.64 15.22
C ASN J 87 52.97 21.28 15.12
N ASP J 88 52.35 21.73 14.03
CA ASP J 88 50.92 21.47 13.79
C ASP J 88 50.79 20.15 13.05
N ILE J 89 50.75 19.05 13.81
CA ILE J 89 50.62 17.72 13.25
C ILE J 89 49.93 16.82 14.27
N ALA J 90 49.04 15.96 13.79
CA ALA J 90 48.28 15.06 14.64
C ALA J 90 48.06 13.74 13.93
N LEU J 91 48.03 12.66 14.71
CA LEU J 91 47.78 11.32 14.21
C LEU J 91 46.53 10.77 14.88
N ILE J 92 45.59 10.28 14.07
CA ILE J 92 44.35 9.69 14.55
C ILE J 92 44.38 8.20 14.27
N LYS J 93 44.14 7.40 15.30
CA LYS J 93 44.12 5.95 15.16
C LYS J 93 42.69 5.48 14.92
N LEU J 94 42.50 4.69 13.87
CA LEU J 94 41.19 4.16 13.53
C LEU J 94 40.96 2.82 14.21
N ASN J 95 39.75 2.63 14.74
CA ASN J 95 39.45 1.41 15.49
C ASN J 95 39.43 0.19 14.58
N ASN J 96 38.83 0.30 13.40
CA ASN J 96 38.76 -0.79 12.45
C ASN J 96 39.63 -0.50 11.24
N LYS J 97 40.19 -1.57 10.65
CA LYS J 97 41.02 -1.43 9.47
C LYS J 97 40.16 -1.08 8.26
N VAL J 98 40.60 -0.09 7.48
CA VAL J 98 39.83 0.35 6.34
C VAL J 98 39.97 -0.66 5.20
N VAL J 99 38.88 -0.85 4.45
CA VAL J 99 38.88 -1.75 3.31
C VAL J 99 39.51 -1.07 2.11
N ILE J 100 40.82 -1.29 1.93
CA ILE J 100 41.53 -0.69 0.81
C ILE J 100 40.94 -1.18 -0.50
N ASN J 101 40.59 -0.24 -1.38
CA ASN J 101 39.95 -0.60 -2.65
C ASN J 101 40.31 0.46 -3.68
N SER J 102 39.49 0.57 -4.73
CA SER J 102 39.79 1.48 -5.83
C SER J 102 39.75 2.94 -5.40
N ASN J 103 38.87 3.29 -4.46
CA ASN J 103 38.70 4.66 -4.02
C ASN J 103 39.37 4.94 -2.68
N ILE J 104 40.04 3.96 -2.09
CA ILE J 104 40.69 4.13 -0.79
C ILE J 104 42.05 3.43 -0.84
N THR J 105 43.12 4.22 -0.91
CA THR J 105 44.49 3.75 -0.75
C THR J 105 45.25 4.80 0.02
N PRO J 106 46.11 4.41 0.96
CA PRO J 106 46.81 5.39 1.79
C PRO J 106 47.86 6.15 0.98
N ILE J 107 48.27 7.29 1.54
CA ILE J 107 49.36 8.07 0.99
C ILE J 107 50.66 7.61 1.64
N CYS J 108 51.74 7.61 0.86
CA CYS J 108 53.03 7.14 1.36
C CYS J 108 53.67 8.19 2.25
N LEU J 109 54.33 7.72 3.31
CA LEU J 109 55.13 8.62 4.11
C LEU J 109 56.40 8.99 3.35
N PRO J 110 56.88 10.23 3.48
CA PRO J 110 58.04 10.64 2.68
C PRO J 110 59.31 9.92 3.11
N ARG J 111 60.12 9.57 2.12
CA ARG J 111 61.43 8.99 2.39
C ARG J 111 62.41 10.10 2.75
N LYS J 112 63.52 9.71 3.38
CA LYS J 112 64.55 10.68 3.73
C LYS J 112 65.24 11.25 2.50
N GLU J 113 65.21 10.54 1.37
CA GLU J 113 65.77 11.01 0.12
C GLU J 113 64.71 11.57 -0.81
N ALA J 114 63.53 11.90 -0.29
CA ALA J 114 62.44 12.44 -1.10
C ALA J 114 62.50 13.95 -1.23
N GLU J 115 63.42 14.63 -0.54
CA GLU J 115 63.55 16.07 -0.69
C GLU J 115 64.08 16.47 -2.05
N SER J 116 64.61 15.52 -2.84
CA SER J 116 64.95 15.79 -4.22
C SER J 116 63.72 16.05 -5.07
N PHE J 117 62.53 15.66 -4.59
CA PHE J 117 61.27 15.95 -5.25
C PHE J 117 60.54 17.14 -4.66
N MET J 118 60.95 17.60 -3.47
CA MET J 118 60.34 18.75 -2.81
C MET J 118 61.15 20.02 -3.01
N ARG J 119 61.80 20.17 -4.16
CA ARG J 119 62.61 21.34 -4.42
C ARG J 119 61.73 22.56 -4.71
N THR J 120 62.34 23.74 -4.60
CA THR J 120 61.62 24.98 -4.85
C THR J 120 61.13 25.01 -6.30
N ASP J 121 59.95 25.61 -6.48
CA ASP J 121 59.34 25.83 -7.80
C ASP J 121 58.84 24.54 -8.45
N ASP J 122 59.12 23.39 -7.83
CA ASP J 122 58.56 22.14 -8.33
C ASP J 122 57.10 22.02 -7.92
N ILE J 123 56.32 21.35 -8.76
CA ILE J 123 54.86 21.34 -8.62
C ILE J 123 54.45 20.33 -7.56
N GLY J 124 53.60 20.78 -6.64
CA GLY J 124 52.93 19.90 -5.70
C GLY J 124 51.43 20.05 -5.82
N THR J 125 50.70 19.12 -5.21
CA THR J 125 49.25 19.08 -5.32
C THR J 125 48.62 19.09 -3.92
N ALA J 126 47.59 19.93 -3.76
CA ALA J 126 46.78 19.95 -2.56
C ALA J 126 45.33 19.66 -2.93
N SER J 127 44.61 19.01 -2.03
CA SER J 127 43.23 18.61 -2.31
C SER J 127 42.43 18.64 -1.02
N GLY J 128 41.14 18.95 -1.16
CA GLY J 128 40.25 18.99 -0.02
C GLY J 128 38.97 19.74 -0.35
N TRP J 129 38.02 19.64 0.57
CA TRP J 129 36.75 20.37 0.49
C TRP J 129 36.90 21.63 1.33
N GLY J 130 37.13 22.76 0.66
CA GLY J 130 37.29 24.03 1.35
C GLY J 130 36.49 25.13 0.66
N LEU J 131 36.62 26.33 1.20
CA LEU J 131 35.97 27.50 0.60
C LEU J 131 36.47 27.71 -0.82
N THR J 132 35.55 27.68 -1.78
CA THR J 132 35.90 27.78 -3.19
C THR J 132 36.14 29.24 -3.57
N GLN J 133 36.44 29.45 -4.85
CA GLN J 133 36.65 30.81 -5.36
C GLN J 133 35.38 31.64 -5.32
N ARG J 134 34.21 31.00 -5.29
CA ARG J 134 32.95 31.73 -5.24
C ARG J 134 32.53 32.08 -3.83
N GLY J 135 33.12 31.45 -2.81
CA GLY J 135 32.90 31.84 -1.42
C GLY J 135 32.19 30.82 -0.56
N PHE J 136 31.85 29.64 -1.06
CA PHE J 136 31.17 28.63 -0.27
C PHE J 136 31.98 27.35 -0.23
N LEU J 137 31.65 26.48 0.73
CA LEU J 137 32.31 25.19 0.82
C LEU J 137 32.02 24.35 -0.41
N ALA J 138 33.01 23.58 -0.83
CA ALA J 138 32.89 22.78 -2.05
C ALA J 138 31.92 21.63 -1.84
N ARG J 139 31.04 21.42 -2.82
CA ARG J 139 30.14 20.28 -2.79
C ARG J 139 30.80 19.01 -3.33
N ASN J 140 31.89 19.16 -4.08
CA ASN J 140 32.68 18.02 -4.55
C ASN J 140 34.15 18.37 -4.42
N LEU J 141 34.99 17.33 -4.44
CA LEU J 141 36.41 17.50 -4.15
C LEU J 141 37.08 18.40 -5.18
N MET J 142 37.96 19.28 -4.69
CA MET J 142 38.70 20.22 -5.53
C MET J 142 40.19 20.05 -5.28
N TYR J 143 41.00 20.53 -6.22
CA TYR J 143 42.44 20.39 -6.10
C TYR J 143 43.15 21.47 -6.92
N VAL J 144 44.38 21.75 -6.51
CA VAL J 144 45.26 22.69 -7.22
C VAL J 144 46.63 22.07 -7.37
N ASP J 145 47.32 22.46 -8.44
CA ASP J 145 48.74 22.18 -8.62
C ASP J 145 49.51 23.48 -8.38
N ILE J 146 50.34 23.48 -7.34
CA ILE J 146 51.02 24.71 -6.91
C ILE J 146 52.51 24.46 -6.76
N PRO J 147 53.36 25.46 -7.03
CA PRO J 147 54.80 25.29 -6.84
C PRO J 147 55.25 25.63 -5.43
N ILE J 148 56.33 24.98 -5.01
CA ILE J 148 56.89 25.24 -3.69
C ILE J 148 57.59 26.60 -3.70
N VAL J 149 57.48 27.31 -2.58
CA VAL J 149 58.04 28.64 -2.43
C VAL J 149 59.25 28.57 -1.50
N ASP J 150 60.27 29.36 -1.81
CA ASP J 150 61.49 29.39 -1.00
C ASP J 150 61.17 29.81 0.42
N HIS J 151 61.90 29.24 1.38
CA HIS J 151 61.63 29.48 2.79
C HIS J 151 61.95 30.93 3.18
N GLN J 152 63.05 31.47 2.65
CA GLN J 152 63.37 32.87 2.90
C GLN J 152 62.33 33.79 2.27
N LYS J 153 61.94 33.49 1.03
CA LYS J 153 60.91 34.28 0.36
C LYS J 153 59.58 34.21 1.07
N CYS J 154 59.27 33.06 1.69
CA CYS J 154 58.02 32.91 2.42
C CYS J 154 58.06 33.66 3.74
N THR J 155 59.18 33.59 4.46
CA THR J 155 59.30 34.27 5.74
C THR J 155 59.21 35.79 5.57
N ALA J 156 59.79 36.31 4.49
CA ALA J 156 59.76 37.75 4.25
C ALA J 156 58.34 38.25 4.03
N ALA J 157 57.46 37.41 3.50
CA ALA J 157 56.09 37.81 3.21
C ALA J 157 55.18 37.74 4.42
N TYR J 158 55.67 37.27 5.57
CA TYR J 158 54.87 37.14 6.77
C TYR J 158 55.47 37.99 7.89
N GLU J 159 54.83 37.90 9.07
CA GLU J 159 55.08 38.75 10.23
C GLU J 159 54.70 40.20 9.99
N LYS J 160 54.03 40.49 8.88
CA LYS J 160 53.60 41.84 8.55
C LYS J 160 52.56 41.77 7.43
N PRO J 161 51.57 42.68 7.41
CA PRO J 161 51.27 43.61 8.52
C PRO J 161 50.60 43.01 9.77
N PRO J 162 49.53 42.18 9.65
CA PRO J 162 48.77 41.82 10.84
C PRO J 162 49.30 40.59 11.57
N TYR J 163 50.13 39.79 10.91
CA TYR J 163 50.49 38.49 11.45
C TYR J 163 51.40 38.63 12.68
N PRO J 164 51.26 37.75 13.65
CA PRO J 164 52.12 37.81 14.84
C PRO J 164 53.53 37.33 14.53
N ARG J 165 54.47 37.81 15.34
CA ARG J 165 55.87 37.43 15.17
C ARG J 165 56.09 35.96 15.51
N GLY J 166 57.01 35.34 14.81
CA GLY J 166 57.27 33.92 14.98
C GLY J 166 56.23 32.99 14.38
N SER J 167 55.36 33.51 13.50
CA SER J 167 54.35 32.66 12.88
C SER J 167 54.98 31.63 11.95
N VAL J 168 55.97 32.05 11.17
CA VAL J 168 56.74 31.14 10.33
C VAL J 168 57.87 30.54 11.15
N THR J 169 58.13 29.25 10.96
CA THR J 169 59.16 28.57 11.72
C THR J 169 59.80 27.50 10.84
N ALA J 170 60.88 26.91 11.35
CA ALA J 170 61.65 25.93 10.60
C ALA J 170 60.89 24.63 10.33
N ASN J 171 59.78 24.40 11.02
CA ASN J 171 58.97 23.20 10.82
C ASN J 171 57.94 23.37 9.71
N MET J 172 58.07 24.40 8.88
CA MET J 172 57.08 24.71 7.86
C MET J 172 57.72 24.71 6.47
N LEU J 173 56.87 24.49 5.47
CA LEU J 173 57.20 24.75 4.07
C LEU J 173 56.03 25.49 3.45
N CYS J 174 56.30 26.18 2.35
CA CYS J 174 55.31 27.05 1.73
C CYS J 174 55.11 26.69 0.26
N ALA J 175 53.97 27.12 -0.27
CA ALA J 175 53.63 26.89 -1.66
C ALA J 175 52.60 27.93 -2.09
N GLY J 176 52.47 28.10 -3.40
CA GLY J 176 51.52 29.05 -3.94
C GLY J 176 52.12 29.99 -4.96
N LEU J 177 51.28 30.53 -5.84
CA LEU J 177 51.76 31.46 -6.86
C LEU J 177 52.07 32.82 -6.26
N GLU J 178 52.98 33.55 -6.90
CA GLU J 178 53.30 34.90 -6.46
C GLU J 178 52.11 35.83 -6.64
N SER J 179 51.38 35.68 -7.75
CA SER J 179 50.25 36.54 -8.06
C SER J 179 48.95 36.10 -7.39
N GLY J 180 48.96 34.98 -6.67
CA GLY J 180 47.76 34.49 -6.02
C GLY J 180 46.81 33.83 -7.02
N GLY J 181 45.71 33.32 -6.47
CA GLY J 181 44.70 32.64 -7.24
C GLY J 181 44.66 31.14 -7.04
N LYS J 182 45.73 30.55 -6.51
CA LYS J 182 45.80 29.13 -6.22
C LYS J 182 46.27 28.96 -4.79
N ASP J 183 45.41 28.44 -3.93
CA ASP J 183 45.71 28.34 -2.50
C ASP J 183 44.67 27.44 -1.85
N SER J 184 44.97 27.01 -0.63
CA SER J 184 44.00 26.35 0.22
C SER J 184 43.20 27.42 0.99
N CYS J 185 42.10 26.98 1.60
CA CYS J 185 41.24 27.91 2.33
C CYS J 185 40.61 27.19 3.52
N ARG J 186 39.73 27.90 4.21
CA ARG J 186 39.13 27.40 5.44
C ARG J 186 38.34 26.13 5.17
N GLY J 187 38.76 25.03 5.79
CA GLY J 187 38.17 23.73 5.58
C GLY J 187 39.12 22.69 5.03
N ASP J 188 40.30 23.09 4.56
CA ASP J 188 41.28 22.17 4.00
C ASP J 188 42.32 21.72 5.01
N ALA J 189 42.28 22.23 6.24
CA ALA J 189 43.29 21.91 7.23
C ALA J 189 43.38 20.41 7.46
N GLY J 190 44.61 19.90 7.55
CA GLY J 190 44.85 18.48 7.62
C GLY J 190 45.00 17.80 6.28
N GLY J 191 44.61 18.46 5.19
CA GLY J 191 44.80 17.90 3.87
C GLY J 191 46.27 17.71 3.53
N ALA J 192 46.53 16.80 2.60
CA ALA J 192 47.87 16.39 2.26
C ALA J 192 48.39 17.19 1.07
N LEU J 193 49.56 17.81 1.24
CA LEU J 193 50.30 18.40 0.12
C LEU J 193 51.19 17.31 -0.45
N VAL J 194 50.76 16.70 -1.54
CA VAL J 194 51.37 15.49 -2.06
C VAL J 194 52.33 15.84 -3.20
N PHE J 195 53.38 15.02 -3.32
CA PHE J 195 54.35 15.14 -4.39
C PHE J 195 54.53 13.78 -5.04
N LEU J 196 54.96 13.80 -6.30
CA LEU J 196 55.13 12.58 -7.09
C LEU J 196 56.58 12.14 -7.06
N ASP J 197 56.82 10.93 -6.52
CA ASP J 197 58.12 10.30 -6.60
C ASP J 197 58.25 9.66 -7.97
N SER J 198 58.87 10.37 -8.90
CA SER J 198 58.93 9.91 -10.29
C SER J 198 59.77 8.66 -10.47
N GLU J 199 60.73 8.41 -9.57
CA GLU J 199 61.54 7.20 -9.68
C GLU J 199 60.70 5.95 -9.42
N THR J 200 59.79 6.02 -8.46
CA THR J 200 58.90 4.90 -8.14
C THR J 200 57.50 5.08 -8.69
N GLU J 201 57.17 6.26 -9.23
CA GLU J 201 55.83 6.58 -9.70
C GLU J 201 54.81 6.38 -8.59
N ARG J 202 55.14 6.90 -7.41
CA ARG J 202 54.28 6.83 -6.23
C ARG J 202 54.14 8.22 -5.63
N TRP J 203 53.02 8.45 -4.95
CA TRP J 203 52.74 9.73 -4.31
C TRP J 203 53.04 9.65 -2.82
N PHE J 204 53.57 10.74 -2.28
CA PHE J 204 53.84 10.85 -0.85
C PHE J 204 53.46 12.25 -0.37
N VAL J 205 53.10 12.34 0.90
CA VAL J 205 52.72 13.61 1.50
C VAL J 205 53.96 14.28 2.09
N GLY J 206 54.19 15.52 1.68
CA GLY J 206 55.33 16.27 2.18
C GLY J 206 54.92 17.42 3.08
N GLY J 207 53.70 17.88 2.92
CA GLY J 207 53.20 18.98 3.73
C GLY J 207 51.76 18.74 4.15
N ILE J 208 51.40 19.34 5.28
CA ILE J 208 50.05 19.25 5.82
C ILE J 208 49.46 20.66 5.84
N VAL J 209 48.26 20.80 5.29
CA VAL J 209 47.61 22.11 5.23
C VAL J 209 47.47 22.67 6.65
N SER J 210 48.05 23.84 6.87
CA SER J 210 48.09 24.42 8.20
C SER J 210 47.41 25.78 8.26
N TRP J 211 48.10 26.83 7.79
CA TRP J 211 47.57 28.18 7.89
C TRP J 211 48.00 28.97 6.66
N GLY J 212 47.81 30.28 6.72
CA GLY J 212 48.14 31.17 5.62
C GLY J 212 47.47 32.51 5.83
N SER J 213 47.32 33.24 4.73
CA SER J 213 46.62 34.53 4.79
C SER J 213 45.15 34.32 5.09
N MET J 214 44.60 35.18 5.96
CA MET J 214 43.18 35.10 6.28
C MET J 214 42.33 35.29 5.03
N ASN J 215 42.76 36.16 4.13
CA ASN J 215 42.16 36.28 2.81
C ASN J 215 42.83 35.27 1.89
N CYS J 216 42.10 34.19 1.57
CA CYS J 216 42.68 33.08 0.83
C CYS J 216 43.12 33.51 -0.57
N GLY J 217 44.29 33.03 -0.98
CA GLY J 217 44.79 33.28 -2.32
C GLY J 217 45.15 34.72 -2.60
N GLU J 218 45.49 35.49 -1.58
CA GLU J 218 45.84 36.89 -1.78
C GLU J 218 47.22 37.00 -2.44
N ALA J 219 47.36 37.98 -3.34
CA ALA J 219 48.62 38.17 -4.04
C ALA J 219 49.72 38.53 -3.06
N GLY J 220 50.91 37.97 -3.27
CA GLY J 220 52.02 38.15 -2.38
C GLY J 220 51.95 37.36 -1.09
N GLN J 221 50.95 36.50 -0.94
CA GLN J 221 50.80 35.66 0.24
C GLN J 221 50.76 34.19 -0.18
N TYR J 222 51.32 33.33 0.66
CA TYR J 222 51.49 31.92 0.32
C TYR J 222 50.93 31.04 1.42
N GLY J 223 50.48 29.86 1.03
CA GLY J 223 50.00 28.90 2.01
C GLY J 223 51.17 28.26 2.75
N VAL J 224 50.99 28.06 4.05
CA VAL J 224 52.01 27.50 4.93
C VAL J 224 51.58 26.10 5.33
N TYR J 225 52.51 25.15 5.19
CA TYR J 225 52.22 23.74 5.44
C TYR J 225 53.23 23.18 6.42
N THR J 226 52.76 22.28 7.30
CA THR J 226 53.66 21.62 8.23
C THR J 226 54.48 20.56 7.51
N LYS J 227 55.80 20.65 7.64
CA LYS J 227 56.70 19.75 6.94
C LYS J 227 56.74 18.39 7.63
N VAL J 228 56.47 17.33 6.87
CA VAL J 228 56.29 16.01 7.46
C VAL J 228 57.62 15.37 7.83
N ILE J 229 58.64 15.54 6.99
CA ILE J 229 59.89 14.78 7.13
C ILE J 229 60.58 15.02 8.47
N ASN J 230 60.28 16.14 9.13
CA ASN J 230 60.87 16.39 10.45
C ASN J 230 60.30 15.48 11.52
N TYR J 231 59.14 14.87 11.29
CA TYR J 231 58.44 14.10 12.31
C TYR J 231 58.35 12.61 11.97
N ILE J 232 59.18 12.14 11.04
CA ILE J 232 59.12 10.72 10.66
C ILE J 232 59.39 9.80 11.84
N PRO J 233 60.43 10.01 12.66
CA PRO J 233 60.59 9.15 13.85
C PRO J 233 59.44 9.27 14.84
N TRP J 234 58.87 10.48 14.98
CA TRP J 234 57.73 10.66 15.86
C TRP J 234 56.50 9.91 15.36
N ILE J 235 56.33 9.85 14.04
CA ILE J 235 55.22 9.09 13.47
C ILE J 235 55.41 7.61 13.67
N GLU J 236 56.62 7.10 13.42
CA GLU J 236 56.87 5.68 13.58
C GLU J 236 56.81 5.25 15.04
N ASN J 237 57.22 6.12 15.96
CA ASN J 237 57.21 5.76 17.37
C ASN J 237 55.79 5.62 17.91
N ILE J 238 54.87 6.47 17.45
CA ILE J 238 53.48 6.37 17.91
C ILE J 238 52.81 5.15 17.29
N ILE J 239 53.02 4.92 15.99
CA ILE J 239 52.35 3.81 15.31
C ILE J 239 52.84 2.48 15.88
N SER J 240 54.14 2.37 16.18
CA SER J 240 54.69 1.10 16.63
C SER J 240 54.34 0.81 18.09
N ASP J 241 54.30 1.85 18.93
CA ASP J 241 54.14 1.65 20.36
C ASP J 241 52.69 1.77 20.84
N PHE J 242 51.83 2.47 20.09
CA PHE J 242 50.44 2.64 20.50
C PHE J 242 49.49 1.89 19.59
#